data_9I0F
#
_entry.id   9I0F
#
_cell.length_a   146.070
_cell.length_b   95.220
_cell.length_c   149.980
_cell.angle_alpha   90.00
_cell.angle_beta   95.50
_cell.angle_gamma   90.00
#
_symmetry.space_group_name_H-M   'P 1 21 1'
#
loop_
_entity.id
_entity.type
_entity.pdbx_description
1 polymer 'Nitrogenase iron-molybdenum cofactor biosynthesis protein NifE'
2 polymer 'Nitrogenase iron-molybdenum cofactor biosynthesis protein NifN'
3 non-polymer 'IRON/SULFUR CLUSTER'
4 non-polymer 'FeFe cofactor'
5 non-polymer DI(HYDROXYETHYL)ETHER
6 non-polymer 1,2-ETHANEDIOL
7 non-polymer 'PENTAETHYLENE GLYCOL'
8 non-polymer 'TRIETHYLENE GLYCOL'
9 non-polymer 'MAGNESIUM ION'
10 non-polymer 'TETRAETHYLENE GLYCOL'
11 water water
#
loop_
_entity_poly.entity_id
_entity_poly.type
_entity_poly.pdbx_seq_one_letter_code
_entity_poly.pdbx_strand_id
1 'polypeptide(L)'
;MHHHHHHHMKAKDIAELLDEPACSHNKKEKSGCAKPKPGATDGGCSFDGAQIALLPVADVAHIVHGPIACAGSSWDNRGT
RSSGPDLYRIGMTTDLTENDVIMGRAEKRLFHAIRQAVESYSPPAVFVYNTCVPALIGDDVDAVCKAAAERFGTPVIPVD
SAGFYGTKNLGNRIAGEAMLKYVIGTREPDPLPVGSERPGIRVHDVNLIGEYNIAGEFWHVLPLLDELGLRVLCTLAGDA
RYREVQTMHRAEVNMMVCSKAMLNVARKLQETYGTPWFEGSFYGITDTSQALRDFARLLDDPDLTARTEALIAREEAKVR
AALEPWRARLEGKRVLLYTGGVKSWSVVSALQDLGMKVVATGTKKSTEEDKARIRELMGDDVKMLDEGNARVLLKTVDEY
QADILIAGGRNMYTALKGRVPFLDINQEREFGYAGYDGMLELVRQLCITLECPVWEAVRRPAPWDIPASQDAAPSAPARS
ANA
;
A,C,E,G
2 'polypeptide(L)'
;MAEIINRNKALAVSPLKASQTMGAALAILGLARSMPLFHGSQGCTAFAKVFFVRHFREPVPLQTTAMDQVSSVMGADENV
VEALKTICERQNPSVIGLLTTGLSETQGCDLHTALHEFRTQYEEYKDVPIVPVNTPDFSGCFESGFAAAVKAIVETLVPE
RRDQVGKRPRQVNVLCSANLTPGDLEYIAESIESFGLRPLLIPDLSGSLDGHLDENRFNALTTGGLSVAELATAGQSVAT
LVVGQSLAGAADALAERTGVPDRRFGMLYGLDAVDAWLMALAEISGNPVPDRYKRQRAQLQDAMLDTHFMLSSARTAIAA
DPDLLLGFDALLRSMGAHTVAAVVPARAAALVDSPLPSVRVGDLEDLEHAARAGQAQLVIGNSHALASARRLGVPLLRAG
FPQYDLLGGFQRCWSGYRGSSQVLFDLANLLVEHHQGIQPYHSIYAQKPATEQPQWRH
;
B,D,F,H
#
# COMPACT_ATOMS: atom_id res chain seq x y z
N HIS A 4 -39.52 42.40 -27.19
CA HIS A 4 -39.66 41.00 -27.56
C HIS A 4 -40.72 40.29 -26.72
N HIS A 5 -41.41 39.29 -27.31
CA HIS A 5 -42.44 38.57 -26.58
C HIS A 5 -41.92 37.37 -25.79
N HIS A 6 -40.73 36.86 -26.12
CA HIS A 6 -40.11 35.76 -25.37
C HIS A 6 -39.68 36.21 -23.95
N HIS A 7 -39.29 37.48 -23.82
CA HIS A 7 -38.82 38.05 -22.56
C HIS A 7 -39.95 38.40 -21.58
N HIS A 8 -41.20 38.49 -22.03
CA HIS A 8 -42.32 38.78 -21.14
C HIS A 8 -42.72 37.51 -20.37
N MET A 9 -42.59 36.33 -20.99
CA MET A 9 -42.90 35.05 -20.35
C MET A 9 -41.82 34.65 -19.34
N LYS A 10 -40.58 35.15 -19.50
CA LYS A 10 -39.50 34.86 -18.56
C LYS A 10 -39.73 35.63 -17.26
N ALA A 11 -40.16 36.90 -17.38
CA ALA A 11 -40.44 37.74 -16.22
C ALA A 11 -41.64 37.26 -15.41
N LYS A 12 -42.49 36.41 -15.98
CA LYS A 12 -43.65 35.83 -15.29
C LYS A 12 -43.14 34.75 -14.34
N ASP A 13 -42.22 33.89 -14.82
CA ASP A 13 -41.63 32.80 -14.04
C ASP A 13 -40.84 33.34 -12.85
N ILE A 14 -40.16 34.49 -13.02
CA ILE A 14 -39.38 35.15 -11.98
C ILE A 14 -40.26 35.59 -10.82
N ALA A 15 -41.47 36.10 -11.13
CA ALA A 15 -42.44 36.53 -10.12
C ALA A 15 -43.00 35.33 -9.35
N GLU A 16 -43.11 34.14 -10.00
CA GLU A 16 -43.59 32.92 -9.36
C GLU A 16 -42.57 32.45 -8.30
N LEU A 17 -41.26 32.58 -8.60
CA LEU A 17 -40.18 32.22 -7.69
C LEU A 17 -40.14 33.17 -6.50
N LEU A 18 -40.39 34.47 -6.74
CA LEU A 18 -40.41 35.44 -5.64
C LEU A 18 -41.68 35.30 -4.75
N ASP A 19 -42.71 34.57 -5.22
CA ASP A 19 -43.92 34.28 -4.47
C ASP A 19 -43.65 32.99 -3.73
N GLU A 20 -43.14 33.09 -2.50
CA GLU A 20 -42.82 31.91 -1.70
C GLU A 20 -43.75 31.80 -0.50
N PRO A 21 -44.83 30.99 -0.61
CA PRO A 21 -45.79 30.88 0.50
C PRO A 21 -45.25 30.24 1.78
N ALA A 22 -44.12 29.50 1.70
CA ALA A 22 -43.54 28.87 2.88
C ALA A 22 -42.86 29.90 3.80
N CYS A 23 -42.38 31.02 3.26
CA CYS A 23 -41.73 32.06 4.05
C CYS A 23 -42.77 32.94 4.76
N SER A 24 -42.38 33.56 5.89
CA SER A 24 -43.28 34.43 6.65
C SER A 24 -43.39 35.85 6.09
N HIS A 25 -42.44 36.27 5.25
CA HIS A 25 -42.44 37.63 4.71
C HIS A 25 -42.90 37.68 3.25
N ASN A 26 -43.82 36.78 2.88
CA ASN A 26 -44.37 36.69 1.53
C ASN A 26 -45.30 37.89 1.21
N LYS A 27 -46.02 38.39 2.23
CA LYS A 27 -46.93 39.51 2.05
C LYS A 27 -46.23 40.85 2.30
N LYS A 28 -44.93 40.93 2.03
CA LYS A 28 -44.14 42.15 2.21
C LYS A 28 -43.49 42.59 0.87
N GLU A 29 -42.95 43.81 0.82
CA GLU A 29 -42.31 44.34 -0.36
C GLU A 29 -40.91 43.77 -0.43
N LYS A 30 -40.69 42.78 -1.33
CA LYS A 30 -39.41 42.04 -1.51
C LYS A 30 -38.20 42.95 -1.70
N SER A 31 -37.55 43.30 -0.59
CA SER A 31 -36.42 44.22 -0.58
C SER A 31 -35.11 43.60 -1.03
N GLY A 32 -34.96 42.28 -0.87
CA GLY A 32 -33.76 41.59 -1.28
C GLY A 32 -33.61 41.61 -2.78
N CYS A 33 -34.73 41.36 -3.48
CA CYS A 33 -34.76 41.38 -4.94
C CYS A 33 -35.40 42.67 -5.44
N ALA A 34 -34.74 43.80 -5.17
CA ALA A 34 -35.24 45.12 -5.58
C ALA A 34 -34.30 45.75 -6.62
N LYS A 35 -34.86 46.58 -7.52
CA LYS A 35 -34.11 47.26 -8.57
C LYS A 35 -32.89 48.03 -8.02
N PRO A 36 -31.68 47.59 -8.38
CA PRO A 36 -30.46 48.25 -7.87
C PRO A 36 -30.25 49.68 -8.37
N LYS A 37 -29.54 50.50 -7.59
CA LYS A 37 -29.27 51.89 -7.94
C LYS A 37 -28.07 51.97 -8.89
N PRO A 38 -28.24 52.60 -10.06
CA PRO A 38 -27.11 52.68 -11.01
C PRO A 38 -25.99 53.51 -10.42
N GLY A 39 -24.75 53.04 -10.58
CA GLY A 39 -23.60 53.74 -10.03
C GLY A 39 -23.44 53.59 -8.53
N ALA A 40 -24.30 52.77 -7.90
CA ALA A 40 -24.27 52.51 -6.47
C ALA A 40 -24.77 51.08 -6.16
N THR A 41 -24.13 50.07 -6.79
CA THR A 41 -24.48 48.66 -6.61
C THR A 41 -23.24 47.82 -6.20
N ASP A 42 -23.44 46.75 -5.39
CA ASP A 42 -22.33 45.91 -4.95
C ASP A 42 -22.56 44.41 -5.07
N GLY A 43 -23.79 43.98 -5.27
CA GLY A 43 -24.13 42.55 -5.30
C GLY A 43 -23.80 41.77 -6.56
N GLY A 44 -24.00 40.46 -6.50
CA GLY A 44 -23.75 39.54 -7.61
C GLY A 44 -25.01 39.21 -8.42
N CYS A 45 -24.84 38.67 -9.62
CA CYS A 45 -25.94 38.35 -10.54
C CYS A 45 -26.53 36.94 -10.32
N SER A 46 -27.72 36.66 -10.89
CA SER A 46 -28.43 35.37 -10.76
C SER A 46 -27.57 34.19 -11.16
N PHE A 47 -26.76 34.32 -12.23
CA PHE A 47 -25.85 33.25 -12.65
C PHE A 47 -24.87 32.87 -11.50
N ASP A 48 -24.38 33.87 -10.81
CA ASP A 48 -23.49 33.69 -9.68
C ASP A 48 -24.17 32.84 -8.57
N GLY A 49 -25.39 33.20 -8.18
CA GLY A 49 -26.10 32.46 -7.15
C GLY A 49 -26.43 31.05 -7.57
N ALA A 50 -26.71 30.85 -8.87
CA ALA A 50 -26.97 29.53 -9.39
C ALA A 50 -25.69 28.67 -9.28
N GLN A 51 -24.53 29.23 -9.63
CA GLN A 51 -23.28 28.49 -9.55
C GLN A 51 -22.86 28.26 -8.10
N ILE A 52 -23.13 29.23 -7.23
CA ILE A 52 -22.80 29.10 -5.81
C ILE A 52 -23.61 27.93 -5.19
N ALA A 53 -24.83 27.70 -5.68
CA ALA A 53 -25.70 26.59 -5.27
C ALA A 53 -25.39 25.18 -5.90
N LEU A 54 -24.86 25.09 -7.15
CA LEU A 54 -24.71 23.78 -7.79
C LEU A 54 -23.30 23.38 -8.11
N LEU A 55 -22.36 24.32 -8.11
CA LEU A 55 -20.94 24.00 -8.29
C LEU A 55 -20.42 22.98 -7.29
N PRO A 56 -20.85 22.94 -6.01
CA PRO A 56 -20.32 21.89 -5.12
C PRO A 56 -20.79 20.47 -5.49
N VAL A 57 -21.58 20.30 -6.59
CA VAL A 57 -21.94 18.97 -7.08
C VAL A 57 -20.70 18.60 -7.91
N ALA A 58 -19.66 18.21 -7.15
CA ALA A 58 -18.27 17.96 -7.47
C ALA A 58 -17.98 17.19 -8.77
N ASP A 59 -18.68 16.10 -9.05
CA ASP A 59 -18.39 15.26 -10.22
C ASP A 59 -18.98 15.71 -11.59
N VAL A 60 -19.88 16.72 -11.59
CA VAL A 60 -20.59 17.22 -12.77
C VAL A 60 -19.73 18.17 -13.68
N ALA A 61 -20.01 18.14 -15.00
CA ALA A 61 -19.33 19.06 -15.92
C ALA A 61 -20.16 20.36 -15.92
N HIS A 62 -19.64 21.42 -15.25
CA HIS A 62 -20.36 22.66 -15.16
C HIS A 62 -19.92 23.62 -16.25
N ILE A 63 -20.63 23.55 -17.39
CA ILE A 63 -20.32 24.44 -18.49
C ILE A 63 -21.13 25.75 -18.34
N VAL A 64 -20.46 26.88 -18.45
CA VAL A 64 -21.04 28.22 -18.40
C VAL A 64 -21.25 28.68 -19.86
N HIS A 65 -22.51 28.85 -20.27
CA HIS A 65 -22.79 29.30 -21.62
C HIS A 65 -22.77 30.81 -21.70
N GLY A 66 -21.74 31.37 -22.33
CA GLY A 66 -21.63 32.81 -22.49
C GLY A 66 -20.23 33.32 -22.75
N PRO A 67 -20.05 34.64 -22.77
CA PRO A 67 -18.71 35.19 -22.98
C PRO A 67 -17.82 35.04 -21.74
N ILE A 68 -16.52 35.38 -21.88
CA ILE A 68 -15.52 35.20 -20.84
C ILE A 68 -15.73 36.04 -19.57
N ALA A 69 -16.60 37.07 -19.58
CA ALA A 69 -16.83 37.87 -18.37
C ALA A 69 -17.47 37.05 -17.25
N CYS A 70 -18.32 36.10 -17.62
CA CYS A 70 -19.02 35.28 -16.65
C CYS A 70 -18.11 34.23 -16.02
N ALA A 71 -17.56 33.28 -16.80
CA ALA A 71 -16.72 32.24 -16.22
C ALA A 71 -15.25 32.63 -15.98
N GLY A 72 -14.63 33.32 -16.95
CA GLY A 72 -13.23 33.72 -16.90
C GLY A 72 -12.77 34.46 -15.65
N SER A 73 -13.67 35.25 -15.05
CA SER A 73 -13.37 36.02 -13.85
C SER A 73 -13.80 35.31 -12.54
N SER A 74 -14.60 34.23 -12.64
CA SER A 74 -15.20 33.51 -11.52
C SER A 74 -14.84 32.05 -11.28
N TRP A 75 -14.00 31.43 -12.12
CA TRP A 75 -13.77 30.00 -11.99
C TRP A 75 -12.77 29.66 -10.93
N ASP A 76 -12.94 28.47 -10.33
CA ASP A 76 -12.12 27.97 -9.25
C ASP A 76 -12.08 28.93 -8.06
N ASN A 77 -13.26 29.34 -7.59
CA ASN A 77 -13.39 30.21 -6.43
C ASN A 77 -14.58 29.83 -5.56
N ARG A 78 -14.79 28.52 -5.40
CA ARG A 78 -15.84 28.01 -4.54
C ARG A 78 -15.13 27.60 -3.25
N GLY A 79 -15.61 28.07 -2.10
CA GLY A 79 -15.01 27.74 -0.82
C GLY A 79 -15.31 26.32 -0.35
N THR A 80 -15.97 25.52 -1.18
CA THR A 80 -16.33 24.13 -0.93
C THR A 80 -15.09 23.24 -0.97
N ARG A 81 -15.20 22.11 -0.32
CA ARG A 81 -14.21 21.06 -0.31
C ARG A 81 -14.93 19.77 -0.64
N SER A 82 -14.35 19.01 -1.54
CA SER A 82 -14.84 17.71 -1.94
C SER A 82 -13.93 16.62 -1.31
N SER A 83 -14.47 15.41 -1.21
CA SER A 83 -13.72 14.26 -0.68
C SER A 83 -13.22 13.31 -1.80
N GLY A 84 -13.36 13.71 -3.06
CA GLY A 84 -12.94 12.87 -4.17
C GLY A 84 -12.84 13.62 -5.48
N PRO A 85 -13.89 13.53 -6.29
CA PRO A 85 -13.87 14.17 -7.61
C PRO A 85 -13.75 15.69 -7.54
N ASP A 86 -13.12 16.28 -8.57
CA ASP A 86 -12.94 17.72 -8.59
C ASP A 86 -13.25 18.35 -9.95
N LEU A 87 -14.05 17.68 -10.80
CA LEU A 87 -14.37 18.22 -12.13
C LEU A 87 -15.04 19.60 -12.04
N TYR A 88 -15.73 19.91 -10.90
CA TYR A 88 -16.33 21.23 -10.64
C TYR A 88 -15.26 22.36 -10.65
N ARG A 89 -14.00 22.02 -10.33
CA ARG A 89 -12.91 22.99 -10.29
C ARG A 89 -12.43 23.40 -11.68
N ILE A 90 -12.68 22.58 -12.70
CA ILE A 90 -12.31 22.92 -14.06
C ILE A 90 -13.32 23.98 -14.63
N GLY A 91 -12.76 25.06 -15.14
CA GLY A 91 -13.58 26.09 -15.73
C GLY A 91 -14.03 25.61 -17.07
N MET A 92 -15.33 25.67 -17.33
CA MET A 92 -15.84 25.20 -18.60
C MET A 92 -16.76 26.23 -19.12
N THR A 93 -16.46 26.76 -20.33
CA THR A 93 -17.30 27.81 -20.87
C THR A 93 -17.32 27.79 -22.40
N THR A 94 -18.41 28.24 -23.00
CA THR A 94 -18.52 28.32 -24.46
C THR A 94 -17.65 29.43 -25.05
N ASP A 95 -17.24 30.43 -24.23
CA ASP A 95 -16.37 31.57 -24.58
C ASP A 95 -16.77 32.19 -25.91
N LEU A 96 -18.04 32.56 -26.01
CA LEU A 96 -18.63 33.11 -27.23
C LEU A 96 -17.85 34.25 -27.83
N THR A 97 -17.65 34.19 -29.15
CA THR A 97 -16.98 35.22 -29.93
C THR A 97 -18.05 36.24 -30.40
N GLU A 98 -17.61 37.35 -31.00
CA GLU A 98 -18.52 38.36 -31.53
C GLU A 98 -19.41 37.74 -32.63
N ASN A 99 -18.78 36.97 -33.52
CA ASN A 99 -19.46 36.27 -34.61
C ASN A 99 -20.48 35.23 -34.13
N ASP A 100 -20.31 34.66 -32.93
CA ASP A 100 -21.29 33.72 -32.38
C ASP A 100 -22.58 34.44 -31.99
N VAL A 101 -22.45 35.66 -31.47
CA VAL A 101 -23.58 36.47 -31.05
C VAL A 101 -24.28 37.07 -32.26
N ILE A 102 -23.51 37.60 -33.20
CA ILE A 102 -24.06 38.23 -34.41
C ILE A 102 -24.70 37.21 -35.34
N MET A 103 -23.92 36.18 -35.77
CA MET A 103 -24.44 35.16 -36.67
C MET A 103 -25.44 34.18 -36.02
N GLY A 104 -25.67 34.29 -34.72
CA GLY A 104 -26.56 33.39 -34.01
C GLY A 104 -26.05 31.97 -33.95
N ARG A 105 -24.73 31.81 -33.92
CA ARG A 105 -24.11 30.48 -33.89
C ARG A 105 -23.88 29.93 -32.48
N ALA A 106 -24.47 30.56 -31.44
CA ALA A 106 -24.24 30.16 -30.06
C ALA A 106 -24.87 28.85 -29.64
N GLU A 107 -26.04 28.49 -30.20
CA GLU A 107 -26.68 27.21 -29.91
C GLU A 107 -25.78 26.09 -30.42
N LYS A 108 -25.25 26.23 -31.66
CA LYS A 108 -24.36 25.26 -32.30
C LYS A 108 -23.11 25.10 -31.45
N ARG A 109 -22.54 26.23 -31.01
CA ARG A 109 -21.38 26.33 -30.12
C ARG A 109 -21.64 25.50 -28.84
N LEU A 110 -22.73 25.81 -28.12
CA LEU A 110 -23.13 25.14 -26.89
C LEU A 110 -23.32 23.65 -27.11
N PHE A 111 -23.98 23.26 -28.19
CA PHE A 111 -24.21 21.86 -28.53
C PHE A 111 -22.87 21.09 -28.65
N HIS A 112 -21.88 21.67 -29.36
CA HIS A 112 -20.56 21.03 -29.52
C HIS A 112 -19.69 21.12 -28.25
N ALA A 113 -20.01 22.04 -27.34
CA ALA A 113 -19.33 22.22 -26.08
C ALA A 113 -19.76 21.11 -25.14
N ILE A 114 -21.05 20.73 -25.14
CA ILE A 114 -21.52 19.60 -24.33
C ILE A 114 -20.87 18.34 -24.84
N ARG A 115 -20.85 18.14 -26.15
CA ARG A 115 -20.21 16.98 -26.77
C ARG A 115 -18.74 16.84 -26.35
N GLN A 116 -17.98 17.94 -26.43
CA GLN A 116 -16.57 17.93 -26.06
C GLN A 116 -16.37 17.60 -24.59
N ALA A 117 -17.24 18.13 -23.69
CA ALA A 117 -17.16 17.86 -22.27
C ALA A 117 -17.45 16.39 -21.96
N VAL A 118 -18.44 15.81 -22.66
CA VAL A 118 -18.83 14.42 -22.48
C VAL A 118 -17.71 13.49 -22.95
N GLU A 119 -17.14 13.78 -24.13
CA GLU A 119 -16.09 12.94 -24.70
C GLU A 119 -14.80 13.00 -23.89
N SER A 120 -14.36 14.21 -23.51
CA SER A 120 -13.12 14.38 -22.76
C SER A 120 -13.14 13.95 -21.30
N TYR A 121 -14.27 14.16 -20.59
CA TYR A 121 -14.31 13.91 -19.15
C TYR A 121 -15.29 12.85 -18.67
N SER A 122 -16.19 12.37 -19.52
CA SER A 122 -17.16 11.33 -19.17
C SER A 122 -17.87 11.54 -17.80
N PRO A 123 -18.44 12.74 -17.53
CA PRO A 123 -19.07 12.96 -16.21
C PRO A 123 -20.40 12.23 -15.99
N PRO A 124 -20.91 12.13 -14.75
CA PRO A 124 -22.24 11.53 -14.57
C PRO A 124 -23.34 12.41 -15.21
N ALA A 125 -23.14 13.74 -15.24
CA ALA A 125 -24.07 14.71 -15.82
C ALA A 125 -23.36 16.05 -16.13
N VAL A 126 -23.95 16.84 -17.00
CA VAL A 126 -23.44 18.12 -17.40
C VAL A 126 -24.48 19.10 -17.00
N PHE A 127 -24.09 20.19 -16.36
CA PHE A 127 -25.01 21.27 -16.06
C PHE A 127 -24.66 22.44 -16.95
N VAL A 128 -25.67 23.06 -17.51
CA VAL A 128 -25.47 24.18 -18.41
C VAL A 128 -26.16 25.39 -17.85
N TYR A 129 -25.36 26.44 -17.52
CA TYR A 129 -25.84 27.68 -16.91
C TYR A 129 -25.93 28.78 -17.95
N ASN A 130 -27.14 29.34 -18.14
CA ASN A 130 -27.36 30.44 -19.09
C ASN A 130 -26.80 31.75 -18.52
N THR A 131 -26.35 32.65 -19.41
CA THR A 131 -25.83 33.97 -18.99
C THR A 131 -26.55 35.11 -19.79
N CYS A 132 -26.26 36.38 -19.50
CA CYS A 132 -26.97 37.50 -20.07
C CYS A 132 -27.03 37.51 -21.59
N VAL A 133 -25.86 37.53 -22.26
CA VAL A 133 -25.81 37.59 -23.72
C VAL A 133 -26.67 36.49 -24.41
N PRO A 134 -26.49 35.20 -24.05
CA PRO A 134 -27.33 34.16 -24.66
C PRO A 134 -28.81 34.29 -24.32
N ALA A 135 -29.16 34.84 -23.15
CA ALA A 135 -30.58 34.99 -22.80
C ALA A 135 -31.27 36.05 -23.66
N LEU A 136 -30.57 37.20 -23.90
CA LEU A 136 -31.08 38.30 -24.68
C LEU A 136 -31.35 37.90 -26.14
N ILE A 137 -30.35 37.33 -26.85
CA ILE A 137 -30.48 36.86 -28.24
C ILE A 137 -31.42 35.66 -28.40
N GLY A 138 -32.12 35.28 -27.34
CA GLY A 138 -33.09 34.22 -27.40
C GLY A 138 -32.66 32.82 -27.00
N ASP A 139 -31.50 32.34 -27.51
CA ASP A 139 -30.94 30.98 -27.29
C ASP A 139 -31.80 30.01 -26.43
N ASP A 140 -32.38 29.00 -27.08
CA ASP A 140 -33.19 28.02 -26.39
C ASP A 140 -32.25 27.04 -25.70
N VAL A 141 -31.76 27.39 -24.49
CA VAL A 141 -30.82 26.55 -23.76
C VAL A 141 -31.43 25.19 -23.43
N ASP A 142 -32.70 25.18 -22.99
CA ASP A 142 -33.42 23.94 -22.67
C ASP A 142 -33.37 22.95 -23.83
N ALA A 143 -33.76 23.37 -25.04
CA ALA A 143 -33.80 22.50 -26.22
C ALA A 143 -32.43 22.01 -26.64
N VAL A 144 -31.39 22.83 -26.46
CA VAL A 144 -30.02 22.39 -26.75
C VAL A 144 -29.62 21.25 -25.77
N CYS A 145 -29.91 21.45 -24.46
CA CYS A 145 -29.61 20.47 -23.43
C CYS A 145 -30.34 19.16 -23.71
N LYS A 146 -31.63 19.26 -24.09
CA LYS A 146 -32.49 18.11 -24.37
C LYS A 146 -31.91 17.34 -25.54
N ALA A 147 -31.49 18.04 -26.60
CA ALA A 147 -30.92 17.41 -27.77
C ALA A 147 -29.60 16.72 -27.48
N ALA A 148 -28.75 17.37 -26.66
CA ALA A 148 -27.42 16.85 -26.30
C ALA A 148 -27.55 15.65 -25.39
N ALA A 149 -28.51 15.66 -24.44
CA ALA A 149 -28.75 14.54 -23.55
C ALA A 149 -29.07 13.27 -24.35
N GLU A 150 -29.94 13.41 -25.37
CA GLU A 150 -30.37 12.33 -26.24
C GLU A 150 -29.24 11.83 -27.14
N ARG A 151 -28.54 12.73 -27.82
CA ARG A 151 -27.48 12.36 -28.77
C ARG A 151 -26.20 11.81 -28.12
N PHE A 152 -25.88 12.21 -26.89
CA PHE A 152 -24.63 11.75 -26.26
C PHE A 152 -24.84 10.82 -25.05
N GLY A 153 -26.08 10.64 -24.61
CA GLY A 153 -26.40 9.71 -23.53
C GLY A 153 -26.05 10.13 -22.13
N THR A 154 -25.70 11.40 -21.94
CA THR A 154 -25.39 11.90 -20.59
C THR A 154 -26.44 12.97 -20.24
N PRO A 155 -27.02 12.92 -19.03
CA PRO A 155 -28.01 13.93 -18.65
C PRO A 155 -27.44 15.35 -18.73
N VAL A 156 -28.16 16.23 -19.46
CA VAL A 156 -27.79 17.63 -19.51
C VAL A 156 -28.88 18.42 -18.75
N ILE A 157 -28.51 19.17 -17.69
CA ILE A 157 -29.50 19.91 -16.89
C ILE A 157 -29.38 21.37 -17.12
N PRO A 158 -30.40 22.02 -17.69
CA PRO A 158 -30.30 23.47 -17.92
C PRO A 158 -30.67 24.29 -16.69
N VAL A 159 -29.81 25.23 -16.35
CA VAL A 159 -30.01 26.08 -15.19
C VAL A 159 -30.18 27.49 -15.71
N ASP A 160 -31.39 27.81 -16.22
CA ASP A 160 -31.76 29.07 -16.85
C ASP A 160 -31.69 30.20 -15.86
N SER A 161 -30.50 30.73 -15.65
CA SER A 161 -30.30 31.81 -14.71
C SER A 161 -29.33 32.82 -15.29
N ALA A 162 -29.80 33.65 -16.22
CA ALA A 162 -28.98 34.72 -16.77
C ALA A 162 -28.83 35.79 -15.66
N GLY A 163 -27.68 36.43 -15.58
CA GLY A 163 -27.44 37.44 -14.56
C GLY A 163 -28.45 38.57 -14.45
N PHE A 164 -28.98 39.09 -15.60
CA PHE A 164 -29.93 40.20 -15.54
C PHE A 164 -31.32 39.85 -14.97
N TYR A 165 -31.61 38.57 -14.69
CA TYR A 165 -32.91 38.20 -14.11
C TYR A 165 -33.08 38.79 -12.71
N GLY A 166 -32.00 38.84 -11.95
CA GLY A 166 -32.05 39.37 -10.60
C GLY A 166 -30.79 39.22 -9.81
N THR A 167 -30.95 39.01 -8.49
CA THR A 167 -29.85 38.88 -7.52
C THR A 167 -29.31 37.42 -7.39
N LYS A 168 -28.25 37.22 -6.59
CA LYS A 168 -27.69 35.91 -6.30
C LYS A 168 -28.75 35.01 -5.63
N ASN A 169 -29.65 35.58 -4.79
CA ASN A 169 -30.69 34.81 -4.12
C ASN A 169 -31.66 34.21 -5.11
N LEU A 170 -31.99 34.94 -6.18
CA LEU A 170 -32.87 34.43 -7.25
C LEU A 170 -32.20 33.23 -7.93
N GLY A 171 -30.88 33.31 -8.13
CA GLY A 171 -30.11 32.22 -8.70
C GLY A 171 -30.17 30.94 -7.87
N ASN A 172 -30.20 31.09 -6.53
CA ASN A 172 -30.33 29.93 -5.65
C ASN A 172 -31.69 29.26 -5.83
N ARG A 173 -32.76 30.06 -6.03
CA ARG A 173 -34.10 29.53 -6.30
C ARG A 173 -34.10 28.81 -7.64
N ILE A 174 -33.52 29.41 -8.69
CA ILE A 174 -33.47 28.79 -10.00
C ILE A 174 -32.66 27.49 -9.98
N ALA A 175 -31.61 27.44 -9.17
CA ALA A 175 -30.79 26.24 -9.02
C ALA A 175 -31.62 25.13 -8.37
N GLY A 176 -32.39 25.47 -7.35
CA GLY A 176 -33.26 24.53 -6.66
C GLY A 176 -34.35 24.03 -7.58
N GLU A 177 -34.91 24.92 -8.40
CA GLU A 177 -35.95 24.58 -9.37
C GLU A 177 -35.40 23.59 -10.38
N ALA A 178 -34.18 23.82 -10.88
CA ALA A 178 -33.54 22.94 -11.85
C ALA A 178 -33.32 21.54 -11.27
N MET A 179 -33.04 21.44 -9.96
CA MET A 179 -32.85 20.14 -9.33
C MET A 179 -34.19 19.42 -9.17
N LEU A 180 -35.23 20.14 -8.71
CA LEU A 180 -36.56 19.55 -8.52
C LEU A 180 -37.12 19.02 -9.84
N LYS A 181 -36.98 19.82 -10.91
CA LYS A 181 -37.52 19.51 -12.21
C LYS A 181 -36.77 18.44 -12.98
N TYR A 182 -35.42 18.43 -12.94
CA TYR A 182 -34.67 17.46 -13.76
C TYR A 182 -33.90 16.35 -13.01
N VAL A 183 -33.51 16.58 -11.76
CA VAL A 183 -32.66 15.63 -11.05
C VAL A 183 -33.36 14.82 -9.95
N ILE A 184 -33.98 15.49 -8.97
CA ILE A 184 -34.69 14.86 -7.86
C ILE A 184 -35.80 13.97 -8.39
N GLY A 185 -35.87 12.77 -7.83
CA GLY A 185 -36.89 11.78 -8.17
C GLY A 185 -36.54 10.88 -9.33
N THR A 186 -35.31 10.95 -9.84
CA THR A 186 -34.91 10.14 -10.99
C THR A 186 -34.14 8.88 -10.62
N ARG A 187 -33.92 8.60 -9.33
CA ARG A 187 -33.18 7.40 -8.94
C ARG A 187 -33.43 7.05 -7.48
N GLU A 188 -33.60 5.76 -7.20
CA GLU A 188 -33.84 5.28 -5.85
C GLU A 188 -32.54 5.17 -5.05
N PRO A 189 -32.61 5.41 -3.72
CA PRO A 189 -31.39 5.32 -2.92
C PRO A 189 -30.72 3.94 -2.97
N ASP A 190 -29.42 3.94 -2.76
CA ASP A 190 -28.63 2.70 -2.65
C ASP A 190 -29.10 1.92 -1.42
N PRO A 191 -28.94 0.58 -1.39
CA PRO A 191 -29.22 -0.14 -0.15
C PRO A 191 -28.13 0.21 0.89
N LEU A 192 -28.45 0.14 2.19
CA LEU A 192 -27.48 0.44 3.24
C LEU A 192 -26.17 -0.34 3.05
N PRO A 193 -25.01 0.33 3.08
CA PRO A 193 -23.75 -0.36 2.80
C PRO A 193 -23.49 -1.59 3.64
N VAL A 194 -22.84 -2.61 3.05
CA VAL A 194 -22.57 -3.84 3.78
C VAL A 194 -21.62 -3.57 4.95
N GLY A 195 -21.88 -4.21 6.09
CA GLY A 195 -21.06 -4.02 7.27
C GLY A 195 -21.56 -2.91 8.19
N SER A 196 -22.33 -1.95 7.64
CA SER A 196 -22.89 -0.82 8.40
C SER A 196 -24.02 -1.19 9.35
N GLU A 197 -24.30 -2.50 9.50
CA GLU A 197 -25.34 -3.01 10.39
C GLU A 197 -24.91 -2.72 11.84
N ARG A 198 -25.81 -2.13 12.61
CA ARG A 198 -25.54 -1.81 14.00
C ARG A 198 -26.78 -2.18 14.81
N PRO A 199 -26.73 -3.32 15.54
CA PRO A 199 -27.90 -3.73 16.34
C PRO A 199 -28.32 -2.66 17.32
N GLY A 200 -29.61 -2.39 17.33
CA GLY A 200 -30.20 -1.37 18.18
C GLY A 200 -30.37 -0.03 17.47
N ILE A 201 -29.70 0.14 16.34
CA ILE A 201 -29.75 1.37 15.56
C ILE A 201 -30.69 1.29 14.35
N ARG A 202 -31.76 2.11 14.35
CA ARG A 202 -32.64 2.19 13.19
C ARG A 202 -32.09 3.29 12.28
N VAL A 203 -31.71 2.97 11.05
CA VAL A 203 -31.16 3.95 10.13
C VAL A 203 -32.26 4.74 9.45
N HIS A 204 -32.21 6.07 9.59
CA HIS A 204 -33.20 6.97 8.97
C HIS A 204 -32.53 7.80 7.89
N ASP A 205 -33.22 8.01 6.76
CA ASP A 205 -32.68 8.82 5.67
C ASP A 205 -33.11 10.30 5.82
N VAL A 206 -32.16 11.23 5.73
CA VAL A 206 -32.39 12.67 5.86
C VAL A 206 -31.76 13.39 4.64
N ASN A 207 -32.02 14.71 4.50
CA ASN A 207 -31.40 15.57 3.48
C ASN A 207 -30.94 16.86 4.14
N LEU A 208 -29.81 17.40 3.74
CA LEU A 208 -29.28 18.64 4.31
C LEU A 208 -29.31 19.68 3.19
N ILE A 209 -30.35 20.50 3.11
CA ILE A 209 -30.47 21.50 2.04
C ILE A 209 -29.91 22.87 2.42
N GLY A 210 -28.81 23.27 1.80
CA GLY A 210 -28.19 24.56 2.07
C GLY A 210 -26.84 24.48 2.80
N GLU A 211 -26.28 23.27 2.90
CA GLU A 211 -24.99 23.06 3.52
C GLU A 211 -23.98 22.91 2.38
N TYR A 212 -23.00 23.81 2.25
CA TYR A 212 -22.05 23.80 1.14
C TYR A 212 -20.64 23.33 1.48
N ASN A 213 -20.44 22.79 2.67
CA ASN A 213 -19.12 22.29 3.06
C ASN A 213 -17.97 23.32 2.88
N ILE A 214 -18.18 24.60 3.32
CA ILE A 214 -17.16 25.64 3.18
C ILE A 214 -16.01 25.30 4.07
N ALA A 215 -14.81 25.08 3.50
CA ALA A 215 -13.60 24.66 4.23
C ALA A 215 -13.76 23.30 4.94
N GLY A 216 -14.60 22.45 4.37
CA GLY A 216 -14.86 21.15 4.95
C GLY A 216 -15.55 21.19 6.28
N GLU A 217 -16.16 22.33 6.66
CA GLU A 217 -16.85 22.43 7.97
C GLU A 217 -17.93 21.37 8.20
N PHE A 218 -18.64 20.90 7.15
CA PHE A 218 -19.62 19.83 7.32
C PHE A 218 -18.98 18.49 7.83
N TRP A 219 -17.66 18.28 7.61
CA TRP A 219 -16.95 17.09 8.13
C TRP A 219 -16.75 17.13 9.68
N HIS A 220 -17.43 18.05 10.36
CA HIS A 220 -17.56 18.22 11.84
C HIS A 220 -19.00 17.83 12.28
N VAL A 221 -19.95 17.79 11.32
CA VAL A 221 -21.35 17.45 11.55
C VAL A 221 -21.64 16.03 11.05
N LEU A 222 -21.05 15.67 9.91
CA LEU A 222 -21.21 14.35 9.32
C LEU A 222 -20.92 13.22 10.29
N PRO A 223 -19.86 13.25 11.14
CA PRO A 223 -19.67 12.16 12.11
C PRO A 223 -20.78 12.09 13.16
N LEU A 224 -21.36 13.23 13.56
CA LEU A 224 -22.47 13.23 14.54
C LEU A 224 -23.72 12.57 13.95
N LEU A 225 -24.06 12.91 12.70
CA LEU A 225 -25.21 12.32 12.01
C LEU A 225 -25.04 10.81 11.87
N ASP A 226 -23.81 10.39 11.50
CA ASP A 226 -23.38 9.00 11.37
C ASP A 226 -23.53 8.23 12.68
N GLU A 227 -23.10 8.81 13.81
CA GLU A 227 -23.19 8.20 15.14
C GLU A 227 -24.67 7.93 15.46
N LEU A 228 -25.55 8.92 15.20
CA LEU A 228 -26.98 8.81 15.49
C LEU A 228 -27.72 7.82 14.58
N GLY A 229 -27.13 7.45 13.46
CA GLY A 229 -27.75 6.54 12.52
C GLY A 229 -28.55 7.27 11.46
N LEU A 230 -28.11 8.47 11.09
CA LEU A 230 -28.78 9.26 10.07
C LEU A 230 -28.03 9.22 8.76
N ARG A 231 -28.59 8.52 7.79
CA ARG A 231 -28.01 8.45 6.46
C ARG A 231 -28.37 9.73 5.74
N VAL A 232 -27.38 10.53 5.40
CA VAL A 232 -27.66 11.75 4.66
C VAL A 232 -27.74 11.29 3.22
N LEU A 233 -28.94 11.29 2.63
CA LEU A 233 -29.11 10.89 1.24
C LEU A 233 -28.37 11.89 0.36
N CYS A 234 -28.56 13.18 0.63
CA CYS A 234 -27.78 14.19 -0.06
C CYS A 234 -27.65 15.49 0.72
N THR A 235 -26.43 16.06 0.72
CA THR A 235 -26.12 17.35 1.33
C THR A 235 -26.08 18.27 0.13
N LEU A 236 -27.10 19.12 -0.05
CA LEU A 236 -27.18 20.00 -1.22
C LEU A 236 -26.56 21.39 -0.97
N ALA A 237 -25.35 21.68 -1.49
CA ALA A 237 -24.56 20.80 -2.33
C ALA A 237 -23.16 20.49 -1.80
N GLY A 238 -22.98 20.52 -0.49
CA GLY A 238 -21.68 20.22 0.11
C GLY A 238 -21.19 18.80 -0.05
N ASP A 239 -20.05 18.63 -0.81
CA ASP A 239 -19.45 17.31 -1.10
C ASP A 239 -20.51 16.39 -1.71
N ALA A 240 -21.28 16.93 -2.64
CA ALA A 240 -22.34 16.19 -3.29
C ALA A 240 -21.90 15.64 -4.63
N ARG A 241 -22.56 14.54 -5.01
CA ARG A 241 -22.39 13.83 -6.27
C ARG A 241 -23.74 13.82 -6.94
N TYR A 242 -23.76 13.81 -8.26
CA TYR A 242 -25.00 13.80 -9.02
C TYR A 242 -25.96 12.65 -8.60
N ARG A 243 -25.42 11.49 -8.30
CA ARG A 243 -26.22 10.35 -7.92
C ARG A 243 -26.90 10.50 -6.55
N GLU A 244 -26.37 11.33 -5.68
CA GLU A 244 -26.97 11.55 -4.36
C GLU A 244 -28.23 12.43 -4.53
N VAL A 245 -28.14 13.44 -5.40
CA VAL A 245 -29.19 14.39 -5.65
C VAL A 245 -30.43 13.73 -6.24
N GLN A 246 -30.25 12.72 -7.09
CA GLN A 246 -31.37 11.99 -7.70
C GLN A 246 -32.25 11.31 -6.67
N THR A 247 -31.68 10.91 -5.53
CA THR A 247 -32.38 10.17 -4.49
C THR A 247 -33.03 11.02 -3.40
N MET A 248 -32.90 12.34 -3.47
CA MET A 248 -33.42 13.25 -2.45
C MET A 248 -34.92 13.08 -2.13
N HIS A 249 -35.72 12.58 -3.09
CA HIS A 249 -37.16 12.41 -2.89
C HIS A 249 -37.53 11.38 -1.84
N ARG A 250 -36.64 10.43 -1.56
CA ARG A 250 -36.89 9.36 -0.59
C ARG A 250 -36.42 9.65 0.82
N ALA A 251 -36.18 10.92 1.15
CA ALA A 251 -35.76 11.30 2.50
C ALA A 251 -36.96 11.29 3.43
N GLU A 252 -36.74 11.01 4.71
CA GLU A 252 -37.80 11.02 5.70
C GLU A 252 -37.99 12.42 6.28
N VAL A 253 -36.88 13.15 6.55
CA VAL A 253 -36.90 14.52 7.07
C VAL A 253 -35.94 15.39 6.28
N ASN A 254 -36.29 16.65 6.06
CA ASN A 254 -35.43 17.58 5.32
C ASN A 254 -34.97 18.70 6.21
N MET A 255 -33.68 19.05 6.20
CA MET A 255 -33.19 20.16 7.02
C MET A 255 -32.76 21.36 6.19
N MET A 256 -33.38 22.52 6.43
CA MET A 256 -32.98 23.76 5.76
C MET A 256 -31.81 24.37 6.52
N VAL A 257 -30.61 24.34 5.94
CA VAL A 257 -29.41 24.84 6.61
C VAL A 257 -29.06 26.27 6.26
N CYS A 258 -29.23 27.20 7.22
CA CYS A 258 -28.88 28.63 7.12
C CYS A 258 -29.31 29.26 5.79
N SER A 259 -30.52 28.95 5.32
CA SER A 259 -30.99 29.48 4.05
C SER A 259 -32.49 29.58 3.97
N LYS A 260 -32.93 30.57 3.20
CA LYS A 260 -34.33 30.84 2.85
C LYS A 260 -34.52 30.92 1.32
N ALA A 261 -33.41 31.07 0.56
CA ALA A 261 -33.46 31.05 -0.90
C ALA A 261 -33.75 29.62 -1.41
N MET A 262 -33.39 28.59 -0.64
CA MET A 262 -33.70 27.20 -1.02
C MET A 262 -35.02 26.72 -0.40
N LEU A 263 -35.82 27.61 0.21
CA LEU A 263 -37.09 27.27 0.85
C LEU A 263 -38.11 26.69 -0.12
N ASN A 264 -38.00 27.04 -1.41
CA ASN A 264 -38.85 26.48 -2.46
C ASN A 264 -38.62 24.96 -2.59
N VAL A 265 -37.38 24.49 -2.31
CA VAL A 265 -37.04 23.07 -2.38
C VAL A 265 -37.75 22.29 -1.28
N ALA A 266 -37.56 22.69 0.00
CA ALA A 266 -38.20 22.02 1.12
C ALA A 266 -39.74 22.00 0.99
N ARG A 267 -40.33 23.12 0.56
CA ARG A 267 -41.77 23.23 0.39
C ARG A 267 -42.25 22.29 -0.73
N LYS A 268 -41.59 22.33 -1.89
CA LYS A 268 -41.97 21.49 -3.02
C LYS A 268 -41.75 20.01 -2.77
N LEU A 269 -40.78 19.66 -1.92
CA LEU A 269 -40.55 18.26 -1.57
C LEU A 269 -41.62 17.76 -0.58
N GLN A 270 -42.17 18.64 0.26
CA GLN A 270 -43.25 18.29 1.17
C GLN A 270 -44.58 18.19 0.40
N GLU A 271 -44.79 19.05 -0.62
CA GLU A 271 -46.01 19.02 -1.41
C GLU A 271 -46.05 17.79 -2.34
N THR A 272 -44.90 17.43 -2.91
CA THR A 272 -44.83 16.34 -3.87
C THR A 272 -44.60 14.97 -3.26
N TYR A 273 -43.63 14.84 -2.31
CA TYR A 273 -43.34 13.53 -1.72
C TYR A 273 -43.77 13.37 -0.26
N GLY A 274 -44.35 14.40 0.34
CA GLY A 274 -44.82 14.35 1.72
C GLY A 274 -43.73 14.44 2.78
N THR A 275 -42.52 14.81 2.37
CA THR A 275 -41.37 14.91 3.26
C THR A 275 -41.40 16.13 4.19
N PRO A 276 -41.52 15.89 5.50
CA PRO A 276 -41.52 17.02 6.44
C PRO A 276 -40.16 17.69 6.54
N TRP A 277 -40.14 19.00 6.79
CA TRP A 277 -38.88 19.73 6.88
C TRP A 277 -38.79 20.66 8.10
N PHE A 278 -37.58 21.14 8.39
CA PHE A 278 -37.35 22.08 9.50
C PHE A 278 -36.18 23.02 9.22
N GLU A 279 -36.27 24.24 9.69
CA GLU A 279 -35.19 25.20 9.52
C GLU A 279 -34.26 25.09 10.71
N GLY A 280 -32.98 25.24 10.46
CA GLY A 280 -31.97 25.16 11.51
C GLY A 280 -30.61 25.58 11.05
N SER A 281 -29.63 25.49 11.96
CA SER A 281 -28.25 25.85 11.66
C SER A 281 -27.27 24.95 12.42
N PHE A 282 -26.04 24.90 11.92
CA PHE A 282 -24.97 24.18 12.62
C PHE A 282 -23.89 25.16 13.08
N TYR A 283 -24.24 26.41 13.38
CA TYR A 283 -23.28 27.40 13.83
C TYR A 283 -23.51 27.68 15.28
N GLY A 284 -22.61 27.18 16.12
CA GLY A 284 -22.71 27.36 17.56
C GLY A 284 -23.21 26.13 18.27
N ILE A 285 -22.98 26.07 19.59
CA ILE A 285 -23.38 24.95 20.43
C ILE A 285 -24.90 24.80 20.48
N THR A 286 -25.62 25.86 20.85
CA THR A 286 -27.07 25.86 20.96
C THR A 286 -27.76 25.48 19.66
N ASP A 287 -27.26 25.99 18.53
CA ASP A 287 -27.83 25.71 17.22
C ASP A 287 -27.58 24.28 16.75
N THR A 288 -26.34 23.78 16.92
CA THR A 288 -26.02 22.40 16.52
C THR A 288 -26.88 21.38 17.30
N SER A 289 -27.03 21.61 18.61
CA SER A 289 -27.86 20.75 19.46
C SER A 289 -29.35 20.85 19.13
N GLN A 290 -29.81 22.06 18.76
CA GLN A 290 -31.22 22.23 18.38
C GLN A 290 -31.51 21.52 17.06
N ALA A 291 -30.56 21.58 16.10
CA ALA A 291 -30.72 20.92 14.81
C ALA A 291 -30.82 19.40 15.01
N LEU A 292 -30.00 18.83 15.91
CA LEU A 292 -30.05 17.41 16.20
C LEU A 292 -31.32 17.02 16.96
N ARG A 293 -31.82 17.91 17.83
CA ARG A 293 -33.04 17.66 18.59
C ARG A 293 -34.26 17.69 17.68
N ASP A 294 -34.25 18.55 16.64
CA ASP A 294 -35.36 18.66 15.70
C ASP A 294 -35.49 17.40 14.83
N PHE A 295 -34.35 16.76 14.50
CA PHE A 295 -34.33 15.53 13.72
C PHE A 295 -35.04 14.42 14.47
N ALA A 296 -34.74 14.27 15.76
CA ALA A 296 -35.37 13.25 16.59
C ALA A 296 -36.86 13.50 16.76
N ARG A 297 -37.25 14.77 16.85
CA ARG A 297 -38.63 15.20 17.01
C ARG A 297 -39.49 14.80 15.80
N LEU A 298 -38.92 14.86 14.58
CA LEU A 298 -39.67 14.54 13.38
C LEU A 298 -39.51 13.08 12.92
N LEU A 299 -38.54 12.35 13.46
CA LEU A 299 -38.34 10.96 13.05
C LEU A 299 -39.12 9.95 13.89
N ASP A 300 -39.83 10.41 14.94
CA ASP A 300 -40.67 9.61 15.81
C ASP A 300 -40.04 8.30 16.26
N ASP A 301 -38.82 8.38 16.78
CA ASP A 301 -38.11 7.21 17.29
C ASP A 301 -37.59 7.51 18.68
N PRO A 302 -38.15 6.85 19.71
CA PRO A 302 -37.68 7.12 21.09
C PRO A 302 -36.24 6.68 21.30
N ASP A 303 -35.78 5.63 20.60
CA ASP A 303 -34.40 5.18 20.71
C ASP A 303 -33.43 6.22 20.12
N LEU A 304 -33.83 6.87 19.04
CA LEU A 304 -33.04 7.92 18.42
C LEU A 304 -33.03 9.15 19.34
N THR A 305 -34.19 9.51 19.91
CA THR A 305 -34.32 10.65 20.80
C THR A 305 -33.41 10.51 22.02
N ALA A 306 -33.39 9.31 22.63
CA ALA A 306 -32.55 9.04 23.81
C ALA A 306 -31.06 9.12 23.44
N ARG A 307 -30.68 8.55 22.28
CA ARG A 307 -29.27 8.62 21.85
C ARG A 307 -28.88 10.05 21.42
N THR A 308 -29.84 10.87 20.98
CA THR A 308 -29.60 12.26 20.59
C THR A 308 -29.24 13.06 21.83
N GLU A 309 -29.98 12.84 22.94
CA GLU A 309 -29.69 13.52 24.21
C GLU A 309 -28.33 13.08 24.72
N ALA A 310 -27.99 11.80 24.59
CA ALA A 310 -26.71 11.27 25.00
C ALA A 310 -25.56 11.86 24.17
N LEU A 311 -25.75 12.07 22.87
CA LEU A 311 -24.72 12.68 22.03
C LEU A 311 -24.56 14.14 22.46
N ILE A 312 -25.68 14.85 22.68
CA ILE A 312 -25.63 16.25 23.08
C ILE A 312 -24.94 16.42 24.42
N ALA A 313 -25.28 15.61 25.42
CA ALA A 313 -24.63 15.68 26.72
C ALA A 313 -23.12 15.39 26.64
N ARG A 314 -22.71 14.53 25.70
CA ARG A 314 -21.29 14.22 25.54
C ARG A 314 -20.53 15.33 24.82
N GLU A 315 -21.08 15.80 23.71
CA GLU A 315 -20.44 16.83 22.91
C GLU A 315 -20.46 18.20 23.57
N GLU A 316 -21.49 18.49 24.35
CA GLU A 316 -21.58 19.75 25.06
C GLU A 316 -20.59 19.78 26.23
N ALA A 317 -20.38 18.65 26.92
CA ALA A 317 -19.42 18.58 28.02
C ALA A 317 -18.00 18.79 27.52
N LYS A 318 -17.65 18.20 26.37
CA LYS A 318 -16.35 18.29 25.76
C LYS A 318 -16.07 19.71 25.26
N VAL A 319 -17.05 20.34 24.57
CA VAL A 319 -16.85 21.66 23.99
C VAL A 319 -16.88 22.80 25.04
N ARG A 320 -17.72 22.68 26.09
CA ARG A 320 -17.76 23.71 27.11
C ARG A 320 -16.43 23.72 27.91
N ALA A 321 -15.85 22.52 28.13
CA ALA A 321 -14.57 22.39 28.82
C ALA A 321 -13.43 22.98 27.97
N ALA A 322 -13.48 22.77 26.65
CA ALA A 322 -12.45 23.29 25.75
C ALA A 322 -12.56 24.80 25.56
N LEU A 323 -13.76 25.37 25.70
CA LEU A 323 -13.95 26.82 25.52
C LEU A 323 -13.64 27.65 26.76
N GLU A 324 -13.59 27.01 27.94
CA GLU A 324 -13.36 27.70 29.22
C GLU A 324 -11.99 28.42 29.32
N PRO A 325 -10.84 27.83 28.92
CA PRO A 325 -9.58 28.60 28.99
C PRO A 325 -9.57 29.86 28.12
N TRP A 326 -10.48 29.94 27.12
CA TRP A 326 -10.60 31.07 26.21
C TRP A 326 -11.66 32.07 26.65
N ARG A 327 -12.65 31.62 27.43
CA ARG A 327 -13.80 32.40 27.90
C ARG A 327 -13.46 33.82 28.35
N ALA A 328 -12.35 34.00 29.06
CA ALA A 328 -11.96 35.33 29.55
C ALA A 328 -11.45 36.25 28.43
N ARG A 329 -10.70 35.67 27.46
CA ARG A 329 -10.12 36.41 26.35
C ARG A 329 -11.12 37.06 25.39
N LEU A 330 -12.33 36.48 25.24
CA LEU A 330 -13.33 37.05 24.34
C LEU A 330 -14.58 37.60 25.03
N GLU A 331 -14.65 37.54 26.36
CA GLU A 331 -15.82 38.00 27.09
C GLU A 331 -15.96 39.53 27.09
N GLY A 332 -17.11 39.99 26.61
CA GLY A 332 -17.43 41.41 26.57
C GLY A 332 -16.90 42.17 25.38
N LYS A 333 -16.29 41.49 24.41
CA LYS A 333 -15.77 42.16 23.22
C LYS A 333 -16.94 42.58 22.34
N ARG A 334 -16.94 43.83 21.89
CA ARG A 334 -18.03 44.36 21.08
C ARG A 334 -17.88 43.94 19.61
N VAL A 335 -18.94 43.37 19.05
CA VAL A 335 -18.91 42.89 17.67
C VAL A 335 -19.93 43.65 16.83
N LEU A 336 -19.50 44.23 15.69
CA LEU A 336 -20.45 44.85 14.79
C LEU A 336 -20.69 43.89 13.64
N LEU A 337 -21.91 43.36 13.52
CA LEU A 337 -22.22 42.43 12.44
C LEU A 337 -22.97 43.14 11.30
N TYR A 338 -22.50 42.96 10.06
CA TYR A 338 -23.15 43.55 8.90
C TYR A 338 -23.75 42.45 8.03
N THR A 339 -25.02 42.60 7.63
CA THR A 339 -25.70 41.60 6.81
C THR A 339 -25.73 42.00 5.34
N GLY A 340 -24.83 41.43 4.55
CA GLY A 340 -24.78 41.72 3.13
C GLY A 340 -25.39 40.62 2.29
N GLY A 341 -26.47 40.02 2.79
CA GLY A 341 -27.18 38.92 2.15
C GLY A 341 -26.36 37.64 2.02
N VAL A 342 -25.30 37.53 2.83
CA VAL A 342 -24.34 36.44 2.85
C VAL A 342 -24.55 35.53 4.09
N LYS A 343 -25.85 35.34 4.47
CA LYS A 343 -26.32 34.52 5.60
C LYS A 343 -25.55 34.82 6.91
N SER A 344 -25.35 36.11 7.20
CA SER A 344 -24.60 36.57 8.37
C SER A 344 -25.28 36.33 9.71
N TRP A 345 -26.63 36.26 9.75
CA TRP A 345 -27.32 36.05 11.03
C TRP A 345 -27.10 34.64 11.62
N SER A 346 -26.73 33.66 10.80
CA SER A 346 -26.47 32.30 11.26
C SER A 346 -25.31 32.22 12.25
N VAL A 347 -24.26 33.03 12.06
CA VAL A 347 -23.10 33.02 12.96
C VAL A 347 -23.32 33.84 14.24
N VAL A 348 -24.40 34.63 14.32
CA VAL A 348 -24.73 35.46 15.49
C VAL A 348 -24.95 34.58 16.72
N SER A 349 -25.65 33.46 16.55
CA SER A 349 -25.92 32.52 17.64
C SER A 349 -24.63 31.94 18.24
N ALA A 350 -23.60 31.75 17.42
CA ALA A 350 -22.32 31.23 17.90
C ALA A 350 -21.62 32.28 18.78
N LEU A 351 -21.69 33.55 18.39
CA LEU A 351 -21.09 34.64 19.16
C LEU A 351 -21.79 34.84 20.52
N GLN A 352 -23.09 34.50 20.60
CA GLN A 352 -23.87 34.56 21.84
C GLN A 352 -23.33 33.53 22.84
N ASP A 353 -22.89 32.34 22.36
CA ASP A 353 -22.31 31.29 23.20
C ASP A 353 -20.93 31.67 23.78
N LEU A 354 -20.47 32.91 23.55
CA LEU A 354 -19.17 33.40 24.02
C LEU A 354 -19.26 34.63 24.93
N GLY A 355 -20.44 35.17 25.13
CA GLY A 355 -20.64 36.34 25.98
C GLY A 355 -20.17 37.62 25.33
N MET A 356 -20.52 37.81 24.06
CA MET A 356 -20.14 39.00 23.33
C MET A 356 -21.39 39.76 22.89
N LYS A 357 -21.48 41.06 23.22
CA LYS A 357 -22.64 41.85 22.81
C LYS A 357 -22.49 42.22 21.34
N VAL A 358 -23.42 41.76 20.51
CA VAL A 358 -23.35 42.01 19.07
C VAL A 358 -24.33 43.06 18.61
N VAL A 359 -23.86 43.98 17.78
CA VAL A 359 -24.68 45.04 17.20
C VAL A 359 -24.86 44.71 15.73
N ALA A 360 -26.02 44.17 15.37
CA ALA A 360 -26.27 43.80 13.99
C ALA A 360 -26.90 44.95 13.21
N THR A 361 -26.50 45.12 11.95
CA THR A 361 -27.03 46.19 11.11
C THR A 361 -27.19 45.75 9.65
N GLY A 362 -28.13 46.36 8.97
CA GLY A 362 -28.42 46.05 7.57
C GLY A 362 -28.78 47.27 6.77
N THR A 363 -29.14 47.06 5.50
CA THR A 363 -29.50 48.14 4.59
C THR A 363 -30.95 47.96 4.05
N LYS A 364 -31.46 48.92 3.24
CA LYS A 364 -32.79 48.80 2.62
C LYS A 364 -32.77 47.68 1.56
N LYS A 365 -31.62 47.48 0.88
CA LYS A 365 -31.45 46.43 -0.12
C LYS A 365 -31.31 45.02 0.48
N SER A 366 -31.24 44.89 1.82
CA SER A 366 -31.15 43.59 2.49
C SER A 366 -32.51 42.88 2.46
N THR A 367 -32.52 41.55 2.66
CA THR A 367 -33.78 40.80 2.63
C THR A 367 -34.67 41.10 3.86
N GLU A 368 -35.97 40.78 3.77
CA GLU A 368 -36.89 40.99 4.88
C GLU A 368 -36.57 40.10 6.08
N GLU A 369 -35.95 38.93 5.85
CA GLU A 369 -35.55 38.04 6.94
C GLU A 369 -34.37 38.63 7.72
N ASP A 370 -33.44 39.31 7.00
CA ASP A 370 -32.31 40.00 7.64
C ASP A 370 -32.86 41.11 8.54
N LYS A 371 -33.87 41.85 8.06
CA LYS A 371 -34.52 42.95 8.79
C LYS A 371 -35.29 42.45 10.01
N ALA A 372 -35.98 41.30 9.90
CA ALA A 372 -36.76 40.73 11.01
C ALA A 372 -35.87 40.27 12.14
N ARG A 373 -34.69 39.74 11.82
CA ARG A 373 -33.73 39.30 12.83
C ARG A 373 -33.05 40.49 13.54
N ILE A 374 -32.97 41.64 12.88
CA ILE A 374 -32.40 42.86 13.47
C ILE A 374 -33.43 43.48 14.43
N ARG A 375 -34.74 43.43 14.09
CA ARG A 375 -35.78 43.93 15.01
C ARG A 375 -35.89 43.02 16.25
N GLU A 376 -35.60 41.71 16.07
CA GLU A 376 -35.65 40.69 17.12
C GLU A 376 -34.62 40.94 18.22
N LEU A 377 -33.43 41.41 17.84
CA LEU A 377 -32.37 41.65 18.82
C LEU A 377 -32.13 43.12 19.16
N MET A 378 -31.94 43.98 18.16
CA MET A 378 -31.67 45.40 18.40
C MET A 378 -32.87 46.19 18.89
N GLY A 379 -34.03 45.96 18.27
CA GLY A 379 -35.25 46.66 18.63
C GLY A 379 -36.09 46.99 17.41
N ASP A 380 -37.38 47.27 17.62
CA ASP A 380 -38.29 47.56 16.51
C ASP A 380 -38.02 48.93 15.86
N ASP A 381 -37.38 49.85 16.59
CA ASP A 381 -37.07 51.18 16.07
C ASP A 381 -35.60 51.25 15.64
N VAL A 382 -35.12 50.22 14.95
CA VAL A 382 -33.72 50.18 14.50
C VAL A 382 -33.48 51.08 13.28
N LYS A 383 -32.23 51.48 13.06
CA LYS A 383 -31.84 52.34 11.95
C LYS A 383 -31.07 51.56 10.86
N MET A 384 -31.58 51.56 9.63
CA MET A 384 -30.92 50.85 8.53
C MET A 384 -29.97 51.77 7.75
N LEU A 385 -28.81 51.25 7.31
CA LEU A 385 -27.81 52.02 6.57
C LEU A 385 -28.27 52.43 5.17
N ASP A 386 -29.19 51.66 4.58
CA ASP A 386 -29.79 51.90 3.26
C ASP A 386 -28.77 51.79 2.08
N GLU A 387 -27.94 52.82 1.83
CA GLU A 387 -27.02 52.78 0.71
C GLU A 387 -25.79 51.89 0.97
N GLY A 388 -25.10 51.51 -0.11
CA GLY A 388 -23.91 50.69 -0.04
C GLY A 388 -22.63 51.43 0.31
N ASN A 389 -22.76 52.68 0.82
CA ASN A 389 -21.62 53.49 1.21
C ASN A 389 -20.92 52.82 2.38
N ALA A 390 -19.64 52.50 2.20
CA ALA A 390 -18.87 51.83 3.24
C ALA A 390 -18.40 52.77 4.35
N ARG A 391 -18.38 54.09 4.12
CA ARG A 391 -18.01 55.04 5.17
C ARG A 391 -19.08 55.11 6.28
N VAL A 392 -20.34 54.79 5.94
CA VAL A 392 -21.45 54.73 6.88
C VAL A 392 -21.23 53.54 7.83
N LEU A 393 -20.78 52.40 7.28
CA LEU A 393 -20.47 51.18 8.02
C LEU A 393 -19.28 51.43 8.95
N LEU A 394 -18.27 52.17 8.48
CA LEU A 394 -17.10 52.53 9.28
C LEU A 394 -17.48 53.46 10.43
N LYS A 395 -18.39 54.41 10.16
CA LYS A 395 -18.88 55.34 11.18
C LYS A 395 -19.63 54.56 12.27
N THR A 396 -20.41 53.54 11.86
CA THR A 396 -21.20 52.69 12.76
C THR A 396 -20.29 51.94 13.73
N VAL A 397 -19.10 51.50 13.26
CA VAL A 397 -18.10 50.82 14.08
C VAL A 397 -17.67 51.74 15.23
N ASP A 398 -17.31 52.98 14.90
CA ASP A 398 -16.85 53.95 15.90
C ASP A 398 -17.98 54.43 16.81
N GLU A 399 -19.22 54.48 16.29
CA GLU A 399 -20.39 54.90 17.03
C GLU A 399 -20.67 53.92 18.18
N TYR A 400 -20.65 52.62 17.89
CA TYR A 400 -20.92 51.60 18.91
C TYR A 400 -19.68 51.10 19.66
N GLN A 401 -18.50 51.71 19.42
CA GLN A 401 -17.22 51.33 20.03
C GLN A 401 -16.93 49.86 19.76
N ALA A 402 -17.14 49.44 18.51
CA ALA A 402 -16.93 48.06 18.09
C ALA A 402 -15.48 47.68 18.09
N ASP A 403 -15.19 46.47 18.56
CA ASP A 403 -13.82 45.94 18.60
C ASP A 403 -13.48 45.14 17.35
N ILE A 404 -14.48 44.56 16.68
CA ILE A 404 -14.28 43.75 15.47
C ILE A 404 -15.53 43.81 14.57
N LEU A 405 -15.33 43.86 13.26
CA LEU A 405 -16.43 43.87 12.30
C LEU A 405 -16.56 42.48 11.71
N ILE A 406 -17.73 41.85 11.86
CA ILE A 406 -17.96 40.54 11.28
C ILE A 406 -18.96 40.68 10.15
N ALA A 407 -18.47 40.51 8.91
CA ALA A 407 -19.25 40.69 7.69
C ALA A 407 -18.65 39.82 6.50
N GLY A 408 -19.26 39.86 5.31
CA GLY A 408 -18.75 39.12 4.16
C GLY A 408 -17.43 39.68 3.66
N GLY A 409 -16.66 38.85 2.97
CA GLY A 409 -15.35 39.17 2.41
C GLY A 409 -15.24 40.44 1.58
N ARG A 410 -16.38 40.96 1.07
CA ARG A 410 -16.41 42.21 0.30
C ARG A 410 -16.02 43.40 1.15
N ASN A 411 -16.49 43.42 2.40
CA ASN A 411 -16.23 44.49 3.36
C ASN A 411 -14.93 44.32 4.16
N MET A 412 -14.02 43.44 3.71
CA MET A 412 -12.77 43.16 4.40
C MET A 412 -11.84 44.36 4.37
N TYR A 413 -11.67 44.97 3.20
CA TYR A 413 -10.75 46.09 3.07
C TYR A 413 -11.33 47.38 3.64
N THR A 414 -12.65 47.46 3.83
CA THR A 414 -13.25 48.61 4.50
C THR A 414 -12.82 48.59 5.97
N ALA A 415 -12.86 47.42 6.60
CA ALA A 415 -12.43 47.26 7.98
C ALA A 415 -10.90 47.28 8.09
N LEU A 416 -10.16 46.54 7.24
CA LEU A 416 -8.69 46.52 7.30
C LEU A 416 -8.11 47.90 7.07
N LYS A 417 -8.56 48.61 6.00
CA LYS A 417 -8.03 49.94 5.72
C LYS A 417 -8.48 50.99 6.76
N GLY A 418 -9.65 50.77 7.35
CA GLY A 418 -10.15 51.64 8.41
C GLY A 418 -9.54 51.34 9.77
N ARG A 419 -8.50 50.49 9.82
CA ARG A 419 -7.72 50.09 11.00
C ARG A 419 -8.57 49.35 12.04
N VAL A 420 -9.50 48.54 11.56
CA VAL A 420 -10.45 47.80 12.39
C VAL A 420 -10.34 46.28 12.20
N PRO A 421 -10.23 45.50 13.29
CA PRO A 421 -10.20 44.04 13.17
C PRO A 421 -11.42 43.47 12.45
N PHE A 422 -11.22 42.44 11.64
CA PHE A 422 -12.31 41.87 10.84
C PHE A 422 -12.30 40.34 10.85
N LEU A 423 -13.49 39.71 10.81
CA LEU A 423 -13.58 38.27 10.68
C LEU A 423 -14.47 37.91 9.49
N ASP A 424 -13.92 37.13 8.55
CA ASP A 424 -14.67 36.73 7.38
C ASP A 424 -15.63 35.60 7.67
N ILE A 425 -16.87 35.73 7.17
CA ILE A 425 -17.88 34.70 7.33
C ILE A 425 -18.57 34.43 5.99
N ASN A 426 -17.84 34.52 4.87
CA ASN A 426 -18.43 34.31 3.55
C ASN A 426 -18.02 32.96 2.91
N GLN A 427 -18.59 32.63 1.74
CA GLN A 427 -18.35 31.42 0.97
C GLN A 427 -16.98 31.43 0.25
N GLU A 428 -15.94 31.89 0.92
CA GLU A 428 -14.58 32.02 0.40
C GLU A 428 -13.50 31.86 1.52
N ARG A 429 -13.91 31.80 2.80
CA ARG A 429 -13.01 31.64 3.92
C ARG A 429 -12.33 30.26 3.93
N GLU A 430 -11.21 30.12 4.66
CA GLU A 430 -10.45 28.87 4.74
C GLU A 430 -10.57 28.18 6.11
N PHE A 431 -11.49 28.64 6.98
CA PHE A 431 -11.64 28.05 8.30
C PHE A 431 -13.08 27.61 8.57
N GLY A 432 -13.24 26.40 9.08
CA GLY A 432 -14.55 25.86 9.38
C GLY A 432 -15.06 26.22 10.76
N TYR A 433 -16.32 26.65 10.83
CA TYR A 433 -16.93 27.05 12.10
C TYR A 433 -18.17 26.23 12.48
N ALA A 434 -18.52 25.20 11.71
CA ALA A 434 -19.71 24.39 11.97
C ALA A 434 -19.52 23.36 13.08
N GLY A 435 -20.61 23.00 13.71
CA GLY A 435 -20.65 22.01 14.77
C GLY A 435 -19.99 22.45 16.05
N TYR A 436 -19.77 21.49 16.94
CA TYR A 436 -19.12 21.75 18.22
C TYR A 436 -17.62 22.03 17.99
N ASP A 437 -16.98 21.25 17.11
CA ASP A 437 -15.57 21.44 16.80
C ASP A 437 -15.27 22.77 16.15
N GLY A 438 -16.19 23.26 15.34
CA GLY A 438 -16.01 24.54 14.66
C GLY A 438 -15.95 25.74 15.59
N MET A 439 -16.66 25.66 16.77
CA MET A 439 -16.65 26.70 17.79
C MET A 439 -15.23 27.00 18.25
N LEU A 440 -14.38 25.95 18.32
CA LEU A 440 -12.98 26.09 18.73
C LEU A 440 -12.22 26.91 17.70
N GLU A 441 -12.44 26.64 16.41
CA GLU A 441 -11.75 27.37 15.35
C GLU A 441 -12.20 28.84 15.30
N LEU A 442 -13.49 29.08 15.57
CA LEU A 442 -14.03 30.43 15.57
C LEU A 442 -13.37 31.30 16.63
N VAL A 443 -13.25 30.80 17.88
CA VAL A 443 -12.60 31.58 18.94
C VAL A 443 -11.11 31.78 18.65
N ARG A 444 -10.46 30.79 18.02
CA ARG A 444 -9.05 30.93 17.65
C ARG A 444 -8.90 32.05 16.62
N GLN A 445 -9.75 32.06 15.56
CA GLN A 445 -9.69 33.13 14.55
C GLN A 445 -10.05 34.50 15.13
N LEU A 446 -11.01 34.57 16.08
CA LEU A 446 -11.38 35.84 16.70
C LEU A 446 -10.20 36.41 17.49
N CYS A 447 -9.53 35.56 18.28
CA CYS A 447 -8.38 35.95 19.06
C CYS A 447 -7.20 36.33 18.20
N ILE A 448 -7.00 35.59 17.08
CA ILE A 448 -5.91 35.85 16.13
C ILE A 448 -5.90 37.32 15.69
N THR A 449 -7.06 37.84 15.24
CA THR A 449 -7.14 39.22 14.76
C THR A 449 -7.31 40.22 15.91
N LEU A 450 -8.06 39.89 16.98
CA LEU A 450 -8.28 40.82 18.10
C LEU A 450 -7.02 41.07 18.96
N GLU A 451 -6.32 40.01 19.32
CA GLU A 451 -5.12 40.16 20.15
C GLU A 451 -3.89 40.52 19.36
N CYS A 452 -4.03 40.97 18.10
CA CYS A 452 -2.89 41.30 17.27
C CYS A 452 -2.27 42.68 17.54
N PRO A 453 -0.95 42.73 17.76
CA PRO A 453 -0.27 44.03 17.93
C PRO A 453 -0.24 44.89 16.67
N VAL A 454 -0.59 44.32 15.48
CA VAL A 454 -0.60 45.09 14.24
C VAL A 454 -1.53 46.33 14.26
N TRP A 455 -2.62 46.28 15.05
CA TRP A 455 -3.59 47.36 15.12
C TRP A 455 -3.05 48.62 15.75
N GLU A 456 -2.32 48.51 16.88
CA GLU A 456 -1.72 49.70 17.50
C GLU A 456 -0.64 50.31 16.58
N ALA A 457 0.08 49.46 15.83
CA ALA A 457 1.11 49.93 14.91
C ALA A 457 0.56 50.71 13.75
N VAL A 458 -0.61 50.32 13.20
CA VAL A 458 -1.19 51.06 12.07
C VAL A 458 -1.99 52.29 12.51
N ARG A 459 -2.33 52.42 13.80
CA ARG A 459 -3.05 53.60 14.30
C ARG A 459 -2.05 54.68 14.77
N ARG A 460 -0.91 54.26 15.34
CA ARG A 460 0.14 55.18 15.77
C ARG A 460 0.73 55.88 14.56
N PRO A 461 1.00 57.19 14.66
CA PRO A 461 1.59 57.90 13.51
C PRO A 461 3.09 57.62 13.33
N ALA A 462 3.64 58.01 12.17
CA ALA A 462 5.05 57.86 11.87
C ALA A 462 5.87 58.72 12.83
N PRO A 463 7.11 58.33 13.18
CA PRO A 463 7.89 59.13 14.13
C PRO A 463 8.25 60.54 13.64
N TRP A 464 8.18 60.77 12.33
CA TRP A 464 8.43 62.11 11.77
C TRP A 464 7.16 62.98 11.76
N ASP A 465 5.97 62.36 11.83
CA ASP A 465 4.71 63.09 11.88
C ASP A 465 4.25 63.27 13.33
N ILE A 466 5.20 63.49 14.26
CA ILE A 466 4.89 63.72 15.67
C ILE A 466 5.39 65.12 16.07
N PRO A 467 4.45 66.05 16.35
CA PRO A 467 4.87 67.43 16.66
C PRO A 467 5.68 67.62 17.96
N ALA A 468 6.30 68.80 18.10
CA ALA A 468 7.09 69.14 19.28
C ALA A 468 6.40 70.25 20.10
N ALA B 2 6.12 33.81 -35.26
CA ALA B 2 5.42 32.60 -34.86
C ALA B 2 4.12 32.45 -35.62
N GLU B 3 3.76 31.17 -35.94
CA GLU B 3 2.53 30.80 -36.65
C GLU B 3 1.43 30.64 -35.60
N ILE B 4 0.43 31.50 -35.63
CA ILE B 4 -0.65 31.47 -34.64
C ILE B 4 -1.67 30.35 -34.84
N ILE B 5 -1.67 29.36 -33.94
CA ILE B 5 -2.62 28.26 -34.00
C ILE B 5 -3.89 28.76 -33.31
N ASN B 6 -4.80 29.32 -34.12
CA ASN B 6 -6.06 29.95 -33.73
C ASN B 6 -7.02 29.04 -32.97
N ARG B 7 -7.90 29.66 -32.14
CA ARG B 7 -8.93 28.96 -31.36
C ARG B 7 -9.80 28.07 -32.26
N ASN B 8 -9.96 26.80 -31.86
CA ASN B 8 -10.68 25.85 -32.68
C ASN B 8 -11.80 25.07 -31.98
N LYS B 9 -11.62 24.68 -30.72
CA LYS B 9 -12.62 23.86 -30.03
C LYS B 9 -13.76 24.65 -29.43
N ALA B 10 -14.93 24.00 -29.35
CA ALA B 10 -16.17 24.60 -28.87
C ALA B 10 -16.16 24.96 -27.39
N LEU B 11 -15.42 24.18 -26.60
CA LEU B 11 -15.36 24.37 -25.17
C LEU B 11 -14.03 24.84 -24.67
N ALA B 12 -13.99 25.99 -23.98
CA ALA B 12 -12.75 26.46 -23.38
C ALA B 12 -12.66 25.78 -22.00
N VAL B 13 -11.64 24.94 -21.78
CA VAL B 13 -11.44 24.22 -20.53
C VAL B 13 -10.28 24.84 -19.69
N SER B 14 -10.60 25.33 -18.47
CA SER B 14 -9.69 26.03 -17.56
C SER B 14 -9.22 27.30 -18.28
N PRO B 15 -10.16 28.27 -18.48
CA PRO B 15 -9.83 29.46 -19.26
C PRO B 15 -8.58 30.21 -18.82
N LEU B 16 -7.74 30.50 -19.79
CA LEU B 16 -6.57 31.32 -19.56
C LEU B 16 -7.06 32.78 -19.63
N LYS B 17 -7.84 33.13 -20.69
CA LYS B 17 -8.39 34.46 -20.98
C LYS B 17 -9.22 35.10 -19.85
N ALA B 18 -9.08 36.40 -19.72
CA ALA B 18 -9.79 37.32 -18.81
C ALA B 18 -10.40 38.43 -19.70
N SER B 19 -11.58 38.95 -19.35
CA SER B 19 -12.28 39.91 -20.22
C SER B 19 -11.54 41.18 -20.49
N GLN B 20 -11.78 41.71 -21.68
CA GLN B 20 -11.30 42.99 -22.19
C GLN B 20 -11.74 44.11 -21.24
N THR B 21 -12.99 44.00 -20.70
CA THR B 21 -13.58 44.96 -19.79
C THR B 21 -12.75 45.11 -18.55
N MET B 22 -12.22 43.97 -18.02
CA MET B 22 -11.38 43.98 -16.82
C MET B 22 -10.08 44.69 -17.09
N GLY B 23 -9.45 44.41 -18.22
CA GLY B 23 -8.19 45.07 -18.58
C GLY B 23 -8.34 46.57 -18.70
N ALA B 24 -9.42 47.02 -19.32
CA ALA B 24 -9.75 48.44 -19.46
C ALA B 24 -9.97 49.07 -18.09
N ALA B 25 -10.64 48.35 -17.19
CA ALA B 25 -10.85 48.80 -15.81
C ALA B 25 -9.50 48.95 -15.10
N LEU B 26 -8.56 48.05 -15.34
CA LEU B 26 -7.23 48.13 -14.74
C LEU B 26 -6.51 49.40 -15.17
N ALA B 27 -6.64 49.77 -16.45
CA ALA B 27 -6.02 50.99 -16.95
C ALA B 27 -6.65 52.22 -16.29
N ILE B 28 -8.00 52.23 -16.13
CA ILE B 28 -8.73 53.31 -15.45
C ILE B 28 -8.28 53.41 -14.00
N LEU B 29 -8.00 52.25 -13.36
CA LEU B 29 -7.49 52.13 -11.99
C LEU B 29 -6.09 52.76 -11.81
N GLY B 30 -5.35 52.95 -12.89
CA GLY B 30 -4.05 53.61 -12.88
C GLY B 30 -4.12 55.12 -13.00
N LEU B 31 -5.30 55.69 -12.69
CA LEU B 31 -5.55 57.13 -12.69
C LEU B 31 -5.99 57.54 -11.28
N ALA B 32 -5.46 58.64 -10.76
CA ALA B 32 -5.79 59.09 -9.40
C ALA B 32 -7.25 59.53 -9.26
N ARG B 33 -7.88 59.13 -8.12
CA ARG B 33 -9.28 59.43 -7.80
C ARG B 33 -10.22 59.09 -8.95
N SER B 34 -10.11 57.85 -9.47
CA SER B 34 -10.93 57.42 -10.60
C SER B 34 -11.92 56.34 -10.23
N MET B 35 -13.02 56.26 -10.98
CA MET B 35 -14.03 55.24 -10.77
C MET B 35 -14.37 54.55 -12.09
N PRO B 36 -13.99 53.28 -12.25
CA PRO B 36 -14.38 52.55 -13.47
C PRO B 36 -15.85 52.13 -13.41
N LEU B 37 -16.56 52.27 -14.52
CA LEU B 37 -17.98 52.02 -14.59
C LEU B 37 -18.32 51.09 -15.74
N PHE B 38 -18.83 49.90 -15.42
CA PHE B 38 -19.20 48.92 -16.45
C PHE B 38 -20.64 49.19 -16.81
N HIS B 39 -20.92 49.28 -18.11
CA HIS B 39 -22.28 49.43 -18.58
C HIS B 39 -22.82 48.01 -18.83
N GLY B 40 -23.53 47.47 -17.85
CA GLY B 40 -24.05 46.11 -17.93
C GLY B 40 -24.71 45.67 -16.64
N SER B 41 -24.95 44.36 -16.50
CA SER B 41 -25.57 43.81 -15.30
C SER B 41 -24.59 43.79 -14.11
N GLN B 42 -25.12 43.89 -12.87
CA GLN B 42 -24.35 43.95 -11.62
C GLN B 42 -23.27 42.84 -11.44
N GLY B 43 -23.50 41.66 -12.01
CA GLY B 43 -22.59 40.53 -11.90
C GLY B 43 -21.23 40.63 -12.54
N CYS B 44 -21.12 41.34 -13.69
CA CYS B 44 -19.82 41.56 -14.36
C CYS B 44 -18.86 42.31 -13.47
N THR B 45 -19.37 43.39 -12.84
CA THR B 45 -18.62 44.23 -11.93
C THR B 45 -18.23 43.46 -10.67
N ALA B 46 -19.16 42.65 -10.14
CA ALA B 46 -18.93 41.88 -8.94
C ALA B 46 -17.79 40.90 -9.14
N PHE B 47 -17.75 40.23 -10.29
CA PHE B 47 -16.69 39.27 -10.62
C PHE B 47 -15.37 39.96 -10.86
N ALA B 48 -15.40 41.14 -11.47
CA ALA B 48 -14.20 41.90 -11.72
C ALA B 48 -13.59 42.38 -10.39
N LYS B 49 -14.46 42.80 -9.45
CA LYS B 49 -14.06 43.28 -8.14
C LYS B 49 -13.40 42.16 -7.35
N VAL B 50 -13.99 40.94 -7.41
CA VAL B 50 -13.39 39.80 -6.71
C VAL B 50 -12.02 39.49 -7.33
N PHE B 51 -11.93 39.52 -8.68
CA PHE B 51 -10.71 39.25 -9.42
C PHE B 51 -9.53 40.15 -9.01
N PHE B 52 -9.78 41.46 -8.94
CA PHE B 52 -8.76 42.43 -8.57
C PHE B 52 -8.49 42.45 -7.06
N VAL B 53 -9.53 42.34 -6.24
CA VAL B 53 -9.36 42.34 -4.79
C VAL B 53 -8.51 41.11 -4.36
N ARG B 54 -8.71 39.95 -5.01
CA ARG B 54 -7.94 38.77 -4.67
C ARG B 54 -6.49 38.84 -5.17
N HIS B 55 -6.23 39.54 -6.30
CA HIS B 55 -4.85 39.68 -6.83
C HIS B 55 -4.06 40.76 -6.10
N PHE B 56 -4.60 41.99 -5.99
CA PHE B 56 -3.88 43.07 -5.31
C PHE B 56 -3.98 43.05 -3.78
N ARG B 57 -5.05 42.42 -3.23
CA ARG B 57 -5.30 42.38 -1.80
C ARG B 57 -5.42 43.80 -1.24
N GLU B 58 -6.23 44.63 -1.94
CA GLU B 58 -6.54 46.03 -1.69
C GLU B 58 -8.02 46.30 -2.06
N PRO B 59 -8.66 47.37 -1.56
CA PRO B 59 -10.03 47.68 -1.99
C PRO B 59 -10.01 48.17 -3.43
N VAL B 60 -11.01 47.77 -4.26
CA VAL B 60 -11.01 48.22 -5.66
C VAL B 60 -12.30 48.97 -6.07
N PRO B 61 -12.16 50.25 -6.46
CA PRO B 61 -13.35 51.01 -6.93
C PRO B 61 -13.86 50.44 -8.24
N LEU B 62 -15.16 50.13 -8.30
CA LEU B 62 -15.73 49.51 -9.49
C LEU B 62 -17.24 49.58 -9.39
N GLN B 63 -17.87 50.25 -10.37
CA GLN B 63 -19.32 50.39 -10.34
C GLN B 63 -20.04 49.75 -11.55
N THR B 64 -21.37 49.70 -11.48
CA THR B 64 -22.17 49.14 -12.55
C THR B 64 -23.42 49.98 -12.85
N THR B 65 -23.87 49.98 -14.11
CA THR B 65 -25.08 50.72 -14.47
C THR B 65 -26.37 49.97 -14.08
N ALA B 66 -26.26 48.71 -13.59
CA ALA B 66 -27.35 47.88 -13.09
C ALA B 66 -28.44 47.59 -14.15
N MET B 67 -28.02 47.02 -15.27
CA MET B 67 -28.92 46.61 -16.34
C MET B 67 -29.65 45.35 -15.90
N ASP B 68 -30.97 45.41 -15.77
CA ASP B 68 -31.83 44.29 -15.40
C ASP B 68 -32.55 43.70 -16.66
N GLN B 69 -33.45 42.72 -16.49
CA GLN B 69 -34.17 42.09 -17.58
C GLN B 69 -34.92 43.11 -18.44
N VAL B 70 -35.58 44.08 -17.79
CA VAL B 70 -36.36 45.12 -18.45
C VAL B 70 -35.49 46.11 -19.22
N SER B 71 -34.43 46.64 -18.58
CA SER B 71 -33.57 47.60 -19.27
C SER B 71 -32.70 46.97 -20.36
N SER B 72 -32.49 45.65 -20.32
CA SER B 72 -31.69 44.99 -21.35
C SER B 72 -32.41 44.88 -22.69
N VAL B 73 -33.75 44.81 -22.67
CA VAL B 73 -34.55 44.71 -23.89
C VAL B 73 -35.07 46.08 -24.31
N MET B 74 -35.61 46.84 -23.34
CA MET B 74 -36.17 48.15 -23.61
C MET B 74 -35.13 49.24 -23.90
N GLY B 75 -33.86 49.00 -23.57
CA GLY B 75 -32.81 49.99 -23.80
C GLY B 75 -32.33 50.50 -22.48
N ALA B 76 -30.98 50.60 -22.31
CA ALA B 76 -30.34 50.99 -21.06
C ALA B 76 -29.48 52.27 -21.10
N ASP B 77 -29.83 53.24 -21.96
CA ASP B 77 -29.08 54.50 -21.99
C ASP B 77 -29.37 55.35 -20.75
N GLU B 78 -30.58 55.26 -20.19
CA GLU B 78 -30.96 55.99 -18.97
C GLU B 78 -30.15 55.52 -17.77
N ASN B 79 -29.83 54.23 -17.71
CA ASN B 79 -29.03 53.67 -16.62
C ASN B 79 -27.64 54.29 -16.61
N VAL B 80 -27.07 54.55 -17.79
CA VAL B 80 -25.75 55.18 -17.96
C VAL B 80 -25.78 56.62 -17.41
N VAL B 81 -26.83 57.36 -17.74
CA VAL B 81 -27.00 58.73 -17.26
C VAL B 81 -27.20 58.75 -15.74
N GLU B 82 -28.02 57.84 -15.23
CA GLU B 82 -28.28 57.77 -13.79
C GLU B 82 -27.03 57.38 -12.98
N ALA B 83 -26.16 56.52 -13.56
CA ALA B 83 -24.94 56.08 -12.87
C ALA B 83 -23.88 57.17 -12.86
N LEU B 84 -23.76 57.92 -13.97
CA LEU B 84 -22.78 59.00 -14.04
C LEU B 84 -23.12 60.09 -13.06
N LYS B 85 -24.40 60.45 -12.95
CA LYS B 85 -24.88 61.47 -12.03
C LYS B 85 -24.65 61.03 -10.56
N THR B 86 -24.97 59.77 -10.24
CA THR B 86 -24.80 59.17 -8.92
C THR B 86 -23.36 59.18 -8.43
N ILE B 87 -22.42 58.80 -9.30
CA ILE B 87 -21.00 58.77 -8.94
C ILE B 87 -20.44 60.20 -8.82
N CYS B 88 -20.90 61.11 -9.69
CA CYS B 88 -20.43 62.50 -9.67
C CYS B 88 -20.85 63.21 -8.39
N GLU B 89 -22.03 62.89 -7.83
CA GLU B 89 -22.50 63.55 -6.62
C GLU B 89 -22.02 62.87 -5.34
N ARG B 90 -21.94 61.53 -5.33
CA ARG B 90 -21.56 60.81 -4.12
C ARG B 90 -20.06 60.79 -3.85
N GLN B 91 -19.25 60.59 -4.90
CA GLN B 91 -17.80 60.52 -4.72
C GLN B 91 -17.02 61.64 -5.36
N ASN B 92 -17.65 62.48 -6.22
CA ASN B 92 -17.00 63.63 -6.89
C ASN B 92 -15.64 63.24 -7.51
N PRO B 93 -15.66 62.48 -8.61
CA PRO B 93 -14.40 61.96 -9.15
C PRO B 93 -13.54 62.92 -9.94
N SER B 94 -12.25 62.59 -10.05
CA SER B 94 -11.30 63.30 -10.89
C SER B 94 -11.44 62.83 -12.35
N VAL B 95 -11.90 61.57 -12.58
CA VAL B 95 -12.13 60.98 -13.90
C VAL B 95 -12.97 59.70 -13.75
N ILE B 96 -13.87 59.43 -14.71
CA ILE B 96 -14.68 58.23 -14.70
C ILE B 96 -14.41 57.45 -15.98
N GLY B 97 -14.30 56.13 -15.89
CA GLY B 97 -14.10 55.29 -17.05
C GLY B 97 -15.40 54.62 -17.44
N LEU B 98 -15.94 54.93 -18.62
CA LEU B 98 -17.20 54.34 -19.07
C LEU B 98 -16.91 53.22 -20.05
N LEU B 99 -16.92 52.00 -19.54
CA LEU B 99 -16.58 50.78 -20.30
C LEU B 99 -17.83 49.93 -20.56
N THR B 100 -17.94 49.40 -21.77
CA THR B 100 -19.07 48.58 -22.16
C THR B 100 -18.82 47.10 -21.88
N THR B 101 -19.90 46.33 -21.76
CA THR B 101 -19.84 44.90 -21.57
C THR B 101 -20.37 44.20 -22.85
N GLY B 102 -20.45 42.88 -22.85
CA GLY B 102 -20.99 42.11 -23.95
C GLY B 102 -22.47 42.36 -24.09
N LEU B 103 -23.17 42.52 -22.96
CA LEU B 103 -24.61 42.76 -22.88
C LEU B 103 -25.01 44.10 -23.47
N SER B 104 -24.21 45.14 -23.21
CA SER B 104 -24.51 46.47 -23.72
C SER B 104 -24.23 46.58 -25.22
N GLU B 105 -23.17 45.91 -25.70
CA GLU B 105 -22.81 45.93 -27.11
C GLU B 105 -23.81 45.12 -27.93
N THR B 106 -24.31 44.00 -27.39
CA THR B 106 -25.29 43.15 -28.05
C THR B 106 -26.62 43.90 -28.23
N GLN B 107 -27.01 44.67 -27.21
CA GLN B 107 -28.24 45.47 -27.26
C GLN B 107 -28.14 46.61 -28.31
N GLY B 108 -26.95 47.20 -28.41
CA GLY B 108 -26.69 48.28 -29.35
C GLY B 108 -26.57 49.64 -28.70
N CYS B 109 -25.95 49.70 -27.52
CA CYS B 109 -25.80 50.96 -26.81
C CYS B 109 -24.63 51.79 -27.36
N ASP B 110 -24.95 52.90 -28.04
CA ASP B 110 -23.90 53.78 -28.56
C ASP B 110 -23.43 54.67 -27.41
N LEU B 111 -22.16 54.52 -27.02
CA LEU B 111 -21.52 55.25 -25.92
C LEU B 111 -21.63 56.77 -26.09
N HIS B 112 -21.37 57.25 -27.31
CA HIS B 112 -21.35 58.68 -27.61
C HIS B 112 -22.75 59.31 -27.67
N THR B 113 -23.81 58.52 -27.48
CA THR B 113 -25.18 59.04 -27.44
C THR B 113 -25.55 59.18 -25.95
N ALA B 114 -25.35 58.10 -25.18
CA ALA B 114 -25.65 58.04 -23.74
C ALA B 114 -24.81 59.02 -22.93
N LEU B 115 -23.56 59.24 -23.34
CA LEU B 115 -22.68 60.19 -22.65
C LEU B 115 -23.12 61.63 -22.95
N HIS B 116 -23.47 61.89 -24.21
CA HIS B 116 -23.93 63.20 -24.67
C HIS B 116 -25.17 63.64 -23.86
N GLU B 117 -26.14 62.73 -23.68
CA GLU B 117 -27.37 62.98 -22.92
C GLU B 117 -27.10 63.37 -21.47
N PHE B 118 -26.08 62.78 -20.85
CA PHE B 118 -25.68 63.09 -19.48
C PHE B 118 -25.07 64.49 -19.47
N ARG B 119 -24.21 64.79 -20.46
CA ARG B 119 -23.58 66.09 -20.58
C ARG B 119 -24.62 67.21 -20.80
N THR B 120 -25.75 66.92 -21.48
CA THR B 120 -26.78 67.95 -21.71
C THR B 120 -27.79 68.05 -20.55
N GLN B 121 -27.88 67.04 -19.67
CA GLN B 121 -28.81 67.06 -18.55
C GLN B 121 -28.17 67.55 -17.25
N TYR B 122 -26.92 67.15 -17.01
CA TYR B 122 -26.24 67.49 -15.77
C TYR B 122 -24.99 68.30 -16.01
N GLU B 123 -25.17 69.55 -16.48
CA GLU B 123 -24.08 70.49 -16.78
C GLU B 123 -23.24 70.86 -15.56
N GLU B 124 -23.75 70.63 -14.33
CA GLU B 124 -22.98 70.88 -13.11
C GLU B 124 -21.74 69.93 -12.99
N TYR B 125 -21.67 68.87 -13.80
CA TYR B 125 -20.55 67.94 -13.78
C TYR B 125 -19.75 67.99 -15.10
N LYS B 126 -19.74 69.13 -15.79
CA LYS B 126 -19.06 69.33 -17.06
C LYS B 126 -17.55 69.11 -16.97
N ASP B 127 -16.94 69.48 -15.84
CA ASP B 127 -15.50 69.38 -15.66
C ASP B 127 -14.99 68.04 -15.20
N VAL B 128 -15.87 67.05 -15.09
CA VAL B 128 -15.49 65.70 -14.66
C VAL B 128 -15.34 64.90 -15.95
N PRO B 129 -14.10 64.62 -16.36
CA PRO B 129 -13.90 63.91 -17.64
C PRO B 129 -14.32 62.45 -17.62
N ILE B 130 -15.05 62.01 -18.66
CA ILE B 130 -15.49 60.63 -18.76
C ILE B 130 -14.82 59.97 -19.93
N VAL B 131 -13.99 58.95 -19.67
CA VAL B 131 -13.29 58.25 -20.74
C VAL B 131 -14.14 57.11 -21.30
N PRO B 132 -14.65 57.26 -22.53
CA PRO B 132 -15.47 56.17 -23.10
C PRO B 132 -14.65 55.12 -23.86
N VAL B 133 -14.81 53.84 -23.55
CA VAL B 133 -14.02 52.82 -24.23
C VAL B 133 -14.91 51.62 -24.52
N ASN B 134 -14.90 51.14 -25.78
CA ASN B 134 -15.74 50.01 -26.22
C ASN B 134 -15.02 48.69 -26.01
N THR B 135 -15.32 48.01 -24.91
CA THR B 135 -14.66 46.74 -24.61
C THR B 135 -15.62 45.61 -24.31
N PRO B 136 -16.36 45.11 -25.34
CA PRO B 136 -17.26 43.96 -25.11
C PRO B 136 -16.48 42.70 -24.79
N ASP B 137 -17.02 41.88 -23.89
CA ASP B 137 -16.39 40.65 -23.38
C ASP B 137 -16.12 39.57 -24.41
N PHE B 138 -16.90 39.53 -25.48
CA PHE B 138 -16.70 38.53 -26.53
C PHE B 138 -15.51 38.81 -27.46
N SER B 139 -14.86 39.99 -27.33
CA SER B 139 -13.74 40.33 -28.20
C SER B 139 -12.48 40.64 -27.43
N GLY B 140 -11.34 40.33 -28.04
CA GLY B 140 -10.05 40.59 -27.45
C GLY B 140 -9.81 39.94 -26.11
N CYS B 141 -8.94 40.53 -25.31
CA CYS B 141 -8.58 39.99 -24.01
C CYS B 141 -8.21 41.09 -23.04
N PHE B 142 -7.88 40.70 -21.80
CA PHE B 142 -7.48 41.57 -20.71
C PHE B 142 -6.38 42.55 -21.14
N GLU B 143 -5.39 42.06 -21.86
CA GLU B 143 -4.27 42.89 -22.28
C GLU B 143 -4.66 43.87 -23.38
N SER B 144 -5.29 43.41 -24.47
CA SER B 144 -5.70 44.30 -25.55
C SER B 144 -6.73 45.34 -25.05
N GLY B 145 -7.58 44.94 -24.10
CA GLY B 145 -8.59 45.80 -23.50
C GLY B 145 -7.94 46.93 -22.75
N PHE B 146 -6.86 46.62 -22.00
CA PHE B 146 -6.07 47.58 -21.24
C PHE B 146 -5.50 48.61 -22.18
N ALA B 147 -4.90 48.14 -23.30
CA ALA B 147 -4.26 48.95 -24.35
C ALA B 147 -5.27 49.84 -25.07
N ALA B 148 -6.51 49.32 -25.23
CA ALA B 148 -7.61 50.08 -25.84
C ALA B 148 -8.09 51.19 -24.88
N ALA B 149 -7.92 51.00 -23.54
CA ALA B 149 -8.28 51.98 -22.52
C ALA B 149 -7.20 53.06 -22.40
N VAL B 150 -5.92 52.72 -22.66
CA VAL B 150 -4.87 53.72 -22.67
C VAL B 150 -5.06 54.63 -23.92
N LYS B 151 -5.58 54.07 -25.03
CA LYS B 151 -5.84 54.82 -26.25
C LYS B 151 -6.98 55.80 -26.01
N ALA B 152 -8.07 55.33 -25.38
CA ALA B 152 -9.19 56.21 -25.07
C ALA B 152 -8.79 57.28 -24.06
N ILE B 153 -7.94 56.92 -23.06
CA ILE B 153 -7.45 57.85 -22.04
C ILE B 153 -6.63 58.94 -22.71
N VAL B 154 -5.74 58.56 -23.63
CA VAL B 154 -4.90 59.48 -24.37
C VAL B 154 -5.75 60.42 -25.27
N GLU B 155 -6.80 59.88 -25.88
CA GLU B 155 -7.69 60.69 -26.72
C GLU B 155 -8.65 61.60 -25.94
N THR B 156 -8.86 61.30 -24.65
CA THR B 156 -9.81 62.05 -23.85
C THR B 156 -9.16 63.08 -22.92
N LEU B 157 -8.00 62.76 -22.34
CA LEU B 157 -7.38 63.67 -21.38
C LEU B 157 -6.13 64.39 -21.87
N VAL B 158 -5.70 64.15 -23.12
CA VAL B 158 -4.54 64.83 -23.68
C VAL B 158 -5.03 65.82 -24.76
N PRO B 159 -4.57 67.10 -24.73
CA PRO B 159 -5.05 68.06 -25.75
C PRO B 159 -4.42 67.84 -27.12
N GLU B 160 -5.18 68.14 -28.18
CA GLU B 160 -4.66 67.96 -29.53
C GLU B 160 -3.88 69.23 -29.95
N ARG B 161 -2.56 69.16 -29.82
CA ARG B 161 -1.57 70.19 -30.15
C ARG B 161 -0.34 69.54 -30.86
N ARG B 162 0.70 70.31 -31.15
CA ARG B 162 1.94 69.82 -31.76
C ARG B 162 3.14 70.74 -31.50
N ASP B 163 2.86 72.02 -31.24
CA ASP B 163 3.78 73.11 -31.01
C ASP B 163 4.39 73.17 -29.63
N GLN B 164 4.13 72.20 -28.74
CA GLN B 164 4.66 72.28 -27.38
C GLN B 164 5.74 71.23 -27.04
N VAL B 165 6.17 70.41 -28.02
CA VAL B 165 7.18 69.37 -27.79
C VAL B 165 8.46 69.95 -27.21
N GLY B 166 8.72 69.60 -25.96
CA GLY B 166 9.91 70.04 -25.24
C GLY B 166 9.70 71.21 -24.29
N LYS B 167 8.43 71.54 -23.99
CA LYS B 167 8.10 72.63 -23.06
C LYS B 167 8.59 72.30 -21.64
N ARG B 168 8.57 71.01 -21.26
CA ARG B 168 9.13 70.56 -20.00
C ARG B 168 10.33 69.73 -20.44
N PRO B 169 11.51 70.36 -20.49
CA PRO B 169 12.68 69.70 -21.04
C PRO B 169 13.10 68.35 -20.45
N ARG B 170 12.89 68.09 -19.14
CA ARG B 170 13.29 66.81 -18.57
C ARG B 170 12.14 65.73 -18.65
N GLN B 171 10.91 66.12 -19.04
CA GLN B 171 9.75 65.22 -19.02
C GLN B 171 9.74 64.19 -20.12
N VAL B 172 9.50 62.91 -19.75
CA VAL B 172 9.46 61.79 -20.71
C VAL B 172 8.24 60.87 -20.47
N ASN B 173 7.22 60.87 -21.36
CA ASN B 173 6.06 59.98 -21.17
C ASN B 173 6.47 58.52 -21.21
N VAL B 174 5.75 57.69 -20.49
CA VAL B 174 5.96 56.26 -20.53
C VAL B 174 4.61 55.60 -20.70
N LEU B 175 4.34 54.97 -21.84
CA LEU B 175 3.06 54.25 -22.03
C LEU B 175 3.26 52.83 -21.48
N CYS B 176 2.66 52.51 -20.31
CA CYS B 176 2.81 51.25 -19.56
C CYS B 176 1.78 50.21 -19.93
N SER B 177 2.14 48.92 -19.98
CA SER B 177 1.15 47.90 -20.36
C SER B 177 0.56 47.17 -19.12
N ALA B 178 -0.46 46.31 -19.35
CA ALA B 178 -1.21 45.59 -18.33
C ALA B 178 -0.35 44.77 -17.39
N ASN B 179 0.68 44.13 -17.92
CA ASN B 179 1.51 43.25 -17.12
C ASN B 179 2.68 43.92 -16.40
N LEU B 180 2.74 45.26 -16.42
CA LEU B 180 3.74 45.98 -15.67
C LEU B 180 3.19 46.14 -14.27
N THR B 181 3.75 45.39 -13.31
CA THR B 181 3.35 45.42 -11.91
C THR B 181 3.68 46.74 -11.26
N PRO B 182 3.07 47.07 -10.11
CA PRO B 182 3.48 48.29 -9.39
C PRO B 182 4.98 48.31 -9.04
N GLY B 183 5.65 47.18 -8.99
CA GLY B 183 7.09 47.11 -8.74
C GLY B 183 7.91 47.34 -10.00
N ASP B 184 7.36 46.99 -11.18
CA ASP B 184 7.97 47.21 -12.49
C ASP B 184 7.92 48.70 -12.80
N LEU B 185 6.78 49.35 -12.48
CA LEU B 185 6.56 50.79 -12.66
C LEU B 185 7.49 51.62 -11.79
N GLU B 186 7.82 51.11 -10.61
CA GLU B 186 8.77 51.77 -9.73
C GLU B 186 10.16 51.71 -10.30
N TYR B 187 10.56 50.60 -10.93
CA TYR B 187 11.87 50.53 -11.58
C TYR B 187 11.90 51.50 -12.75
N ILE B 188 10.82 51.56 -13.57
CA ILE B 188 10.79 52.47 -14.71
C ILE B 188 10.95 53.93 -14.27
N ALA B 189 10.14 54.39 -13.30
CA ALA B 189 10.20 55.75 -12.78
C ALA B 189 11.53 56.09 -12.13
N GLU B 190 12.08 55.19 -11.32
CA GLU B 190 13.36 55.42 -10.67
C GLU B 190 14.53 55.44 -11.64
N SER B 191 14.56 54.52 -12.62
CA SER B 191 15.63 54.51 -13.63
C SER B 191 15.61 55.79 -14.45
N ILE B 192 14.41 56.26 -14.82
CA ILE B 192 14.25 57.50 -15.55
C ILE B 192 14.76 58.67 -14.69
N GLU B 193 14.33 58.74 -13.41
CA GLU B 193 14.75 59.75 -12.46
C GLU B 193 16.24 59.78 -12.23
N SER B 194 16.91 58.63 -12.32
CA SER B 194 18.37 58.55 -12.13
C SER B 194 19.13 59.25 -13.25
N PHE B 195 18.53 59.38 -14.45
CA PHE B 195 19.09 60.13 -15.58
C PHE B 195 18.73 61.63 -15.55
N GLY B 196 18.03 62.09 -14.48
CA GLY B 196 17.59 63.47 -14.29
C GLY B 196 16.24 63.77 -14.91
N LEU B 197 15.70 62.83 -15.65
CA LEU B 197 14.41 62.97 -16.34
C LEU B 197 13.27 62.87 -15.35
N ARG B 198 12.12 63.42 -15.72
CA ARG B 198 10.94 63.39 -14.88
C ARG B 198 9.95 62.46 -15.57
N PRO B 199 9.70 61.28 -14.97
CA PRO B 199 8.82 60.31 -15.62
C PRO B 199 7.34 60.69 -15.59
N LEU B 200 6.62 60.38 -16.66
CA LEU B 200 5.19 60.61 -16.75
C LEU B 200 4.48 59.28 -17.16
N LEU B 201 4.24 58.42 -16.15
CA LEU B 201 3.68 57.09 -16.34
C LEU B 201 2.19 57.06 -16.72
N ILE B 202 1.89 56.55 -17.93
CA ILE B 202 0.53 56.44 -18.40
C ILE B 202 0.14 54.98 -18.67
N PRO B 203 -0.70 54.39 -17.81
CA PRO B 203 -1.18 54.92 -16.52
C PRO B 203 -0.19 54.59 -15.37
N ASP B 204 -0.56 54.90 -14.12
CA ASP B 204 0.32 54.60 -12.99
C ASP B 204 -0.34 53.78 -11.91
N LEU B 205 -0.24 52.45 -12.01
CA LEU B 205 -0.78 51.55 -10.99
C LEU B 205 0.08 51.53 -9.72
N SER B 206 1.33 52.01 -9.78
CA SER B 206 2.18 52.06 -8.60
C SER B 206 1.80 53.15 -7.60
N GLY B 207 0.81 53.96 -7.93
CA GLY B 207 0.31 55.00 -7.04
C GLY B 207 -1.01 54.64 -6.40
N SER B 208 -1.78 53.74 -7.04
CA SER B 208 -3.08 53.31 -6.57
C SER B 208 -3.07 51.92 -5.98
N LEU B 209 -2.55 50.94 -6.71
CA LEU B 209 -2.59 49.54 -6.25
C LEU B 209 -1.21 48.98 -5.91
N ASP B 210 -0.34 49.84 -5.37
CA ASP B 210 0.99 49.43 -4.94
C ASP B 210 0.97 48.64 -3.64
N GLY B 211 -0.13 48.71 -2.89
CA GLY B 211 -0.27 48.01 -1.63
C GLY B 211 0.20 48.85 -0.46
N HIS B 212 -0.36 50.06 -0.33
CA HIS B 212 0.01 50.95 0.78
C HIS B 212 -1.23 51.33 1.59
N LEU B 213 -1.03 51.55 2.89
CA LEU B 213 -2.13 51.98 3.75
C LEU B 213 -2.22 53.51 3.71
N ASP B 214 -3.29 54.03 3.09
CA ASP B 214 -3.46 55.46 2.96
C ASP B 214 -3.74 56.15 4.30
N GLU B 215 -3.48 57.48 4.36
CA GLU B 215 -3.71 58.34 5.52
C GLU B 215 -5.18 58.32 5.90
N ASN B 216 -6.07 58.34 4.91
CA ASN B 216 -7.51 58.32 5.15
C ASN B 216 -7.94 56.94 5.62
N ARG B 217 -8.88 56.86 6.55
CA ARG B 217 -9.41 55.58 7.02
C ARG B 217 -10.22 54.91 5.90
N PHE B 218 -10.93 55.73 5.10
CA PHE B 218 -11.75 55.24 4.02
C PHE B 218 -11.56 56.03 2.74
N ASN B 219 -11.32 55.32 1.64
CA ASN B 219 -11.23 55.94 0.32
C ASN B 219 -12.21 55.24 -0.61
N ALA B 220 -12.99 56.02 -1.35
CA ALA B 220 -13.94 55.45 -2.29
C ALA B 220 -13.34 55.33 -3.70
N LEU B 221 -12.40 56.21 -4.05
CA LEU B 221 -11.75 56.21 -5.35
C LEU B 221 -10.28 55.74 -5.21
N THR B 222 -9.53 55.69 -6.33
CA THR B 222 -8.13 55.30 -6.29
C THR B 222 -7.28 56.32 -5.48
N THR B 223 -6.53 55.83 -4.48
CA THR B 223 -5.70 56.70 -3.63
C THR B 223 -4.55 57.43 -4.33
N GLY B 224 -4.31 57.10 -5.60
CA GLY B 224 -3.23 57.70 -6.36
C GLY B 224 -3.15 57.20 -7.78
N GLY B 225 -2.05 57.52 -8.44
CA GLY B 225 -1.87 57.16 -9.83
C GLY B 225 -1.65 58.38 -10.70
N LEU B 226 -1.92 58.25 -12.00
CA LEU B 226 -1.72 59.34 -12.94
C LEU B 226 -2.86 60.36 -12.85
N SER B 227 -2.52 61.61 -12.50
CA SER B 227 -3.51 62.68 -12.38
C SER B 227 -3.88 63.20 -13.76
N VAL B 228 -5.14 63.63 -13.93
CA VAL B 228 -5.57 64.20 -15.21
C VAL B 228 -4.85 65.58 -15.43
N ALA B 229 -4.52 66.28 -14.34
CA ALA B 229 -3.80 67.55 -14.43
C ALA B 229 -2.40 67.32 -15.04
N GLU B 230 -1.71 66.25 -14.62
CA GLU B 230 -0.39 65.92 -15.14
C GLU B 230 -0.46 65.30 -16.53
N LEU B 231 -1.49 64.49 -16.80
CA LEU B 231 -1.68 63.85 -18.09
C LEU B 231 -1.91 64.87 -19.22
N ALA B 232 -2.48 66.04 -18.91
CA ALA B 232 -2.69 67.08 -19.92
C ALA B 232 -1.36 67.70 -20.42
N THR B 233 -0.26 67.48 -19.68
CA THR B 233 1.08 67.99 -20.00
C THR B 233 1.89 66.99 -20.86
N ALA B 234 1.19 66.14 -21.62
CA ALA B 234 1.79 65.09 -22.46
C ALA B 234 2.47 65.63 -23.69
N GLY B 235 1.89 66.66 -24.28
CA GLY B 235 2.46 67.29 -25.46
C GLY B 235 3.75 68.02 -25.17
N GLN B 236 3.93 68.47 -23.91
CA GLN B 236 5.08 69.24 -23.43
C GLN B 236 6.35 68.43 -23.20
N SER B 237 6.29 67.09 -23.35
CA SER B 237 7.46 66.24 -23.12
C SER B 237 8.42 66.17 -24.31
N VAL B 238 9.66 65.70 -24.04
CA VAL B 238 10.66 65.57 -25.10
C VAL B 238 10.55 64.23 -25.85
N ALA B 239 10.20 63.16 -25.15
CA ALA B 239 10.09 61.83 -25.75
C ALA B 239 9.06 60.95 -25.04
N THR B 240 8.53 59.96 -25.74
CA THR B 240 7.58 59.02 -25.17
C THR B 240 8.15 57.62 -25.30
N LEU B 241 8.38 56.92 -24.18
CA LEU B 241 8.87 55.55 -24.23
C LEU B 241 7.71 54.59 -24.15
N VAL B 242 7.65 53.60 -25.02
CA VAL B 242 6.54 52.63 -25.01
C VAL B 242 7.01 51.29 -24.43
N VAL B 243 6.44 50.85 -23.29
CA VAL B 243 6.85 49.58 -22.66
C VAL B 243 5.78 48.50 -22.84
N GLY B 244 5.99 47.66 -23.83
CA GLY B 244 5.05 46.60 -24.15
C GLY B 244 4.45 46.81 -25.53
N GLN B 245 4.67 45.85 -26.43
CA GLN B 245 4.22 45.90 -27.82
C GLN B 245 2.72 46.04 -27.98
N SER B 246 1.94 45.71 -26.93
CA SER B 246 0.46 45.80 -27.00
C SER B 246 -0.05 47.24 -27.11
N LEU B 247 0.78 48.22 -26.75
CA LEU B 247 0.42 49.63 -26.78
C LEU B 247 0.80 50.33 -28.08
N ALA B 248 0.90 49.59 -29.20
CA ALA B 248 1.25 50.18 -30.48
C ALA B 248 0.17 51.18 -30.92
N GLY B 249 -1.10 50.81 -30.76
CA GLY B 249 -2.22 51.66 -31.09
C GLY B 249 -2.34 52.90 -30.22
N ALA B 250 -1.96 52.78 -28.95
CA ALA B 250 -2.00 53.93 -28.04
C ALA B 250 -0.79 54.86 -28.27
N ALA B 251 0.35 54.29 -28.70
CA ALA B 251 1.54 55.06 -29.02
C ALA B 251 1.30 55.88 -30.28
N ASP B 252 0.56 55.34 -31.26
CA ASP B 252 0.24 56.08 -32.49
C ASP B 252 -0.73 57.19 -32.18
N ALA B 253 -1.74 56.92 -31.33
CA ALA B 253 -2.72 57.92 -30.92
C ALA B 253 -2.06 59.09 -30.21
N LEU B 254 -1.06 58.80 -29.36
CA LEU B 254 -0.34 59.84 -28.63
C LEU B 254 0.61 60.61 -29.55
N ALA B 255 1.24 59.90 -30.50
CA ALA B 255 2.17 60.51 -31.45
C ALA B 255 1.49 61.45 -32.43
N GLU B 256 0.30 61.09 -32.94
CA GLU B 256 -0.41 61.94 -33.89
C GLU B 256 -0.93 63.19 -33.20
N ARG B 257 -1.45 63.05 -31.97
CA ARG B 257 -2.05 64.15 -31.24
C ARG B 257 -1.05 65.12 -30.59
N THR B 258 0.19 64.70 -30.32
CA THR B 258 1.16 65.61 -29.68
C THR B 258 2.41 65.86 -30.49
N GLY B 259 2.79 64.90 -31.33
CA GLY B 259 4.00 65.05 -32.12
C GLY B 259 5.27 64.62 -31.40
N VAL B 260 5.16 64.26 -30.09
CA VAL B 260 6.29 63.82 -29.27
C VAL B 260 6.86 62.51 -29.82
N PRO B 261 8.15 62.48 -30.18
CA PRO B 261 8.72 61.27 -30.78
C PRO B 261 8.89 60.12 -29.79
N ASP B 262 8.71 58.88 -30.27
CA ASP B 262 8.80 57.73 -29.38
C ASP B 262 9.80 56.63 -29.79
N ARG B 263 10.28 55.89 -28.79
CA ARG B 263 11.08 54.69 -28.98
C ARG B 263 10.28 53.57 -28.33
N ARG B 264 10.10 52.46 -29.04
CA ARG B 264 9.29 51.36 -28.54
C ARG B 264 10.09 50.18 -28.03
N PHE B 265 9.63 49.60 -26.92
CA PHE B 265 10.28 48.48 -26.24
C PHE B 265 9.29 47.36 -25.90
N GLY B 266 9.85 46.20 -25.64
CA GLY B 266 9.06 45.10 -25.10
C GLY B 266 9.21 45.12 -23.59
N MET B 267 9.01 43.98 -22.93
CA MET B 267 9.22 43.92 -21.47
C MET B 267 10.70 44.08 -21.22
N LEU B 268 11.05 44.82 -20.16
CA LEU B 268 12.46 45.08 -19.88
C LEU B 268 13.09 43.90 -19.17
N TYR B 269 13.00 42.73 -19.80
CA TYR B 269 13.53 41.50 -19.25
C TYR B 269 14.77 41.08 -20.05
N GLY B 270 15.87 40.86 -19.36
CA GLY B 270 17.08 40.37 -20.01
C GLY B 270 18.08 41.44 -20.38
N LEU B 271 19.34 41.02 -20.51
CA LEU B 271 20.49 41.84 -20.85
C LEU B 271 20.24 42.79 -22.05
N ASP B 272 19.73 42.29 -23.18
CA ASP B 272 19.51 43.16 -24.35
C ASP B 272 18.35 44.16 -24.25
N ALA B 273 17.26 43.77 -23.59
CA ALA B 273 16.13 44.68 -23.45
C ALA B 273 16.45 45.81 -22.48
N VAL B 274 17.20 45.52 -21.41
CA VAL B 274 17.57 46.54 -20.45
C VAL B 274 18.69 47.44 -20.99
N ASP B 275 19.60 46.87 -21.82
CA ASP B 275 20.68 47.61 -22.46
C ASP B 275 20.11 48.70 -23.35
N ALA B 276 19.13 48.35 -24.20
CA ALA B 276 18.45 49.27 -25.09
C ALA B 276 17.60 50.31 -24.34
N TRP B 277 17.09 49.95 -23.15
CA TRP B 277 16.29 50.85 -22.32
C TRP B 277 17.18 51.96 -21.78
N LEU B 278 18.33 51.57 -21.18
CA LEU B 278 19.28 52.52 -20.62
C LEU B 278 20.00 53.33 -21.68
N MET B 279 20.20 52.77 -22.89
CA MET B 279 20.85 53.49 -23.97
C MET B 279 19.98 54.63 -24.46
N ALA B 280 18.67 54.39 -24.58
CA ALA B 280 17.75 55.43 -25.02
C ALA B 280 17.68 56.55 -23.97
N LEU B 281 17.68 56.18 -22.68
CA LEU B 281 17.61 57.15 -21.61
C LEU B 281 18.85 58.05 -21.60
N ALA B 282 20.03 57.45 -21.81
CA ALA B 282 21.30 58.17 -21.83
C ALA B 282 21.39 59.15 -23.01
N GLU B 283 20.84 58.74 -24.15
CA GLU B 283 20.83 59.55 -25.34
C GLU B 283 19.83 60.71 -25.19
N ILE B 284 18.66 60.44 -24.59
CA ILE B 284 17.64 61.47 -24.40
C ILE B 284 18.10 62.55 -23.41
N SER B 285 18.61 62.15 -22.25
CA SER B 285 19.05 63.09 -21.23
C SER B 285 20.45 63.66 -21.45
N GLY B 286 21.25 63.02 -22.29
CA GLY B 286 22.63 63.45 -22.51
C GLY B 286 23.61 62.98 -21.45
N ASN B 287 23.10 62.59 -20.27
CA ASN B 287 23.92 62.11 -19.17
C ASN B 287 24.24 60.62 -19.35
N PRO B 288 25.42 60.17 -18.87
CA PRO B 288 25.78 58.75 -19.02
C PRO B 288 24.98 57.81 -18.14
N VAL B 289 25.09 56.48 -18.38
CA VAL B 289 24.37 55.49 -17.57
C VAL B 289 25.01 55.46 -16.19
N PRO B 290 24.24 55.69 -15.11
CA PRO B 290 24.83 55.72 -13.76
C PRO B 290 25.64 54.48 -13.41
N ASP B 291 26.60 54.64 -12.50
CA ASP B 291 27.45 53.53 -12.06
C ASP B 291 26.61 52.42 -11.42
N ARG B 292 25.52 52.78 -10.75
CA ARG B 292 24.60 51.89 -10.08
C ARG B 292 24.06 50.84 -11.06
N TYR B 293 23.63 51.30 -12.28
CA TYR B 293 23.12 50.39 -13.31
C TYR B 293 24.25 49.66 -14.06
N LYS B 294 25.47 50.20 -14.07
CA LYS B 294 26.62 49.53 -14.67
C LYS B 294 27.02 48.30 -13.81
N ARG B 295 26.90 48.43 -12.48
CA ARG B 295 27.23 47.36 -11.52
C ARG B 295 26.18 46.23 -11.60
N GLN B 296 24.91 46.62 -11.79
CA GLN B 296 23.83 45.65 -11.91
C GLN B 296 23.91 44.86 -13.22
N ARG B 297 24.52 45.42 -14.28
CA ARG B 297 24.71 44.67 -15.52
C ARG B 297 25.73 43.56 -15.30
N ALA B 298 26.82 43.85 -14.57
CA ALA B 298 27.85 42.87 -14.22
C ALA B 298 27.28 41.80 -13.27
N GLN B 299 26.33 42.17 -12.41
CA GLN B 299 25.65 41.24 -11.52
C GLN B 299 24.70 40.31 -12.32
N LEU B 300 24.02 40.81 -13.36
CA LEU B 300 23.15 39.96 -14.19
C LEU B 300 24.04 38.99 -14.95
N GLN B 301 25.15 39.47 -15.54
CA GLN B 301 26.10 38.59 -16.26
C GLN B 301 26.56 37.43 -15.39
N ASP B 302 26.78 37.69 -14.07
CA ASP B 302 27.18 36.65 -13.12
C ASP B 302 26.03 35.65 -12.83
N ALA B 303 24.81 36.12 -12.64
CA ALA B 303 23.66 35.25 -12.41
C ALA B 303 23.37 34.38 -13.65
N MET B 304 23.67 34.91 -14.84
CA MET B 304 23.53 34.16 -16.07
C MET B 304 24.60 33.07 -16.12
N LEU B 305 25.83 33.38 -15.68
CA LEU B 305 26.89 32.37 -15.62
C LEU B 305 26.53 31.26 -14.64
N ASP B 306 26.08 31.62 -13.42
CA ASP B 306 25.82 30.63 -12.37
C ASP B 306 24.53 29.82 -12.58
N THR B 307 23.54 30.38 -13.29
CA THR B 307 22.31 29.64 -13.59
C THR B 307 22.30 29.01 -15.00
N HIS B 308 23.40 29.16 -15.78
CA HIS B 308 23.47 28.57 -17.11
C HIS B 308 23.40 27.05 -17.03
N PHE B 309 24.05 26.47 -16.02
CA PHE B 309 24.12 25.03 -15.86
C PHE B 309 22.73 24.39 -15.76
N MET B 310 21.79 25.09 -15.11
CA MET B 310 20.45 24.56 -14.93
C MET B 310 19.43 25.07 -15.97
N LEU B 311 19.64 26.29 -16.50
CA LEU B 311 18.71 26.87 -17.48
C LEU B 311 19.02 26.59 -18.94
N SER B 312 20.28 26.30 -19.31
CA SER B 312 20.59 25.96 -20.70
C SER B 312 19.96 24.63 -21.02
N SER B 313 19.13 24.64 -22.07
CA SER B 313 18.33 23.54 -22.62
C SER B 313 17.04 23.27 -21.86
N ALA B 314 16.73 24.02 -20.79
CA ALA B 314 15.52 23.80 -20.01
C ALA B 314 14.28 24.02 -20.87
N ARG B 315 13.37 23.05 -20.85
CA ARG B 315 12.12 23.11 -21.61
C ARG B 315 11.01 23.74 -20.72
N THR B 316 10.45 24.86 -21.16
CA THR B 316 9.47 25.60 -20.38
C THR B 316 8.13 25.68 -21.09
N ALA B 317 7.05 25.90 -20.33
CA ALA B 317 5.73 26.05 -20.89
C ALA B 317 5.18 27.33 -20.35
N ILE B 318 4.80 28.26 -21.24
CA ILE B 318 4.30 29.55 -20.82
C ILE B 318 2.84 29.75 -21.27
N ALA B 319 2.00 30.22 -20.35
CA ALA B 319 0.60 30.52 -20.59
C ALA B 319 0.40 31.91 -20.05
N ALA B 320 0.54 32.90 -20.92
CA ALA B 320 0.48 34.29 -20.50
C ALA B 320 0.10 35.21 -21.67
N ASP B 321 -0.20 36.49 -21.40
CA ASP B 321 -0.49 37.52 -22.41
C ASP B 321 0.68 37.62 -23.39
N PRO B 322 0.42 38.03 -24.63
CA PRO B 322 1.52 38.14 -25.61
C PRO B 322 2.75 38.95 -25.16
N ASP B 323 2.55 40.11 -24.44
CA ASP B 323 3.71 40.89 -23.96
C ASP B 323 4.60 40.05 -23.02
N LEU B 324 3.99 39.29 -22.10
CA LEU B 324 4.73 38.45 -21.19
C LEU B 324 5.38 37.29 -21.89
N LEU B 325 4.69 36.69 -22.85
CA LEU B 325 5.25 35.57 -23.62
C LEU B 325 6.54 35.99 -24.34
N LEU B 326 6.46 37.06 -25.14
CA LEU B 326 7.59 37.60 -25.88
C LEU B 326 8.71 38.11 -24.96
N GLY B 327 8.34 38.64 -23.80
CA GLY B 327 9.29 39.15 -22.82
C GLY B 327 10.02 38.05 -22.08
N PHE B 328 9.34 36.90 -21.84
CA PHE B 328 9.94 35.76 -21.15
C PHE B 328 10.72 34.86 -22.10
N ASP B 329 10.28 34.76 -23.35
CA ASP B 329 10.94 33.96 -24.36
C ASP B 329 12.32 34.54 -24.64
N ALA B 330 12.43 35.86 -24.73
CA ALA B 330 13.70 36.52 -25.01
C ALA B 330 14.67 36.36 -23.84
N LEU B 331 14.17 36.46 -22.61
CA LEU B 331 14.98 36.28 -21.42
C LEU B 331 15.53 34.84 -21.39
N LEU B 332 14.66 33.87 -21.66
CA LEU B 332 15.04 32.49 -21.65
C LEU B 332 15.96 32.14 -22.82
N ARG B 333 15.77 32.77 -23.99
CA ARG B 333 16.59 32.51 -25.16
C ARG B 333 18.02 32.93 -24.99
N SER B 334 18.28 33.97 -24.18
CA SER B 334 19.66 34.38 -23.91
C SER B 334 20.39 33.32 -23.05
N MET B 335 19.63 32.53 -22.26
CA MET B 335 20.16 31.48 -21.41
C MET B 335 20.25 30.10 -22.09
N GLY B 336 19.69 29.96 -23.29
CA GLY B 336 19.66 28.68 -23.99
C GLY B 336 18.47 27.82 -23.62
N ALA B 337 17.50 28.37 -22.87
CA ALA B 337 16.29 27.69 -22.47
C ALA B 337 15.29 27.77 -23.59
N HIS B 338 14.56 26.67 -23.87
CA HIS B 338 13.56 26.64 -24.94
C HIS B 338 12.12 26.70 -24.43
N THR B 339 11.29 27.55 -25.03
CA THR B 339 9.86 27.59 -24.72
C THR B 339 9.27 26.51 -25.58
N VAL B 340 8.96 25.34 -25.01
CA VAL B 340 8.40 24.23 -25.79
C VAL B 340 6.86 24.26 -25.87
N ALA B 341 6.20 25.22 -25.21
CA ALA B 341 4.75 25.33 -25.20
C ALA B 341 4.41 26.75 -24.90
N ALA B 342 3.68 27.41 -25.80
CA ALA B 342 3.34 28.81 -25.64
C ALA B 342 1.87 28.98 -25.95
N VAL B 343 1.09 29.37 -24.94
CA VAL B 343 -0.34 29.53 -25.09
C VAL B 343 -0.76 30.91 -24.69
N VAL B 344 -1.40 31.64 -25.60
CA VAL B 344 -1.88 32.99 -25.35
C VAL B 344 -3.43 32.97 -25.28
N PRO B 345 -4.04 33.94 -24.57
CA PRO B 345 -5.51 33.96 -24.50
C PRO B 345 -6.19 34.42 -25.81
N ALA B 346 -5.50 35.23 -26.62
CA ALA B 346 -6.03 35.76 -27.89
C ALA B 346 -4.90 36.15 -28.86
N ARG B 347 -5.20 36.40 -30.16
CA ARG B 347 -4.20 36.81 -31.14
C ARG B 347 -3.54 38.16 -30.81
N ALA B 348 -2.36 38.40 -31.38
CA ALA B 348 -1.65 39.66 -31.24
C ALA B 348 -0.71 39.82 -32.42
N ALA B 349 -0.63 41.04 -32.96
CA ALA B 349 0.21 41.32 -34.11
C ALA B 349 1.69 41.05 -33.81
N ALA B 350 2.12 41.41 -32.59
CA ALA B 350 3.50 41.19 -32.15
C ALA B 350 3.91 39.72 -32.19
N LEU B 351 2.94 38.78 -32.11
CA LEU B 351 3.24 37.35 -32.12
C LEU B 351 3.79 36.92 -33.47
N VAL B 352 3.30 37.55 -34.56
CA VAL B 352 3.73 37.26 -35.93
C VAL B 352 5.24 37.48 -36.09
N ASP B 353 5.78 38.51 -35.40
CA ASP B 353 7.20 38.81 -35.42
C ASP B 353 7.91 38.20 -34.19
N SER B 354 7.82 36.87 -34.06
CA SER B 354 8.44 36.18 -32.92
C SER B 354 9.32 35.05 -33.41
N PRO B 355 10.43 34.79 -32.69
CA PRO B 355 11.30 33.67 -33.08
C PRO B 355 10.73 32.28 -32.74
N LEU B 356 9.61 32.21 -31.99
CA LEU B 356 8.99 30.90 -31.67
C LEU B 356 8.45 30.30 -32.97
N PRO B 357 8.58 28.98 -33.21
CA PRO B 357 8.05 28.41 -34.47
C PRO B 357 6.52 28.53 -34.57
N SER B 358 5.81 28.59 -33.41
CA SER B 358 4.34 28.74 -33.30
C SER B 358 3.86 29.06 -31.87
N VAL B 359 2.68 29.70 -31.75
CA VAL B 359 2.03 30.08 -30.50
C VAL B 359 0.56 29.67 -30.61
N ARG B 360 0.00 28.95 -29.63
CA ARG B 360 -1.41 28.57 -29.67
C ARG B 360 -2.30 29.59 -28.97
N VAL B 361 -3.49 29.87 -29.53
CA VAL B 361 -4.48 30.74 -28.87
C VAL B 361 -5.47 29.79 -28.17
N GLY B 362 -5.24 29.51 -26.89
CA GLY B 362 -6.11 28.60 -26.14
C GLY B 362 -6.27 28.85 -24.65
N ASP B 363 -6.42 27.74 -23.89
CA ASP B 363 -6.65 27.72 -22.45
C ASP B 363 -5.60 26.87 -21.66
N LEU B 364 -5.75 26.77 -20.34
CA LEU B 364 -4.81 25.99 -19.53
C LEU B 364 -4.84 24.51 -19.82
N GLU B 365 -5.98 23.94 -20.30
CA GLU B 365 -6.08 22.53 -20.69
C GLU B 365 -5.20 22.30 -21.93
N ASP B 366 -5.21 23.27 -22.87
CA ASP B 366 -4.36 23.22 -24.06
C ASP B 366 -2.89 23.32 -23.64
N LEU B 367 -2.59 24.18 -22.64
CA LEU B 367 -1.24 24.28 -22.10
C LEU B 367 -0.77 22.95 -21.57
N GLU B 368 -1.55 22.29 -20.70
CA GLU B 368 -1.25 20.96 -20.14
C GLU B 368 -0.89 19.92 -21.22
N HIS B 369 -1.62 19.88 -22.34
CA HIS B 369 -1.34 18.93 -23.41
C HIS B 369 -0.07 19.30 -24.22
N ALA B 370 0.06 20.59 -24.56
CA ALA B 370 1.24 21.06 -25.29
C ALA B 370 2.53 20.86 -24.47
N ALA B 371 2.50 21.17 -23.18
CA ALA B 371 3.65 21.01 -22.29
C ALA B 371 4.01 19.56 -22.12
N ARG B 372 2.99 18.68 -22.04
CA ARG B 372 3.20 17.26 -21.88
C ARG B 372 3.82 16.70 -23.17
N ALA B 373 3.35 17.16 -24.34
CA ALA B 373 3.89 16.70 -25.62
C ALA B 373 5.34 17.12 -25.75
N GLY B 374 5.63 18.40 -25.44
CA GLY B 374 6.96 18.99 -25.50
C GLY B 374 7.90 18.63 -24.37
N GLN B 375 7.43 17.87 -23.38
CA GLN B 375 8.21 17.42 -22.24
C GLN B 375 8.72 18.61 -21.44
N ALA B 376 7.82 19.55 -21.07
CA ALA B 376 8.21 20.70 -20.29
C ALA B 376 8.68 20.29 -18.88
N GLN B 377 9.61 21.05 -18.33
CA GLN B 377 10.21 20.82 -17.02
C GLN B 377 9.73 21.81 -15.96
N LEU B 378 9.06 22.90 -16.40
CA LEU B 378 8.56 23.96 -15.56
C LEU B 378 7.50 24.81 -16.33
N VAL B 379 6.51 25.31 -15.62
CA VAL B 379 5.45 26.14 -16.20
C VAL B 379 5.52 27.57 -15.63
N ILE B 380 5.37 28.57 -16.51
CA ILE B 380 5.30 29.97 -16.16
C ILE B 380 3.86 30.43 -16.49
N GLY B 381 3.08 30.76 -15.48
CA GLY B 381 1.70 31.18 -15.62
C GLY B 381 1.10 31.71 -14.33
N ASN B 382 -0.17 32.07 -14.33
CA ASN B 382 -0.84 32.66 -13.17
C ASN B 382 -1.27 31.62 -12.12
N SER B 383 -2.06 32.05 -11.10
CA SER B 383 -2.51 31.14 -10.07
C SER B 383 -3.34 30.01 -10.61
N HIS B 384 -4.07 30.26 -11.70
CA HIS B 384 -4.86 29.21 -12.30
C HIS B 384 -3.97 28.15 -12.89
N ALA B 385 -2.75 28.48 -13.40
CA ALA B 385 -1.90 27.42 -13.98
C ALA B 385 -1.34 26.37 -12.95
N LEU B 386 -1.47 26.60 -11.63
CA LEU B 386 -0.97 25.66 -10.63
C LEU B 386 -1.59 24.30 -10.78
N ALA B 387 -2.90 24.21 -11.05
CA ALA B 387 -3.54 22.89 -11.15
C ALA B 387 -3.13 22.13 -12.40
N SER B 388 -2.84 22.83 -13.48
CA SER B 388 -2.29 22.22 -14.68
C SER B 388 -0.86 21.73 -14.37
N ALA B 389 0.00 22.58 -13.71
CA ALA B 389 1.37 22.20 -13.29
C ALA B 389 1.40 21.02 -12.37
N ARG B 390 0.54 20.99 -11.36
CA ARG B 390 0.41 19.83 -10.49
C ARG B 390 -0.01 18.58 -11.30
N ARG B 391 -0.94 18.69 -12.32
CA ARG B 391 -1.29 17.47 -13.11
C ARG B 391 -0.10 16.99 -13.97
N LEU B 392 0.74 17.95 -14.42
CA LEU B 392 1.95 17.70 -15.19
C LEU B 392 3.15 17.20 -14.34
N GLY B 393 3.07 17.43 -13.03
CA GLY B 393 4.12 17.12 -12.07
C GLY B 393 5.26 18.13 -12.03
N VAL B 394 5.09 19.36 -12.60
CA VAL B 394 6.21 20.31 -12.67
C VAL B 394 6.02 21.57 -11.80
N PRO B 395 7.12 22.23 -11.33
CA PRO B 395 6.97 23.46 -10.55
C PRO B 395 6.40 24.63 -11.34
N LEU B 396 5.75 25.54 -10.60
CA LEU B 396 5.19 26.70 -11.21
C LEU B 396 5.94 27.97 -10.77
N LEU B 397 6.10 28.91 -11.69
CA LEU B 397 6.61 30.24 -11.37
C LEU B 397 5.49 31.18 -11.72
N ARG B 398 4.78 31.72 -10.70
CA ARG B 398 3.66 32.63 -10.94
C ARG B 398 4.03 33.88 -11.69
N ALA B 399 3.20 34.30 -12.62
CA ALA B 399 3.42 35.49 -13.44
C ALA B 399 2.06 35.92 -14.03
N GLY B 400 1.78 37.21 -14.04
CA GLY B 400 0.51 37.72 -14.55
C GLY B 400 -0.69 37.57 -13.62
N PHE B 401 -1.85 38.03 -14.11
CA PHE B 401 -3.14 37.99 -13.41
C PHE B 401 -3.89 36.67 -13.63
N PRO B 402 -4.65 36.20 -12.64
CA PRO B 402 -4.69 36.69 -11.25
C PRO B 402 -3.64 35.96 -10.38
N GLN B 403 -3.29 36.53 -9.21
CA GLN B 403 -2.35 35.86 -8.30
C GLN B 403 -2.93 35.75 -6.89
N TYR B 404 -4.13 35.18 -6.80
CA TYR B 404 -4.89 35.05 -5.56
C TYR B 404 -4.28 34.12 -4.51
N ASP B 405 -3.31 33.30 -4.91
CA ASP B 405 -2.69 32.37 -3.97
C ASP B 405 -1.29 32.77 -3.54
N LEU B 406 -0.77 33.93 -4.01
CA LEU B 406 0.56 34.39 -3.64
C LEU B 406 0.54 35.78 -3.04
N LEU B 407 0.90 35.90 -1.77
CA LEU B 407 0.97 37.22 -1.11
C LEU B 407 2.18 37.99 -1.61
N GLY B 408 1.95 39.26 -1.98
CA GLY B 408 2.98 40.15 -2.51
C GLY B 408 3.39 39.92 -3.96
N GLY B 409 2.76 38.98 -4.64
CA GLY B 409 3.09 38.69 -6.03
C GLY B 409 2.62 39.77 -6.99
N PHE B 410 1.59 40.53 -6.60
CA PHE B 410 1.08 41.61 -7.43
C PHE B 410 2.14 42.70 -7.63
N GLN B 411 3.06 42.90 -6.65
CA GLN B 411 4.04 43.98 -6.73
C GLN B 411 5.46 43.54 -7.08
N ARG B 412 5.66 42.28 -7.48
CA ARG B 412 6.99 41.82 -7.84
C ARG B 412 7.59 42.63 -9.04
N CYS B 413 8.82 43.17 -8.88
CA CYS B 413 9.52 43.85 -9.95
C CYS B 413 10.30 42.84 -10.73
N TRP B 414 9.87 42.59 -11.97
CA TRP B 414 10.46 41.65 -12.93
C TRP B 414 11.45 42.31 -13.86
N SER B 415 11.31 43.61 -14.07
CA SER B 415 12.09 44.45 -14.98
C SER B 415 13.48 44.80 -14.48
N GLY B 416 14.34 45.15 -15.44
CA GLY B 416 15.71 45.56 -15.15
C GLY B 416 16.66 44.39 -14.98
N TYR B 417 17.90 44.72 -14.64
CA TYR B 417 19.00 43.81 -14.40
C TYR B 417 18.73 42.98 -13.15
N ARG B 418 18.41 43.63 -12.01
CA ARG B 418 18.15 42.92 -10.75
C ARG B 418 16.87 42.12 -10.77
N GLY B 419 15.81 42.70 -11.34
CA GLY B 419 14.54 42.00 -11.49
C GLY B 419 14.69 40.83 -12.42
N SER B 420 15.49 40.98 -13.51
CA SER B 420 15.76 39.88 -14.43
C SER B 420 16.63 38.80 -13.76
N SER B 421 17.54 39.20 -12.86
CA SER B 421 18.42 38.28 -12.15
C SER B 421 17.66 37.34 -11.24
N GLN B 422 16.63 37.90 -10.56
CA GLN B 422 15.80 37.16 -9.63
C GLN B 422 14.93 36.14 -10.36
N VAL B 423 14.53 36.40 -11.62
CA VAL B 423 13.83 35.40 -12.41
C VAL B 423 14.76 34.24 -12.72
N LEU B 424 16.06 34.52 -12.99
CA LEU B 424 17.01 33.44 -13.27
C LEU B 424 17.26 32.59 -12.04
N PHE B 425 17.37 33.20 -10.86
CA PHE B 425 17.57 32.43 -9.63
C PHE B 425 16.31 31.62 -9.33
N ASP B 426 15.12 32.19 -9.50
CA ASP B 426 13.88 31.47 -9.22
C ASP B 426 13.64 30.28 -10.17
N LEU B 427 13.87 30.45 -11.49
CA LEU B 427 13.75 29.34 -12.43
C LEU B 427 14.80 28.27 -12.12
N ALA B 428 16.05 28.68 -11.86
CA ALA B 428 17.09 27.70 -11.51
C ALA B 428 16.72 26.89 -10.24
N ASN B 429 16.30 27.57 -9.15
CA ASN B 429 15.92 26.97 -7.88
C ASN B 429 14.76 26.03 -7.97
N LEU B 430 13.74 26.35 -8.80
CA LEU B 430 12.59 25.41 -8.97
C LEU B 430 13.10 24.15 -9.64
N LEU B 431 13.82 24.36 -10.76
CA LEU B 431 14.42 23.29 -11.53
C LEU B 431 15.26 22.37 -10.68
N VAL B 432 16.10 22.92 -9.77
CA VAL B 432 16.95 22.10 -8.88
C VAL B 432 16.16 21.37 -7.79
N GLU B 433 15.25 22.06 -7.11
CA GLU B 433 14.43 21.46 -6.07
C GLU B 433 13.60 20.26 -6.60
N HIS B 434 13.16 20.31 -7.85
CA HIS B 434 12.35 19.25 -8.42
C HIS B 434 13.15 18.16 -9.13
N HIS B 435 14.42 18.43 -9.45
CA HIS B 435 15.25 17.46 -10.17
C HIS B 435 15.47 16.17 -9.40
N GLN B 436 14.87 15.09 -9.89
CA GLN B 436 15.05 13.78 -9.32
C GLN B 436 16.16 13.14 -10.16
N GLY B 437 17.25 12.80 -9.51
CA GLY B 437 18.39 12.20 -10.20
C GLY B 437 18.22 10.73 -10.46
N ILE B 438 19.34 10.03 -10.66
CA ILE B 438 19.36 8.59 -10.90
C ILE B 438 18.69 7.88 -9.72
N GLN B 439 17.64 7.10 -10.02
CA GLN B 439 16.92 6.39 -8.98
C GLN B 439 17.72 5.19 -8.47
N PRO B 440 17.57 4.88 -7.17
CA PRO B 440 18.33 3.75 -6.62
C PRO B 440 17.98 2.43 -7.27
N TYR B 441 19.00 1.63 -7.57
CA TYR B 441 18.78 0.30 -8.09
C TYR B 441 19.09 -0.69 -6.96
N HIS B 442 18.17 -1.63 -6.69
CA HIS B 442 18.38 -2.59 -5.61
C HIS B 442 18.85 -3.92 -6.17
N SER B 443 20.10 -4.27 -5.90
CA SER B 443 20.70 -5.51 -6.40
C SER B 443 20.00 -6.75 -5.87
N ILE B 444 19.81 -7.75 -6.73
CA ILE B 444 19.20 -9.03 -6.36
C ILE B 444 20.15 -9.92 -5.53
N TYR B 445 21.41 -9.53 -5.40
CA TYR B 445 22.39 -10.26 -4.62
C TYR B 445 22.90 -9.44 -3.40
N ALA B 446 22.33 -8.25 -3.15
CA ALA B 446 22.77 -7.32 -2.12
C ALA B 446 22.76 -7.86 -0.69
N GLN B 447 23.79 -7.45 0.09
CA GLN B 447 23.91 -7.77 1.49
C GLN B 447 23.31 -6.63 2.31
N LYS B 448 22.09 -6.26 1.96
CA LYS B 448 21.40 -5.18 2.64
C LYS B 448 20.30 -5.76 3.52
N PRO B 449 20.23 -5.34 4.79
CA PRO B 449 19.19 -5.87 5.67
C PRO B 449 17.79 -5.40 5.25
N ALA B 450 16.85 -6.35 5.11
CA ALA B 450 15.48 -6.06 4.69
C ALA B 450 14.79 -5.15 5.68
N THR B 451 14.99 -5.39 6.98
CA THR B 451 14.40 -4.56 8.02
C THR B 451 15.29 -3.36 8.34
N HIS C 4 58.22 16.48 21.06
CA HIS C 4 57.57 15.34 21.69
C HIS C 4 57.99 14.01 21.05
N HIS C 5 58.01 12.94 21.84
CA HIS C 5 58.45 11.63 21.39
C HIS C 5 57.34 10.79 20.73
N HIS C 6 56.08 11.09 21.06
CA HIS C 6 54.92 10.39 20.47
C HIS C 6 54.75 10.76 18.99
N HIS C 7 55.13 11.99 18.60
CA HIS C 7 54.99 12.47 17.23
C HIS C 7 56.07 11.94 16.27
N HIS C 8 57.17 11.39 16.79
CA HIS C 8 58.21 10.82 15.92
C HIS C 8 57.78 9.43 15.40
N MET C 9 57.04 8.68 16.24
CA MET C 9 56.54 7.36 15.85
C MET C 9 55.35 7.45 14.87
N LYS C 10 54.63 8.59 14.86
CA LYS C 10 53.53 8.80 13.93
C LYS C 10 54.09 9.05 12.53
N ALA C 11 55.17 9.83 12.43
CA ALA C 11 55.81 10.12 11.15
C ALA C 11 56.46 8.88 10.50
N LYS C 12 56.71 7.82 11.29
CA LYS C 12 57.26 6.57 10.79
C LYS C 12 56.15 5.81 10.05
N ASP C 13 54.94 5.76 10.63
CA ASP C 13 53.78 5.09 10.03
C ASP C 13 53.36 5.74 8.71
N ILE C 14 53.51 7.07 8.62
CA ILE C 14 53.18 7.84 7.41
C ILE C 14 54.10 7.44 6.25
N ALA C 15 55.38 7.20 6.54
CA ALA C 15 56.35 6.77 5.52
C ALA C 15 56.08 5.35 5.04
N GLU C 16 55.50 4.49 5.90
CA GLU C 16 55.14 3.11 5.54
C GLU C 16 53.98 3.13 4.53
N LEU C 17 53.02 4.06 4.71
CA LEU C 17 51.87 4.23 3.82
C LEU C 17 52.31 4.78 2.46
N LEU C 18 53.28 5.70 2.47
CA LEU C 18 53.80 6.25 1.21
C LEU C 18 54.69 5.24 0.44
N ASP C 19 55.14 4.16 1.11
CA ASP C 19 55.91 3.10 0.48
C ASP C 19 54.89 2.08 -0.02
N GLU C 20 54.46 2.22 -1.27
CA GLU C 20 53.47 1.32 -1.84
C GLU C 20 54.09 0.47 -2.95
N PRO C 21 54.50 -0.77 -2.64
CA PRO C 21 55.16 -1.62 -3.65
C PRO C 21 54.27 -2.06 -4.82
N ALA C 22 52.94 -1.98 -4.68
CA ALA C 22 52.03 -2.37 -5.75
C ALA C 22 52.00 -1.35 -6.89
N CYS C 23 52.29 -0.07 -6.58
CA CYS C 23 52.30 0.98 -7.59
C CYS C 23 53.61 0.95 -8.40
N SER C 24 53.56 1.46 -9.64
CA SER C 24 54.73 1.48 -10.51
C SER C 24 55.69 2.65 -10.24
N HIS C 25 55.22 3.69 -9.53
CA HIS C 25 56.04 4.86 -9.25
C HIS C 25 56.53 4.90 -7.80
N ASN C 26 56.79 3.73 -7.21
CA ASN C 26 57.28 3.61 -5.83
C ASN C 26 58.73 4.06 -5.71
N LYS C 27 59.53 3.85 -6.76
CA LYS C 27 60.94 4.23 -6.77
C LYS C 27 61.16 5.67 -7.29
N LYS C 28 60.16 6.55 -7.10
CA LYS C 28 60.22 7.93 -7.54
C LYS C 28 60.01 8.90 -6.36
N GLU C 29 60.32 10.19 -6.56
CA GLU C 29 60.16 11.20 -5.52
C GLU C 29 58.68 11.58 -5.46
N LYS C 30 57.98 11.10 -4.42
CA LYS C 30 56.53 11.28 -4.18
C LYS C 30 56.09 12.75 -4.25
N SER C 31 55.69 13.20 -5.44
CA SER C 31 55.30 14.59 -5.69
C SER C 31 53.90 14.95 -5.20
N GLY C 32 53.03 13.96 -5.12
CA GLY C 32 51.67 14.18 -4.64
C GLY C 32 51.67 14.56 -3.17
N CYS C 33 52.47 13.85 -2.38
CA CYS C 33 52.61 14.10 -0.96
C CYS C 33 53.91 14.83 -0.69
N ALA C 34 54.03 16.06 -1.19
CA ALA C 34 55.23 16.89 -1.01
C ALA C 34 54.92 18.11 -0.13
N LYS C 35 55.94 18.62 0.58
CA LYS C 35 55.81 19.77 1.48
C LYS C 35 55.18 20.98 0.78
N PRO C 36 53.98 21.38 1.21
CA PRO C 36 53.30 22.52 0.55
C PRO C 36 53.97 23.87 0.75
N LYS C 37 53.79 24.79 -0.21
CA LYS C 37 54.39 26.12 -0.12
C LYS C 37 53.47 27.02 0.68
N PRO C 38 53.97 27.63 1.77
CA PRO C 38 53.10 28.53 2.56
C PRO C 38 52.67 29.73 1.73
N GLY C 39 51.41 30.10 1.85
CA GLY C 39 50.84 31.21 1.10
C GLY C 39 50.59 30.89 -0.35
N ALA C 40 50.71 29.61 -0.75
CA ALA C 40 50.49 29.19 -2.13
C ALA C 40 49.98 27.73 -2.16
N THR C 41 49.07 27.37 -1.26
CA THR C 41 48.53 26.01 -1.18
C THR C 41 47.04 25.98 -1.50
N ASP C 42 46.55 24.91 -2.15
CA ASP C 42 45.12 24.85 -2.53
C ASP C 42 44.39 23.56 -2.15
N GLY C 43 45.13 22.54 -1.72
CA GLY C 43 44.54 21.24 -1.42
C GLY C 43 43.91 21.06 -0.06
N GLY C 44 43.32 19.89 0.16
CA GLY C 44 42.70 19.52 1.42
C GLY C 44 43.61 18.68 2.31
N CYS C 45 43.26 18.54 3.60
CA CYS C 45 44.08 17.79 4.55
C CYS C 45 43.74 16.29 4.59
N SER C 46 44.54 15.49 5.35
CA SER C 46 44.35 14.05 5.51
C SER C 46 43.01 13.70 6.11
N PHE C 47 42.50 14.52 7.06
CA PHE C 47 41.18 14.30 7.66
C PHE C 47 40.10 14.34 6.59
N ASP C 48 40.18 15.31 5.68
CA ASP C 48 39.24 15.45 4.57
C ASP C 48 39.28 14.19 3.70
N GLY C 49 40.50 13.66 3.47
CA GLY C 49 40.77 12.47 2.69
C GLY C 49 40.15 11.21 3.26
N ALA C 50 40.29 10.98 4.56
CA ALA C 50 39.72 9.79 5.21
C ALA C 50 38.19 9.88 5.26
N GLN C 51 37.63 11.06 5.55
CA GLN C 51 36.19 11.23 5.60
C GLN C 51 35.57 11.06 4.22
N ILE C 52 36.27 11.48 3.15
CA ILE C 52 35.79 11.33 1.77
C ILE C 52 35.61 9.87 1.43
N ALA C 53 36.52 9.00 1.90
CA ALA C 53 36.49 7.56 1.67
C ALA C 53 35.57 6.77 2.59
N LEU C 54 35.34 7.22 3.83
CA LEU C 54 34.53 6.44 4.76
C LEU C 54 33.13 6.98 4.99
N LEU C 55 32.85 8.26 4.73
CA LEU C 55 31.51 8.81 4.86
C LEU C 55 30.44 8.04 4.09
N PRO C 56 30.67 7.57 2.82
CA PRO C 56 29.60 6.86 2.12
C PRO C 56 29.18 5.52 2.77
N VAL C 57 29.79 5.13 3.93
CA VAL C 57 29.35 3.97 4.71
C VAL C 57 28.16 4.54 5.54
N ALA C 58 27.01 4.62 4.85
CA ALA C 58 25.74 5.26 5.14
C ALA C 58 25.11 5.06 6.52
N ASP C 59 25.18 3.85 7.07
CA ASP C 59 24.51 3.54 8.33
C ASP C 59 25.32 3.82 9.58
N VAL C 60 26.61 4.10 9.44
CA VAL C 60 27.54 4.34 10.53
C VAL C 60 27.49 5.78 11.13
N ALA C 61 27.81 5.94 12.43
CA ALA C 61 27.92 7.22 13.13
C ALA C 61 29.30 7.71 12.83
N HIS C 62 29.43 8.82 12.07
CA HIS C 62 30.71 9.42 11.70
C HIS C 62 31.11 10.59 12.61
N ILE C 63 31.77 10.28 13.75
CA ILE C 63 32.17 11.29 14.74
C ILE C 63 33.52 11.92 14.45
N VAL C 64 33.56 13.25 14.28
CA VAL C 64 34.76 14.03 14.04
C VAL C 64 35.26 14.53 15.40
N HIS C 65 36.42 14.05 15.84
CA HIS C 65 36.98 14.47 17.12
C HIS C 65 37.82 15.70 16.94
N GLY C 66 37.32 16.84 17.41
CA GLY C 66 38.06 18.09 17.30
C GLY C 66 37.21 19.33 17.39
N PRO C 67 37.83 20.50 17.14
CA PRO C 67 37.05 21.75 17.16
C PRO C 67 36.17 21.90 15.92
N ILE C 68 35.29 22.91 15.92
CA ILE C 68 34.29 23.14 14.88
C ILE C 68 34.87 23.46 13.47
N ALA C 69 36.15 23.77 13.36
CA ALA C 69 36.74 24.06 12.04
C ALA C 69 36.74 22.86 11.13
N CYS C 70 36.90 21.68 11.73
CA CYS C 70 36.97 20.42 11.01
C CYS C 70 35.61 19.95 10.46
N ALA C 71 34.61 19.74 11.33
CA ALA C 71 33.29 19.28 10.89
C ALA C 71 32.32 20.39 10.49
N GLY C 72 32.25 21.45 11.29
CA GLY C 72 31.34 22.59 11.10
C GLY C 72 31.32 23.22 9.73
N SER C 73 32.47 23.24 9.05
CA SER C 73 32.61 23.83 7.73
C SER C 73 32.47 22.80 6.56
N SER C 74 32.51 21.47 6.89
CA SER C 74 32.54 20.37 5.93
C SER C 74 31.40 19.36 5.92
N TRP C 75 30.41 19.48 6.81
CA TRP C 75 29.39 18.44 6.91
C TRP C 75 28.28 18.57 5.87
N ASP C 76 27.68 17.41 5.55
CA ASP C 76 26.65 17.16 4.55
C ASP C 76 27.05 17.69 3.18
N ASN C 77 28.27 17.35 2.74
CA ASN C 77 28.76 17.75 1.43
C ASN C 77 29.43 16.59 0.69
N ARG C 78 28.85 15.41 0.79
CA ARG C 78 29.35 14.23 0.10
C ARG C 78 28.44 14.04 -1.11
N GLY C 79 29.03 13.96 -2.30
CA GLY C 79 28.28 13.76 -3.53
C GLY C 79 27.67 12.37 -3.70
N THR C 80 27.83 11.51 -2.69
CA THR C 80 27.33 10.14 -2.67
C THR C 80 25.82 10.10 -2.51
N ARG C 81 25.22 9.01 -2.97
CA ARG C 81 23.80 8.77 -2.80
C ARG C 81 23.60 7.48 -2.05
N SER C 82 22.63 7.45 -1.15
CA SER C 82 22.30 6.25 -0.41
C SER C 82 20.91 5.71 -0.80
N SER C 83 20.73 4.42 -0.72
CA SER C 83 19.45 3.78 -1.04
C SER C 83 18.62 3.43 0.22
N GLY C 84 19.03 3.93 1.36
CA GLY C 84 18.32 3.67 2.60
C GLY C 84 18.76 4.60 3.72
N PRO C 85 19.64 4.10 4.58
CA PRO C 85 20.11 4.89 5.72
C PRO C 85 20.87 6.14 5.33
N ASP C 86 20.74 7.19 6.14
CA ASP C 86 21.44 8.44 5.90
C ASP C 86 22.11 9.04 7.17
N LEU C 87 22.46 8.20 8.17
CA LEU C 87 23.13 8.70 9.38
C LEU C 87 24.45 9.38 9.05
N TYR C 88 25.11 8.95 7.97
CA TYR C 88 26.35 9.56 7.52
C TYR C 88 26.16 11.06 7.15
N ARG C 89 24.91 11.49 6.86
CA ARG C 89 24.63 12.88 6.53
C ARG C 89 24.55 13.77 7.79
N ILE C 90 24.37 13.16 8.98
CA ILE C 90 24.33 13.90 10.22
C ILE C 90 25.77 14.26 10.63
N GLY C 91 26.01 15.55 10.86
CA GLY C 91 27.30 16.01 11.32
C GLY C 91 27.46 15.59 12.77
N MET C 92 28.57 14.96 13.08
CA MET C 92 28.79 14.51 14.46
C MET C 92 30.15 14.93 14.86
N THR C 93 30.27 15.76 15.90
CA THR C 93 31.58 16.25 16.32
C THR C 93 31.65 16.52 17.81
N THR C 94 32.83 16.34 18.41
CA THR C 94 33.04 16.61 19.83
C THR C 94 32.99 18.11 20.17
N ASP C 95 33.22 19.01 19.15
CA ASP C 95 33.16 20.45 19.25
C ASP C 95 33.91 20.98 20.47
N LEU C 96 35.17 20.57 20.59
CA LEU C 96 36.04 20.90 21.71
C LEU C 96 36.10 22.39 22.05
N THR C 97 36.00 22.70 23.34
CA THR C 97 36.12 24.04 23.88
C THR C 97 37.61 24.31 24.21
N GLU C 98 37.95 25.56 24.58
CA GLU C 98 39.30 25.94 24.96
C GLU C 98 39.71 25.14 26.20
N ASN C 99 38.81 25.06 27.19
CA ASN C 99 39.04 24.34 28.44
C ASN C 99 39.24 22.85 28.24
N ASP C 100 38.67 22.27 27.18
CA ASP C 100 38.86 20.86 26.88
C ASP C 100 40.31 20.60 26.42
N VAL C 101 40.91 21.55 25.70
CA VAL C 101 42.27 21.42 25.18
C VAL C 101 43.27 21.71 26.30
N ILE C 102 43.02 22.79 27.06
CA ILE C 102 43.91 23.18 28.15
C ILE C 102 43.88 22.18 29.32
N MET C 103 42.70 21.90 29.87
CA MET C 103 42.56 20.96 30.99
C MET C 103 42.69 19.48 30.61
N GLY C 104 42.96 19.20 29.33
CA GLY C 104 43.10 17.82 28.87
C GLY C 104 41.83 17.01 28.96
N ARG C 105 40.67 17.65 28.81
CA ARG C 105 39.36 17.02 28.92
C ARG C 105 38.80 16.50 27.61
N ALA C 106 39.63 16.34 26.57
CA ALA C 106 39.13 15.89 25.26
C ALA C 106 38.85 14.38 25.15
N GLU C 107 39.61 13.55 25.87
CA GLU C 107 39.36 12.10 25.85
C GLU C 107 38.03 11.80 26.51
N LYS C 108 37.73 12.47 27.64
CA LYS C 108 36.46 12.33 28.36
C LYS C 108 35.31 12.75 27.49
N ARG C 109 35.46 13.91 26.81
CA ARG C 109 34.49 14.47 25.87
C ARG C 109 34.21 13.49 24.73
N LEU C 110 35.26 12.90 24.12
CA LEU C 110 35.13 11.92 23.03
C LEU C 110 34.44 10.65 23.52
N PHE C 111 34.84 10.17 24.71
CA PHE C 111 34.23 8.97 25.29
C PHE C 111 32.71 9.11 25.47
N HIS C 112 32.24 10.26 25.99
CA HIS C 112 30.82 10.50 26.18
C HIS C 112 30.08 10.85 24.86
N ALA C 113 30.83 11.25 23.82
CA ALA C 113 30.28 11.52 22.50
C ALA C 113 29.96 10.21 21.82
N ILE C 114 30.82 9.18 21.99
CA ILE C 114 30.52 7.85 21.42
C ILE C 114 29.28 7.29 22.13
N ARG C 115 29.23 7.39 23.45
CA ARG C 115 28.08 6.96 24.23
C ARG C 115 26.78 7.63 23.78
N GLN C 116 26.79 8.94 23.60
CA GLN C 116 25.61 9.68 23.15
C GLN C 116 25.16 9.23 21.76
N ALA C 117 26.11 8.97 20.84
CA ALA C 117 25.81 8.51 19.49
C ALA C 117 25.18 7.12 19.51
N VAL C 118 25.71 6.24 20.39
CA VAL C 118 25.21 4.87 20.50
C VAL C 118 23.81 4.87 21.06
N GLU C 119 23.59 5.65 22.13
CA GLU C 119 22.28 5.72 22.77
C GLU C 119 21.20 6.34 21.87
N SER C 120 21.51 7.48 21.26
CA SER C 120 20.54 8.18 20.41
C SER C 120 20.23 7.54 19.05
N TYR C 121 21.24 6.93 18.38
CA TYR C 121 21.02 6.43 17.03
C TYR C 121 21.17 4.94 16.82
N SER C 122 21.69 4.19 17.81
CA SER C 122 21.87 2.73 17.73
C SER C 122 22.48 2.25 16.38
N PRO C 123 23.63 2.80 15.93
CA PRO C 123 24.18 2.41 14.63
C PRO C 123 24.87 1.04 14.63
N PRO C 124 25.15 0.45 13.46
CA PRO C 124 25.93 -0.80 13.45
C PRO C 124 27.36 -0.57 13.96
N ALA C 125 27.93 0.61 13.66
CA ALA C 125 29.29 0.95 14.08
C ALA C 125 29.50 2.48 14.19
N VAL C 126 30.57 2.91 14.88
CA VAL C 126 30.93 4.34 15.01
C VAL C 126 32.34 4.54 14.48
N PHE C 127 32.55 5.47 13.53
CA PHE C 127 33.92 5.76 13.05
C PHE C 127 34.33 7.06 13.68
N VAL C 128 35.47 7.09 14.34
CA VAL C 128 35.96 8.32 14.97
C VAL C 128 37.14 8.83 14.19
N TYR C 129 37.02 10.07 13.67
CA TYR C 129 38.11 10.70 12.91
C TYR C 129 38.96 11.62 13.79
N ASN C 130 40.28 11.44 13.77
CA ASN C 130 41.18 12.29 14.54
C ASN C 130 41.49 13.58 13.77
N THR C 131 41.75 14.70 14.49
CA THR C 131 42.07 15.97 13.83
C THR C 131 43.36 16.60 14.43
N CYS C 132 43.84 17.76 13.90
CA CYS C 132 45.09 18.43 14.28
C CYS C 132 45.22 18.71 15.79
N VAL C 133 44.23 19.37 16.40
CA VAL C 133 44.28 19.70 17.82
C VAL C 133 44.46 18.44 18.70
N PRO C 134 43.60 17.40 18.64
CA PRO C 134 43.81 16.22 19.48
C PRO C 134 45.08 15.41 19.16
N ALA C 135 45.57 15.46 17.91
CA ALA C 135 46.80 14.75 17.57
C ALA C 135 48.02 15.49 18.17
N LEU C 136 47.97 16.84 18.21
CA LEU C 136 49.07 17.60 18.78
C LEU C 136 49.12 17.43 20.30
N ILE C 137 47.93 17.49 20.93
CA ILE C 137 47.81 17.29 22.38
C ILE C 137 47.88 15.77 22.71
N GLY C 138 47.94 15.42 23.98
CA GLY C 138 47.96 14.02 24.38
C GLY C 138 46.61 13.37 24.23
N ASP C 139 46.21 12.94 23.00
CA ASP C 139 44.92 12.29 22.78
C ASP C 139 45.02 10.91 22.15
N ASP C 140 44.88 9.87 22.98
CA ASP C 140 44.96 8.48 22.55
C ASP C 140 43.58 8.08 22.02
N VAL C 141 43.31 8.39 20.75
CA VAL C 141 42.02 8.10 20.13
C VAL C 141 41.75 6.60 20.10
N ASP C 142 42.76 5.80 19.75
CA ASP C 142 42.65 4.34 19.71
C ASP C 142 42.15 3.76 21.03
N ALA C 143 42.78 4.12 22.15
CA ALA C 143 42.40 3.62 23.47
C ALA C 143 41.01 4.06 23.90
N VAL C 144 40.58 5.27 23.51
CA VAL C 144 39.23 5.74 23.82
C VAL C 144 38.23 4.88 23.05
N CYS C 145 38.47 4.67 21.76
CA CYS C 145 37.58 3.88 20.94
C CYS C 145 37.49 2.43 21.44
N LYS C 146 38.62 1.84 21.87
CA LYS C 146 38.68 0.48 22.42
C LYS C 146 37.84 0.39 23.68
N ALA C 147 37.95 1.39 24.57
CA ALA C 147 37.19 1.40 25.81
C ALA C 147 35.70 1.57 25.56
N ALA C 148 35.33 2.43 24.59
CA ALA C 148 33.94 2.69 24.26
C ALA C 148 33.27 1.48 23.60
N ALA C 149 34.02 0.77 22.74
CA ALA C 149 33.50 -0.42 22.08
C ALA C 149 33.11 -1.49 23.13
N GLU C 150 33.96 -1.66 24.15
CA GLU C 150 33.75 -2.61 25.23
C GLU C 150 32.60 -2.21 26.15
N ARG C 151 32.59 -0.96 26.63
CA ARG C 151 31.56 -0.46 27.56
C ARG C 151 30.16 -0.32 26.94
N PHE C 152 30.05 -0.06 25.62
CA PHE C 152 28.71 0.15 25.02
C PHE C 152 28.28 -0.95 24.04
N GLY C 153 29.18 -1.87 23.71
CA GLY C 153 28.85 -3.01 22.84
C GLY C 153 28.73 -2.73 21.36
N THR C 154 29.15 -1.56 20.92
CA THR C 154 29.09 -1.23 19.49
C THR C 154 30.50 -1.02 19.00
N PRO C 155 30.88 -1.64 17.86
CA PRO C 155 32.24 -1.43 17.33
C PRO C 155 32.57 0.05 17.08
N VAL C 156 33.70 0.51 17.60
CA VAL C 156 34.13 1.90 17.38
C VAL C 156 35.49 1.80 16.75
N ILE C 157 35.57 2.16 15.47
CA ILE C 157 36.80 2.09 14.71
C ILE C 157 37.49 3.44 14.67
N PRO C 158 38.79 3.50 15.01
CA PRO C 158 39.48 4.78 15.00
C PRO C 158 40.25 5.07 13.70
N VAL C 159 39.94 6.18 13.06
CA VAL C 159 40.67 6.59 11.87
C VAL C 159 41.59 7.68 12.36
N ASP C 160 42.86 7.35 12.50
CA ASP C 160 43.85 8.30 12.96
C ASP C 160 44.37 9.06 11.75
N SER C 161 43.67 10.11 11.36
CA SER C 161 44.07 10.90 10.22
C SER C 161 43.91 12.38 10.51
N ALA C 162 44.83 12.94 11.29
CA ALA C 162 44.82 14.36 11.57
C ALA C 162 45.23 15.08 10.29
N GLY C 163 44.69 16.28 10.10
CA GLY C 163 44.98 17.08 8.91
C GLY C 163 46.43 17.33 8.59
N PHE C 164 47.27 17.62 9.61
CA PHE C 164 48.67 17.94 9.37
C PHE C 164 49.55 16.76 8.96
N TYR C 165 49.03 15.53 8.93
CA TYR C 165 49.83 14.37 8.51
C TYR C 165 50.22 14.48 7.03
N GLY C 166 49.33 15.00 6.21
CA GLY C 166 49.60 15.14 4.79
C GLY C 166 48.41 15.61 3.97
N THR C 167 48.34 15.12 2.72
CA THR C 167 47.31 15.46 1.75
C THR C 167 46.03 14.58 1.86
N LYS C 168 44.99 14.88 1.06
CA LYS C 168 43.76 14.10 1.01
C LYS C 168 44.05 12.65 0.59
N ASN C 169 45.05 12.43 -0.30
CA ASN C 169 45.42 11.09 -0.75
C ASN C 169 45.94 10.23 0.40
N LEU C 170 46.70 10.83 1.32
CA LEU C 170 47.19 10.12 2.51
C LEU C 170 46.02 9.68 3.39
N GLY C 171 45.00 10.54 3.51
CA GLY C 171 43.79 10.22 4.25
C GLY C 171 43.07 9.01 3.69
N ASN C 172 43.04 8.86 2.34
CA ASN C 172 42.41 7.71 1.71
C ASN C 172 43.15 6.43 2.10
N ARG C 173 44.51 6.48 2.19
CA ARG C 173 45.30 5.34 2.62
C ARG C 173 44.98 5.00 4.08
N ILE C 174 44.93 6.00 4.96
CA ILE C 174 44.62 5.77 6.37
C ILE C 174 43.22 5.20 6.56
N ALA C 175 42.26 5.64 5.73
CA ALA C 175 40.90 5.13 5.76
C ALA C 175 40.89 3.63 5.39
N GLY C 176 41.62 3.27 4.34
CA GLY C 176 41.75 1.89 3.90
C GLY C 176 42.43 1.03 4.94
N GLU C 177 43.45 1.57 5.61
CA GLU C 177 44.18 0.88 6.67
C GLU C 177 43.25 0.58 7.84
N ALA C 178 42.40 1.57 8.22
CA ALA C 178 41.43 1.38 9.30
C ALA C 178 40.42 0.28 8.99
N MET C 179 40.05 0.13 7.72
CA MET C 179 39.12 -0.92 7.31
C MET C 179 39.80 -2.28 7.35
N LEU C 180 41.02 -2.38 6.81
CA LEU C 180 41.76 -3.65 6.81
C LEU C 180 42.04 -4.13 8.22
N LYS C 181 42.43 -3.23 9.10
CA LYS C 181 42.80 -3.56 10.48
C LYS C 181 41.63 -3.86 11.40
N TYR C 182 40.51 -3.13 11.31
CA TYR C 182 39.41 -3.33 12.26
C TYR C 182 38.10 -3.90 11.71
N VAL C 183 37.80 -3.70 10.42
CA VAL C 183 36.53 -4.13 9.86
C VAL C 183 36.60 -5.38 8.96
N ILE C 184 37.47 -5.38 7.95
CA ILE C 184 37.58 -6.50 7.00
C ILE C 184 38.01 -7.80 7.68
N GLY C 185 37.27 -8.85 7.40
CA GLY C 185 37.56 -10.16 7.96
C GLY C 185 36.83 -10.46 9.24
N THR C 186 35.90 -9.57 9.66
CA THR C 186 35.19 -9.78 10.92
C THR C 186 33.80 -10.38 10.76
N ARG C 187 33.37 -10.73 9.52
CA ARG C 187 32.07 -11.34 9.32
C ARG C 187 31.97 -12.04 7.98
N GLU C 188 31.35 -13.23 7.94
CA GLU C 188 31.19 -14.01 6.73
C GLU C 188 30.05 -13.49 5.89
N PRO C 189 30.14 -13.60 4.55
CA PRO C 189 29.04 -13.11 3.71
C PRO C 189 27.73 -13.81 3.95
N ASP C 190 26.63 -13.10 3.68
CA ASP C 190 25.29 -13.66 3.77
C ASP C 190 25.14 -14.75 2.71
N PRO C 191 24.29 -15.76 2.93
CA PRO C 191 24.03 -16.72 1.84
C PRO C 191 23.26 -16.01 0.72
N LEU C 192 23.41 -16.47 -0.53
CA LEU C 192 22.71 -15.89 -1.68
C LEU C 192 21.20 -15.77 -1.42
N PRO C 193 20.63 -14.59 -1.68
CA PRO C 193 19.21 -14.38 -1.35
C PRO C 193 18.27 -15.40 -1.95
N VAL C 194 17.21 -15.78 -1.21
CA VAL C 194 16.24 -16.75 -1.74
C VAL C 194 15.51 -16.17 -2.95
N GLY C 195 15.28 -17.00 -3.96
CA GLY C 195 14.63 -16.54 -5.18
C GLY C 195 15.59 -16.04 -6.25
N SER C 196 16.85 -15.77 -5.87
CA SER C 196 17.88 -15.27 -6.79
C SER C 196 18.53 -16.36 -7.65
N GLU C 197 18.19 -17.64 -7.40
CA GLU C 197 18.76 -18.74 -8.14
C GLU C 197 18.37 -18.66 -9.61
N ARG C 198 19.32 -18.27 -10.46
CA ARG C 198 19.06 -18.24 -11.90
C ARG C 198 19.77 -19.43 -12.49
N PRO C 199 19.01 -20.39 -13.04
CA PRO C 199 19.65 -21.59 -13.60
C PRO C 199 20.62 -21.27 -14.73
N GLY C 200 21.81 -21.85 -14.67
CA GLY C 200 22.82 -21.60 -15.68
C GLY C 200 23.77 -20.46 -15.33
N ILE C 201 23.41 -19.64 -14.33
CA ILE C 201 24.23 -18.53 -13.88
C ILE C 201 25.02 -18.90 -12.60
N ARG C 202 26.36 -18.89 -12.68
CA ARG C 202 27.19 -19.16 -11.51
C ARG C 202 27.45 -17.80 -10.86
N VAL C 203 27.04 -17.64 -9.60
CA VAL C 203 27.22 -16.40 -8.89
C VAL C 203 28.62 -16.29 -8.31
N HIS C 204 29.36 -15.24 -8.69
CA HIS C 204 30.70 -14.99 -8.20
C HIS C 204 30.70 -13.75 -7.33
N ASP C 205 31.47 -13.77 -6.23
CA ASP C 205 31.56 -12.62 -5.34
C ASP C 205 32.75 -11.74 -5.72
N VAL C 206 32.53 -10.42 -5.82
CA VAL C 206 33.53 -9.40 -6.20
C VAL C 206 33.46 -8.17 -5.27
N ASN C 207 34.50 -7.33 -5.26
CA ASN C 207 34.52 -6.07 -4.52
C ASN C 207 34.77 -4.93 -5.50
N LEU C 208 34.19 -3.76 -5.23
CA LEU C 208 34.42 -2.59 -6.05
C LEU C 208 35.12 -1.58 -5.14
N ILE C 209 36.45 -1.51 -5.15
CA ILE C 209 37.18 -0.58 -4.28
C ILE C 209 37.50 0.77 -4.96
N GLY C 210 36.88 1.84 -4.49
CA GLY C 210 37.08 3.16 -5.04
C GLY C 210 35.89 3.73 -5.79
N GLU C 211 34.72 3.09 -5.68
CA GLU C 211 33.51 3.55 -6.35
C GLU C 211 32.68 4.23 -5.27
N TYR C 212 32.43 5.55 -5.39
CA TYR C 212 31.72 6.27 -4.34
C TYR C 212 30.27 6.65 -4.66
N ASN C 213 29.73 6.16 -5.81
CA ASN C 213 28.34 6.40 -6.22
C ASN C 213 27.99 7.88 -6.23
N ILE C 214 28.85 8.71 -6.86
CA ILE C 214 28.60 10.14 -6.95
C ILE C 214 27.39 10.38 -7.82
N ALA C 215 26.38 11.09 -7.27
CA ALA C 215 25.09 11.38 -7.89
C ALA C 215 24.27 10.10 -8.27
N GLY C 216 24.65 8.96 -7.71
CA GLY C 216 24.02 7.69 -7.99
C GLY C 216 24.50 7.06 -9.28
N GLU C 217 25.68 7.44 -9.79
CA GLU C 217 26.20 6.87 -11.03
C GLU C 217 26.44 5.36 -11.01
N PHE C 218 26.84 4.76 -9.87
CA PHE C 218 27.02 3.31 -9.80
C PHE C 218 25.74 2.54 -10.06
N TRP C 219 24.57 3.16 -9.89
CA TRP C 219 23.30 2.50 -10.15
C TRP C 219 23.02 2.27 -11.66
N HIS C 220 24.01 2.55 -12.53
CA HIS C 220 24.02 2.26 -13.97
C HIS C 220 24.88 0.97 -14.21
N VAL C 221 25.89 0.74 -13.33
CA VAL C 221 26.80 -0.36 -13.40
C VAL C 221 26.25 -1.55 -12.64
N LEU C 222 25.65 -1.30 -11.47
CA LEU C 222 25.08 -2.34 -10.63
C LEU C 222 24.12 -3.27 -11.38
N PRO C 223 23.22 -2.80 -12.28
CA PRO C 223 22.39 -3.73 -13.05
C PRO C 223 23.20 -4.62 -14.01
N LEU C 224 24.30 -4.10 -14.60
CA LEU C 224 25.15 -4.92 -15.50
C LEU C 224 25.82 -6.05 -14.73
N LEU C 225 26.37 -5.75 -13.54
CA LEU C 225 27.02 -6.74 -12.69
C LEU C 225 26.02 -7.83 -12.27
N ASP C 226 24.81 -7.41 -11.93
CA ASP C 226 23.67 -8.26 -11.56
C ASP C 226 23.28 -9.19 -12.71
N GLU C 227 23.26 -8.69 -13.95
CA GLU C 227 22.90 -9.49 -15.12
C GLU C 227 23.95 -10.56 -15.35
N LEU C 228 25.22 -10.23 -15.15
CA LEU C 228 26.30 -11.20 -15.32
C LEU C 228 26.38 -12.25 -14.19
N GLY C 229 25.74 -11.98 -13.06
CA GLY C 229 25.78 -12.89 -11.93
C GLY C 229 26.95 -12.58 -11.01
N LEU C 230 27.25 -11.29 -10.83
CA LEU C 230 28.33 -10.87 -9.98
C LEU C 230 27.81 -10.20 -8.73
N ARG C 231 27.94 -10.89 -7.60
CA ARG C 231 27.49 -10.36 -6.33
C ARG C 231 28.56 -9.43 -5.85
N VAL C 232 28.22 -8.14 -5.72
CA VAL C 232 29.18 -7.20 -5.19
C VAL C 232 29.07 -7.34 -3.69
N LEU C 233 30.09 -7.94 -3.03
CA LEU C 233 30.08 -8.10 -1.57
C LEU C 233 30.11 -6.71 -0.95
N CYS C 234 30.99 -5.82 -1.48
CA CYS C 234 31.03 -4.44 -1.02
C CYS C 234 31.57 -3.48 -2.06
N THR C 235 30.89 -2.34 -2.19
CA THR C 235 31.30 -1.25 -3.06
C THR C 235 31.87 -0.27 -2.09
N LEU C 236 33.19 -0.16 -1.98
CA LEU C 236 33.82 0.72 -1.00
C LEU C 236 34.09 2.14 -1.55
N ALA C 237 33.31 3.17 -1.17
CA ALA C 237 32.21 3.06 -0.22
C ALA C 237 30.84 3.52 -0.76
N GLY C 238 30.62 3.42 -2.07
CA GLY C 238 29.35 3.81 -2.67
C GLY C 238 28.15 2.96 -2.25
N ASP C 239 27.12 3.60 -1.58
CA ASP C 239 25.90 2.96 -1.06
C ASP C 239 26.25 1.79 -0.12
N ALA C 240 27.35 1.91 0.63
CA ALA C 240 27.83 0.83 1.49
C ALA C 240 27.26 0.87 2.90
N ARG C 241 27.20 -0.30 3.51
CA ARG C 241 26.73 -0.54 4.87
C ARG C 241 27.91 -1.20 5.60
N TYR C 242 27.99 -0.99 6.90
CA TYR C 242 29.09 -1.55 7.70
C TYR C 242 29.19 -3.08 7.57
N ARG C 243 28.05 -3.77 7.51
CA ARG C 243 28.01 -5.22 7.39
C ARG C 243 28.55 -5.75 6.07
N GLU C 244 28.52 -4.94 5.00
CA GLU C 244 29.06 -5.35 3.70
C GLU C 244 30.60 -5.33 3.76
N VAL C 245 31.17 -4.29 4.42
CA VAL C 245 32.61 -4.11 4.53
C VAL C 245 33.26 -5.27 5.29
N GLN C 246 32.62 -5.75 6.34
CA GLN C 246 33.13 -6.88 7.13
C GLN C 246 33.42 -8.13 6.30
N THR C 247 32.65 -8.33 5.23
CA THR C 247 32.74 -9.53 4.39
C THR C 247 33.69 -9.42 3.21
N MET C 248 34.38 -8.31 3.06
CA MET C 248 35.23 -8.08 1.90
C MET C 248 36.33 -9.13 1.69
N HIS C 249 36.74 -9.80 2.75
CA HIS C 249 37.79 -10.79 2.67
C HIS C 249 37.45 -12.01 1.85
N ARG C 250 36.15 -12.32 1.70
CA ARG C 250 35.68 -13.48 0.96
C ARG C 250 35.35 -13.24 -0.52
N ALA C 251 35.90 -12.18 -1.10
CA ALA C 251 35.68 -11.89 -2.52
C ALA C 251 36.64 -12.72 -3.37
N GLU C 252 36.19 -13.08 -4.57
CA GLU C 252 37.00 -13.85 -5.49
C GLU C 252 37.91 -12.93 -6.29
N VAL C 253 37.40 -11.79 -6.77
CA VAL C 253 38.17 -10.80 -7.55
C VAL C 253 37.94 -9.39 -6.98
N ASN C 254 38.96 -8.53 -6.99
CA ASN C 254 38.83 -7.17 -6.49
C ASN C 254 39.03 -6.18 -7.62
N MET C 255 38.17 -5.15 -7.74
CA MET C 255 38.35 -4.15 -8.78
C MET C 255 38.72 -2.79 -8.21
N MET C 256 39.88 -2.24 -8.63
CA MET C 256 40.30 -0.91 -8.23
C MET C 256 39.64 0.11 -9.17
N VAL C 257 38.67 0.86 -8.66
CA VAL C 257 37.92 1.82 -9.48
C VAL C 257 38.47 3.23 -9.41
N CYS C 258 39.07 3.71 -10.52
CA CYS C 258 39.60 5.08 -10.68
C CYS C 258 40.39 5.58 -9.47
N SER C 259 41.23 4.72 -8.88
CA SER C 259 42.01 5.12 -7.72
C SER C 259 43.30 4.36 -7.56
N LYS C 260 44.29 5.05 -6.99
CA LYS C 260 45.61 4.56 -6.66
C LYS C 260 45.95 4.81 -5.17
N ALA C 261 45.17 5.67 -4.46
CA ALA C 261 45.30 5.90 -3.02
C ALA C 261 44.74 4.69 -2.22
N MET C 262 43.80 3.93 -2.80
CA MET C 262 43.27 2.73 -2.16
C MET C 262 44.03 1.46 -2.61
N LEU C 263 45.16 1.61 -3.33
CA LEU C 263 45.96 0.48 -3.83
C LEU C 263 46.52 -0.39 -2.71
N ASN C 264 46.70 0.19 -1.51
CA ASN C 264 47.15 -0.55 -0.33
C ASN C 264 46.09 -1.61 0.07
N VAL C 265 44.80 -1.32 -0.18
CA VAL C 265 43.72 -2.24 0.13
C VAL C 265 43.77 -3.47 -0.77
N ALA C 266 43.80 -3.28 -2.11
CA ALA C 266 43.87 -4.41 -3.05
C ALA C 266 45.11 -5.27 -2.83
N ARG C 267 46.26 -4.64 -2.59
CA ARG C 267 47.51 -5.35 -2.36
C ARG C 267 47.44 -6.15 -1.06
N LYS C 268 46.98 -5.52 0.03
CA LYS C 268 46.89 -6.20 1.32
C LYS C 268 45.86 -7.31 1.34
N LEU C 269 44.81 -7.20 0.52
CA LEU C 269 43.81 -8.25 0.43
C LEU C 269 44.33 -9.45 -0.38
N GLN C 270 45.24 -9.22 -1.34
CA GLN C 270 45.88 -10.28 -2.11
C GLN C 270 46.96 -10.97 -1.26
N GLU C 271 47.68 -10.21 -0.42
CA GLU C 271 48.72 -10.78 0.45
C GLU C 271 48.11 -11.61 1.58
N THR C 272 46.98 -11.14 2.14
CA THR C 272 46.36 -11.79 3.29
C THR C 272 45.36 -12.89 2.93
N TYR C 273 44.45 -12.63 1.98
CA TYR C 273 43.43 -13.62 1.62
C TYR C 273 43.60 -14.26 0.23
N GLY C 274 44.64 -13.88 -0.51
CA GLY C 274 44.92 -14.42 -1.82
C GLY C 274 44.00 -13.94 -2.94
N THR C 275 43.25 -12.87 -2.68
CA THR C 275 42.30 -12.30 -3.63
C THR C 275 42.98 -11.54 -4.77
N PRO C 276 42.86 -12.04 -6.01
CA PRO C 276 43.45 -11.32 -7.15
C PRO C 276 42.69 -10.02 -7.45
N TRP C 277 43.40 -9.02 -7.96
CA TRP C 277 42.78 -7.73 -8.25
C TRP C 277 43.14 -7.15 -9.62
N PHE C 278 42.41 -6.12 -10.06
CA PHE C 278 42.69 -5.45 -11.33
C PHE C 278 42.29 -3.98 -11.30
N GLU C 279 43.05 -3.13 -11.98
CA GLU C 279 42.72 -1.72 -12.07
C GLU C 279 41.80 -1.51 -13.27
N GLY C 280 40.86 -0.60 -13.12
CA GLY C 280 39.92 -0.30 -14.18
C GLY C 280 39.05 0.90 -13.88
N SER C 281 38.14 1.20 -14.80
CA SER C 281 37.23 2.33 -14.66
C SER C 281 35.87 2.04 -15.30
N PHE C 282 34.86 2.80 -14.89
CA PHE C 282 33.55 2.70 -15.51
C PHE C 282 33.20 4.01 -16.21
N TYR C 283 34.19 4.76 -16.70
CA TYR C 283 33.94 6.02 -17.39
C TYR C 283 34.23 5.85 -18.85
N GLY C 284 33.16 5.79 -19.63
CA GLY C 284 33.28 5.61 -21.08
C GLY C 284 32.96 4.21 -21.52
N ILE C 285 32.66 4.05 -22.82
CA ILE C 285 32.30 2.77 -23.39
C ILE C 285 33.45 1.76 -23.31
N THR C 286 34.63 2.14 -23.84
CA THR C 286 35.81 1.28 -23.87
C THR C 286 36.25 0.83 -22.46
N ASP C 287 36.17 1.75 -21.49
CA ASP C 287 36.56 1.42 -20.12
C ASP C 287 35.55 0.51 -19.42
N THR C 288 34.24 0.78 -19.56
CA THR C 288 33.22 -0.06 -18.94
C THR C 288 33.29 -1.51 -19.47
N SER C 289 33.48 -1.66 -20.78
CA SER C 289 33.60 -2.97 -21.41
C SER C 289 34.90 -3.68 -21.01
N GLN C 290 36.00 -2.93 -20.85
CA GLN C 290 37.27 -3.52 -20.41
C GLN C 290 37.17 -3.99 -18.97
N ALA C 291 36.47 -3.23 -18.11
CA ALA C 291 36.29 -3.60 -16.71
C ALA C 291 35.50 -4.91 -16.62
N LEU C 292 34.46 -5.06 -17.43
CA LEU C 292 33.66 -6.28 -17.45
C LEU C 292 34.42 -7.45 -18.03
N ARG C 293 35.28 -7.19 -19.03
CA ARG C 293 36.09 -8.24 -19.66
C ARG C 293 37.17 -8.75 -18.69
N ASP C 294 37.72 -7.87 -17.85
CA ASP C 294 38.74 -8.25 -16.88
C ASP C 294 38.18 -9.16 -15.79
N PHE C 295 36.90 -8.95 -15.41
CA PHE C 295 36.22 -9.76 -14.41
C PHE C 295 36.11 -11.20 -14.90
N ALA C 296 35.71 -11.39 -16.16
CA ALA C 296 35.58 -12.72 -16.75
C ALA C 296 36.93 -13.42 -16.85
N ARG C 297 37.98 -12.65 -17.17
CA ARG C 297 39.35 -13.12 -17.31
C ARG C 297 39.87 -13.71 -16.01
N LEU C 298 39.53 -13.09 -14.88
CA LEU C 298 40.02 -13.55 -13.58
C LEU C 298 39.10 -14.55 -12.88
N LEU C 299 37.85 -14.68 -13.33
CA LEU C 299 36.92 -15.60 -12.68
C LEU C 299 36.92 -17.01 -13.28
N ASP C 300 37.69 -17.24 -14.36
CA ASP C 300 37.85 -18.52 -15.01
C ASP C 300 36.55 -19.29 -15.24
N ASP C 301 35.57 -18.61 -15.85
CA ASP C 301 34.28 -19.23 -16.15
C ASP C 301 33.95 -18.96 -17.61
N PRO C 302 33.95 -20.00 -18.45
CA PRO C 302 33.61 -19.78 -19.86
C PRO C 302 32.17 -19.31 -20.07
N ASP C 303 31.24 -19.76 -19.21
CA ASP C 303 29.85 -19.32 -19.31
C ASP C 303 29.72 -17.83 -19.00
N LEU C 304 30.50 -17.34 -18.02
CA LEU C 304 30.51 -15.93 -17.68
C LEU C 304 31.16 -15.12 -18.80
N THR C 305 32.27 -15.62 -19.37
CA THR C 305 32.98 -14.96 -20.45
C THR C 305 32.09 -14.78 -21.68
N ALA C 306 31.34 -15.83 -22.04
CA ALA C 306 30.43 -15.78 -23.19
C ALA C 306 29.28 -14.80 -22.94
N ARG C 307 28.71 -14.80 -21.73
CA ARG C 307 27.64 -13.86 -21.40
C ARG C 307 28.17 -12.43 -21.27
N THR C 308 29.45 -12.24 -20.93
CA THR C 308 30.08 -10.92 -20.83
C THR C 308 30.20 -10.32 -22.23
N GLU C 309 30.60 -11.13 -23.22
CA GLU C 309 30.67 -10.66 -24.60
C GLU C 309 29.28 -10.31 -25.11
N ALA C 310 28.28 -11.12 -24.75
CA ALA C 310 26.89 -10.89 -25.14
C ALA C 310 26.34 -9.60 -24.52
N LEU C 311 26.70 -9.30 -23.28
CA LEU C 311 26.26 -8.06 -22.63
C LEU C 311 26.94 -6.88 -23.34
N ILE C 312 28.25 -7.00 -23.61
CA ILE C 312 29.00 -5.94 -24.27
C ILE C 312 28.46 -5.66 -25.66
N ALA C 313 28.22 -6.70 -26.47
CA ALA C 313 27.67 -6.52 -27.80
C ALA C 313 26.29 -5.87 -27.77
N ARG C 314 25.49 -6.14 -26.71
CA ARG C 314 24.16 -5.55 -26.60
C ARG C 314 24.21 -4.09 -26.15
N GLU C 315 24.98 -3.81 -25.10
CA GLU C 315 25.10 -2.48 -24.54
C GLU C 315 25.88 -1.53 -25.44
N GLU C 316 26.85 -2.04 -26.21
CA GLU C 316 27.60 -1.20 -27.13
C GLU C 316 26.74 -0.84 -28.35
N ALA C 317 25.87 -1.76 -28.82
CA ALA C 317 25.00 -1.46 -29.95
C ALA C 317 23.98 -0.39 -29.59
N LYS C 318 23.44 -0.46 -28.36
CA LYS C 318 22.45 0.48 -27.88
C LYS C 318 23.07 1.86 -27.66
N VAL C 319 24.26 1.94 -27.05
CA VAL C 319 24.89 3.22 -26.73
C VAL C 319 25.50 3.92 -27.96
N ARG C 320 26.05 3.15 -28.92
CA ARG C 320 26.61 3.77 -30.12
C ARG C 320 25.48 4.37 -30.98
N ALA C 321 24.30 3.72 -31.00
CA ALA C 321 23.12 4.21 -31.72
C ALA C 321 22.57 5.47 -31.09
N ALA C 322 22.58 5.54 -29.75
CA ALA C 322 22.09 6.69 -29.03
C ALA C 322 23.04 7.88 -29.10
N LEU C 323 24.35 7.62 -29.28
CA LEU C 323 25.33 8.69 -29.36
C LEU C 323 25.48 9.32 -30.74
N GLU C 324 25.01 8.62 -31.79
CA GLU C 324 25.12 9.07 -33.17
C GLU C 324 24.41 10.40 -33.48
N PRO C 325 23.15 10.65 -33.04
CA PRO C 325 22.54 11.98 -33.32
C PRO C 325 23.30 13.16 -32.70
N TRP C 326 24.13 12.88 -31.69
CA TRP C 326 24.94 13.89 -30.99
C TRP C 326 26.34 14.01 -31.55
N ARG C 327 26.86 12.93 -32.17
CA ARG C 327 28.20 12.82 -32.73
C ARG C 327 28.70 14.08 -33.45
N ALA C 328 27.84 14.73 -34.25
CA ALA C 328 28.25 15.93 -34.98
C ALA C 328 28.43 17.16 -34.05
N ARG C 329 27.54 17.31 -33.07
CA ARG C 329 27.56 18.44 -32.13
C ARG C 329 28.81 18.53 -31.24
N LEU C 330 29.47 17.41 -30.93
CA LEU C 330 30.67 17.45 -30.08
C LEU C 330 31.96 17.03 -30.78
N GLU C 331 31.90 16.71 -32.08
CA GLU C 331 33.09 16.27 -32.82
C GLU C 331 34.07 17.41 -33.07
N GLY C 332 35.30 17.20 -32.63
CA GLY C 332 36.37 18.17 -32.83
C GLY C 332 36.46 19.30 -31.83
N LYS C 333 35.61 19.28 -30.80
CA LYS C 333 35.65 20.33 -29.79
C LYS C 333 36.91 20.15 -28.93
N ARG C 334 37.66 21.22 -28.73
CA ARG C 334 38.91 21.16 -27.96
C ARG C 334 38.64 21.19 -26.47
N VAL C 335 39.21 20.23 -25.73
CA VAL C 335 39.00 20.11 -24.30
C VAL C 335 40.32 20.28 -23.56
N LEU C 336 40.38 21.19 -22.58
CA LEU C 336 41.57 21.32 -21.75
C LEU C 336 41.30 20.64 -20.44
N LEU C 337 42.00 19.53 -20.15
CA LEU C 337 41.80 18.83 -18.89
C LEU C 337 42.87 19.18 -17.87
N TYR C 338 42.48 19.54 -16.65
CA TYR C 338 43.42 19.85 -15.59
C TYR C 338 43.34 18.80 -14.49
N THR C 339 44.48 18.27 -14.06
CA THR C 339 44.53 17.24 -13.02
C THR C 339 44.89 17.82 -11.66
N GLY C 340 43.88 18.04 -10.83
CA GLY C 340 44.10 18.57 -9.50
C GLY C 340 44.01 17.50 -8.42
N GLY C 341 44.52 16.31 -8.74
CA GLY C 341 44.49 15.15 -7.84
C GLY C 341 43.10 14.63 -7.52
N VAL C 342 42.12 15.00 -8.36
CA VAL C 342 40.72 14.67 -8.21
C VAL C 342 40.28 13.59 -9.24
N LYS C 343 41.18 12.63 -9.50
CA LYS C 343 41.00 11.50 -10.43
C LYS C 343 40.47 11.92 -11.80
N SER C 344 41.05 13.00 -12.36
CA SER C 344 40.63 13.58 -13.64
C SER C 344 40.95 12.73 -14.87
N TRP C 345 42.01 11.90 -14.81
CA TRP C 345 42.37 11.10 -15.98
C TRP C 345 41.35 10.00 -16.31
N SER C 346 40.53 9.58 -15.34
CA SER C 346 39.51 8.56 -15.56
C SER C 346 38.46 8.98 -16.60
N VAL C 347 38.09 10.27 -16.62
CA VAL C 347 37.08 10.74 -17.58
C VAL C 347 37.65 11.03 -18.98
N VAL C 348 38.99 11.02 -19.14
CA VAL C 348 39.66 11.27 -20.41
C VAL C 348 39.25 10.22 -21.45
N SER C 349 39.19 8.96 -21.04
CA SER C 349 38.81 7.85 -21.90
C SER C 349 37.41 8.01 -22.48
N ALA C 350 36.49 8.61 -21.70
CA ALA C 350 35.13 8.84 -22.16
C ALA C 350 35.10 9.91 -23.26
N LEU C 351 35.91 10.95 -23.12
CA LEU C 351 36.00 12.03 -24.10
C LEU C 351 36.60 11.53 -25.43
N GLN C 352 37.47 10.50 -25.37
CA GLN C 352 38.07 9.87 -26.54
C GLN C 352 36.99 9.18 -27.38
N ASP C 353 35.98 8.57 -26.71
CA ASP C 353 34.86 7.90 -27.38
C ASP C 353 33.90 8.89 -28.10
N LEU C 354 34.23 10.19 -28.11
CA LEU C 354 33.42 11.23 -28.74
C LEU C 354 34.13 12.00 -29.87
N GLY C 355 35.41 11.71 -30.10
CA GLY C 355 36.17 12.37 -31.14
C GLY C 355 36.55 13.79 -30.77
N MET C 356 37.04 13.97 -29.56
CA MET C 356 37.43 15.28 -29.07
C MET C 356 38.92 15.26 -28.72
N LYS C 357 39.72 16.19 -29.26
CA LYS C 357 41.14 16.22 -28.94
C LYS C 357 41.32 16.86 -27.58
N VAL C 358 41.86 16.11 -26.62
CA VAL C 358 42.03 16.61 -25.26
C VAL C 358 43.47 16.97 -24.95
N VAL C 359 43.69 18.14 -24.34
CA VAL C 359 44.99 18.61 -23.93
C VAL C 359 45.04 18.52 -22.41
N ALA C 360 45.69 17.48 -21.88
CA ALA C 360 45.78 17.30 -20.44
C ALA C 360 47.00 18.00 -19.86
N THR C 361 46.86 18.61 -18.68
CA THR C 361 47.96 19.31 -18.04
C THR C 361 47.94 19.15 -16.53
N GLY C 362 49.10 19.23 -15.93
CA GLY C 362 49.26 19.09 -14.48
C GLY C 362 50.32 20.01 -13.91
N THR C 363 50.58 19.89 -12.61
CA THR C 363 51.57 20.72 -11.92
C THR C 363 52.67 19.84 -11.27
N LYS C 364 53.70 20.46 -10.64
CA LYS C 364 54.75 19.74 -9.92
C LYS C 364 54.17 19.05 -8.68
N LYS C 365 53.16 19.69 -8.04
CA LYS C 365 52.49 19.15 -6.85
C LYS C 365 51.52 17.98 -7.17
N SER C 366 51.30 17.66 -8.46
CA SER C 366 50.44 16.55 -8.88
C SER C 366 51.15 15.21 -8.62
N THR C 367 50.38 14.11 -8.55
CA THR C 367 50.96 12.79 -8.32
C THR C 367 51.78 12.28 -9.52
N GLU C 368 52.66 11.29 -9.29
CA GLU C 368 53.48 10.72 -10.37
C GLU C 368 52.62 9.96 -11.39
N GLU C 369 51.45 9.43 -10.98
CA GLU C 369 50.54 8.76 -11.89
C GLU C 369 49.88 9.76 -12.83
N ASP C 370 49.56 10.97 -12.32
CA ASP C 370 48.99 12.04 -13.14
C ASP C 370 50.01 12.45 -14.21
N LYS C 371 51.30 12.54 -13.83
CA LYS C 371 52.40 12.89 -14.72
C LYS C 371 52.65 11.81 -15.78
N ALA C 372 52.58 10.52 -15.41
CA ALA C 372 52.79 9.41 -16.34
C ALA C 372 51.71 9.34 -17.41
N ARG C 373 50.47 9.66 -17.04
CA ARG C 373 49.35 9.66 -17.99
C ARG C 373 49.43 10.86 -18.97
N ILE C 374 50.09 11.97 -18.55
CA ILE C 374 50.28 13.13 -19.40
C ILE C 374 51.40 12.86 -20.42
N ARG C 375 52.46 12.13 -20.01
CA ARG C 375 53.53 11.75 -20.95
C ARG C 375 52.98 10.73 -21.98
N GLU C 376 52.02 9.89 -21.57
CA GLU C 376 51.39 8.86 -22.38
C GLU C 376 50.62 9.45 -23.56
N LEU C 377 49.94 10.58 -23.35
CA LEU C 377 49.15 11.19 -24.41
C LEU C 377 49.78 12.44 -25.05
N MET C 378 50.19 13.43 -24.24
CA MET C 378 50.77 14.66 -24.77
C MET C 378 52.18 14.49 -25.34
N GLY C 379 53.03 13.76 -24.63
CA GLY C 379 54.40 13.55 -25.05
C GLY C 379 55.37 13.54 -23.88
N ASP C 380 56.56 12.98 -24.08
CA ASP C 380 57.55 12.88 -23.02
C ASP C 380 58.18 14.23 -22.65
N ASP C 381 58.16 15.21 -23.55
CA ASP C 381 58.72 16.53 -23.27
C ASP C 381 57.60 17.52 -22.97
N VAL C 382 56.64 17.12 -22.13
CA VAL C 382 55.51 17.97 -21.78
C VAL C 382 55.91 19.07 -20.76
N LYS C 383 55.13 20.15 -20.72
CA LYS C 383 55.38 21.27 -19.82
C LYS C 383 54.35 21.31 -18.66
N MET C 384 54.85 21.26 -17.41
CA MET C 384 53.98 21.29 -16.24
C MET C 384 53.79 22.73 -15.72
N LEU C 385 52.57 23.06 -15.24
CA LEU C 385 52.26 24.39 -14.72
C LEU C 385 52.99 24.72 -13.41
N ASP C 386 53.33 23.69 -12.62
CA ASP C 386 54.07 23.79 -11.36
C ASP C 386 53.28 24.52 -10.24
N GLU C 387 53.21 25.87 -10.24
CA GLU C 387 52.52 26.60 -9.17
C GLU C 387 50.99 26.55 -9.31
N GLY C 388 50.30 26.86 -8.22
CA GLY C 388 48.84 26.87 -8.18
C GLY C 388 48.20 28.12 -8.73
N ASN C 389 48.95 28.92 -9.53
CA ASN C 389 48.43 30.13 -10.13
C ASN C 389 47.38 29.79 -11.18
N ALA C 390 46.14 30.21 -10.95
CA ALA C 390 45.06 29.93 -11.87
C ALA C 390 45.14 30.74 -13.16
N ARG C 391 45.89 31.86 -13.18
CA ARG C 391 46.06 32.64 -14.41
C ARG C 391 46.89 31.89 -15.46
N VAL C 392 47.76 30.96 -15.01
CA VAL C 392 48.57 30.11 -15.87
C VAL C 392 47.65 29.10 -16.58
N LEU C 393 46.67 28.56 -15.84
CA LEU C 393 45.67 27.63 -16.35
C LEU C 393 44.77 28.34 -17.37
N LEU C 394 44.40 29.60 -17.10
CA LEU C 394 43.57 30.40 -18.01
C LEU C 394 44.36 30.71 -19.30
N LYS C 395 45.65 31.00 -19.17
CA LYS C 395 46.52 31.26 -20.31
C LYS C 395 46.64 30.01 -21.19
N THR C 396 46.70 28.83 -20.56
CA THR C 396 46.80 27.54 -21.24
C THR C 396 45.56 27.28 -22.10
N VAL C 397 44.37 27.70 -21.62
CA VAL C 397 43.12 27.57 -22.35
C VAL C 397 43.21 28.35 -23.68
N ASP C 398 43.65 29.61 -23.61
CA ASP C 398 43.78 30.47 -24.78
C ASP C 398 44.92 30.03 -25.71
N GLU C 399 45.98 29.44 -25.14
CA GLU C 399 47.14 28.97 -25.88
C GLU C 399 46.74 27.82 -26.81
N TYR C 400 45.99 26.85 -26.29
CA TYR C 400 45.58 25.69 -27.09
C TYR C 400 44.23 25.87 -27.80
N GLN C 401 43.62 27.08 -27.73
CA GLN C 401 42.31 27.38 -28.34
C GLN C 401 41.24 26.43 -27.80
N ALA C 402 41.27 26.19 -26.48
CA ALA C 402 40.34 25.29 -25.81
C ALA C 402 38.92 25.82 -25.82
N ASP C 403 37.96 24.93 -26.06
CA ASP C 403 36.54 25.29 -26.07
C ASP C 403 35.86 25.09 -24.72
N ILE C 404 36.40 24.17 -23.90
CA ILE C 404 35.86 23.88 -22.57
C ILE C 404 36.98 23.37 -21.64
N LEU C 405 36.93 23.78 -20.36
CA LEU C 405 37.89 23.33 -19.36
C LEU C 405 37.23 22.24 -18.52
N ILE C 406 37.81 21.04 -18.48
CA ILE C 406 37.29 19.97 -17.65
C ILE C 406 38.26 19.72 -16.50
N ALA C 407 37.85 20.11 -15.29
CA ALA C 407 38.67 20.01 -14.09
C ALA C 407 37.76 19.89 -12.81
N GLY C 408 38.35 19.80 -11.60
CA GLY C 408 37.58 19.72 -10.36
C GLY C 408 36.87 21.02 -10.05
N GLY C 409 35.83 20.93 -9.25
CA GLY C 409 34.99 22.05 -8.83
C GLY C 409 35.69 23.28 -8.27
N ARG C 410 36.94 23.12 -7.82
CA ARG C 410 37.73 24.24 -7.28
C ARG C 410 38.05 25.27 -8.36
N ASN C 411 38.35 24.78 -9.57
CA ASN C 411 38.70 25.60 -10.73
C ASN C 411 37.50 26.06 -11.55
N MET C 412 36.27 25.96 -10.99
CA MET C 412 35.05 26.33 -11.68
C MET C 412 34.98 27.83 -11.93
N TYR C 413 35.26 28.63 -10.89
CA TYR C 413 35.17 30.08 -11.03
C TYR C 413 36.33 30.68 -11.82
N THR C 414 37.45 29.95 -11.96
CA THR C 414 38.54 30.40 -12.79
C THR C 414 38.07 30.37 -14.26
N ALA C 415 37.41 29.27 -14.66
CA ALA C 415 36.88 29.15 -16.00
C ALA C 415 35.62 30.02 -16.19
N LEU C 416 34.65 30.00 -15.24
CA LEU C 416 33.43 30.81 -15.36
C LEU C 416 33.74 32.30 -15.43
N LYS C 417 34.59 32.80 -14.50
CA LYS C 417 34.94 34.23 -14.50
C LYS C 417 35.85 34.62 -15.67
N GLY C 418 36.63 33.66 -16.17
CA GLY C 418 37.46 33.87 -17.35
C GLY C 418 36.69 33.75 -18.66
N ARG C 419 35.34 33.65 -18.59
CA ARG C 419 34.37 33.55 -19.69
C ARG C 419 34.58 32.30 -20.54
N VAL C 420 34.96 31.20 -19.88
CA VAL C 420 35.26 29.91 -20.52
C VAL C 420 34.32 28.78 -20.06
N PRO C 421 33.70 28.02 -21.00
CA PRO C 421 32.86 26.88 -20.60
C PRO C 421 33.58 25.86 -19.72
N PHE C 422 32.89 25.31 -18.73
CA PHE C 422 33.49 24.38 -17.79
C PHE C 422 32.60 23.16 -17.50
N LEU C 423 33.20 21.99 -17.26
CA LEU C 423 32.47 20.82 -16.87
C LEU C 423 33.06 20.23 -15.59
N ASP C 424 32.23 20.11 -14.56
CA ASP C 424 32.68 19.58 -13.29
C ASP C 424 32.79 18.07 -13.31
N ILE C 425 33.89 17.54 -12.78
CA ILE C 425 34.12 16.10 -12.68
C ILE C 425 34.63 15.75 -11.28
N ASN C 426 34.14 16.44 -10.24
CA ASN C 426 34.59 16.19 -8.88
C ASN C 426 33.51 15.47 -8.02
N GLN C 427 33.87 15.11 -6.77
CA GLN C 427 33.02 14.44 -5.80
C GLN C 427 31.95 15.36 -5.17
N GLU C 428 31.34 16.21 -5.99
CA GLU C 428 30.33 17.20 -5.58
C GLU C 428 29.29 17.49 -6.70
N ARG C 429 29.51 16.97 -7.93
CA ARG C 429 28.59 17.13 -9.05
C ARG C 429 27.26 16.41 -8.84
N GLU C 430 26.22 16.82 -9.60
CA GLU C 430 24.89 16.22 -9.49
C GLU C 430 24.49 15.36 -10.71
N PHE C 431 25.45 15.04 -11.58
CA PHE C 431 25.16 14.23 -12.77
C PHE C 431 26.05 13.02 -12.87
N GLY C 432 25.43 11.88 -13.19
CA GLY C 432 26.11 10.60 -13.30
C GLY C 432 26.70 10.32 -14.66
N TYR C 433 27.99 9.96 -14.71
CA TYR C 433 28.66 9.69 -15.99
C TYR C 433 29.18 8.25 -16.13
N ALA C 434 28.90 7.37 -15.16
CA ALA C 434 29.40 6.01 -15.19
C ALA C 434 28.58 5.07 -16.09
N GLY C 435 29.26 4.04 -16.60
CA GLY C 435 28.69 3.03 -17.46
C GLY C 435 28.32 3.54 -18.83
N TYR C 436 27.55 2.73 -19.56
CA TYR C 436 27.09 3.08 -20.88
C TYR C 436 26.02 4.17 -20.80
N ASP C 437 25.11 4.07 -19.84
CA ASP C 437 24.07 5.08 -19.66
C ASP C 437 24.60 6.45 -19.27
N GLY C 438 25.69 6.47 -18.52
CA GLY C 438 26.32 7.71 -18.11
C GLY C 438 26.88 8.53 -19.24
N MET C 439 27.33 7.85 -20.32
CA MET C 439 27.88 8.49 -21.54
C MET C 439 26.85 9.46 -22.14
N LEU C 440 25.56 9.09 -22.07
CA LEU C 440 24.48 9.92 -22.58
C LEU C 440 24.36 11.20 -21.76
N GLU C 441 24.47 11.10 -20.43
CA GLU C 441 24.38 12.27 -19.56
C GLU C 441 25.60 13.18 -19.76
N LEU C 442 26.79 12.60 -20.00
CA LEU C 442 27.99 13.37 -20.20
C LEU C 442 27.88 14.24 -21.44
N VAL C 443 27.42 13.69 -22.58
CA VAL C 443 27.29 14.48 -23.80
C VAL C 443 26.20 15.54 -23.65
N ARG C 444 25.14 15.24 -22.89
CA ARG C 444 24.09 16.22 -22.64
C ARG C 444 24.67 17.42 -21.84
N GLN C 445 25.44 17.13 -20.76
CA GLN C 445 26.07 18.19 -19.97
C GLN C 445 27.10 18.98 -20.76
N LEU C 446 27.87 18.31 -21.66
CA LEU C 446 28.87 19.00 -22.47
C LEU C 446 28.20 19.98 -23.42
N CYS C 447 27.11 19.55 -24.07
CA CYS C 447 26.35 20.39 -25.00
C CYS C 447 25.65 21.52 -24.26
N ILE C 448 25.15 21.26 -23.04
CA ILE C 448 24.47 22.26 -22.21
C ILE C 448 25.34 23.51 -22.03
N THR C 449 26.61 23.32 -21.63
CA THR C 449 27.49 24.46 -21.40
C THR C 449 28.14 24.98 -22.70
N LEU C 450 28.46 24.09 -23.66
CA LEU C 450 29.10 24.52 -24.92
C LEU C 450 28.16 25.30 -25.86
N GLU C 451 26.95 24.78 -26.08
CA GLU C 451 25.99 25.45 -26.97
C GLU C 451 25.22 26.57 -26.28
N CYS C 452 25.71 27.08 -25.13
CA CYS C 452 25.00 28.11 -24.39
C CYS C 452 25.22 29.52 -24.90
N PRO C 453 24.13 30.27 -25.11
CA PRO C 453 24.27 31.66 -25.54
C PRO C 453 24.83 32.59 -24.47
N VAL C 454 24.92 32.13 -23.21
CA VAL C 454 25.44 32.95 -22.11
C VAL C 454 26.89 33.43 -22.34
N TRP C 455 27.69 32.66 -23.09
CA TRP C 455 29.09 32.98 -23.32
C TRP C 455 29.29 34.22 -24.19
N GLU C 456 28.52 34.37 -25.28
CA GLU C 456 28.61 35.58 -26.11
C GLU C 456 28.14 36.82 -25.32
N ALA C 457 27.15 36.65 -24.42
CA ALA C 457 26.62 37.74 -23.60
C ALA C 457 27.63 38.24 -22.58
N VAL C 458 28.43 37.35 -21.99
CA VAL C 458 29.42 37.79 -21.00
C VAL C 458 30.74 38.27 -21.64
N ARG C 459 30.98 37.96 -22.93
CA ARG C 459 32.18 38.43 -23.62
C ARG C 459 31.93 39.79 -24.26
N ARG C 460 30.70 40.02 -24.77
CA ARG C 460 30.31 41.28 -25.39
C ARG C 460 30.35 42.38 -24.33
N PRO C 461 30.96 43.52 -24.66
CA PRO C 461 31.02 44.62 -23.68
C PRO C 461 29.69 45.35 -23.52
N ALA C 462 29.60 46.25 -22.52
CA ALA C 462 28.40 47.06 -22.30
C ALA C 462 28.20 48.01 -23.50
N PRO C 463 26.95 48.37 -23.85
CA PRO C 463 26.76 49.25 -25.03
C PRO C 463 27.37 50.64 -24.91
N TRP C 464 27.67 51.08 -23.69
CA TRP C 464 28.34 52.37 -23.46
C TRP C 464 29.86 52.25 -23.56
N ASP C 465 30.42 51.05 -23.38
CA ASP C 465 31.86 50.83 -23.49
C ASP C 465 32.22 50.35 -24.91
N ILE C 466 31.52 50.86 -25.94
CA ILE C 466 31.80 50.50 -27.33
C ILE C 466 32.33 51.72 -28.10
N PRO C 467 33.59 51.64 -28.57
CA PRO C 467 34.20 52.76 -29.29
C PRO C 467 33.51 53.21 -30.60
N ALA C 468 33.90 54.42 -31.07
CA ALA C 468 33.35 55.06 -32.26
C ALA C 468 34.39 55.10 -33.38
N ALA D 2 16.57 37.21 28.24
CA ALA D 2 16.51 35.76 28.10
C ALA D 2 17.50 35.05 28.99
N GLU D 3 17.10 33.87 29.50
CA GLU D 3 17.89 32.99 30.36
C GLU D 3 18.55 31.91 29.48
N ILE D 4 19.87 31.95 29.35
CA ILE D 4 20.59 31.05 28.46
C ILE D 4 20.73 29.58 28.94
N ILE D 5 20.33 28.62 28.09
CA ILE D 5 20.49 27.20 28.36
C ILE D 5 21.78 26.77 27.67
N ASN D 6 22.90 26.83 28.40
CA ASN D 6 24.25 26.54 27.91
C ASN D 6 24.48 25.11 27.47
N ARG D 7 25.43 24.93 26.53
CA ARG D 7 25.81 23.63 25.97
C ARG D 7 26.21 22.67 27.07
N ASN D 8 25.63 21.47 27.05
CA ASN D 8 25.89 20.50 28.11
C ASN D 8 26.26 19.11 27.60
N LYS D 9 25.73 18.71 26.41
CA LYS D 9 25.97 17.40 25.80
C LYS D 9 27.32 17.26 25.08
N ALA D 10 27.91 16.07 25.17
CA ALA D 10 29.23 15.77 24.63
C ALA D 10 29.32 15.80 23.12
N LEU D 11 28.24 15.44 22.44
CA LEU D 11 28.25 15.33 21.00
C LEU D 11 27.38 16.38 20.32
N ALA D 12 28.00 17.22 19.46
CA ALA D 12 27.25 18.20 18.70
C ALA D 12 26.75 17.45 17.48
N VAL D 13 25.44 17.29 17.38
CA VAL D 13 24.80 16.55 16.31
C VAL D 13 24.12 17.54 15.38
N SER D 14 24.50 17.52 14.10
CA SER D 14 24.04 18.44 13.05
C SER D 14 24.45 19.86 13.48
N PRO D 15 25.77 20.16 13.49
CA PRO D 15 26.24 21.46 14.02
C PRO D 15 25.65 22.73 13.42
N LEU D 16 25.23 23.62 14.30
CA LEU D 16 24.71 24.92 13.89
C LEU D 16 25.91 25.81 13.64
N LYS D 17 26.86 25.85 14.60
CA LYS D 17 28.08 26.66 14.64
C LYS D 17 29.07 26.40 13.51
N ALA D 18 29.64 27.48 13.05
CA ALA D 18 30.70 27.58 12.07
C ALA D 18 31.87 28.30 12.80
N SER D 19 33.12 28.06 12.37
CA SER D 19 34.28 28.59 13.08
C SER D 19 34.43 30.10 13.08
N GLN D 20 35.05 30.58 14.17
CA GLN D 20 35.42 31.95 14.44
C GLN D 20 36.34 32.47 13.33
N THR D 21 37.25 31.58 12.87
CA THR D 21 38.22 31.86 11.82
C THR D 21 37.52 32.22 10.52
N MET D 22 36.42 31.50 10.18
CA MET D 22 35.66 31.77 8.96
C MET D 22 35.02 33.12 9.00
N GLY D 23 34.36 33.47 10.10
CA GLY D 23 33.72 34.77 10.25
C GLY D 23 34.71 35.91 10.09
N ALA D 24 35.92 35.77 10.70
CA ALA D 24 37.00 36.75 10.62
C ALA D 24 37.47 36.88 9.18
N ALA D 25 37.56 35.75 8.44
CA ALA D 25 37.92 35.75 7.03
C ALA D 25 36.86 36.50 6.24
N LEU D 26 35.57 36.36 6.58
CA LEU D 26 34.50 37.07 5.91
C LEU D 26 34.66 38.59 6.05
N ALA D 27 35.08 39.05 7.24
CA ALA D 27 35.29 40.47 7.47
C ALA D 27 36.47 40.97 6.64
N ILE D 28 37.57 40.19 6.56
CA ILE D 28 38.74 40.51 5.74
C ILE D 28 38.34 40.57 4.25
N LEU D 29 37.41 39.68 3.83
CA LEU D 29 36.83 39.61 2.48
C LEU D 29 36.02 40.88 2.09
N GLY D 30 35.59 41.64 3.09
CA GLY D 30 34.89 42.91 2.90
C GLY D 30 35.84 44.10 2.73
N LEU D 31 37.11 43.83 2.37
CA LEU D 31 38.14 44.84 2.11
C LEU D 31 38.64 44.64 0.67
N ALA D 32 38.79 45.73 -0.09
CA ALA D 32 39.22 45.65 -1.48
C ALA D 32 40.66 45.14 -1.64
N ARG D 33 40.89 44.26 -2.64
CA ARG D 33 42.18 43.65 -2.93
C ARG D 33 42.83 43.04 -1.68
N SER D 34 42.07 42.21 -0.95
CA SER D 34 42.56 41.61 0.29
C SER D 34 42.74 40.09 0.19
N MET D 35 43.63 39.55 1.00
CA MET D 35 43.88 38.12 1.04
C MET D 35 43.87 37.63 2.48
N PRO D 36 42.84 36.86 2.88
CA PRO D 36 42.83 36.30 4.24
C PRO D 36 43.80 35.12 4.32
N LEU D 37 44.54 35.05 5.43
CA LEU D 37 45.56 34.04 5.64
C LEU D 37 45.36 33.32 6.96
N PHE D 38 45.07 32.02 6.89
CA PHE D 38 44.88 31.22 8.10
C PHE D 38 46.24 30.68 8.51
N HIS D 39 46.58 30.80 9.78
CA HIS D 39 47.81 30.25 10.29
C HIS D 39 47.43 28.89 10.83
N GLY D 40 47.65 27.86 10.04
CA GLY D 40 47.31 26.51 10.45
C GLY D 40 47.53 25.49 9.35
N SER D 41 46.92 24.31 9.44
CA SER D 41 47.07 23.32 8.39
C SER D 41 46.22 23.70 7.14
N GLN D 42 46.60 23.15 5.96
CA GLN D 42 45.93 23.38 4.67
C GLN D 42 44.43 23.07 4.63
N GLY D 43 43.97 22.13 5.46
CA GLY D 43 42.57 21.71 5.50
C GLY D 43 41.57 22.73 6.00
N CYS D 44 41.94 23.57 6.97
CA CYS D 44 41.06 24.60 7.51
C CYS D 44 40.66 25.58 6.42
N THR D 45 41.66 26.01 5.62
CA THR D 45 41.47 26.94 4.53
C THR D 45 40.64 26.31 3.43
N ALA D 46 40.90 25.04 3.11
CA ALA D 46 40.21 24.33 2.06
C ALA D 46 38.72 24.24 2.37
N PHE D 47 38.37 23.92 3.64
CA PHE D 47 36.98 23.83 4.07
C PHE D 47 36.30 25.19 4.09
N ALA D 48 37.03 26.23 4.49
CA ALA D 48 36.50 27.58 4.52
C ALA D 48 36.22 28.06 3.09
N LYS D 49 37.11 27.73 2.13
CA LYS D 49 36.97 28.09 0.74
C LYS D 49 35.76 27.42 0.14
N VAL D 50 35.54 26.13 0.45
CA VAL D 50 34.36 25.43 -0.05
C VAL D 50 33.10 26.06 0.53
N PHE D 51 33.12 26.38 1.84
CA PHE D 51 32.00 27.00 2.54
C PHE D 51 31.54 28.32 1.89
N PHE D 52 32.49 29.21 1.59
CA PHE D 52 32.19 30.50 1.00
C PHE D 52 31.87 30.38 -0.48
N VAL D 53 32.60 29.55 -1.22
CA VAL D 53 32.37 29.36 -2.65
C VAL D 53 30.97 28.79 -2.89
N ARG D 54 30.51 27.89 -2.03
CA ARG D 54 29.17 27.32 -2.19
C ARG D 54 28.06 28.29 -1.78
N HIS D 55 28.35 29.22 -0.87
CA HIS D 55 27.36 30.18 -0.43
C HIS D 55 27.24 31.35 -1.41
N PHE D 56 28.35 32.02 -1.72
CA PHE D 56 28.33 33.17 -2.60
C PHE D 56 28.30 32.81 -4.08
N ARG D 57 28.80 31.60 -4.45
CA ARG D 57 28.90 31.16 -5.84
C ARG D 57 29.79 32.11 -6.64
N GLU D 58 30.95 32.44 -6.05
CA GLU D 58 31.99 33.35 -6.53
C GLU D 58 33.38 32.81 -6.12
N PRO D 59 34.48 33.18 -6.81
CA PRO D 59 35.81 32.73 -6.35
C PRO D 59 36.15 33.40 -5.02
N VAL D 60 36.78 32.68 -4.09
CA VAL D 60 37.12 33.27 -2.80
C VAL D 60 38.63 33.23 -2.47
N PRO D 61 39.27 34.41 -2.32
CA PRO D 61 40.70 34.44 -1.95
C PRO D 61 40.87 33.94 -0.53
N LEU D 62 41.77 32.97 -0.32
CA LEU D 62 41.96 32.37 0.99
C LEU D 62 43.22 31.56 0.96
N GLN D 63 44.18 31.90 1.82
CA GLN D 63 45.44 31.19 1.85
C GLN D 63 45.74 30.50 3.18
N THR D 64 46.80 29.67 3.20
CA THR D 64 47.19 28.96 4.41
C THR D 64 48.71 28.99 4.61
N THR D 65 49.16 28.96 5.88
CA THR D 65 50.59 28.92 6.16
C THR D 65 51.21 27.52 5.97
N ALA D 66 50.38 26.49 5.70
CA ALA D 66 50.73 25.09 5.46
C ALA D 66 51.49 24.40 6.61
N MET D 67 50.84 24.29 7.77
CA MET D 67 51.44 23.68 8.95
C MET D 67 51.42 22.18 8.84
N ASP D 68 52.59 21.55 8.81
CA ASP D 68 52.69 20.10 8.74
C ASP D 68 53.03 19.48 10.12
N GLN D 69 53.23 18.16 10.20
CA GLN D 69 53.57 17.45 11.43
C GLN D 69 54.81 18.03 12.14
N VAL D 70 55.86 18.36 11.37
CA VAL D 70 57.10 18.92 11.89
C VAL D 70 56.94 20.34 12.43
N SER D 71 56.33 21.24 11.63
CA SER D 71 56.13 22.62 12.06
C SER D 71 55.06 22.79 13.14
N SER D 72 54.22 21.76 13.37
CA SER D 72 53.22 21.86 14.44
C SER D 72 53.81 21.61 15.82
N VAL D 73 54.87 20.79 15.91
CA VAL D 73 55.51 20.48 17.20
C VAL D 73 56.71 21.36 17.43
N MET D 74 57.58 21.47 16.42
CA MET D 74 58.80 22.27 16.51
C MET D 74 58.56 23.78 16.45
N GLY D 75 57.44 24.20 15.89
CA GLY D 75 57.13 25.61 15.77
C GLY D 75 56.83 26.01 14.35
N ALA D 76 55.88 26.95 14.17
CA ALA D 76 55.49 27.38 12.83
C ALA D 76 55.54 28.91 12.58
N ASP D 77 56.43 29.65 13.26
CA ASP D 77 56.54 31.09 13.01
C ASP D 77 57.16 31.39 11.64
N GLU D 78 58.08 30.51 11.18
CA GLU D 78 58.72 30.64 9.86
C GLU D 78 57.72 30.50 8.72
N ASN D 79 56.70 29.64 8.90
CA ASN D 79 55.66 29.44 7.89
C ASN D 79 54.87 30.73 7.69
N VAL D 80 54.63 31.49 8.77
CA VAL D 80 53.92 32.77 8.74
C VAL D 80 54.72 33.79 7.91
N VAL D 81 56.03 33.87 8.15
CA VAL D 81 56.90 34.79 7.44
C VAL D 81 57.00 34.41 5.96
N GLU D 82 57.10 33.11 5.67
CA GLU D 82 57.20 32.64 4.30
C GLU D 82 55.92 32.85 3.50
N ALA D 83 54.76 32.78 4.17
CA ALA D 83 53.46 32.98 3.53
C ALA D 83 53.22 34.45 3.24
N LEU D 84 53.61 35.33 4.17
CA LEU D 84 53.42 36.77 3.98
C LEU D 84 54.25 37.26 2.81
N LYS D 85 55.50 36.80 2.70
CA LYS D 85 56.41 37.16 1.63
C LYS D 85 55.87 36.67 0.28
N THR D 86 55.41 35.40 0.23
CA THR D 86 54.85 34.77 -0.97
C THR D 86 53.63 35.49 -1.53
N ILE D 87 52.70 35.89 -0.65
CA ILE D 87 51.50 36.60 -1.08
C ILE D 87 51.83 38.04 -1.50
N CYS D 88 52.78 38.68 -0.81
CA CYS D 88 53.17 40.05 -1.13
C CYS D 88 53.83 40.15 -2.50
N GLU D 89 54.57 39.11 -2.92
CA GLU D 89 55.25 39.15 -4.20
C GLU D 89 54.40 38.63 -5.36
N ARG D 90 53.59 37.59 -5.12
CA ARG D 90 52.78 37.02 -6.18
C ARG D 90 51.51 37.80 -6.50
N GLN D 91 50.82 38.33 -5.48
CA GLN D 91 49.58 39.05 -5.73
C GLN D 91 49.60 40.52 -5.35
N ASN D 92 50.65 40.99 -4.64
CA ASN D 92 50.80 42.40 -4.23
C ASN D 92 49.52 42.98 -3.62
N PRO D 93 49.18 42.56 -2.39
CA PRO D 93 47.88 42.97 -1.83
C PRO D 93 47.79 44.38 -1.26
N SER D 94 46.54 44.86 -1.15
CA SER D 94 46.23 46.14 -0.52
C SER D 94 46.17 45.96 1.01
N VAL D 95 45.86 44.74 1.49
CA VAL D 95 45.78 44.39 2.91
C VAL D 95 45.74 42.86 3.05
N ILE D 96 46.37 42.32 4.09
CA ILE D 96 46.35 40.88 4.35
C ILE D 96 45.78 40.66 5.75
N GLY D 97 44.93 39.65 5.90
CA GLY D 97 44.38 39.31 7.20
C GLY D 97 45.08 38.11 7.79
N LEU D 98 45.78 38.28 8.91
CA LEU D 98 46.50 37.18 9.54
C LEU D 98 45.69 36.64 10.70
N LEU D 99 44.96 35.54 10.43
CA LEU D 99 44.03 34.90 11.37
C LEU D 99 44.59 33.58 11.88
N THR D 100 44.40 33.27 13.15
CA THR D 100 44.91 32.03 13.72
C THR D 100 43.87 30.95 13.88
N THR D 101 44.31 29.69 13.82
CA THR D 101 43.41 28.56 13.95
C THR D 101 43.55 27.95 15.37
N GLY D 102 42.85 26.85 15.63
CA GLY D 102 42.94 26.15 16.90
C GLY D 102 44.30 25.51 17.06
N LEU D 103 44.90 25.03 15.96
CA LEU D 103 46.20 24.38 15.90
C LEU D 103 47.33 25.35 16.24
N SER D 104 47.25 26.59 15.74
CA SER D 104 48.29 27.57 16.00
C SER D 104 48.21 28.10 17.43
N GLU D 105 46.99 28.25 17.97
CA GLU D 105 46.81 28.73 19.34
C GLU D 105 47.22 27.66 20.36
N THR D 106 46.97 26.38 20.06
CA THR D 106 47.34 25.27 20.94
C THR D 106 48.86 25.16 21.04
N GLN D 107 49.55 25.36 19.91
CA GLN D 107 51.01 25.32 19.88
C GLN D 107 51.63 26.49 20.66
N GLY D 108 51.00 27.67 20.59
CA GLY D 108 51.46 28.86 21.28
C GLY D 108 52.11 29.89 20.38
N CYS D 109 51.56 30.06 19.17
CA CYS D 109 52.13 31.02 18.23
C CYS D 109 51.73 32.46 18.53
N ASP D 110 52.66 33.30 19.00
CA ASP D 110 52.36 34.69 19.27
C ASP D 110 52.40 35.45 17.94
N LEU D 111 51.24 35.98 17.52
CA LEU D 111 51.05 36.72 16.27
C LEU D 111 52.00 37.91 16.15
N HIS D 112 52.14 38.67 17.24
CA HIS D 112 52.93 39.88 17.25
C HIS D 112 54.46 39.64 17.26
N THR D 113 54.89 38.36 17.30
CA THR D 113 56.30 38.02 17.22
C THR D 113 56.60 37.63 15.77
N ALA D 114 55.77 36.72 15.20
CA ALA D 114 55.89 36.23 13.83
C ALA D 114 55.70 37.34 12.80
N LEU D 115 54.82 38.31 13.08
CA LEU D 115 54.59 39.44 12.18
C LEU D 115 55.78 40.39 12.22
N HIS D 116 56.31 40.64 13.42
CA HIS D 116 57.47 41.50 13.64
C HIS D 116 58.68 41.00 12.82
N GLU D 117 58.95 39.69 12.86
CA GLU D 117 60.04 39.05 12.14
C GLU D 117 59.94 39.24 10.63
N PHE D 118 58.71 39.21 10.08
CA PHE D 118 58.47 39.45 8.67
C PHE D 118 58.74 40.92 8.34
N ARG D 119 58.28 41.82 9.20
CA ARG D 119 58.49 43.25 9.03
C ARG D 119 60.01 43.60 9.06
N THR D 120 60.83 42.86 9.84
CA THR D 120 62.26 43.13 9.91
C THR D 120 63.08 42.40 8.82
N GLN D 121 62.51 41.38 8.17
CA GLN D 121 63.22 40.64 7.12
C GLN D 121 62.88 41.15 5.72
N TYR D 122 61.61 41.49 5.49
CA TYR D 122 61.17 41.92 4.19
C TYR D 122 60.62 43.33 4.20
N GLU D 123 61.50 44.30 4.42
CA GLU D 123 61.18 45.73 4.47
C GLU D 123 60.59 46.27 3.17
N GLU D 124 60.78 45.56 2.05
CA GLU D 124 60.20 45.97 0.77
C GLU D 124 58.66 45.90 0.76
N TYR D 125 58.05 45.23 1.77
CA TYR D 125 56.60 45.12 1.87
C TYR D 125 56.08 45.85 3.11
N LYS D 126 56.77 46.91 3.57
CA LYS D 126 56.39 47.68 4.75
C LYS D 126 55.04 48.35 4.60
N ASP D 127 54.68 48.78 3.39
CA ASP D 127 53.43 49.49 3.14
C ASP D 127 52.22 48.61 2.91
N VAL D 128 52.36 47.30 3.08
CA VAL D 128 51.25 46.37 2.91
C VAL D 128 50.76 46.07 4.31
N PRO D 129 49.62 46.64 4.70
CA PRO D 129 49.15 46.45 6.08
C PRO D 129 48.65 45.03 6.38
N ILE D 130 49.07 44.46 7.51
CA ILE D 130 48.65 43.12 7.91
C ILE D 130 47.79 43.20 9.15
N VAL D 131 46.52 42.81 9.05
CA VAL D 131 45.62 42.86 10.18
C VAL D 131 45.71 41.59 11.01
N PRO D 132 46.28 41.64 12.21
CA PRO D 132 46.38 40.41 13.02
C PRO D 132 45.15 40.17 13.91
N VAL D 133 44.58 38.94 13.87
CA VAL D 133 43.43 38.64 14.71
C VAL D 133 43.52 37.23 15.33
N ASN D 134 43.33 37.14 16.66
CA ASN D 134 43.40 35.87 17.37
C ASN D 134 42.06 35.18 17.31
N THR D 135 41.92 34.26 16.38
CA THR D 135 40.66 33.60 16.15
C THR D 135 40.70 32.05 16.24
N PRO D 136 41.01 31.44 17.41
CA PRO D 136 41.03 29.97 17.47
C PRO D 136 39.64 29.37 17.35
N ASP D 137 39.53 28.23 16.65
CA ASP D 137 38.27 27.51 16.37
C ASP D 137 37.52 27.00 17.59
N PHE D 138 38.22 26.74 18.70
CA PHE D 138 37.57 26.26 19.91
C PHE D 138 36.85 27.35 20.71
N SER D 139 36.97 28.63 20.32
CA SER D 139 36.33 29.72 21.04
C SER D 139 35.42 30.55 20.16
N GLY D 140 34.36 31.09 20.77
CA GLY D 140 33.39 31.89 20.06
C GLY D 140 32.72 31.20 18.88
N CYS D 141 32.34 32.00 17.91
CA CYS D 141 31.65 31.50 16.72
C CYS D 141 31.97 32.38 15.53
N PHE D 142 31.30 32.13 14.40
CA PHE D 142 31.41 32.85 13.14
C PHE D 142 31.03 34.32 13.31
N GLU D 143 29.98 34.61 14.08
CA GLU D 143 29.53 35.98 14.25
C GLU D 143 30.48 36.78 15.10
N SER D 144 30.84 36.26 16.28
CA SER D 144 31.80 36.93 17.17
C SER D 144 33.19 37.04 16.53
N GLY D 145 33.54 36.04 15.71
CA GLY D 145 34.81 36.04 15.00
C GLY D 145 34.90 37.15 13.97
N PHE D 146 33.76 37.39 13.29
CA PHE D 146 33.64 38.47 12.31
C PHE D 146 33.82 39.81 13.02
N ALA D 147 33.12 39.95 14.17
CA ALA D 147 33.14 41.12 15.05
C ALA D 147 34.56 41.40 15.56
N ALA D 148 35.36 40.33 15.85
CA ALA D 148 36.75 40.43 16.27
C ALA D 148 37.61 40.99 15.15
N ALA D 149 37.37 40.53 13.90
CA ALA D 149 38.13 41.03 12.76
C ALA D 149 37.85 42.52 12.44
N VAL D 150 36.61 43.00 12.65
CA VAL D 150 36.33 44.43 12.43
C VAL D 150 37.05 45.26 13.51
N LYS D 151 37.18 44.73 14.74
CA LYS D 151 37.90 45.40 15.82
C LYS D 151 39.38 45.51 15.47
N ALA D 152 39.98 44.41 15.02
CA ALA D 152 41.38 44.40 14.59
C ALA D 152 41.59 45.32 13.36
N ILE D 153 40.63 45.31 12.43
CA ILE D 153 40.69 46.14 11.22
C ILE D 153 40.68 47.62 11.62
N VAL D 154 39.79 47.98 12.55
CA VAL D 154 39.67 49.34 13.08
C VAL D 154 40.96 49.76 13.80
N GLU D 155 41.55 48.86 14.56
CA GLU D 155 42.80 49.15 15.28
C GLU D 155 44.05 49.18 14.39
N THR D 156 43.98 48.60 13.18
CA THR D 156 45.13 48.52 12.30
C THR D 156 45.11 49.55 11.18
N LEU D 157 43.95 49.83 10.60
CA LEU D 157 43.87 50.73 9.45
C LEU D 157 43.26 52.11 9.73
N VAL D 158 42.87 52.39 10.97
CA VAL D 158 42.32 53.69 11.32
C VAL D 158 43.33 54.42 12.22
N PRO D 159 43.68 55.69 11.91
CA PRO D 159 44.69 56.39 12.74
C PRO D 159 44.16 56.81 14.11
N GLU D 160 45.05 56.87 15.13
CA GLU D 160 44.64 57.21 16.48
C GLU D 160 44.66 58.72 16.73
N ARG D 161 43.56 59.38 16.39
CA ARG D 161 43.37 60.83 16.52
C ARG D 161 42.08 61.14 17.31
N ARG D 162 41.69 62.42 17.40
CA ARG D 162 40.44 62.84 18.04
C ARG D 162 39.96 64.21 17.54
N ASP D 163 40.89 65.02 17.06
CA ASP D 163 40.74 66.38 16.58
C ASP D 163 40.17 66.54 15.17
N GLN D 164 39.75 65.45 14.51
CA GLN D 164 39.27 65.57 13.14
C GLN D 164 37.77 65.30 12.96
N VAL D 165 37.03 64.96 14.04
CA VAL D 165 35.60 64.69 13.99
C VAL D 165 34.80 65.77 13.23
N GLY D 166 34.28 65.39 12.07
CA GLY D 166 33.52 66.29 11.23
C GLY D 166 34.24 66.81 10.00
N LYS D 167 35.54 66.49 9.80
CA LYS D 167 36.34 66.96 8.67
C LYS D 167 35.72 66.63 7.30
N ARG D 168 35.01 65.52 7.24
CA ARG D 168 34.24 65.07 6.11
C ARG D 168 32.83 65.27 6.61
N PRO D 169 32.23 66.43 6.34
CA PRO D 169 30.92 66.74 6.94
C PRO D 169 29.75 65.84 6.60
N ARG D 170 29.72 65.31 5.37
CA ARG D 170 28.61 64.47 5.01
C ARG D 170 28.87 62.96 5.23
N GLN D 171 30.09 62.57 5.65
CA GLN D 171 30.47 61.17 5.86
C GLN D 171 30.00 60.54 7.18
N VAL D 172 29.28 59.40 7.07
CA VAL D 172 28.80 58.66 8.24
C VAL D 172 29.27 57.18 8.26
N ASN D 173 30.11 56.83 9.24
CA ASN D 173 30.61 55.43 9.38
C ASN D 173 29.51 54.45 9.62
N VAL D 174 29.64 53.26 9.07
CA VAL D 174 28.67 52.21 9.32
C VAL D 174 29.41 50.95 9.65
N LEU D 175 29.25 50.46 10.88
CA LEU D 175 29.88 49.21 11.30
C LEU D 175 28.92 48.12 10.97
N CYS D 176 29.28 47.27 10.03
CA CYS D 176 28.38 46.21 9.54
C CYS D 176 28.71 44.88 10.17
N SER D 177 27.67 44.06 10.47
CA SER D 177 27.92 42.76 11.08
C SER D 177 27.88 41.60 10.05
N ALA D 178 28.24 40.39 10.48
CA ALA D 178 28.36 39.18 9.67
C ALA D 178 27.15 38.86 8.87
N ASN D 179 25.97 39.03 9.46
CA ASN D 179 24.73 38.64 8.80
C ASN D 179 24.11 39.69 7.88
N LEU D 180 24.80 40.79 7.63
CA LEU D 180 24.34 41.80 6.71
C LEU D 180 24.80 41.34 5.33
N THR D 181 23.85 40.88 4.51
CA THR D 181 24.14 40.38 3.17
C THR D 181 24.59 41.48 2.25
N PRO D 182 25.19 41.19 1.07
CA PRO D 182 25.47 42.26 0.11
C PRO D 182 24.21 43.04 -0.29
N GLY D 183 23.02 42.47 -0.08
CA GLY D 183 21.74 43.11 -0.34
C GLY D 183 21.37 44.08 0.77
N ASP D 184 21.61 43.69 2.04
CA ASP D 184 21.36 44.53 3.21
C ASP D 184 22.29 45.76 3.13
N LEU D 185 23.56 45.54 2.77
CA LEU D 185 24.57 46.61 2.66
C LEU D 185 24.20 47.63 1.60
N GLU D 186 23.55 47.18 0.51
CA GLU D 186 23.10 48.08 -0.54
C GLU D 186 21.96 48.94 -0.06
N TYR D 187 21.04 48.41 0.76
CA TYR D 187 19.99 49.22 1.34
C TYR D 187 20.60 50.23 2.31
N ILE D 188 21.57 49.83 3.14
CA ILE D 188 22.18 50.74 4.10
C ILE D 188 22.84 51.92 3.40
N ALA D 189 23.67 51.64 2.40
CA ALA D 189 24.37 52.67 1.64
C ALA D 189 23.41 53.57 0.90
N GLU D 190 22.41 53.01 0.20
CA GLU D 190 21.45 53.80 -0.55
C GLU D 190 20.55 54.65 0.33
N SER D 191 20.08 54.11 1.47
CA SER D 191 19.25 54.89 2.39
C SER D 191 20.04 56.07 2.94
N ILE D 192 21.31 55.84 3.29
CA ILE D 192 22.20 56.89 3.78
C ILE D 192 22.37 57.96 2.69
N GLU D 193 22.67 57.53 1.46
CA GLU D 193 22.83 58.41 0.30
C GLU D 193 21.62 59.22 -0.02
N SER D 194 20.42 58.69 0.26
CA SER D 194 19.17 59.41 0.00
C SER D 194 19.00 60.62 0.93
N PHE D 195 19.64 60.60 2.10
CA PHE D 195 19.65 61.74 3.04
C PHE D 195 20.76 62.78 2.72
N GLY D 196 21.35 62.68 1.53
CA GLY D 196 22.47 63.52 1.15
C GLY D 196 23.78 63.04 1.75
N LEU D 197 23.73 62.18 2.78
CA LEU D 197 24.94 61.69 3.45
C LEU D 197 25.81 60.79 2.57
N ARG D 198 27.05 60.59 3.01
CA ARG D 198 28.05 59.77 2.35
C ARG D 198 28.35 58.57 3.22
N PRO D 199 28.00 57.35 2.78
CA PRO D 199 28.27 56.18 3.62
C PRO D 199 29.68 55.64 3.55
N LEU D 200 30.16 55.18 4.68
CA LEU D 200 31.45 54.56 4.74
C LEU D 200 31.21 53.23 5.46
N LEU D 201 31.01 52.14 4.66
CA LEU D 201 30.73 50.79 5.15
C LEU D 201 31.97 49.99 5.63
N ILE D 202 32.00 49.65 6.92
CA ILE D 202 33.09 48.89 7.50
C ILE D 202 32.62 47.54 8.07
N PRO D 203 32.92 46.41 7.41
CA PRO D 203 33.52 46.29 6.07
C PRO D 203 32.46 46.37 4.95
N ASP D 204 32.85 46.16 3.69
CA ASP D 204 31.90 46.21 2.58
C ASP D 204 31.90 44.95 1.73
N LEU D 205 31.07 43.96 2.07
CA LEU D 205 30.94 42.76 1.27
C LEU D 205 30.13 42.98 -0.02
N SER D 206 29.36 44.07 -0.10
CA SER D 206 28.62 44.38 -1.32
C SER D 206 29.50 44.88 -2.48
N GLY D 207 30.81 45.01 -2.25
CA GLY D 207 31.76 45.41 -3.29
C GLY D 207 32.59 44.24 -3.79
N SER D 208 32.74 43.20 -2.96
CA SER D 208 33.55 42.03 -3.29
C SER D 208 32.69 40.81 -3.63
N LEU D 209 31.75 40.45 -2.75
CA LEU D 209 30.96 39.25 -2.94
C LEU D 209 29.51 39.52 -3.23
N ASP D 210 29.24 40.61 -3.95
CA ASP D 210 27.89 40.97 -4.37
C ASP D 210 27.34 40.09 -5.50
N GLY D 211 28.23 39.38 -6.19
CA GLY D 211 27.90 38.51 -7.29
C GLY D 211 27.96 39.24 -8.60
N HIS D 212 29.11 39.85 -8.91
CA HIS D 212 29.25 40.58 -10.16
C HIS D 212 30.40 40.05 -11.00
N LEU D 213 30.27 40.11 -12.32
CA LEU D 213 31.30 39.70 -13.24
C LEU D 213 32.28 40.87 -13.43
N ASP D 214 33.49 40.75 -12.90
CA ASP D 214 34.47 41.82 -13.01
C ASP D 214 34.98 41.99 -14.45
N GLU D 215 35.51 43.19 -14.74
CA GLU D 215 36.07 43.54 -16.05
C GLU D 215 37.23 42.61 -16.39
N ASN D 216 38.09 42.34 -15.40
CA ASN D 216 39.25 41.49 -15.56
C ASN D 216 38.81 40.04 -15.72
N ARG D 217 39.48 39.29 -16.61
CA ARG D 217 39.18 37.87 -16.78
C ARG D 217 39.60 37.07 -15.55
N PHE D 218 40.68 37.51 -14.87
CA PHE D 218 41.18 36.85 -13.69
C PHE D 218 41.54 37.81 -12.58
N ASN D 219 41.04 37.56 -11.38
CA ASN D 219 41.40 38.34 -10.20
C ASN D 219 41.83 37.35 -9.11
N ALA D 220 42.93 37.64 -8.44
CA ALA D 220 43.42 36.78 -7.37
C ALA D 220 42.94 37.27 -5.99
N LEU D 221 42.69 38.58 -5.84
CA LEU D 221 42.22 39.18 -4.61
C LEU D 221 40.74 39.61 -4.73
N THR D 222 40.16 40.21 -3.67
CA THR D 222 38.79 40.69 -3.70
C THR D 222 38.63 41.85 -4.71
N THR D 223 37.68 41.72 -5.65
CA THR D 223 37.44 42.74 -6.69
C THR D 223 36.93 44.09 -6.19
N GLY D 224 36.59 44.18 -4.91
CA GLY D 224 36.10 45.41 -4.33
C GLY D 224 35.87 45.31 -2.83
N GLY D 225 35.20 46.31 -2.31
CA GLY D 225 34.93 46.40 -0.87
C GLY D 225 35.50 47.67 -0.29
N LEU D 226 35.73 47.67 1.02
CA LEU D 226 36.23 48.83 1.70
C LEU D 226 37.73 48.99 1.46
N SER D 227 38.14 50.11 0.85
CA SER D 227 39.56 50.37 0.59
C SER D 227 40.26 50.84 1.87
N VAL D 228 41.54 50.51 2.03
CA VAL D 228 42.31 50.97 3.19
C VAL D 228 42.49 52.51 3.13
N ALA D 229 42.56 53.08 1.91
CA ALA D 229 42.68 54.51 1.72
C ALA D 229 41.46 55.23 2.28
N GLU D 230 40.25 54.69 2.03
CA GLU D 230 38.98 55.25 2.53
C GLU D 230 38.77 54.97 4.01
N LEU D 231 39.23 53.81 4.48
CA LEU D 231 39.08 53.43 5.88
C LEU D 231 39.89 54.34 6.80
N ALA D 232 41.02 54.89 6.30
CA ALA D 232 41.83 55.84 7.09
C ALA D 232 41.11 57.17 7.37
N THR D 233 40.00 57.45 6.64
CA THR D 233 39.23 58.70 6.81
C THR D 233 38.05 58.48 7.82
N ALA D 234 38.11 57.44 8.67
CA ALA D 234 37.03 57.15 9.62
C ALA D 234 36.91 58.16 10.78
N GLY D 235 38.01 58.85 11.10
CA GLY D 235 38.03 59.88 12.13
C GLY D 235 37.42 61.20 11.68
N GLN D 236 37.47 61.46 10.38
CA GLN D 236 36.93 62.66 9.76
C GLN D 236 35.39 62.64 9.67
N SER D 237 34.73 61.46 9.89
CA SER D 237 33.29 61.24 9.84
C SER D 237 32.53 61.92 11.01
N VAL D 238 31.30 62.42 10.77
CA VAL D 238 30.47 63.09 11.79
C VAL D 238 29.87 62.14 12.85
N ALA D 239 29.43 60.95 12.41
CA ALA D 239 28.80 59.96 13.27
C ALA D 239 29.10 58.53 12.79
N THR D 240 28.99 57.56 13.70
CA THR D 240 29.21 56.18 13.36
C THR D 240 27.94 55.40 13.69
N LEU D 241 27.30 54.76 12.71
CA LEU D 241 26.12 53.94 12.98
C LEU D 241 26.55 52.49 13.15
N VAL D 242 26.10 51.83 14.22
CA VAL D 242 26.45 50.42 14.46
C VAL D 242 25.26 49.50 14.11
N VAL D 243 25.41 48.65 13.09
CA VAL D 243 24.32 47.74 12.71
C VAL D 243 24.61 46.28 13.16
N GLY D 244 23.99 45.88 14.26
CA GLY D 244 24.18 44.56 14.85
C GLY D 244 24.82 44.69 16.22
N GLN D 245 24.17 44.11 17.28
CA GLN D 245 24.67 44.19 18.66
C GLN D 245 26.02 43.54 18.87
N SER D 246 26.37 42.57 18.02
CA SER D 246 27.64 41.82 18.12
C SER D 246 28.91 42.67 18.02
N LEU D 247 28.79 43.83 17.34
CA LEU D 247 29.90 44.75 17.12
C LEU D 247 30.01 45.82 18.20
N ALA D 248 29.60 45.51 19.44
CA ALA D 248 29.72 46.48 20.53
C ALA D 248 31.20 46.75 20.82
N GLY D 249 32.03 45.70 20.82
CA GLY D 249 33.46 45.79 21.05
C GLY D 249 34.20 46.54 19.97
N ALA D 250 33.74 46.47 18.72
CA ALA D 250 34.37 47.19 17.61
C ALA D 250 33.94 48.67 17.62
N ALA D 251 32.70 48.94 18.08
CA ALA D 251 32.20 50.29 18.22
C ALA D 251 32.94 51.05 19.31
N ASP D 252 33.30 50.36 20.41
CA ASP D 252 34.06 50.97 21.49
C ASP D 252 35.49 51.24 21.05
N ALA D 253 36.10 50.30 20.31
CA ALA D 253 37.45 50.46 19.78
C ALA D 253 37.52 51.66 18.83
N LEU D 254 36.49 51.85 17.99
CA LEU D 254 36.44 52.96 17.06
C LEU D 254 36.17 54.29 17.81
N ALA D 255 35.33 54.24 18.84
CA ALA D 255 34.98 55.43 19.62
C ALA D 255 36.15 55.97 20.42
N GLU D 256 36.98 55.11 21.04
CA GLU D 256 38.12 55.55 21.82
C GLU D 256 39.18 56.13 20.89
N ARG D 257 39.43 55.49 19.76
CA ARG D 257 40.48 55.92 18.83
C ARG D 257 40.14 57.13 17.94
N THR D 258 38.85 57.40 17.71
CA THR D 258 38.47 58.51 16.85
C THR D 258 37.74 59.62 17.58
N GLY D 259 36.92 59.25 18.55
CA GLY D 259 36.07 60.22 19.26
C GLY D 259 34.75 60.48 18.56
N VAL D 260 34.53 59.88 17.36
CA VAL D 260 33.30 60.03 16.58
C VAL D 260 32.12 59.41 17.33
N PRO D 261 31.08 60.19 17.61
CA PRO D 261 29.95 59.66 18.39
C PRO D 261 29.05 58.67 17.62
N ASP D 262 28.54 57.64 18.32
CA ASP D 262 27.75 56.61 17.66
C ASP D 262 26.34 56.37 18.20
N ARG D 263 25.46 55.85 17.34
CA ARG D 263 24.12 55.39 17.68
C ARG D 263 24.09 53.90 17.30
N ARG D 264 23.66 53.06 18.22
CA ARG D 264 23.69 51.62 18.00
C ARG D 264 22.34 51.01 17.67
N PHE D 265 22.33 50.08 16.73
CA PHE D 265 21.13 49.40 16.28
C PHE D 265 21.33 47.87 16.26
N GLY D 266 20.23 47.14 16.33
CA GLY D 266 20.24 45.70 16.11
C GLY D 266 20.07 45.46 14.62
N MET D 267 19.29 44.42 14.22
CA MET D 267 19.03 44.22 12.79
C MET D 267 18.01 45.26 12.29
N LEU D 268 18.09 45.68 11.00
CA LEU D 268 17.15 46.70 10.48
C LEU D 268 15.92 46.03 9.99
N TYR D 269 15.30 45.27 10.90
CA TYR D 269 14.14 44.47 10.61
C TYR D 269 12.93 44.98 11.38
N GLY D 270 11.82 45.17 10.66
CA GLY D 270 10.57 45.54 11.30
C GLY D 270 10.31 47.02 11.42
N LEU D 271 9.03 47.33 11.72
CA LEU D 271 8.48 48.66 11.81
C LEU D 271 9.25 49.62 12.67
N ASP D 272 9.66 49.18 13.87
CA ASP D 272 10.37 49.99 14.85
C ASP D 272 11.87 50.12 14.60
N ALA D 273 12.52 49.07 14.10
CA ALA D 273 13.95 49.15 13.85
C ALA D 273 14.27 50.06 12.67
N VAL D 274 13.41 50.04 11.63
CA VAL D 274 13.60 50.90 10.46
C VAL D 274 13.23 52.35 10.78
N ASP D 275 12.22 52.55 11.65
CA ASP D 275 11.79 53.88 12.09
C ASP D 275 12.95 54.60 12.77
N ALA D 276 13.59 53.92 13.71
CA ALA D 276 14.73 54.43 14.46
C ALA D 276 15.96 54.66 13.58
N TRP D 277 16.11 53.87 12.50
CA TRP D 277 17.22 53.99 11.56
C TRP D 277 17.06 55.27 10.76
N LEU D 278 15.86 55.50 10.19
CA LEU D 278 15.56 56.68 9.40
C LEU D 278 15.50 57.93 10.24
N MET D 279 15.11 57.82 11.54
CA MET D 279 15.07 58.99 12.42
C MET D 279 16.44 59.49 12.72
N ALA D 280 17.40 58.59 12.95
CA ALA D 280 18.77 58.98 13.23
C ALA D 280 19.39 59.63 12.00
N LEU D 281 19.11 59.08 10.80
CA LEU D 281 19.62 59.64 9.55
C LEU D 281 19.09 61.05 9.29
N ALA D 282 17.80 61.27 9.55
CA ALA D 282 17.16 62.56 9.37
C ALA D 282 17.70 63.61 10.32
N GLU D 283 18.01 63.20 11.55
CA GLU D 283 18.54 64.07 12.57
C GLU D 283 19.99 64.42 12.24
N ILE D 284 20.78 63.43 11.77
CA ILE D 284 22.18 63.64 11.44
C ILE D 284 22.36 64.58 10.25
N SER D 285 21.62 64.33 9.16
CA SER D 285 21.73 65.15 7.96
C SER D 285 20.91 66.45 7.99
N GLY D 286 19.95 66.56 8.91
CA GLY D 286 19.06 67.71 8.98
C GLY D 286 17.92 67.68 7.97
N ASN D 287 18.05 66.85 6.93
CA ASN D 287 17.01 66.73 5.90
C ASN D 287 15.93 65.74 6.33
N PRO D 288 14.66 65.95 5.91
CA PRO D 288 13.60 65.04 6.32
C PRO D 288 13.69 63.64 5.69
N VAL D 289 12.87 62.68 6.17
CA VAL D 289 12.83 61.34 5.59
C VAL D 289 12.19 61.43 4.21
N PRO D 290 12.88 60.97 3.14
CA PRO D 290 12.32 61.09 1.79
C PRO D 290 10.93 60.51 1.63
N ASP D 291 10.17 61.02 0.66
CA ASP D 291 8.82 60.52 0.42
C ASP D 291 8.83 59.02 0.03
N ARG D 292 9.88 58.57 -0.66
CA ARG D 292 10.12 57.19 -1.08
C ARG D 292 10.07 56.26 0.12
N TYR D 293 10.74 56.61 1.24
CA TYR D 293 10.71 55.79 2.46
C TYR D 293 9.42 55.96 3.26
N LYS D 294 8.72 57.10 3.10
CA LYS D 294 7.42 57.31 3.75
C LYS D 294 6.36 56.40 3.13
N ARG D 295 6.43 56.18 1.80
CA ARG D 295 5.51 55.33 1.03
C ARG D 295 5.75 53.86 1.38
N GLN D 296 7.03 53.48 1.58
CA GLN D 296 7.37 52.12 1.94
C GLN D 296 6.94 51.78 3.37
N ARG D 297 6.82 52.78 4.27
CA ARG D 297 6.31 52.52 5.62
C ARG D 297 4.83 52.16 5.56
N ALA D 298 4.06 52.86 4.70
CA ALA D 298 2.63 52.60 4.50
C ALA D 298 2.44 51.26 3.79
N GLN D 299 3.39 50.85 2.94
CA GLN D 299 3.38 49.56 2.29
C GLN D 299 3.66 48.44 3.29
N LEU D 300 4.57 48.70 4.27
CA LEU D 300 4.83 47.71 5.32
C LEU D 300 3.59 47.57 6.19
N GLN D 301 2.96 48.67 6.60
CA GLN D 301 1.72 48.62 7.38
C GLN D 301 0.63 47.79 6.68
N ASP D 302 0.56 47.87 5.34
CA ASP D 302 -0.41 47.10 4.55
C ASP D 302 -0.04 45.62 4.53
N ALA D 303 1.26 45.34 4.39
CA ALA D 303 1.84 44.00 4.42
C ALA D 303 1.60 43.34 5.79
N MET D 304 1.60 44.11 6.86
CA MET D 304 1.33 43.62 8.20
C MET D 304 -0.18 43.41 8.38
N LEU D 305 -1.04 44.20 7.73
CA LEU D 305 -2.50 43.98 7.78
C LEU D 305 -2.88 42.70 7.04
N ASP D 306 -2.41 42.52 5.78
CA ASP D 306 -2.74 41.40 4.90
C ASP D 306 -2.16 40.05 5.32
N THR D 307 -1.08 40.06 6.11
CA THR D 307 -0.47 38.80 6.57
C THR D 307 -0.78 38.49 8.04
N HIS D 308 -1.46 39.41 8.76
CA HIS D 308 -1.77 39.23 10.18
C HIS D 308 -2.58 37.97 10.42
N PHE D 309 -3.50 37.65 9.53
CA PHE D 309 -4.38 36.51 9.64
C PHE D 309 -3.60 35.21 9.76
N MET D 310 -2.50 35.09 9.01
CA MET D 310 -1.72 33.87 9.01
C MET D 310 -0.52 33.92 9.99
N LEU D 311 0.04 35.13 10.28
CA LEU D 311 1.20 35.24 11.16
C LEU D 311 0.89 35.48 12.64
N SER D 312 -0.28 36.04 12.99
CA SER D 312 -0.64 36.22 14.39
C SER D 312 -0.88 34.85 14.99
N SER D 313 -0.13 34.58 16.07
CA SER D 313 -0.07 33.36 16.87
C SER D 313 0.79 32.25 16.26
N ALA D 314 1.41 32.49 15.08
CA ALA D 314 2.25 31.48 14.46
C ALA D 314 3.43 31.10 15.31
N ARG D 315 3.65 29.80 15.52
CA ARG D 315 4.76 29.27 16.32
C ARG D 315 5.98 28.99 15.43
N THR D 316 7.11 29.69 15.65
CA THR D 316 8.30 29.52 14.80
C THR D 316 9.48 28.94 15.57
N ALA D 317 10.43 28.35 14.83
CA ALA D 317 11.63 27.83 15.43
C ALA D 317 12.79 28.46 14.70
N ILE D 318 13.68 29.15 15.42
CA ILE D 318 14.80 29.84 14.79
C ILE D 318 16.14 29.28 15.26
N ALA D 319 17.05 29.02 14.33
CA ALA D 319 18.40 28.52 14.58
C ALA D 319 19.31 29.43 13.81
N ALA D 320 19.81 30.47 14.46
CA ALA D 320 20.62 31.47 13.80
C ALA D 320 21.53 32.19 14.83
N ASP D 321 22.50 33.02 14.34
CA ASP D 321 23.36 33.86 15.15
C ASP D 321 22.52 34.77 16.03
N PRO D 322 23.02 35.18 17.19
CA PRO D 322 22.25 36.08 18.06
C PRO D 322 21.67 37.36 17.39
N ASP D 323 22.42 38.05 16.49
CA ASP D 323 21.90 39.24 15.77
C ASP D 323 20.69 38.92 14.89
N LEU D 324 20.68 37.73 14.27
CA LEU D 324 19.54 37.31 13.46
C LEU D 324 18.40 36.88 14.33
N LEU D 325 18.66 36.19 15.43
CA LEU D 325 17.61 35.75 16.35
C LEU D 325 16.86 36.94 16.91
N LEU D 326 17.56 37.92 17.48
CA LEU D 326 16.98 39.12 18.05
C LEU D 326 16.29 40.00 17.02
N GLY D 327 16.83 40.03 15.80
CA GLY D 327 16.24 40.74 14.67
C GLY D 327 14.96 40.08 14.15
N PHE D 328 14.90 38.75 14.15
CA PHE D 328 13.71 38.03 13.66
C PHE D 328 12.62 37.93 14.72
N ASP D 329 13.02 37.85 15.99
CA ASP D 329 12.09 37.77 17.10
C ASP D 329 11.30 39.06 17.19
N ALA D 330 11.96 40.22 17.04
CA ALA D 330 11.30 41.52 17.09
C ALA D 330 10.36 41.71 15.90
N LEU D 331 10.79 41.30 14.71
CA LEU D 331 9.94 41.34 13.53
C LEU D 331 8.65 40.51 13.75
N LEU D 332 8.82 39.28 14.23
CA LEU D 332 7.71 38.38 14.47
C LEU D 332 6.83 38.85 15.61
N ARG D 333 7.41 39.48 16.64
CA ARG D 333 6.67 39.99 17.78
C ARG D 333 5.75 41.12 17.39
N SER D 334 6.11 41.91 16.37
CA SER D 334 5.25 42.99 15.86
C SER D 334 3.99 42.42 15.13
N MET D 335 4.03 41.15 14.71
CA MET D 335 2.95 40.44 14.06
C MET D 335 2.11 39.54 14.98
N GLY D 336 2.55 39.35 16.21
CA GLY D 336 1.88 38.46 17.14
C GLY D 336 2.35 37.01 17.03
N ALA D 337 3.40 36.76 16.25
CA ALA D 337 3.97 35.43 16.07
C ALA D 337 4.92 35.13 17.26
N HIS D 338 4.89 33.90 17.77
CA HIS D 338 5.73 33.49 18.91
C HIS D 338 6.93 32.63 18.49
N THR D 339 8.14 32.97 18.94
CA THR D 339 9.31 32.12 18.67
C THR D 339 9.24 31.07 19.75
N VAL D 340 8.79 29.86 19.42
CA VAL D 340 8.69 28.77 20.42
C VAL D 340 9.96 27.92 20.56
N ALA D 341 11.02 28.23 19.80
CA ALA D 341 12.27 27.49 19.83
C ALA D 341 13.35 28.40 19.32
N ALA D 342 14.39 28.65 20.11
CA ALA D 342 15.44 29.56 19.71
C ALA D 342 16.78 28.95 20.06
N VAL D 343 17.57 28.65 19.04
CA VAL D 343 18.87 28.03 19.25
C VAL D 343 19.96 28.84 18.63
N VAL D 344 20.99 29.15 19.41
CA VAL D 344 22.14 29.90 18.93
C VAL D 344 23.39 29.02 18.93
N PRO D 345 24.38 29.32 18.06
CA PRO D 345 25.61 28.50 18.06
C PRO D 345 26.51 28.72 19.27
N ALA D 346 26.48 29.94 19.85
CA ALA D 346 27.27 30.31 21.03
C ALA D 346 26.67 31.51 21.78
N ARG D 347 27.07 31.72 23.05
CA ARG D 347 26.59 32.81 23.90
C ARG D 347 26.81 34.22 23.33
N ALA D 348 26.01 35.17 23.79
CA ALA D 348 26.10 36.57 23.41
C ALA D 348 25.50 37.44 24.49
N ALA D 349 26.12 38.59 24.77
CA ALA D 349 25.66 39.49 25.81
C ALA D 349 24.26 40.02 25.50
N ALA D 350 24.01 40.32 24.22
CA ALA D 350 22.73 40.83 23.77
C ALA D 350 21.57 39.87 24.07
N LEU D 351 21.85 38.56 24.18
CA LEU D 351 20.82 37.58 24.47
C LEU D 351 20.23 37.76 25.86
N VAL D 352 21.07 38.17 26.84
CA VAL D 352 20.63 38.42 28.21
C VAL D 352 19.53 39.48 28.26
N ASP D 353 19.59 40.48 27.38
CA ASP D 353 18.60 41.53 27.28
C ASP D 353 17.56 41.22 26.17
N SER D 354 16.90 40.06 26.24
CA SER D 354 15.92 39.66 25.21
C SER D 354 14.55 39.35 25.81
N PRO D 355 13.44 39.67 25.10
CA PRO D 355 12.10 39.35 25.63
C PRO D 355 11.73 37.85 25.67
N LEU D 356 12.58 36.98 25.12
CA LEU D 356 12.31 35.54 25.15
C LEU D 356 12.58 34.99 26.55
N PRO D 357 11.84 33.97 26.99
CA PRO D 357 12.09 33.41 28.33
C PRO D 357 13.45 32.73 28.44
N SER D 358 13.86 32.03 27.37
CA SER D 358 15.13 31.33 27.32
C SER D 358 15.61 31.17 25.87
N VAL D 359 16.91 31.01 25.70
CA VAL D 359 17.53 30.77 24.40
C VAL D 359 18.53 29.65 24.62
N ARG D 360 18.52 28.60 23.81
CA ARG D 360 19.47 27.52 23.97
C ARG D 360 20.74 27.71 23.16
N VAL D 361 21.88 27.43 23.76
CA VAL D 361 23.13 27.35 23.03
C VAL D 361 23.15 25.85 22.62
N GLY D 362 23.22 25.60 21.32
CA GLY D 362 23.20 24.24 20.82
C GLY D 362 23.37 24.07 19.33
N ASP D 363 22.80 22.97 18.83
CA ASP D 363 22.94 22.52 17.46
C ASP D 363 21.57 22.26 16.81
N LEU D 364 21.53 21.79 15.56
CA LEU D 364 20.27 21.56 14.85
C LEU D 364 19.47 20.34 15.35
N GLU D 365 20.10 19.37 16.04
CA GLU D 365 19.35 18.28 16.66
C GLU D 365 18.51 18.91 17.79
N ASP D 366 19.13 19.78 18.63
CA ASP D 366 18.46 20.48 19.70
C ASP D 366 17.31 21.30 19.20
N LEU D 367 17.47 21.95 18.05
CA LEU D 367 16.42 22.72 17.40
C LEU D 367 15.20 21.83 17.09
N GLU D 368 15.43 20.67 16.50
CA GLU D 368 14.37 19.75 16.15
C GLU D 368 13.60 19.29 17.40
N HIS D 369 14.33 18.99 18.48
CA HIS D 369 13.75 18.56 19.74
C HIS D 369 12.88 19.66 20.37
N ALA D 370 13.39 20.90 20.38
CA ALA D 370 12.71 22.08 20.91
C ALA D 370 11.48 22.48 20.08
N ALA D 371 11.60 22.47 18.74
CA ALA D 371 10.50 22.83 17.84
C ALA D 371 9.36 21.83 17.95
N ARG D 372 9.69 20.55 18.11
CA ARG D 372 8.69 19.51 18.26
C ARG D 372 7.98 19.66 19.59
N ALA D 373 8.72 20.03 20.66
CA ALA D 373 8.09 20.21 21.96
C ALA D 373 7.11 21.39 21.92
N GLY D 374 7.58 22.50 21.34
CA GLY D 374 6.83 23.74 21.19
C GLY D 374 5.79 23.76 20.09
N GLN D 375 5.72 22.71 19.29
CA GLN D 375 4.76 22.60 18.21
C GLN D 375 4.97 23.69 17.16
N ALA D 376 6.20 23.85 16.69
CA ALA D 376 6.52 24.86 15.68
C ALA D 376 5.83 24.54 14.36
N GLN D 377 5.50 25.59 13.61
CA GLN D 377 4.82 25.54 12.31
C GLN D 377 5.78 25.90 11.16
N LEU D 378 6.84 26.67 11.45
CA LEU D 378 7.84 27.05 10.47
C LEU D 378 9.26 26.99 11.12
N VAL D 379 10.32 26.91 10.32
CA VAL D 379 11.69 27.02 10.81
C VAL D 379 12.45 28.10 10.03
N ILE D 380 13.09 29.07 10.72
CA ILE D 380 14.01 30.03 10.09
C ILE D 380 15.45 29.58 10.42
N GLY D 381 16.24 29.29 9.39
CA GLY D 381 17.58 28.79 9.58
C GLY D 381 18.32 28.57 8.28
N ASN D 382 19.63 28.26 8.34
CA ASN D 382 20.46 28.06 7.15
C ASN D 382 20.10 26.80 6.36
N SER D 383 20.89 26.42 5.31
CA SER D 383 20.57 25.23 4.51
C SER D 383 20.63 23.92 5.26
N HIS D 384 21.50 23.83 6.27
CA HIS D 384 21.60 22.62 7.09
C HIS D 384 20.29 22.35 7.82
N ALA D 385 19.54 23.38 8.16
CA ALA D 385 18.27 23.25 8.84
C ALA D 385 17.15 22.64 7.94
N LEU D 386 17.40 22.38 6.64
CA LEU D 386 16.40 21.74 5.79
C LEU D 386 15.96 20.35 6.37
N ALA D 387 16.88 19.46 6.67
CA ALA D 387 16.60 18.14 7.21
C ALA D 387 15.83 18.13 8.52
N SER D 388 16.11 19.08 9.40
CA SER D 388 15.42 19.29 10.67
C SER D 388 13.98 19.63 10.34
N ALA D 389 13.77 20.63 9.42
CA ALA D 389 12.45 20.98 8.96
C ALA D 389 11.69 19.85 8.26
N ARG D 390 12.35 19.00 7.44
CA ARG D 390 11.67 17.89 6.78
C ARG D 390 11.29 16.87 7.85
N ARG D 391 12.19 16.55 8.79
CA ARG D 391 11.87 15.62 9.88
C ARG D 391 10.70 16.12 10.80
N LEU D 392 10.56 17.44 10.94
CA LEU D 392 9.52 18.12 11.71
C LEU D 392 8.20 18.24 10.94
N GLY D 393 8.25 18.10 9.62
CA GLY D 393 7.09 18.25 8.71
C GLY D 393 6.65 19.69 8.46
N VAL D 394 7.57 20.68 8.55
CA VAL D 394 7.24 22.12 8.41
C VAL D 394 8.12 22.85 7.40
N PRO D 395 7.65 23.98 6.81
CA PRO D 395 8.50 24.72 5.88
C PRO D 395 9.69 25.37 6.55
N LEU D 396 10.68 25.61 5.72
CA LEU D 396 11.89 26.27 6.12
C LEU D 396 12.03 27.58 5.31
N LEU D 397 12.38 28.68 5.99
CA LEU D 397 12.74 29.96 5.38
C LEU D 397 14.24 30.15 5.63
N ARG D 398 15.04 29.98 4.59
CA ARG D 398 16.48 30.05 4.70
C ARG D 398 16.96 31.45 5.10
N ALA D 399 17.90 31.52 6.04
CA ALA D 399 18.57 32.72 6.53
C ALA D 399 19.89 32.32 7.18
N GLY D 400 20.85 33.22 7.12
CA GLY D 400 22.18 32.95 7.64
C GLY D 400 23.04 32.11 6.73
N PHE D 401 24.27 31.91 7.10
CA PHE D 401 25.24 31.10 6.38
C PHE D 401 25.19 29.70 6.92
N PRO D 402 25.35 28.68 6.06
CA PRO D 402 25.51 28.76 4.60
C PRO D 402 24.21 28.59 3.81
N GLN D 403 24.19 29.02 2.53
CA GLN D 403 23.01 28.86 1.67
C GLN D 403 23.35 28.22 0.32
N TYR D 404 24.12 27.11 0.40
CA TYR D 404 24.59 26.31 -0.72
C TYR D 404 23.48 25.70 -1.60
N ASP D 405 22.22 25.64 -1.09
CA ASP D 405 21.15 25.04 -1.90
C ASP D 405 20.20 26.06 -2.52
N LEU D 406 20.41 27.36 -2.30
CA LEU D 406 19.55 28.41 -2.83
C LEU D 406 20.36 29.40 -3.66
N LEU D 407 20.09 29.49 -4.96
CA LEU D 407 20.76 30.45 -5.84
C LEU D 407 20.26 31.86 -5.53
N GLY D 408 21.19 32.78 -5.35
CA GLY D 408 20.86 34.16 -5.04
C GLY D 408 20.49 34.47 -3.60
N GLY D 409 20.53 33.45 -2.73
CA GLY D 409 20.22 33.62 -1.31
C GLY D 409 21.26 34.45 -0.58
N PHE D 410 22.50 34.44 -1.06
CA PHE D 410 23.57 35.19 -0.44
C PHE D 410 23.30 36.71 -0.51
N GLN D 411 22.58 37.19 -1.55
CA GLN D 411 22.36 38.63 -1.72
C GLN D 411 20.99 39.15 -1.35
N ARG D 412 20.15 38.35 -0.68
CA ARG D 412 18.80 38.80 -0.33
C ARG D 412 18.86 39.95 0.68
N CYS D 413 18.03 40.95 0.51
CA CYS D 413 17.93 42.11 1.38
C CYS D 413 16.79 41.90 2.32
N TRP D 414 17.06 41.63 3.55
CA TRP D 414 16.03 41.45 4.58
C TRP D 414 15.64 42.77 5.20
N SER D 415 16.58 43.73 5.21
CA SER D 415 16.57 45.09 5.75
C SER D 415 15.67 46.05 5.04
N GLY D 416 15.13 46.94 5.84
CA GLY D 416 14.24 47.98 5.35
C GLY D 416 12.78 47.62 5.45
N TYR D 417 11.91 48.58 5.04
CA TYR D 417 10.46 48.40 5.01
C TYR D 417 10.10 47.35 3.96
N ARG D 418 10.65 47.48 2.73
CA ARG D 418 10.40 46.52 1.65
C ARG D 418 10.99 45.15 1.98
N GLY D 419 12.15 45.14 2.61
CA GLY D 419 12.80 43.92 3.07
C GLY D 419 12.00 43.22 4.15
N SER D 420 11.39 43.98 5.07
CA SER D 420 10.57 43.38 6.13
C SER D 420 9.27 42.84 5.57
N SER D 421 8.69 43.50 4.54
CA SER D 421 7.46 43.06 3.91
C SER D 421 7.66 41.74 3.22
N GLN D 422 8.81 41.57 2.53
CA GLN D 422 9.06 40.34 1.82
C GLN D 422 9.21 39.15 2.76
N VAL D 423 9.75 39.35 3.97
CA VAL D 423 9.83 38.28 4.96
C VAL D 423 8.42 37.91 5.40
N LEU D 424 7.53 38.89 5.58
CA LEU D 424 6.17 38.62 5.98
C LEU D 424 5.42 37.87 4.91
N PHE D 425 5.56 38.27 3.64
CA PHE D 425 4.90 37.55 2.53
C PHE D 425 5.44 36.13 2.42
N ASP D 426 6.75 35.93 2.60
CA ASP D 426 7.34 34.60 2.50
C ASP D 426 6.90 33.68 3.65
N LEU D 427 6.87 34.20 4.91
CA LEU D 427 6.36 33.41 6.03
C LEU D 427 4.88 33.11 5.84
N ALA D 428 4.08 34.09 5.42
CA ALA D 428 2.65 33.89 5.15
C ALA D 428 2.38 32.84 4.06
N ASN D 429 3.12 32.88 2.94
CA ASN D 429 3.00 31.95 1.82
C ASN D 429 3.44 30.56 2.19
N LEU D 430 4.49 30.45 3.02
CA LEU D 430 4.92 29.12 3.51
C LEU D 430 3.85 28.57 4.40
N LEU D 431 3.39 29.35 5.39
CA LEU D 431 2.31 28.89 6.26
C LEU D 431 1.04 28.52 5.54
N VAL D 432 0.65 29.22 4.44
CA VAL D 432 -0.57 28.89 3.69
C VAL D 432 -0.40 27.60 2.86
N GLU D 433 0.68 27.49 2.09
CA GLU D 433 0.96 26.32 1.27
C GLU D 433 0.97 25.01 2.08
N HIS D 434 1.42 25.07 3.34
CA HIS D 434 1.52 23.88 4.17
C HIS D 434 0.27 23.60 5.02
N HIS D 435 -0.61 24.58 5.19
CA HIS D 435 -1.79 24.40 6.02
C HIS D 435 -2.74 23.35 5.47
N GLN D 436 -2.86 22.24 6.18
CA GLN D 436 -3.77 21.18 5.83
C GLN D 436 -5.05 21.48 6.60
N GLY D 437 -6.15 21.70 5.89
CA GLY D 437 -7.41 22.03 6.53
C GLY D 437 -8.12 20.81 7.09
N ILE D 438 -9.44 20.94 7.31
CA ILE D 438 -10.25 19.84 7.83
C ILE D 438 -10.19 18.66 6.87
N GLN D 439 -9.76 17.50 7.36
CA GLN D 439 -9.59 16.33 6.52
C GLN D 439 -10.94 15.70 6.18
N PRO D 440 -11.07 15.14 4.98
CA PRO D 440 -12.36 14.56 4.58
C PRO D 440 -12.81 13.45 5.52
N TYR D 441 -14.08 13.48 5.91
CA TYR D 441 -14.64 12.41 6.71
C TYR D 441 -15.52 11.57 5.76
N HIS D 442 -15.33 10.23 5.76
CA HIS D 442 -16.09 9.35 4.89
C HIS D 442 -17.21 8.70 5.66
N SER D 443 -18.45 9.09 5.38
CA SER D 443 -19.63 8.55 6.04
C SER D 443 -19.80 7.06 5.79
N ILE D 444 -20.18 6.30 6.82
CA ILE D 444 -20.45 4.87 6.68
C ILE D 444 -21.78 4.56 5.96
N TYR D 445 -22.58 5.57 5.69
CA TYR D 445 -23.85 5.46 5.01
C TYR D 445 -23.85 6.20 3.66
N ALA D 446 -22.70 6.71 3.21
CA ALA D 446 -22.61 7.54 2.01
C ALA D 446 -22.98 6.85 0.69
N GLN D 447 -23.67 7.59 -0.19
CA GLN D 447 -24.06 7.13 -1.51
C GLN D 447 -22.96 7.56 -2.50
N LYS D 448 -21.72 7.32 -2.16
CA LYS D 448 -20.61 7.73 -3.00
C LYS D 448 -20.02 6.53 -3.72
N PRO D 449 -19.82 6.66 -5.04
CA PRO D 449 -19.27 5.52 -5.80
C PRO D 449 -17.79 5.29 -5.46
N ALA D 450 -17.42 4.04 -5.12
CA ALA D 450 -16.07 3.55 -4.74
C ALA D 450 -14.89 4.48 -5.15
N THR D 451 -14.72 5.52 -4.34
CA THR D 451 -13.78 6.62 -4.46
C THR D 451 -12.35 6.15 -4.68
N HIS E 4 14.61 -31.97 53.50
CA HIS E 4 15.45 -30.83 53.14
C HIS E 4 15.01 -29.55 53.85
N HIS E 5 15.99 -28.68 54.14
CA HIS E 5 15.75 -27.42 54.84
C HIS E 5 15.36 -26.27 53.91
N HIS E 6 15.70 -26.36 52.61
CA HIS E 6 15.33 -25.34 51.62
C HIS E 6 13.81 -25.33 51.36
N HIS E 7 13.17 -26.49 51.47
CA HIS E 7 11.74 -26.64 51.21
C HIS E 7 10.85 -26.15 52.36
N HIS E 8 11.41 -25.97 53.58
CA HIS E 8 10.61 -25.46 54.70
C HIS E 8 10.42 -23.94 54.59
N MET E 9 11.42 -23.23 54.03
CA MET E 9 11.35 -21.79 53.83
C MET E 9 10.43 -21.41 52.66
N LYS E 10 10.22 -22.34 51.70
CA LYS E 10 9.31 -22.11 50.57
C LYS E 10 7.87 -22.17 51.06
N ALA E 11 7.56 -23.13 51.95
CA ALA E 11 6.22 -23.28 52.52
C ALA E 11 5.81 -22.10 53.42
N LYS E 12 6.78 -21.30 53.88
CA LYS E 12 6.52 -20.12 54.71
C LYS E 12 5.98 -19.01 53.80
N ASP E 13 6.62 -18.82 52.63
CA ASP E 13 6.22 -17.81 51.64
C ASP E 13 4.82 -18.08 51.10
N ILE E 14 4.45 -19.35 50.95
CA ILE E 14 3.14 -19.77 50.46
C ILE E 14 2.03 -19.36 51.43
N ALA E 15 2.30 -19.46 52.74
CA ALA E 15 1.35 -19.05 53.78
C ALA E 15 1.17 -17.52 53.81
N GLU E 16 2.20 -16.75 53.44
CA GLU E 16 2.14 -15.30 53.37
C GLU E 16 1.21 -14.87 52.23
N LEU E 17 1.25 -15.59 51.10
CA LEU E 17 0.40 -15.32 49.93
C LEU E 17 -1.06 -15.66 50.24
N LEU E 18 -1.29 -16.74 51.00
CA LEU E 18 -2.65 -17.11 51.39
C LEU E 18 -3.24 -16.16 52.47
N ASP E 19 -2.40 -15.36 53.13
CA ASP E 19 -2.83 -14.36 54.10
C ASP E 19 -3.06 -13.08 53.31
N GLU E 20 -4.31 -12.87 52.85
CA GLU E 20 -4.63 -11.68 52.07
C GLU E 20 -5.57 -10.76 52.85
N PRO E 21 -5.03 -9.73 53.50
CA PRO E 21 -5.87 -8.83 54.31
C PRO E 21 -6.88 -7.98 53.54
N ALA E 22 -6.69 -7.82 52.21
CA ALA E 22 -7.62 -7.04 51.40
C ALA E 22 -8.95 -7.78 51.15
N CYS E 23 -8.92 -9.12 51.18
CA CYS E 23 -10.13 -9.92 50.98
C CYS E 23 -10.97 -9.99 52.26
N SER E 24 -12.28 -10.19 52.11
CA SER E 24 -13.18 -10.27 53.26
C SER E 24 -13.19 -11.65 53.95
N HIS E 25 -12.69 -12.69 53.28
CA HIS E 25 -12.71 -14.04 53.83
C HIS E 25 -11.32 -14.49 54.32
N ASN E 26 -10.53 -13.54 54.82
CA ASN E 26 -9.18 -13.81 55.33
C ASN E 26 -9.22 -14.58 56.66
N LYS E 27 -10.24 -14.33 57.49
CA LYS E 27 -10.38 -15.01 58.77
C LYS E 27 -11.22 -16.29 58.67
N LYS E 28 -11.16 -16.96 57.51
CA LYS E 28 -11.88 -18.21 57.27
C LYS E 28 -10.92 -19.35 56.88
N GLU E 29 -11.41 -20.60 56.90
CA GLU E 29 -10.61 -21.76 56.54
C GLU E 29 -10.53 -21.81 55.01
N LYS E 30 -9.38 -21.43 54.44
CA LYS E 30 -9.10 -21.34 53.00
C LYS E 30 -9.44 -22.62 52.24
N SER E 31 -10.68 -22.73 51.75
CA SER E 31 -11.19 -23.93 51.08
C SER E 31 -10.71 -24.10 49.63
N GLY E 32 -10.39 -22.99 48.98
CA GLY E 32 -9.90 -23.03 47.60
C GLY E 32 -8.54 -23.70 47.55
N CYS E 33 -7.65 -23.34 48.48
CA CYS E 33 -6.31 -23.91 48.58
C CYS E 33 -6.27 -24.91 49.72
N ALA E 34 -7.02 -26.01 49.59
CA ALA E 34 -7.06 -27.05 50.61
C ALA E 34 -6.41 -28.33 50.11
N LYS E 35 -5.86 -29.16 51.03
CA LYS E 35 -5.18 -30.41 50.69
C LYS E 35 -6.05 -31.34 49.84
N PRO E 36 -5.66 -31.57 48.58
CA PRO E 36 -6.48 -32.41 47.70
C PRO E 36 -6.53 -33.88 48.07
N LYS E 37 -7.65 -34.54 47.75
CA LYS E 37 -7.81 -35.96 48.05
C LYS E 37 -7.22 -36.78 46.91
N PRO E 38 -6.30 -37.71 47.22
CA PRO E 38 -5.71 -38.54 46.15
C PRO E 38 -6.76 -39.41 45.49
N GLY E 39 -6.73 -39.50 44.17
CA GLY E 39 -7.71 -40.27 43.42
C GLY E 39 -9.06 -39.59 43.30
N ALA E 40 -9.17 -38.32 43.71
CA ALA E 40 -10.40 -37.56 43.64
C ALA E 40 -10.11 -36.07 43.46
N THR E 41 -9.11 -35.74 42.63
CA THR E 41 -8.68 -34.37 42.35
C THR E 41 -8.92 -34.01 40.88
N ASP E 42 -9.30 -32.76 40.60
CA ASP E 42 -9.61 -32.35 39.22
C ASP E 42 -8.96 -31.06 38.75
N GLY E 43 -8.35 -30.31 39.65
CA GLY E 43 -7.76 -29.03 39.31
C GLY E 43 -6.37 -29.03 38.69
N GLY E 44 -5.90 -27.84 38.35
CA GLY E 44 -4.58 -27.59 37.77
C GLY E 44 -3.57 -27.13 38.79
N CYS E 45 -2.27 -27.20 38.44
CA CYS E 45 -1.18 -26.85 39.37
C CYS E 45 -0.86 -25.34 39.42
N SER E 46 0.01 -24.92 40.35
CA SER E 46 0.45 -23.53 40.50
C SER E 46 1.18 -23.05 39.26
N PHE E 47 1.96 -23.94 38.60
CA PHE E 47 2.66 -23.58 37.36
C PHE E 47 1.64 -23.17 36.28
N ASP E 48 0.54 -23.94 36.17
CA ASP E 48 -0.52 -23.68 35.22
C ASP E 48 -1.16 -22.33 35.51
N GLY E 49 -1.44 -22.07 36.78
CA GLY E 49 -2.09 -20.83 37.18
C GLY E 49 -1.28 -19.60 36.85
N ALA E 50 0.03 -19.69 37.08
CA ALA E 50 0.96 -18.59 36.85
C ALA E 50 1.09 -18.32 35.35
N GLN E 51 1.15 -19.38 34.54
CA GLN E 51 1.34 -19.21 33.10
C GLN E 51 0.13 -18.60 32.42
N ILE E 52 -1.06 -18.86 32.95
CA ILE E 52 -2.31 -18.29 32.47
C ILE E 52 -2.26 -16.76 32.69
N ALA E 53 -1.79 -16.31 33.85
CA ALA E 53 -1.69 -14.88 34.13
C ALA E 53 -0.57 -14.14 33.41
N LEU E 54 0.51 -14.83 33.03
CA LEU E 54 1.66 -14.17 32.46
C LEU E 54 1.87 -14.37 30.98
N LEU E 55 1.33 -15.45 30.43
CA LEU E 55 1.45 -15.73 29.02
C LEU E 55 0.82 -14.69 28.09
N PRO E 56 -0.28 -13.99 28.44
CA PRO E 56 -0.77 -12.94 27.54
C PRO E 56 0.18 -11.72 27.40
N VAL E 57 1.35 -11.74 28.03
CA VAL E 57 2.38 -10.71 27.83
C VAL E 57 3.12 -11.20 26.57
N ALA E 58 2.49 -10.97 25.44
CA ALA E 58 2.78 -11.46 24.10
C ALA E 58 4.20 -11.39 23.58
N ASP E 59 4.92 -10.28 23.80
CA ASP E 59 6.28 -10.11 23.24
C ASP E 59 7.42 -10.81 24.01
N VAL E 60 7.16 -11.27 25.23
CA VAL E 60 8.13 -11.94 26.08
C VAL E 60 8.38 -13.40 25.61
N ALA E 61 9.58 -13.94 25.96
CA ALA E 61 9.96 -15.32 25.73
C ALA E 61 9.68 -16.04 27.05
N HIS E 62 8.66 -16.88 27.06
CA HIS E 62 8.24 -17.57 28.24
C HIS E 62 8.81 -18.95 28.22
N ILE E 63 9.94 -19.13 28.94
CA ILE E 63 10.67 -20.37 29.08
C ILE E 63 10.17 -21.15 30.27
N VAL E 64 9.75 -22.38 30.05
CA VAL E 64 9.28 -23.30 31.09
C VAL E 64 10.47 -24.17 31.50
N HIS E 65 10.95 -24.01 32.74
CA HIS E 65 12.10 -24.80 33.19
C HIS E 65 11.63 -26.13 33.77
N GLY E 66 11.89 -27.20 33.04
CA GLY E 66 11.51 -28.53 33.50
C GLY E 66 11.39 -29.56 32.41
N PRO E 67 10.89 -30.75 32.75
CA PRO E 67 10.68 -31.78 31.72
C PRO E 67 9.48 -31.47 30.81
N ILE E 68 9.31 -32.26 29.73
CA ILE E 68 8.28 -32.08 28.70
C ILE E 68 6.82 -32.21 29.20
N ALA E 69 6.58 -32.76 30.40
CA ALA E 69 5.20 -32.87 30.92
C ALA E 69 4.57 -31.51 31.16
N CYS E 70 5.40 -30.55 31.58
CA CYS E 70 4.95 -29.21 31.91
C CYS E 70 4.59 -28.36 30.68
N ALA E 71 5.52 -28.16 29.73
CA ALA E 71 5.23 -27.34 28.54
C ALA E 71 4.65 -28.11 27.34
N GLY E 72 5.20 -29.30 27.07
CA GLY E 72 4.82 -30.15 25.95
C GLY E 72 3.34 -30.47 25.81
N SER E 73 2.62 -30.54 26.93
CA SER E 73 1.19 -30.83 26.95
C SER E 73 0.30 -29.56 27.01
N SER E 74 0.90 -28.39 27.35
CA SER E 74 0.21 -27.13 27.60
C SER E 74 0.45 -25.93 26.65
N TRP E 75 1.33 -26.05 25.66
CA TRP E 75 1.69 -24.89 24.86
C TRP E 75 0.68 -24.56 23.77
N ASP E 76 0.61 -23.25 23.46
CA ASP E 76 -0.31 -22.69 22.48
C ASP E 76 -1.76 -23.03 22.82
N ASN E 77 -2.17 -22.75 24.09
CA ASN E 77 -3.54 -23.00 24.52
C ASN E 77 -4.06 -21.90 25.44
N ARG E 78 -3.70 -20.66 25.13
CA ARG E 78 -4.17 -19.50 25.86
C ARG E 78 -5.28 -18.89 25.00
N GLY E 79 -6.46 -18.69 25.60
CA GLY E 79 -7.61 -18.11 24.89
C GLY E 79 -7.47 -16.63 24.57
N THR E 80 -6.33 -16.03 24.89
CA THR E 80 -6.00 -14.63 24.67
C THR E 80 -5.76 -14.33 23.21
N ARG E 81 -5.99 -13.08 22.81
CA ARG E 81 -5.69 -12.64 21.47
C ARG E 81 -4.67 -11.51 21.53
N SER E 82 -3.70 -11.55 20.62
CA SER E 82 -2.73 -10.48 20.53
C SER E 82 -3.03 -9.58 19.30
N SER E 83 -2.63 -8.33 19.40
CA SER E 83 -2.80 -7.39 18.30
C SER E 83 -1.50 -7.17 17.52
N GLY E 84 -0.45 -7.93 17.82
CA GLY E 84 0.83 -7.78 17.14
C GLY E 84 1.75 -8.95 17.36
N PRO E 85 2.67 -8.84 18.34
CA PRO E 85 3.64 -9.90 18.59
C PRO E 85 3.00 -11.19 19.06
N ASP E 86 3.62 -12.33 18.72
CA ASP E 86 3.08 -13.62 19.12
C ASP E 86 4.15 -14.59 19.62
N LEU E 87 5.28 -14.06 20.18
CA LEU E 87 6.32 -14.92 20.75
C LEU E 87 5.77 -15.82 21.87
N TYR E 88 4.76 -15.35 22.60
CA TYR E 88 4.11 -16.13 23.64
C TYR E 88 3.50 -17.43 23.10
N ARG E 89 3.19 -17.49 21.81
CA ARG E 89 2.63 -18.69 21.21
C ARG E 89 3.70 -19.77 20.96
N ILE E 90 4.99 -19.39 20.96
CA ILE E 90 6.09 -20.34 20.78
C ILE E 90 6.35 -21.07 22.09
N GLY E 91 6.33 -22.40 22.05
CA GLY E 91 6.61 -23.20 23.23
C GLY E 91 8.08 -23.14 23.54
N MET E 92 8.44 -22.78 24.76
CA MET E 92 9.85 -22.68 25.11
C MET E 92 10.08 -23.42 26.37
N THR E 93 10.94 -24.45 26.32
CA THR E 93 11.19 -25.25 27.52
C THR E 93 12.63 -25.80 27.55
N THR E 94 13.17 -26.02 28.75
CA THR E 94 14.50 -26.60 28.90
C THR E 94 14.53 -28.09 28.51
N ASP E 95 13.36 -28.77 28.54
CA ASP E 95 13.15 -30.18 28.16
C ASP E 95 14.19 -31.08 28.78
N LEU E 96 14.36 -30.96 30.11
CA LEU E 96 15.34 -31.70 30.89
C LEU E 96 15.32 -33.20 30.64
N THR E 97 16.51 -33.78 30.47
CA THR E 97 16.70 -35.23 30.29
C THR E 97 16.93 -35.84 31.68
N GLU E 98 17.02 -37.19 31.76
CA GLU E 98 17.31 -37.89 33.00
C GLU E 98 18.70 -37.48 33.51
N ASN E 99 19.68 -37.42 32.60
CA ASN E 99 21.05 -37.00 32.91
C ASN E 99 21.15 -35.58 33.44
N ASP E 100 20.22 -34.69 33.07
CA ASP E 100 20.22 -33.33 33.58
C ASP E 100 19.83 -33.31 35.07
N VAL E 101 18.92 -34.21 35.47
CA VAL E 101 18.44 -34.30 36.85
C VAL E 101 19.49 -35.03 37.70
N ILE E 102 20.03 -36.13 37.17
CA ILE E 102 21.03 -36.92 37.89
C ILE E 102 22.37 -36.18 38.03
N MET E 103 22.97 -35.74 36.92
CA MET E 103 24.24 -35.03 36.97
C MET E 103 24.15 -33.59 37.52
N GLY E 104 22.94 -33.11 37.79
CA GLY E 104 22.75 -31.75 38.28
C GLY E 104 23.08 -30.69 37.26
N ARG E 105 22.82 -31.01 35.98
CA ARG E 105 23.13 -30.09 34.89
C ARG E 105 21.99 -29.16 34.50
N ALA E 106 20.91 -29.10 35.30
CA ALA E 106 19.75 -28.29 34.94
C ALA E 106 19.95 -26.78 35.02
N GLU E 107 20.80 -26.29 35.93
CA GLU E 107 21.07 -24.86 36.04
C GLU E 107 21.84 -24.42 34.79
N LYS E 108 22.85 -25.20 34.38
CA LYS E 108 23.65 -24.93 33.20
C LYS E 108 22.76 -24.94 31.95
N ARG E 109 21.84 -25.92 31.84
CA ARG E 109 20.90 -26.01 30.72
C ARG E 109 20.01 -24.77 30.67
N LEU E 110 19.40 -24.40 31.82
CA LEU E 110 18.55 -23.22 31.92
C LEU E 110 19.32 -21.96 31.52
N PHE E 111 20.56 -21.83 31.97
CA PHE E 111 21.40 -20.69 31.63
C PHE E 111 21.62 -20.57 30.11
N HIS E 112 21.92 -21.69 29.43
CA HIS E 112 22.11 -21.69 27.98
C HIS E 112 20.79 -21.61 27.18
N ALA E 113 19.66 -21.93 27.83
CA ALA E 113 18.34 -21.83 27.24
C ALA E 113 17.95 -20.35 27.18
N ILE E 114 18.27 -19.56 28.23
CA ILE E 114 18.01 -18.11 28.21
C ILE E 114 18.86 -17.49 27.11
N ARG E 115 20.14 -17.87 27.04
CA ARG E 115 21.04 -17.39 26.00
C ARG E 115 20.50 -17.65 24.58
N GLN E 116 20.07 -18.88 24.32
CA GLN E 116 19.54 -19.24 23.01
C GLN E 116 18.29 -18.43 22.65
N ALA E 117 17.40 -18.21 23.63
CA ALA E 117 16.19 -17.43 23.43
C ALA E 117 16.51 -15.98 23.13
N VAL E 118 17.51 -15.41 23.83
CA VAL E 118 17.93 -14.02 23.63
C VAL E 118 18.53 -13.84 22.24
N GLU E 119 19.43 -14.76 21.85
CA GLU E 119 20.10 -14.67 20.57
C GLU E 119 19.15 -14.86 19.40
N SER E 120 18.29 -15.88 19.46
CA SER E 120 17.37 -16.20 18.36
C SER E 120 16.18 -15.24 18.19
N TYR E 121 15.62 -14.72 19.28
CA TYR E 121 14.38 -13.93 19.20
C TYR E 121 14.48 -12.50 19.67
N SER E 122 15.58 -12.10 20.34
CA SER E 122 15.78 -10.73 20.82
C SER E 122 14.52 -10.11 21.51
N PRO E 123 13.94 -10.80 22.52
CA PRO E 123 12.71 -10.26 23.15
C PRO E 123 12.98 -9.07 24.10
N PRO E 124 11.94 -8.36 24.54
CA PRO E 124 12.15 -7.30 25.53
C PRO E 124 12.56 -7.89 26.88
N ALA E 125 12.08 -9.12 27.22
CA ALA E 125 12.39 -9.80 28.47
C ALA E 125 12.12 -11.33 28.37
N VAL E 126 12.76 -12.09 29.27
CA VAL E 126 12.58 -13.53 29.30
C VAL E 126 11.93 -13.89 30.65
N PHE E 127 10.80 -14.63 30.65
CA PHE E 127 10.12 -15.09 31.87
C PHE E 127 10.37 -16.60 32.07
N VAL E 128 10.99 -17.00 33.19
CA VAL E 128 11.29 -18.41 33.45
C VAL E 128 10.44 -18.92 34.59
N TYR E 129 9.66 -19.94 34.31
CA TYR E 129 8.74 -20.54 35.25
C TYR E 129 9.34 -21.78 35.81
N ASN E 130 9.32 -21.89 37.12
CA ASN E 130 9.85 -23.06 37.81
C ASN E 130 8.80 -24.19 37.83
N THR E 131 9.24 -25.44 37.82
CA THR E 131 8.34 -26.61 37.88
C THR E 131 8.77 -27.60 39.01
N CYS E 132 8.01 -28.67 39.25
CA CYS E 132 8.21 -29.67 40.31
C CYS E 132 9.62 -30.28 40.35
N VAL E 133 10.12 -30.83 39.23
CA VAL E 133 11.45 -31.45 39.22
C VAL E 133 12.56 -30.48 39.65
N PRO E 134 12.72 -29.29 39.04
CA PRO E 134 13.78 -28.39 39.49
C PRO E 134 13.58 -27.86 40.92
N ALA E 135 12.31 -27.69 41.36
CA ALA E 135 12.08 -27.20 42.74
C ALA E 135 12.47 -28.26 43.76
N LEU E 136 12.24 -29.55 43.44
CA LEU E 136 12.59 -30.63 44.35
C LEU E 136 14.12 -30.80 44.44
N ILE E 137 14.79 -30.86 43.27
CA ILE E 137 16.24 -30.97 43.20
C ILE E 137 16.88 -29.60 43.61
N GLY E 138 18.21 -29.48 43.56
CA GLY E 138 18.86 -28.22 43.90
C GLY E 138 18.90 -27.23 42.76
N ASP E 139 17.78 -26.51 42.47
CA ASP E 139 17.78 -25.53 41.37
C ASP E 139 17.43 -24.08 41.78
N ASP E 140 18.45 -23.23 41.88
CA ASP E 140 18.29 -21.83 42.24
C ASP E 140 17.91 -21.06 40.96
N VAL E 141 16.62 -21.05 40.62
CA VAL E 141 16.15 -20.39 39.42
C VAL E 141 16.43 -18.89 39.45
N ASP E 142 16.18 -18.25 40.61
CA ASP E 142 16.42 -16.81 40.77
C ASP E 142 17.85 -16.41 40.40
N ALA E 143 18.86 -17.12 40.96
CA ALA E 143 20.27 -16.85 40.72
C ALA E 143 20.68 -17.09 39.27
N VAL E 144 20.06 -18.08 38.59
CA VAL E 144 20.33 -18.32 37.18
C VAL E 144 19.82 -17.12 36.36
N CYS E 145 18.60 -16.62 36.66
CA CYS E 145 18.01 -15.47 35.95
C CYS E 145 18.80 -14.20 36.19
N LYS E 146 19.32 -14.04 37.40
CA LYS E 146 20.12 -12.88 37.74
C LYS E 146 21.42 -12.91 36.94
N ALA E 147 22.06 -14.08 36.86
CA ALA E 147 23.30 -14.23 36.10
C ALA E 147 23.10 -14.03 34.61
N ALA E 148 22.00 -14.55 34.07
CA ALA E 148 21.68 -14.46 32.64
C ALA E 148 21.31 -13.05 32.25
N ALA E 149 20.59 -12.32 33.14
CA ALA E 149 20.21 -10.93 32.88
C ALA E 149 21.44 -10.08 32.70
N GLU E 150 22.46 -10.28 33.57
CA GLU E 150 23.72 -9.56 33.56
C GLU E 150 24.58 -9.90 32.33
N ARG E 151 24.78 -11.20 32.06
CA ARG E 151 25.63 -11.65 30.95
C ARG E 151 25.08 -11.38 29.56
N PHE E 152 23.74 -11.34 29.41
CA PHE E 152 23.15 -11.17 28.06
C PHE E 152 22.42 -9.84 27.87
N GLY E 153 22.21 -9.08 28.93
CA GLY E 153 21.63 -7.75 28.84
C GLY E 153 20.13 -7.69 28.65
N THR E 154 19.44 -8.82 28.82
CA THR E 154 17.99 -8.85 28.71
C THR E 154 17.38 -9.23 30.04
N PRO E 155 16.40 -8.45 30.55
CA PRO E 155 15.79 -8.79 31.84
C PRO E 155 15.22 -10.20 31.89
N VAL E 156 15.60 -11.00 32.88
CA VAL E 156 15.07 -12.35 33.08
C VAL E 156 14.21 -12.33 34.35
N ILE E 157 12.92 -12.70 34.23
CA ILE E 157 12.02 -12.68 35.38
C ILE E 157 11.75 -14.09 35.92
N PRO E 158 12.14 -14.36 37.17
CA PRO E 158 11.85 -15.67 37.75
C PRO E 158 10.39 -15.75 38.21
N VAL E 159 9.72 -16.88 37.94
CA VAL E 159 8.35 -17.09 38.36
C VAL E 159 8.46 -18.38 39.13
N ASP E 160 8.72 -18.26 40.42
CA ASP E 160 8.91 -19.45 41.26
C ASP E 160 7.57 -20.03 41.60
N SER E 161 7.01 -20.82 40.70
CA SER E 161 5.71 -21.43 40.91
C SER E 161 5.72 -22.87 40.45
N ALA E 162 6.33 -23.75 41.22
CA ALA E 162 6.34 -25.17 40.91
C ALA E 162 4.92 -25.69 41.16
N GLY E 163 4.51 -26.67 40.38
CA GLY E 163 3.18 -27.25 40.50
C GLY E 163 2.75 -27.72 41.87
N PHE E 164 3.65 -28.40 42.62
CA PHE E 164 3.31 -28.94 43.92
C PHE E 164 3.10 -27.90 45.05
N TYR E 165 3.34 -26.60 44.79
CA TYR E 165 3.11 -25.57 45.81
C TYR E 165 1.61 -25.46 46.16
N GLY E 166 0.75 -25.60 45.16
CA GLY E 166 -0.69 -25.49 45.39
C GLY E 166 -1.53 -25.51 44.15
N THR E 167 -2.65 -24.77 44.18
CA THR E 167 -3.65 -24.69 43.10
C THR E 167 -3.30 -23.62 42.03
N LYS E 168 -4.13 -23.52 40.96
CA LYS E 168 -3.97 -22.51 39.92
C LYS E 168 -4.10 -21.10 40.51
N ASN E 169 -4.96 -20.91 41.52
CA ASN E 169 -5.14 -19.61 42.17
C ASN E 169 -3.88 -19.14 42.86
N LEU E 170 -3.12 -20.07 43.50
CA LEU E 170 -1.84 -19.73 44.12
C LEU E 170 -0.84 -19.25 43.04
N GLY E 171 -0.87 -19.88 41.86
CA GLY E 171 -0.05 -19.48 40.72
C GLY E 171 -0.32 -18.07 40.26
N ASN E 172 -1.60 -17.64 40.32
CA ASN E 172 -1.94 -16.26 39.94
C ASN E 172 -1.34 -15.28 40.94
N ARG E 173 -1.31 -15.62 42.23
CA ARG E 173 -0.69 -14.79 43.25
C ARG E 173 0.82 -14.71 43.02
N ILE E 174 1.47 -15.85 42.74
CA ILE E 174 2.91 -15.86 42.49
C ILE E 174 3.27 -15.06 41.23
N ALA E 175 2.41 -15.12 40.23
CA ALA E 175 2.61 -14.35 38.99
C ALA E 175 2.54 -12.86 39.30
N GLY E 176 1.56 -12.45 40.11
CA GLY E 176 1.41 -11.06 40.51
C GLY E 176 2.57 -10.58 41.33
N GLU E 177 3.08 -11.44 42.22
CA GLU E 177 4.23 -11.15 43.07
C GLU E 177 5.47 -10.92 42.21
N ALA E 178 5.67 -11.77 41.18
CA ALA E 178 6.80 -11.64 40.28
C ALA E 178 6.75 -10.33 39.50
N MET E 179 5.56 -9.83 39.18
CA MET E 179 5.42 -8.57 38.46
C MET E 179 5.71 -7.39 39.40
N LEU E 180 5.15 -7.44 40.63
CA LEU E 180 5.38 -6.37 41.60
C LEU E 180 6.86 -6.25 41.96
N LYS E 181 7.52 -7.39 42.16
CA LYS E 181 8.92 -7.44 42.59
C LYS E 181 9.92 -7.12 41.50
N TYR E 182 9.71 -7.58 40.25
CA TYR E 182 10.73 -7.35 39.21
C TYR E 182 10.36 -6.41 38.06
N VAL E 183 9.07 -6.28 37.73
CA VAL E 183 8.68 -5.51 36.56
C VAL E 183 8.05 -4.12 36.88
N ILE E 184 6.97 -4.07 37.67
CA ILE E 184 6.25 -2.84 38.03
C ILE E 184 7.15 -1.86 38.77
N GLY E 185 7.21 -0.63 38.28
CA GLY E 185 8.03 0.43 38.85
C GLY E 185 9.38 0.61 38.20
N THR E 186 9.67 -0.12 37.12
CA THR E 186 10.97 -0.05 36.47
C THR E 186 11.01 0.86 35.24
N ARG E 187 9.91 1.53 34.90
CA ARG E 187 9.90 2.42 33.73
C ARG E 187 8.74 3.39 33.79
N GLU E 188 8.98 4.65 33.41
CA GLU E 188 7.94 5.67 33.41
C GLU E 188 7.07 5.57 32.17
N PRO E 189 5.78 5.92 32.27
CA PRO E 189 4.92 5.88 31.10
C PRO E 189 5.39 6.76 29.97
N ASP E 190 5.00 6.38 28.74
CA ASP E 190 5.29 7.16 27.56
C ASP E 190 4.54 8.49 27.65
N PRO E 191 5.02 9.58 27.03
CA PRO E 191 4.18 10.79 26.95
C PRO E 191 2.98 10.51 26.02
N LEU E 192 1.83 11.19 26.18
CA LEU E 192 0.67 10.97 25.34
C LEU E 192 1.02 11.07 23.84
N PRO E 193 0.61 10.08 23.03
CA PRO E 193 0.97 10.10 21.60
C PRO E 193 0.55 11.35 20.86
N VAL E 194 1.37 11.81 19.89
CA VAL E 194 1.00 13.03 19.14
C VAL E 194 -0.25 12.79 18.30
N GLY E 195 -1.11 13.82 18.26
CA GLY E 195 -2.38 13.75 17.54
C GLY E 195 -3.53 13.19 18.35
N SER E 196 -3.24 12.61 19.54
CA SER E 196 -4.26 12.03 20.41
C SER E 196 -5.02 13.04 21.26
N GLU E 197 -4.56 14.29 21.35
CA GLU E 197 -5.22 15.26 22.20
C GLU E 197 -6.52 15.79 21.63
N ARG E 198 -7.60 15.51 22.36
CA ARG E 198 -8.96 15.95 22.09
C ARG E 198 -9.24 17.07 23.09
N PRO E 199 -9.33 18.32 22.61
CA PRO E 199 -9.60 19.42 23.54
C PRO E 199 -10.90 19.21 24.33
N GLY E 200 -10.84 19.49 25.61
CA GLY E 200 -11.95 19.29 26.52
C GLY E 200 -11.84 17.97 27.27
N ILE E 201 -10.98 17.06 26.80
CA ILE E 201 -10.80 15.77 27.45
C ILE E 201 -9.53 15.73 28.29
N ARG E 202 -9.69 15.47 29.57
CA ARG E 202 -8.55 15.28 30.45
C ARG E 202 -8.24 13.78 30.39
N VAL E 203 -7.04 13.42 29.93
CA VAL E 203 -6.63 12.03 29.84
C VAL E 203 -6.12 11.55 31.21
N HIS E 204 -6.72 10.48 31.73
CA HIS E 204 -6.35 9.89 33.00
C HIS E 204 -5.77 8.52 32.73
N ASP E 205 -4.72 8.15 33.49
CA ASP E 205 -4.07 6.85 33.36
C ASP E 205 -4.67 5.83 34.37
N VAL E 206 -5.01 4.61 33.92
CA VAL E 206 -5.61 3.56 34.76
C VAL E 206 -4.98 2.17 34.47
N ASN E 207 -5.26 1.17 35.30
CA ASN E 207 -4.81 -0.21 35.04
C ASN E 207 -6.03 -1.13 35.03
N LEU E 208 -5.96 -2.19 34.25
CA LEU E 208 -7.04 -3.19 34.21
C LEU E 208 -6.38 -4.47 34.69
N ILE E 209 -6.49 -4.81 35.98
CA ILE E 209 -5.84 -6.02 36.51
C ILE E 209 -6.79 -7.22 36.52
N GLY E 210 -6.51 -8.21 35.70
CA GLY E 210 -7.34 -9.40 35.62
C GLY E 210 -8.13 -9.54 34.34
N GLU E 211 -7.84 -8.71 33.33
CA GLU E 211 -8.51 -8.77 32.06
C GLU E 211 -7.54 -9.46 31.09
N TYR E 212 -7.91 -10.64 30.57
CA TYR E 212 -7.00 -11.42 29.72
C TYR E 212 -7.34 -11.42 28.24
N ASN E 213 -8.32 -10.63 27.81
CA ASN E 213 -8.71 -10.51 26.40
C ASN E 213 -9.05 -11.86 25.76
N ILE E 214 -9.83 -12.69 26.48
CA ILE E 214 -10.24 -14.00 25.95
C ILE E 214 -11.09 -13.81 24.70
N ALA E 215 -10.65 -14.40 23.57
CA ALA E 215 -11.27 -14.29 22.24
C ALA E 215 -11.34 -12.84 21.72
N GLY E 216 -10.57 -11.94 22.32
CA GLY E 216 -10.54 -10.54 21.96
C GLY E 216 -11.69 -9.75 22.56
N GLU E 217 -12.30 -10.25 23.67
CA GLU E 217 -13.46 -9.56 24.26
C GLU E 217 -13.15 -8.17 24.79
N PHE E 218 -11.92 -7.90 25.29
CA PHE E 218 -11.56 -6.57 25.75
C PHE E 218 -11.62 -5.52 24.63
N TRP E 219 -11.53 -5.92 23.37
CA TRP E 219 -11.66 -4.99 22.23
C TRP E 219 -13.11 -4.46 22.04
N HIS E 220 -14.00 -4.75 22.98
CA HIS E 220 -15.36 -4.22 23.07
C HIS E 220 -15.48 -3.21 24.24
N VAL E 221 -14.46 -3.15 25.15
CA VAL E 221 -14.35 -2.26 26.29
C VAL E 221 -13.31 -1.17 25.98
N LEU E 222 -12.19 -1.55 25.34
CA LEU E 222 -11.13 -0.63 24.97
C LEU E 222 -11.64 0.61 24.21
N PRO E 223 -12.60 0.52 23.26
CA PRO E 223 -13.11 1.74 22.62
C PRO E 223 -13.87 2.64 23.58
N LEU E 224 -14.60 2.06 24.57
CA LEU E 224 -15.34 2.87 25.56
C LEU E 224 -14.38 3.65 26.46
N LEU E 225 -13.30 3.00 26.93
CA LEU E 225 -12.30 3.66 27.76
C LEU E 225 -11.62 4.79 27.00
N ASP E 226 -11.31 4.54 25.71
CA ASP E 226 -10.72 5.48 24.79
C ASP E 226 -11.63 6.71 24.59
N GLU E 227 -12.95 6.49 24.45
CA GLU E 227 -13.92 7.58 24.25
C GLU E 227 -13.95 8.48 25.48
N LEU E 228 -13.92 7.88 26.68
CA LEU E 228 -13.93 8.62 27.93
C LEU E 228 -12.62 9.37 28.21
N GLY E 229 -11.53 8.98 27.56
CA GLY E 229 -10.24 9.61 27.79
C GLY E 229 -9.48 8.89 28.88
N LEU E 230 -9.57 7.57 28.89
CA LEU E 230 -8.86 6.76 29.87
C LEU E 230 -7.74 5.97 29.21
N ARG E 231 -6.51 6.37 29.47
CA ARG E 231 -5.35 5.68 28.95
C ARG E 231 -5.16 4.48 29.81
N VAL E 232 -5.27 3.29 29.23
CA VAL E 232 -4.98 2.09 30.00
C VAL E 232 -3.48 1.95 29.92
N LEU E 233 -2.77 2.16 31.05
CA LEU E 233 -1.31 2.01 31.04
C LEU E 233 -0.97 0.55 30.79
N CYS E 234 -1.66 -0.35 31.47
CA CYS E 234 -1.53 -1.78 31.21
C CYS E 234 -2.79 -2.58 31.54
N THR E 235 -3.11 -3.49 30.66
CA THR E 235 -4.20 -4.43 30.86
C THR E 235 -3.45 -5.68 31.24
N LEU E 236 -3.46 -6.08 32.50
CA LEU E 236 -2.72 -7.25 32.96
C LEU E 236 -3.55 -8.53 32.93
N ALA E 237 -3.33 -9.44 31.94
CA ALA E 237 -2.33 -9.32 30.88
C ALA E 237 -2.90 -9.38 29.46
N GLY E 238 -4.15 -8.96 29.27
CA GLY E 238 -4.76 -8.95 27.95
C GLY E 238 -4.12 -8.00 26.96
N ASP E 239 -3.52 -8.58 25.89
CA ASP E 239 -2.85 -7.81 24.82
C ASP E 239 -1.80 -6.87 25.42
N ALA E 240 -1.03 -7.44 26.35
CA ALA E 240 -0.01 -6.68 27.05
C ALA E 240 1.38 -6.94 26.46
N ARG E 241 2.24 -5.93 26.64
CA ARG E 241 3.64 -5.91 26.25
C ARG E 241 4.42 -5.69 27.52
N TYR E 242 5.66 -6.19 27.58
CA TYR E 242 6.51 -6.04 28.75
C TYR E 242 6.67 -4.58 29.18
N ARG E 243 6.78 -3.68 28.21
CA ARG E 243 6.98 -2.26 28.48
C ARG E 243 5.76 -1.58 29.12
N GLU E 244 4.57 -2.14 28.94
CA GLU E 244 3.36 -1.56 29.54
C GLU E 244 3.33 -1.89 31.04
N VAL E 245 3.71 -3.11 31.41
CA VAL E 245 3.69 -3.58 32.79
C VAL E 245 4.67 -2.81 33.67
N GLN E 246 5.81 -2.40 33.10
CA GLN E 246 6.79 -1.61 33.84
C GLN E 246 6.23 -0.30 34.37
N THR E 247 5.26 0.27 33.65
CA THR E 247 4.68 1.58 33.97
C THR E 247 3.45 1.53 34.89
N MET E 248 3.10 0.34 35.39
CA MET E 248 1.92 0.12 36.22
C MET E 248 1.87 0.79 37.55
N HIS E 249 2.94 1.44 37.95
CA HIS E 249 3.01 2.15 39.22
C HIS E 249 2.46 3.56 39.12
N ARG E 250 2.42 4.15 37.89
CA ARG E 250 1.97 5.50 37.65
C ARG E 250 0.51 5.64 37.24
N ALA E 251 -0.32 4.62 37.49
CA ALA E 251 -1.75 4.70 37.19
C ALA E 251 -2.50 5.37 38.34
N GLU E 252 -3.47 6.21 38.00
CA GLU E 252 -4.24 6.96 38.97
C GLU E 252 -5.26 6.08 39.68
N VAL E 253 -5.93 5.18 38.95
CA VAL E 253 -6.92 4.25 39.52
C VAL E 253 -6.66 2.83 39.00
N ASN E 254 -6.91 1.81 39.82
CA ASN E 254 -6.72 0.42 39.42
C ASN E 254 -8.03 -0.31 39.42
N MET E 255 -8.32 -1.11 38.38
CA MET E 255 -9.55 -1.89 38.36
C MET E 255 -9.31 -3.39 38.45
N MET E 256 -9.88 -4.05 39.47
CA MET E 256 -9.79 -5.50 39.62
C MET E 256 -10.87 -6.13 38.76
N VAL E 257 -10.49 -6.77 37.65
CA VAL E 257 -11.46 -7.37 36.72
C VAL E 257 -11.70 -8.85 36.98
N CYS E 258 -12.91 -9.18 37.50
CA CYS E 258 -13.36 -10.55 37.76
C CYS E 258 -12.30 -11.48 38.41
N SER E 259 -11.56 -11.00 39.43
CA SER E 259 -10.52 -11.83 40.05
C SER E 259 -10.26 -11.53 41.52
N LYS E 260 -10.13 -12.58 42.34
CA LYS E 260 -9.75 -12.44 43.76
C LYS E 260 -8.31 -12.96 44.02
N ALA E 261 -7.69 -13.63 43.03
CA ALA E 261 -6.32 -14.15 43.12
C ALA E 261 -5.29 -13.06 42.82
N MET E 262 -5.65 -12.03 42.05
CA MET E 262 -4.76 -10.90 41.79
C MET E 262 -4.99 -9.75 42.78
N LEU E 263 -5.78 -9.96 43.87
CA LEU E 263 -6.07 -8.94 44.87
C LEU E 263 -4.83 -8.45 45.60
N ASN E 264 -3.78 -9.29 45.68
CA ASN E 264 -2.49 -8.91 46.26
C ASN E 264 -1.85 -7.78 45.44
N VAL E 265 -2.10 -7.74 44.11
CA VAL E 265 -1.55 -6.71 43.24
C VAL E 265 -2.18 -5.35 43.53
N ALA E 266 -3.51 -5.26 43.53
CA ALA E 266 -4.20 -3.99 43.80
C ALA E 266 -3.87 -3.46 45.19
N ARG E 267 -3.83 -4.35 46.21
CA ARG E 267 -3.50 -3.97 47.58
C ARG E 267 -2.06 -3.46 47.66
N LYS E 268 -1.10 -4.21 47.10
CA LYS E 268 0.29 -3.83 47.14
C LYS E 268 0.60 -2.57 46.35
N LEU E 269 -0.18 -2.28 45.30
CA LEU E 269 0.02 -1.04 44.54
C LEU E 269 -0.53 0.18 45.29
N GLN E 270 -1.57 -0.03 46.13
CA GLN E 270 -2.12 1.02 46.98
C GLN E 270 -1.17 1.28 48.18
N GLU E 271 -0.54 0.23 48.72
CA GLU E 271 0.37 0.37 49.86
C GLU E 271 1.68 1.01 49.43
N THR E 272 2.17 0.66 48.23
CA THR E 272 3.47 1.16 47.76
C THR E 272 3.40 2.51 47.03
N TYR E 273 2.45 2.67 46.09
CA TYR E 273 2.37 3.91 45.33
C TYR E 273 1.15 4.79 45.64
N GLY E 274 0.28 4.36 46.54
CA GLY E 274 -0.91 5.13 46.91
C GLY E 274 -2.05 5.09 45.93
N THR E 275 -1.99 4.17 44.95
CA THR E 275 -2.99 4.04 43.91
C THR E 275 -4.30 3.40 44.39
N PRO E 276 -5.40 4.17 44.38
CA PRO E 276 -6.70 3.61 44.79
C PRO E 276 -7.22 2.58 43.78
N TRP E 277 -7.97 1.59 44.27
CA TRP E 277 -8.49 0.55 43.40
C TRP E 277 -9.96 0.23 43.64
N PHE E 278 -10.58 -0.52 42.72
CA PHE E 278 -11.97 -0.94 42.87
C PHE E 278 -12.22 -2.28 42.18
N GLU E 279 -13.11 -3.10 42.75
CA GLU E 279 -13.47 -4.37 42.15
C GLU E 279 -14.65 -4.14 41.23
N GLY E 280 -14.65 -4.84 40.10
CA GLY E 280 -15.70 -4.70 39.11
C GLY E 280 -15.60 -5.75 38.02
N SER E 281 -16.52 -5.65 37.06
CA SER E 281 -16.59 -6.60 35.95
C SER E 281 -17.10 -5.91 34.67
N PHE E 282 -16.81 -6.53 33.53
CA PHE E 282 -17.33 -6.05 32.26
C PHE E 282 -18.27 -7.09 31.65
N TYR E 283 -18.95 -7.89 32.47
CA TYR E 283 -19.88 -8.90 31.96
C TYR E 283 -21.27 -8.47 32.27
N GLY E 284 -21.99 -8.03 31.24
CA GLY E 284 -23.37 -7.59 31.40
C GLY E 284 -23.50 -6.08 31.35
N ILE E 285 -24.70 -5.60 31.09
CA ILE E 285 -24.98 -4.17 30.98
C ILE E 285 -24.75 -3.45 32.31
N THR E 286 -25.40 -3.92 33.39
CA THR E 286 -25.31 -3.33 34.72
C THR E 286 -23.87 -3.28 35.23
N ASP E 287 -23.09 -4.35 34.98
CA ASP E 287 -21.70 -4.42 35.43
C ASP E 287 -20.79 -3.49 34.63
N THR E 288 -20.92 -3.48 33.30
CA THR E 288 -20.09 -2.61 32.46
C THR E 288 -20.30 -1.13 32.81
N SER E 289 -21.57 -0.73 33.01
CA SER E 289 -21.91 0.64 33.39
C SER E 289 -21.44 0.98 34.81
N GLN E 290 -21.49 0.02 35.74
CA GLN E 290 -21.01 0.26 37.10
C GLN E 290 -19.50 0.41 37.12
N ALA E 291 -18.77 -0.37 36.29
CA ALA E 291 -17.33 -0.28 36.20
C ALA E 291 -16.92 1.11 35.70
N LEU E 292 -17.63 1.63 34.70
CA LEU E 292 -17.35 2.94 34.15
C LEU E 292 -17.72 4.05 35.13
N ARG E 293 -18.79 3.85 35.92
CA ARG E 293 -19.22 4.83 36.92
C ARG E 293 -18.22 4.90 38.08
N ASP E 294 -17.60 3.76 38.44
CA ASP E 294 -16.63 3.72 39.53
C ASP E 294 -15.33 4.45 39.17
N PHE E 295 -14.94 4.42 37.89
CA PHE E 295 -13.77 5.11 37.39
C PHE E 295 -13.94 6.62 37.57
N ALA E 296 -15.12 7.15 37.19
CA ALA E 296 -15.41 8.58 37.33
C ALA E 296 -15.43 9.01 38.81
N ARG E 297 -15.95 8.13 39.67
CA ARG E 297 -16.04 8.35 41.10
C ARG E 297 -14.67 8.54 41.75
N LEU E 298 -13.67 7.77 41.29
CA LEU E 298 -12.33 7.84 41.87
C LEU E 298 -11.39 8.81 41.17
N LEU E 299 -11.74 9.27 39.96
CA LEU E 299 -10.88 10.19 39.23
C LEU E 299 -11.17 11.67 39.50
N ASP E 300 -12.20 11.96 40.30
CA ASP E 300 -12.58 13.31 40.71
C ASP E 300 -12.60 14.33 39.58
N ASP E 301 -13.32 14.01 38.50
CA ASP E 301 -13.42 14.92 37.37
C ASP E 301 -14.88 15.04 36.98
N PRO E 302 -15.48 16.23 37.16
CA PRO E 302 -16.90 16.40 36.77
C PRO E 302 -17.14 16.27 35.28
N ASP E 303 -16.15 16.67 34.46
CA ASP E 303 -16.26 16.55 33.00
C ASP E 303 -16.26 15.09 32.58
N LEU E 304 -15.47 14.26 33.25
CA LEU E 304 -15.42 12.83 32.99
C LEU E 304 -16.72 12.18 33.44
N THR E 305 -17.22 12.57 34.63
CA THR E 305 -18.46 12.03 35.19
C THR E 305 -19.66 12.30 34.26
N ALA E 306 -19.75 13.51 33.72
CA ALA E 306 -20.83 13.89 32.82
C ALA E 306 -20.72 13.12 31.50
N ARG E 307 -19.51 12.97 30.97
CA ARG E 307 -19.32 12.20 29.73
C ARG E 307 -19.55 10.71 29.95
N THR E 308 -19.33 10.22 31.19
CA THR E 308 -19.55 8.82 31.55
C THR E 308 -21.04 8.51 31.50
N GLU E 309 -21.86 9.42 32.04
CA GLU E 309 -23.32 9.27 32.00
C GLU E 309 -23.81 9.32 30.57
N ALA E 310 -23.23 10.19 29.76
CA ALA E 310 -23.58 10.34 28.36
C ALA E 310 -23.22 9.07 27.56
N LEU E 311 -22.07 8.44 27.87
CA LEU E 311 -21.70 7.20 27.18
C LEU E 311 -22.67 6.09 27.62
N ILE E 312 -22.96 6.01 28.92
CA ILE E 312 -23.87 4.99 29.44
C ILE E 312 -25.25 5.12 28.85
N ALA E 313 -25.82 6.33 28.84
CA ALA E 313 -27.13 6.56 28.25
C ALA E 313 -27.17 6.20 26.77
N ARG E 314 -26.06 6.37 26.05
CA ARG E 314 -26.00 6.04 24.63
C ARG E 314 -25.87 4.54 24.39
N GLU E 315 -24.94 3.90 25.09
CA GLU E 315 -24.69 2.48 24.95
C GLU E 315 -25.80 1.61 25.53
N GLU E 316 -26.49 2.08 26.59
CA GLU E 316 -27.61 1.34 27.16
C GLU E 316 -28.84 1.42 26.25
N ALA E 317 -29.06 2.57 25.59
CA ALA E 317 -30.20 2.70 24.67
C ALA E 317 -30.04 1.80 23.46
N LYS E 318 -28.81 1.70 22.95
CA LYS E 318 -28.49 0.90 21.79
C LYS E 318 -28.60 -0.59 22.13
N VAL E 319 -28.06 -1.03 23.27
CA VAL E 319 -28.05 -2.45 23.63
C VAL E 319 -29.42 -2.97 24.12
N ARG E 320 -30.22 -2.15 24.80
CA ARG E 320 -31.55 -2.58 25.22
C ARG E 320 -32.47 -2.76 24.00
N ALA E 321 -32.32 -1.89 22.99
CA ALA E 321 -33.08 -1.98 21.74
C ALA E 321 -32.67 -3.21 20.92
N ALA E 322 -31.38 -3.54 20.92
CA ALA E 322 -30.86 -4.70 20.21
C ALA E 322 -31.22 -6.01 20.89
N LEU E 323 -31.42 -6.00 22.22
CA LEU E 323 -31.76 -7.22 22.96
C LEU E 323 -33.25 -7.54 22.95
N GLU E 324 -34.11 -6.57 22.63
CA GLU E 324 -35.57 -6.72 22.62
C GLU E 324 -36.10 -7.79 21.63
N PRO E 325 -35.64 -7.86 20.35
CA PRO E 325 -36.14 -8.95 19.48
C PRO E 325 -35.81 -10.36 20.00
N TRP E 326 -34.81 -10.49 20.89
CA TRP E 326 -34.39 -11.75 21.48
C TRP E 326 -35.04 -12.03 22.82
N ARG E 327 -35.47 -10.99 23.55
CA ARG E 327 -36.03 -11.06 24.91
C ARG E 327 -37.09 -12.13 25.13
N ALA E 328 -37.87 -12.48 24.11
CA ALA E 328 -38.87 -13.53 24.25
C ALA E 328 -38.23 -14.92 24.19
N ARG E 329 -37.26 -15.11 23.29
CA ARG E 329 -36.57 -16.38 23.08
C ARG E 329 -35.78 -16.91 24.29
N LEU E 330 -35.28 -16.03 25.17
CA LEU E 330 -34.51 -16.49 26.34
C LEU E 330 -35.18 -16.20 27.69
N GLU E 331 -36.36 -15.60 27.69
CA GLU E 331 -37.04 -15.27 28.93
C GLU E 331 -37.58 -16.49 29.66
N GLY E 332 -37.17 -16.64 30.92
CA GLY E 332 -37.62 -17.74 31.76
C GLY E 332 -36.90 -19.05 31.60
N LYS E 333 -35.83 -19.08 30.78
CA LYS E 333 -35.06 -20.31 30.60
C LYS E 333 -34.25 -20.56 31.86
N ARG E 334 -34.30 -21.80 32.38
CA ARG E 334 -33.61 -22.15 33.61
C ARG E 334 -32.13 -22.43 33.35
N VAL E 335 -31.25 -21.79 34.12
CA VAL E 335 -29.81 -21.95 33.95
C VAL E 335 -29.18 -22.53 35.20
N LEU E 336 -28.41 -23.62 35.07
CA LEU E 336 -27.69 -24.16 36.22
C LEU E 336 -26.24 -23.73 36.10
N LEU E 337 -25.76 -22.88 37.02
CA LEU E 337 -24.38 -22.42 36.97
C LEU E 337 -23.51 -23.20 37.94
N TYR E 338 -22.37 -23.71 37.48
CA TYR E 338 -21.45 -24.43 38.34
C TYR E 338 -20.13 -23.63 38.48
N THR E 339 -19.66 -23.46 39.72
CA THR E 339 -18.44 -22.70 39.98
C THR E 339 -17.22 -23.63 40.21
N GLY E 340 -16.42 -23.82 39.17
CA GLY E 340 -15.24 -24.66 39.27
C GLY E 340 -13.97 -23.86 39.41
N GLY E 341 -14.04 -22.76 40.17
CA GLY E 341 -12.93 -21.84 40.41
C GLY E 341 -12.45 -21.09 39.17
N VAL E 342 -13.30 -21.08 38.12
CA VAL E 342 -13.02 -20.49 36.82
C VAL E 342 -13.79 -19.17 36.61
N LYS E 343 -13.89 -18.36 37.71
CA LYS E 343 -14.55 -17.04 37.76
C LYS E 343 -15.96 -17.05 37.15
N SER E 344 -16.75 -18.09 37.47
CA SER E 344 -18.11 -18.27 36.94
C SER E 344 -19.15 -17.27 37.44
N TRP E 345 -18.97 -16.71 38.64
CA TRP E 345 -19.96 -15.76 39.17
C TRP E 345 -20.02 -14.43 38.41
N SER E 346 -18.94 -14.07 37.69
CA SER E 346 -18.90 -12.84 36.91
C SER E 346 -19.95 -12.80 35.79
N VAL E 347 -20.22 -13.95 35.15
CA VAL E 347 -21.21 -14.01 34.07
C VAL E 347 -22.66 -14.10 34.57
N VAL E 348 -22.89 -14.33 35.88
CA VAL E 348 -24.22 -14.43 36.48
C VAL E 348 -24.99 -13.13 36.30
N SER E 349 -24.31 -11.98 36.50
CA SER E 349 -24.91 -10.66 36.35
C SER E 349 -25.44 -10.42 34.93
N ALA E 350 -24.76 -10.97 33.92
CA ALA E 350 -25.20 -10.83 32.54
C ALA E 350 -26.48 -11.60 32.29
N LEU E 351 -26.59 -12.80 32.86
CA LEU E 351 -27.78 -13.63 32.72
C LEU E 351 -29.01 -12.99 33.41
N GLN E 352 -28.78 -12.19 34.47
CA GLN E 352 -29.83 -11.46 35.17
C GLN E 352 -30.45 -10.41 34.26
N ASP E 353 -29.62 -9.76 33.41
CA ASP E 353 -30.07 -8.76 32.44
C ASP E 353 -30.93 -9.36 31.30
N LEU E 354 -31.24 -10.67 31.36
CA LEU E 354 -32.02 -11.36 30.34
C LEU E 354 -33.33 -11.99 30.86
N GLY E 355 -33.56 -11.93 32.17
CA GLY E 355 -34.76 -12.50 32.77
C GLY E 355 -34.70 -14.01 32.84
N MET E 356 -33.57 -14.54 33.28
CA MET E 356 -33.38 -15.99 33.39
C MET E 356 -33.10 -16.34 34.86
N LYS E 357 -33.88 -17.28 35.44
CA LYS E 357 -33.65 -17.67 36.83
C LYS E 357 -32.46 -18.61 36.88
N VAL E 358 -31.38 -18.20 37.57
CA VAL E 358 -30.17 -19.01 37.64
C VAL E 358 -30.02 -19.71 38.98
N VAL E 359 -29.66 -20.99 38.93
CA VAL E 359 -29.41 -21.79 40.12
C VAL E 359 -27.91 -22.03 40.19
N ALA E 360 -27.22 -21.30 41.05
CA ALA E 360 -25.77 -21.44 41.17
C ALA E 360 -25.41 -22.49 42.23
N THR E 361 -24.37 -23.28 41.96
CA THR E 361 -23.93 -24.31 42.89
C THR E 361 -22.41 -24.47 42.90
N GLY E 362 -21.89 -24.91 44.03
CA GLY E 362 -20.46 -25.13 44.21
C GLY E 362 -20.14 -26.35 45.05
N THR E 363 -18.86 -26.56 45.33
CA THR E 363 -18.40 -27.70 46.13
C THR E 363 -17.63 -27.22 47.40
N LYS E 364 -17.21 -28.15 48.28
CA LYS E 364 -16.42 -27.81 49.47
C LYS E 364 -15.00 -27.32 49.05
N LYS E 365 -14.47 -27.86 47.94
CA LYS E 365 -13.17 -27.48 47.39
C LYS E 365 -13.18 -26.10 46.68
N SER E 366 -14.36 -25.47 46.52
CA SER E 366 -14.48 -24.14 45.91
C SER E 366 -13.99 -23.06 46.87
N THR E 367 -13.66 -21.87 46.35
CA THR E 367 -13.18 -20.77 47.20
C THR E 367 -14.29 -20.20 48.10
N GLU E 368 -13.90 -19.48 49.16
CA GLU E 368 -14.89 -18.86 50.07
C GLU E 368 -15.68 -17.74 49.38
N GLU E 369 -15.11 -17.09 48.35
CA GLU E 369 -15.82 -16.06 47.61
C GLU E 369 -16.92 -16.69 46.74
N ASP E 370 -16.66 -17.90 46.19
CA ASP E 370 -17.66 -18.62 45.41
C ASP E 370 -18.84 -18.98 46.33
N LYS E 371 -18.54 -19.42 47.56
CA LYS E 371 -19.54 -19.78 48.56
C LYS E 371 -20.36 -18.58 49.04
N ALA E 372 -19.71 -17.42 49.23
CA ALA E 372 -20.39 -16.21 49.69
C ALA E 372 -21.39 -15.69 48.64
N ARG E 373 -21.05 -15.82 47.36
CA ARG E 373 -21.94 -15.38 46.29
C ARG E 373 -23.13 -16.33 46.12
N ILE E 374 -22.99 -17.61 46.51
CA ILE E 374 -24.07 -18.58 46.45
C ILE E 374 -25.05 -18.33 47.60
N ARG E 375 -24.55 -17.94 48.80
CA ARG E 375 -25.44 -17.59 49.92
C ARG E 375 -26.20 -16.28 49.61
N GLU E 376 -25.58 -15.38 48.85
CA GLU E 376 -26.13 -14.08 48.45
C GLU E 376 -27.37 -14.24 47.56
N LEU E 377 -27.37 -15.23 46.66
CA LEU E 377 -28.50 -15.42 45.76
C LEU E 377 -29.42 -16.60 46.12
N MET E 378 -28.86 -17.80 46.31
CA MET E 378 -29.66 -18.98 46.63
C MET E 378 -30.24 -18.98 48.04
N GLY E 379 -29.43 -18.61 49.02
CA GLY E 379 -29.86 -18.59 50.42
C GLY E 379 -28.76 -19.04 51.35
N ASP E 380 -28.88 -18.71 52.64
CA ASP E 380 -27.86 -19.05 53.63
C ASP E 380 -27.81 -20.55 53.96
N ASP E 381 -28.90 -21.28 53.73
CA ASP E 381 -28.93 -22.72 54.01
C ASP E 381 -28.80 -23.50 52.70
N VAL E 382 -27.85 -23.10 51.84
CA VAL E 382 -27.65 -23.76 50.55
C VAL E 382 -26.91 -25.09 50.71
N LYS E 383 -27.04 -25.98 49.72
CA LYS E 383 -26.40 -27.30 49.73
C LYS E 383 -25.23 -27.38 48.73
N MET E 384 -24.03 -27.70 49.22
CA MET E 384 -22.86 -27.80 48.37
C MET E 384 -22.64 -29.23 47.89
N LEU E 385 -22.18 -29.41 46.63
CA LEU E 385 -21.94 -30.73 46.05
C LEU E 385 -20.77 -31.49 46.70
N ASP E 386 -19.80 -30.74 47.25
CA ASP E 386 -18.63 -31.25 47.97
C ASP E 386 -17.65 -32.04 47.05
N GLU E 387 -17.94 -33.31 46.72
CA GLU E 387 -17.03 -34.10 45.90
C GLU E 387 -17.05 -33.74 44.41
N GLY E 388 -16.01 -34.15 43.69
CA GLY E 388 -15.88 -33.88 42.26
C GLY E 388 -16.66 -34.80 41.36
N ASN E 389 -17.65 -35.54 41.92
CA ASN E 389 -18.48 -36.45 41.14
C ASN E 389 -19.37 -35.68 40.19
N ALA E 390 -19.18 -35.88 38.89
CA ALA E 390 -19.96 -35.20 37.87
C ALA E 390 -21.40 -35.71 37.78
N ARG E 391 -21.68 -36.93 38.29
CA ARG E 391 -23.06 -37.45 38.29
C ARG E 391 -23.96 -36.67 39.25
N VAL E 392 -23.37 -36.05 40.30
CA VAL E 392 -24.09 -35.22 41.25
C VAL E 392 -24.52 -33.92 40.56
N LEU E 393 -23.64 -33.36 39.71
CA LEU E 393 -23.89 -32.15 38.93
C LEU E 393 -24.99 -32.44 37.89
N LEU E 394 -24.98 -33.63 37.27
CA LEU E 394 -25.99 -34.04 36.29
C LEU E 394 -27.34 -34.22 36.97
N LYS E 395 -27.33 -34.78 38.19
CA LYS E 395 -28.56 -34.96 38.98
C LYS E 395 -29.16 -33.61 39.35
N THR E 396 -28.30 -32.63 39.67
CA THR E 396 -28.70 -31.26 40.03
C THR E 396 -29.44 -30.59 38.86
N VAL E 397 -29.00 -30.87 37.62
CA VAL E 397 -29.64 -30.33 36.42
C VAL E 397 -31.09 -30.81 36.35
N ASP E 398 -31.30 -32.12 36.52
CA ASP E 398 -32.63 -32.72 36.47
C ASP E 398 -33.50 -32.32 37.69
N GLU E 399 -32.86 -32.11 38.84
CA GLU E 399 -33.54 -31.71 40.08
C GLU E 399 -34.19 -30.35 39.92
N TYR E 400 -33.45 -29.37 39.38
CA TYR E 400 -33.97 -28.02 39.21
C TYR E 400 -34.64 -27.78 37.85
N GLN E 401 -34.80 -28.82 37.01
CA GLN E 401 -35.38 -28.71 35.66
C GLN E 401 -34.63 -27.70 34.82
N ALA E 402 -33.29 -27.76 34.89
CA ALA E 402 -32.42 -26.85 34.17
C ALA E 402 -32.46 -27.06 32.67
N ASP E 403 -32.47 -25.97 31.91
CA ASP E 403 -32.50 -26.03 30.45
C ASP E 403 -31.10 -25.98 29.84
N ILE E 404 -30.12 -25.38 30.56
CA ILE E 404 -28.74 -25.27 30.09
C ILE E 404 -27.78 -25.22 31.30
N LEU E 405 -26.61 -25.86 31.17
CA LEU E 405 -25.58 -25.83 32.20
C LEU E 405 -24.50 -24.84 31.79
N ILE E 406 -24.25 -23.82 32.61
CA ILE E 406 -23.19 -22.86 32.33
C ILE E 406 -22.06 -23.07 33.34
N ALA E 407 -20.93 -23.60 32.85
CA ALA E 407 -19.78 -23.94 33.68
C ALA E 407 -18.45 -23.90 32.81
N GLY E 408 -17.28 -24.18 33.42
CA GLY E 408 -16.01 -24.21 32.70
C GLY E 408 -15.93 -25.37 31.74
N GLY E 409 -15.08 -25.24 30.73
CA GLY E 409 -14.85 -26.23 29.68
C GLY E 409 -14.59 -27.66 30.13
N ARG E 410 -14.17 -27.87 31.39
CA ARG E 410 -13.92 -29.21 31.91
C ARG E 410 -15.22 -30.02 31.99
N ASN E 411 -16.32 -29.36 32.39
CA ASN E 411 -17.63 -29.97 32.55
C ASN E 411 -18.47 -29.98 31.26
N MET E 412 -17.84 -29.74 30.10
CA MET E 412 -18.52 -29.70 28.81
C MET E 412 -19.06 -31.08 28.43
N TYR E 413 -18.22 -32.12 28.55
CA TYR E 413 -18.65 -33.47 28.16
C TYR E 413 -19.60 -34.10 29.16
N THR E 414 -19.65 -33.59 30.41
CA THR E 414 -20.61 -34.06 31.38
C THR E 414 -22.01 -33.63 30.91
N ALA E 415 -22.14 -32.37 30.47
CA ALA E 415 -23.40 -31.87 29.96
C ALA E 415 -23.70 -32.40 28.56
N LEU E 416 -22.73 -32.38 27.63
CA LEU E 416 -22.95 -32.88 26.26
C LEU E 416 -23.33 -34.36 26.25
N LYS E 417 -22.57 -35.22 26.98
CA LYS E 417 -22.87 -36.64 27.04
C LYS E 417 -24.13 -36.94 27.85
N GLY E 418 -24.46 -36.08 28.81
CA GLY E 418 -25.69 -36.20 29.58
C GLY E 418 -26.91 -35.66 28.85
N ARG E 419 -26.76 -35.32 27.54
CA ARG E 419 -27.80 -34.81 26.63
C ARG E 419 -28.38 -33.49 27.09
N VAL E 420 -27.53 -32.63 27.69
CA VAL E 420 -27.92 -31.34 28.24
C VAL E 420 -27.18 -30.16 27.56
N PRO E 421 -27.92 -29.12 27.11
CA PRO E 421 -27.26 -27.94 26.52
C PRO E 421 -26.23 -27.29 27.44
N PHE E 422 -25.12 -26.82 26.88
CA PHE E 422 -24.03 -26.24 27.68
C PHE E 422 -23.47 -24.98 27.06
N LEU E 423 -23.01 -24.03 27.90
CA LEU E 423 -22.35 -22.83 27.43
C LEU E 423 -21.00 -22.67 28.14
N ASP E 424 -19.92 -22.59 27.36
CA ASP E 424 -18.58 -22.46 27.91
C ASP E 424 -18.30 -21.03 28.35
N ILE E 425 -17.73 -20.87 29.54
CA ILE E 425 -17.35 -19.57 30.07
C ILE E 425 -15.93 -19.63 30.64
N ASN E 426 -15.03 -20.41 30.02
CA ASN E 426 -13.66 -20.55 30.52
C ASN E 426 -12.61 -19.84 29.63
N GLN E 427 -11.34 -19.83 30.06
CA GLN E 427 -10.19 -19.22 29.38
C GLN E 427 -9.71 -20.03 28.16
N GLU E 428 -10.67 -20.52 27.35
CA GLU E 428 -10.41 -21.34 26.16
C GLU E 428 -11.51 -21.16 25.08
N ARG E 429 -12.61 -20.45 25.40
CA ARG E 429 -13.71 -20.18 24.47
C ARG E 429 -13.31 -19.29 23.29
N GLU E 430 -14.10 -19.32 22.20
CA GLU E 430 -13.83 -18.53 21.00
C GLU E 430 -14.83 -17.39 20.79
N PHE E 431 -15.66 -17.07 21.80
CA PHE E 431 -16.63 -15.99 21.68
C PHE E 431 -16.53 -14.97 22.79
N GLY E 432 -16.59 -13.69 22.43
CA GLY E 432 -16.46 -12.58 23.37
C GLY E 432 -17.76 -12.16 24.00
N TYR E 433 -17.78 -12.05 25.34
CA TYR E 433 -19.01 -11.66 26.05
C TYR E 433 -18.89 -10.37 26.87
N ALA E 434 -17.74 -9.68 26.78
CA ALA E 434 -17.51 -8.46 27.54
C ALA E 434 -18.17 -7.22 26.92
N GLY E 435 -18.48 -6.27 27.77
CA GLY E 435 -19.08 -5.01 27.40
C GLY E 435 -20.51 -5.11 26.95
N TYR E 436 -21.02 -4.04 26.34
CA TYR E 436 -22.36 -3.99 25.83
C TYR E 436 -22.48 -4.85 24.56
N ASP E 437 -21.47 -4.79 23.67
CA ASP E 437 -21.47 -5.59 22.46
C ASP E 437 -21.39 -7.09 22.72
N GLY E 438 -20.71 -7.47 23.80
CA GLY E 438 -20.59 -8.87 24.18
C GLY E 438 -21.89 -9.53 24.57
N MET E 439 -22.83 -8.73 25.12
CA MET E 439 -24.18 -9.19 25.50
C MET E 439 -24.91 -9.77 24.30
N LEU E 440 -24.70 -9.21 23.13
CA LEU E 440 -25.31 -9.68 21.90
C LEU E 440 -24.77 -11.04 21.53
N GLU E 441 -23.46 -11.25 21.67
CA GLU E 441 -22.85 -12.54 21.34
C GLU E 441 -23.29 -13.62 22.34
N LEU E 442 -23.46 -13.25 23.61
CA LEU E 442 -23.88 -14.18 24.64
C LEU E 442 -25.27 -14.71 24.35
N VAL E 443 -26.24 -13.85 24.02
CA VAL E 443 -27.59 -14.31 23.71
C VAL E 443 -27.61 -15.14 22.42
N ARG E 444 -26.75 -14.81 21.44
CA ARG E 444 -26.65 -15.58 20.22
C ARG E 444 -26.14 -17.00 20.55
N GLN E 445 -25.06 -17.12 21.36
CA GLN E 445 -24.55 -18.43 21.75
C GLN E 445 -25.53 -19.23 22.61
N LEU E 446 -26.31 -18.56 23.47
CA LEU E 446 -27.30 -19.23 24.31
C LEU E 446 -28.40 -19.83 23.44
N CYS E 447 -28.90 -19.05 22.46
CA CYS E 447 -29.91 -19.50 21.52
C CYS E 447 -29.40 -20.59 20.60
N ILE E 448 -28.14 -20.49 20.15
CA ILE E 448 -27.50 -21.49 19.29
C ILE E 448 -27.63 -22.91 19.88
N THR E 449 -27.25 -23.07 21.15
CA THR E 449 -27.32 -24.39 21.77
C THR E 449 -28.73 -24.74 22.30
N LEU E 450 -29.49 -23.76 22.81
CA LEU E 450 -30.84 -24.02 23.34
C LEU E 450 -31.86 -24.37 22.28
N GLU E 451 -31.93 -23.60 21.20
CA GLU E 451 -32.88 -23.83 20.13
C GLU E 451 -32.44 -24.91 19.16
N CYS E 452 -31.45 -25.74 19.51
CA CYS E 452 -30.94 -26.74 18.60
C CYS E 452 -31.78 -28.03 18.55
N PRO E 453 -32.14 -28.48 17.34
CA PRO E 453 -32.86 -29.75 17.22
C PRO E 453 -32.01 -30.98 17.54
N VAL E 454 -30.68 -30.83 17.69
CA VAL E 454 -29.80 -31.96 18.02
C VAL E 454 -30.17 -32.65 19.34
N TRP E 455 -30.73 -31.91 20.30
CA TRP E 455 -31.06 -32.44 21.62
C TRP E 455 -32.19 -33.48 21.59
N GLU E 456 -33.27 -33.23 20.84
CA GLU E 456 -34.34 -34.21 20.73
C GLU E 456 -33.86 -35.48 20.01
N ALA E 457 -32.93 -35.34 19.05
CA ALA E 457 -32.38 -36.45 18.30
C ALA E 457 -31.51 -37.35 19.14
N VAL E 458 -30.73 -36.79 20.09
CA VAL E 458 -29.87 -37.62 20.94
C VAL E 458 -30.61 -38.20 22.15
N ARG E 459 -31.81 -37.68 22.49
CA ARG E 459 -32.62 -38.22 23.59
C ARG E 459 -33.55 -39.33 23.09
N ARG E 460 -34.07 -39.20 21.86
CA ARG E 460 -34.94 -40.21 21.27
C ARG E 460 -34.15 -41.49 21.05
N PRO E 461 -34.71 -42.65 21.41
CA PRO E 461 -33.97 -43.91 21.22
C PRO E 461 -33.87 -44.35 19.76
N ALA E 462 -33.05 -45.37 19.47
CA ALA E 462 -32.93 -45.91 18.11
C ALA E 462 -34.27 -46.53 17.68
N PRO E 463 -34.61 -46.53 16.38
CA PRO E 463 -35.92 -47.10 15.96
C PRO E 463 -36.07 -48.60 16.23
N TRP E 464 -34.96 -49.31 16.42
CA TRP E 464 -34.99 -50.73 16.75
C TRP E 464 -35.11 -50.98 18.27
N ASP E 465 -34.77 -49.98 19.09
CA ASP E 465 -34.91 -50.09 20.54
C ASP E 465 -36.27 -49.49 21.00
N ILE E 466 -37.31 -49.64 20.18
CA ILE E 466 -38.66 -49.17 20.51
C ILE E 466 -39.63 -50.36 20.51
N PRO E 467 -40.17 -50.71 21.69
CA PRO E 467 -41.08 -51.88 21.78
C PRO E 467 -42.37 -51.83 20.96
N ALA E 468 -43.03 -52.98 20.79
CA ALA E 468 -44.25 -53.12 19.99
C ALA E 468 -45.53 -53.30 20.81
N MET F 1 21.26 -47.00 7.99
CA MET F 1 20.99 -46.26 6.77
C MET F 1 20.77 -44.75 7.04
N ALA F 2 20.26 -44.42 8.24
CA ALA F 2 20.00 -43.03 8.61
C ALA F 2 20.95 -42.55 9.70
N GLU F 3 21.32 -41.28 9.64
CA GLU F 3 22.20 -40.71 10.64
C GLU F 3 21.47 -39.78 11.58
N ILE F 4 21.18 -40.28 12.79
CA ILE F 4 20.45 -39.55 13.82
C ILE F 4 21.23 -38.33 14.32
N ILE F 5 20.76 -37.13 13.96
CA ILE F 5 21.40 -35.92 14.42
C ILE F 5 20.76 -35.63 15.77
N ASN F 6 21.27 -36.24 16.84
CA ASN F 6 20.79 -36.10 18.23
C ASN F 6 20.62 -34.66 18.69
N ARG F 7 19.76 -34.45 19.71
CA ARG F 7 19.45 -33.15 20.29
C ARG F 7 20.72 -32.42 20.72
N ASN F 8 20.86 -31.16 20.27
CA ASN F 8 22.10 -30.41 20.52
C ASN F 8 21.89 -29.05 21.16
N LYS F 9 20.75 -28.42 20.92
CA LYS F 9 20.43 -27.13 21.49
C LYS F 9 19.93 -27.29 22.93
N ALA F 10 20.05 -26.22 23.70
CA ALA F 10 19.63 -26.12 25.09
C ALA F 10 18.14 -25.82 25.26
N LEU F 11 17.53 -25.13 24.27
CA LEU F 11 16.15 -24.74 24.37
C LEU F 11 15.26 -25.44 23.36
N ALA F 12 14.23 -26.16 23.82
CA ALA F 12 13.28 -26.79 22.90
C ALA F 12 12.27 -25.73 22.53
N VAL F 13 12.27 -25.30 21.26
CA VAL F 13 11.39 -24.26 20.70
C VAL F 13 10.29 -24.85 19.80
N SER F 14 9.04 -24.71 20.25
CA SER F 14 7.80 -25.25 19.67
C SER F 14 7.94 -26.74 19.79
N PRO F 15 7.82 -27.28 21.01
CA PRO F 15 8.08 -28.72 21.21
C PRO F 15 7.27 -29.64 20.33
N LEU F 16 7.96 -30.59 19.70
CA LEU F 16 7.29 -31.61 18.92
C LEU F 16 6.86 -32.71 19.93
N LYS F 17 7.79 -33.13 20.81
CA LYS F 17 7.64 -34.15 21.84
C LYS F 17 6.49 -33.95 22.85
N ALA F 18 5.85 -35.06 23.24
CA ALA F 18 4.81 -35.16 24.27
C ALA F 18 5.31 -36.20 25.33
N SER F 19 4.92 -36.05 26.62
CA SER F 19 5.41 -36.94 27.66
C SER F 19 5.07 -38.42 27.50
N GLN F 20 6.00 -39.24 28.01
CA GLN F 20 5.97 -40.70 28.11
C GLN F 20 4.76 -41.14 28.96
N THR F 21 4.41 -40.34 29.99
CA THR F 21 3.27 -40.58 30.89
C THR F 21 1.95 -40.50 30.13
N MET F 22 1.85 -39.55 29.20
CA MET F 22 0.64 -39.40 28.40
C MET F 22 0.44 -40.60 27.50
N GLY F 23 1.50 -41.06 26.85
CA GLY F 23 1.41 -42.21 25.96
C GLY F 23 0.96 -43.46 26.69
N ALA F 24 1.50 -43.67 27.90
CA ALA F 24 1.14 -44.79 28.75
C ALA F 24 -0.33 -44.71 29.16
N ALA F 25 -0.79 -43.49 29.47
CA ALA F 25 -2.19 -43.26 29.81
C ALA F 25 -3.10 -43.59 28.61
N LEU F 26 -2.66 -43.29 27.39
CA LEU F 26 -3.41 -43.61 26.19
C LEU F 26 -3.59 -45.12 26.05
N ALA F 27 -2.55 -45.89 26.35
CA ALA F 27 -2.63 -47.36 26.29
C ALA F 27 -3.59 -47.89 27.34
N ILE F 28 -3.56 -47.34 28.56
CA ILE F 28 -4.48 -47.69 29.65
C ILE F 28 -5.92 -47.36 29.25
N LEU F 29 -6.11 -46.24 28.51
CA LEU F 29 -7.40 -45.79 27.98
C LEU F 29 -7.99 -46.76 26.93
N GLY F 30 -7.16 -47.62 26.35
CA GLY F 30 -7.58 -48.65 25.41
C GLY F 30 -8.03 -49.94 26.08
N LEU F 31 -8.38 -49.87 27.39
CA LEU F 31 -8.86 -50.98 28.19
C LEU F 31 -10.25 -50.60 28.73
N ALA F 32 -11.21 -51.53 28.65
CA ALA F 32 -12.58 -51.25 29.10
C ALA F 32 -12.68 -51.02 30.61
N ARG F 33 -13.50 -50.02 31.01
CA ARG F 33 -13.72 -49.63 32.41
C ARG F 33 -12.40 -49.44 33.18
N SER F 34 -11.49 -48.65 32.60
CA SER F 34 -10.17 -48.41 33.20
C SER F 34 -9.98 -46.99 33.69
N MET F 35 -9.10 -46.80 34.68
CA MET F 35 -8.80 -45.49 35.22
C MET F 35 -7.28 -45.30 35.28
N PRO F 36 -6.71 -44.43 34.42
CA PRO F 36 -5.26 -44.18 34.51
C PRO F 36 -4.96 -43.26 35.71
N LEU F 37 -3.90 -43.57 36.43
CA LEU F 37 -3.53 -42.84 37.63
C LEU F 37 -2.08 -42.39 37.58
N PHE F 38 -1.87 -41.07 37.56
CA PHE F 38 -0.53 -40.52 37.54
C PHE F 38 -0.06 -40.34 38.97
N HIS F 39 1.14 -40.80 39.27
CA HIS F 39 1.71 -40.63 40.59
C HIS F 39 2.54 -39.37 40.49
N GLY F 40 1.89 -38.25 40.80
CA GLY F 40 2.50 -36.92 40.72
C GLY F 40 1.59 -35.82 41.24
N SER F 41 2.00 -34.55 41.05
CA SER F 41 1.22 -33.36 41.43
C SER F 41 0.01 -33.21 40.47
N GLN F 42 -1.11 -32.63 40.94
CA GLN F 42 -2.38 -32.52 40.20
C GLN F 42 -2.30 -31.94 38.77
N GLY F 43 -1.29 -31.11 38.51
CA GLY F 43 -1.08 -30.46 37.24
C GLY F 43 -0.73 -31.31 36.05
N CYS F 44 0.02 -32.39 36.26
CA CYS F 44 0.38 -33.31 35.17
C CYS F 44 -0.85 -33.96 34.57
N THR F 45 -1.76 -34.39 35.44
CA THR F 45 -3.01 -35.03 35.06
C THR F 45 -3.93 -34.03 34.37
N ALA F 46 -3.97 -32.79 34.88
CA ALA F 46 -4.82 -31.75 34.34
C ALA F 46 -4.42 -31.43 32.90
N PHE F 47 -3.11 -31.34 32.65
CA PHE F 47 -2.60 -31.05 31.30
C PHE F 47 -2.83 -32.23 30.37
N ALA F 48 -2.69 -33.45 30.88
CA ALA F 48 -2.91 -34.64 30.07
C ALA F 48 -4.39 -34.73 29.68
N LYS F 49 -5.30 -34.40 30.60
CA LYS F 49 -6.74 -34.43 30.39
C LYS F 49 -7.13 -33.42 29.33
N VAL F 50 -6.54 -32.21 29.38
CA VAL F 50 -6.82 -31.21 28.36
C VAL F 50 -6.31 -31.71 26.99
N PHE F 51 -5.10 -32.31 26.97
CA PHE F 51 -4.49 -32.83 25.75
C PHE F 51 -5.37 -33.84 25.04
N PHE F 52 -5.90 -34.82 25.78
CA PHE F 52 -6.75 -35.87 25.22
C PHE F 52 -8.16 -35.40 24.93
N VAL F 53 -8.74 -34.59 25.80
CA VAL F 53 -10.08 -34.06 25.62
C VAL F 53 -10.13 -33.19 24.35
N ARG F 54 -9.06 -32.42 24.07
CA ARG F 54 -9.05 -31.59 22.88
C ARG F 54 -8.81 -32.40 21.59
N HIS F 55 -8.14 -33.55 21.68
CA HIS F 55 -7.88 -34.36 20.50
C HIS F 55 -9.04 -35.26 20.12
N PHE F 56 -9.56 -35.99 21.09
CA PHE F 56 -10.67 -36.92 20.87
C PHE F 56 -12.02 -36.25 20.92
N ARG F 57 -12.15 -35.13 21.66
CA ARG F 57 -13.41 -34.42 21.86
C ARG F 57 -14.44 -35.34 22.53
N GLU F 58 -13.99 -36.02 23.59
CA GLU F 58 -14.70 -36.99 24.42
C GLU F 58 -14.23 -36.83 25.89
N PRO F 59 -15.05 -37.22 26.89
CA PRO F 59 -14.57 -37.14 28.28
C PRO F 59 -13.45 -38.16 28.52
N VAL F 60 -12.41 -37.79 29.29
CA VAL F 60 -11.30 -38.71 29.51
C VAL F 60 -11.02 -39.03 31.00
N PRO F 61 -11.16 -40.31 31.40
CA PRO F 61 -10.86 -40.69 32.80
C PRO F 61 -9.36 -40.54 33.07
N LEU F 62 -9.00 -39.81 34.13
CA LEU F 62 -7.60 -39.57 34.44
C LEU F 62 -7.51 -39.03 35.85
N GLN F 63 -6.78 -39.72 36.73
CA GLN F 63 -6.66 -39.29 38.11
C GLN F 63 -5.23 -38.99 38.54
N THR F 64 -5.07 -38.43 39.75
CA THR F 64 -3.77 -38.08 40.28
C THR F 64 -3.63 -38.45 41.77
N THR F 65 -2.41 -38.79 42.20
CA THR F 65 -2.15 -39.08 43.61
C THR F 65 -2.06 -37.81 44.49
N ALA F 66 -2.08 -36.60 43.87
CA ALA F 66 -2.05 -35.28 44.51
C ALA F 66 -0.81 -35.04 45.39
N MET F 67 0.37 -35.18 44.80
CA MET F 67 1.62 -34.92 45.51
C MET F 67 1.83 -33.42 45.71
N ASP F 68 1.97 -33.01 46.96
CA ASP F 68 2.20 -31.61 47.35
C ASP F 68 3.67 -31.40 47.79
N GLN F 69 4.00 -30.18 48.26
CA GLN F 69 5.35 -29.83 48.72
C GLN F 69 5.89 -30.78 49.78
N VAL F 70 5.05 -31.15 50.75
CA VAL F 70 5.40 -32.02 51.87
C VAL F 70 5.63 -33.46 51.44
N SER F 71 4.69 -34.03 50.68
CA SER F 71 4.82 -35.41 50.20
C SER F 71 5.88 -35.59 49.12
N SER F 72 6.35 -34.50 48.49
CA SER F 72 7.40 -34.63 47.47
C SER F 72 8.78 -34.80 48.10
N VAL F 73 9.01 -34.25 49.30
CA VAL F 73 10.31 -34.36 49.95
C VAL F 73 10.31 -35.50 50.98
N MET F 74 9.27 -35.54 51.81
CA MET F 74 9.15 -36.55 52.85
C MET F 74 8.77 -37.94 52.34
N GLY F 75 8.17 -38.00 51.16
CA GLY F 75 7.76 -39.27 50.58
C GLY F 75 6.29 -39.28 50.21
N ALA F 76 5.95 -39.90 49.08
CA ALA F 76 4.56 -39.95 48.61
C ALA F 76 3.99 -41.36 48.37
N ASP F 77 4.47 -42.39 49.09
CA ASP F 77 3.94 -43.73 48.93
C ASP F 77 2.52 -43.83 49.50
N GLU F 78 2.21 -43.06 50.57
CA GLU F 78 0.89 -43.05 51.20
C GLU F 78 -0.17 -42.48 50.25
N ASN F 79 0.22 -41.50 49.42
CA ASN F 79 -0.69 -40.90 48.45
C ASN F 79 -1.14 -41.94 47.43
N VAL F 80 -0.24 -42.85 47.02
CA VAL F 80 -0.51 -43.93 46.08
C VAL F 80 -1.55 -44.89 46.67
N VAL F 81 -1.38 -45.25 47.94
CA VAL F 81 -2.30 -46.14 48.64
C VAL F 81 -3.67 -45.48 48.78
N GLU F 82 -3.69 -44.20 49.17
CA GLU F 82 -4.95 -43.48 49.35
C GLU F 82 -5.72 -43.27 48.03
N ALA F 83 -5.00 -43.13 46.90
CA ALA F 83 -5.63 -42.94 45.60
C ALA F 83 -6.20 -44.24 45.07
N LEU F 84 -5.49 -45.35 45.28
CA LEU F 84 -5.95 -46.65 44.81
C LEU F 84 -7.23 -47.06 45.53
N LYS F 85 -7.28 -46.82 46.86
CA LYS F 85 -8.43 -47.13 47.68
C LYS F 85 -9.64 -46.28 47.25
N THR F 86 -9.42 -44.97 47.05
CA THR F 86 -10.44 -44.00 46.63
C THR F 86 -11.10 -44.35 45.31
N ILE F 87 -10.30 -44.73 44.31
CA ILE F 87 -10.83 -45.09 43.00
C ILE F 87 -11.54 -46.45 43.03
N CYS F 88 -11.02 -47.39 43.83
CA CYS F 88 -11.62 -48.72 43.95
C CYS F 88 -13.01 -48.67 44.59
N GLU F 89 -13.22 -47.73 45.53
CA GLU F 89 -14.52 -47.62 46.20
C GLU F 89 -15.51 -46.72 45.48
N ARG F 90 -15.04 -45.62 44.88
CA ARG F 90 -15.93 -44.69 44.20
C ARG F 90 -16.36 -45.12 42.81
N GLN F 91 -15.44 -45.69 42.01
CA GLN F 91 -15.78 -46.08 40.64
C GLN F 91 -15.71 -47.58 40.37
N ASN F 92 -15.16 -48.38 41.30
CA ASN F 92 -15.07 -49.85 41.17
C ASN F 92 -14.54 -50.29 39.80
N PRO F 93 -13.24 -50.09 39.53
CA PRO F 93 -12.73 -50.34 38.18
C PRO F 93 -12.46 -51.78 37.78
N SER F 94 -12.40 -52.02 36.47
CA SER F 94 -12.02 -53.29 35.90
C SER F 94 -10.49 -53.43 35.89
N VAL F 95 -9.76 -52.30 35.82
CA VAL F 95 -8.29 -52.23 35.81
C VAL F 95 -7.85 -50.79 36.07
N ILE F 96 -6.74 -50.61 36.79
CA ILE F 96 -6.19 -49.28 37.06
C ILE F 96 -4.76 -49.24 36.53
N GLY F 97 -4.38 -48.14 35.89
CA GLY F 97 -3.01 -47.97 35.41
C GLY F 97 -2.23 -47.08 36.34
N LEU F 98 -1.18 -47.62 36.99
CA LEU F 98 -0.37 -46.83 37.91
C LEU F 98 0.91 -46.40 37.23
N LEU F 99 0.90 -45.15 36.73
CA LEU F 99 1.98 -44.55 35.94
C LEU F 99 2.72 -43.50 36.74
N THR F 100 4.04 -43.45 36.58
CA THR F 100 4.86 -42.50 37.32
C THR F 100 5.17 -41.24 36.52
N THR F 101 5.43 -40.15 37.23
CA THR F 101 5.80 -38.90 36.58
C THR F 101 7.32 -38.66 36.81
N GLY F 102 7.84 -37.54 36.36
CA GLY F 102 9.23 -37.17 36.58
C GLY F 102 9.47 -36.88 38.03
N LEU F 103 8.48 -36.29 38.72
CA LEU F 103 8.51 -35.93 40.13
C LEU F 103 8.60 -37.16 41.05
N SER F 104 7.85 -38.22 40.72
CA SER F 104 7.85 -39.41 41.52
C SER F 104 9.14 -40.23 41.33
N GLU F 105 9.66 -40.25 40.09
CA GLU F 105 10.91 -40.98 39.80
C GLU F 105 12.12 -40.26 40.40
N THR F 106 12.10 -38.92 40.42
CA THR F 106 13.19 -38.12 40.99
C THR F 106 13.28 -38.33 42.50
N GLN F 107 12.11 -38.46 43.15
CA GLN F 107 12.05 -38.69 44.59
C GLN F 107 12.55 -40.09 44.94
N GLY F 108 12.26 -41.06 44.10
CA GLY F 108 12.67 -42.43 44.31
C GLY F 108 11.55 -43.36 44.75
N CYS F 109 10.34 -43.16 44.18
CA CYS F 109 9.19 -43.97 44.56
C CYS F 109 9.23 -45.33 43.87
N ASP F 110 9.49 -46.40 44.63
CA ASP F 110 9.49 -47.74 44.05
C ASP F 110 8.03 -48.19 43.95
N LEU F 111 7.55 -48.38 42.71
CA LEU F 111 6.18 -48.77 42.40
C LEU F 111 5.77 -50.05 43.10
N HIS F 112 6.66 -51.06 43.09
CA HIS F 112 6.39 -52.37 43.65
C HIS F 112 6.41 -52.40 45.19
N THR F 113 6.70 -51.27 45.84
CA THR F 113 6.64 -51.19 47.30
C THR F 113 5.31 -50.55 47.66
N ALA F 114 4.99 -49.39 47.04
CA ALA F 114 3.73 -48.66 47.26
C ALA F 114 2.50 -49.46 46.88
N LEU F 115 2.58 -50.27 45.82
CA LEU F 115 1.48 -51.11 45.38
C LEU F 115 1.27 -52.27 46.36
N HIS F 116 2.37 -52.87 46.82
CA HIS F 116 2.37 -53.97 47.77
C HIS F 116 1.66 -53.55 49.06
N GLU F 117 1.98 -52.36 49.59
CA GLU F 117 1.36 -51.80 50.81
C GLU F 117 -0.15 -51.64 50.68
N PHE F 118 -0.64 -51.27 49.48
CA PHE F 118 -2.07 -51.15 49.22
C PHE F 118 -2.70 -52.54 49.21
N ARG F 119 -2.03 -53.51 48.57
CA ARG F 119 -2.49 -54.88 48.50
C ARG F 119 -2.57 -55.50 49.92
N THR F 120 -1.68 -55.11 50.85
CA THR F 120 -1.71 -55.65 52.21
C THR F 120 -2.65 -54.90 53.18
N GLN F 121 -3.07 -53.67 52.81
CA GLN F 121 -3.97 -52.89 53.66
C GLN F 121 -5.43 -53.02 53.23
N TYR F 122 -5.68 -53.06 51.93
CA TYR F 122 -7.04 -53.12 51.41
C TYR F 122 -7.28 -54.37 50.59
N GLU F 123 -7.30 -55.53 51.28
CA GLU F 123 -7.52 -56.83 50.66
C GLU F 123 -8.89 -56.96 49.99
N GLU F 124 -9.84 -56.10 50.34
CA GLU F 124 -11.17 -56.12 49.69
C GLU F 124 -11.12 -55.77 48.19
N TYR F 125 -9.99 -55.21 47.72
CA TYR F 125 -9.81 -54.85 46.31
C TYR F 125 -8.73 -55.69 45.64
N LYS F 126 -8.52 -56.94 46.10
CA LYS F 126 -7.50 -57.84 45.57
C LYS F 126 -7.74 -58.19 44.11
N ASP F 127 -9.00 -58.29 43.69
CA ASP F 127 -9.34 -58.69 42.34
C ASP F 127 -9.35 -57.57 41.31
N VAL F 128 -8.93 -56.36 41.70
CA VAL F 128 -8.87 -55.22 40.80
C VAL F 128 -7.43 -55.14 40.37
N PRO F 129 -7.13 -55.52 39.12
CA PRO F 129 -5.72 -55.53 38.69
C PRO F 129 -5.12 -54.14 38.47
N ILE F 130 -3.91 -53.91 39.00
CA ILE F 130 -3.25 -52.61 38.85
C ILE F 130 -2.01 -52.77 38.00
N VAL F 131 -1.98 -52.12 36.82
CA VAL F 131 -0.85 -52.21 35.92
C VAL F 131 0.21 -51.19 36.25
N PRO F 132 1.35 -51.59 36.82
CA PRO F 132 2.40 -50.62 37.14
C PRO F 132 3.38 -50.35 36.01
N VAL F 133 3.60 -49.07 35.66
CA VAL F 133 4.56 -48.72 34.63
C VAL F 133 5.26 -47.44 35.00
N ASN F 134 6.60 -47.45 35.11
CA ASN F 134 7.31 -46.22 35.46
C ASN F 134 7.63 -45.44 34.19
N THR F 135 6.91 -44.35 34.03
CA THR F 135 7.00 -43.52 32.85
C THR F 135 7.39 -42.11 33.22
N PRO F 136 8.66 -41.88 33.56
CA PRO F 136 9.06 -40.51 33.90
C PRO F 136 9.15 -39.61 32.66
N ASP F 137 8.71 -38.37 32.81
CA ASP F 137 8.63 -37.38 31.74
C ASP F 137 9.95 -37.00 31.08
N PHE F 138 11.07 -37.10 31.83
CA PHE F 138 12.39 -36.75 31.28
C PHE F 138 12.97 -37.81 30.32
N SER F 139 12.31 -38.97 30.17
CA SER F 139 12.83 -40.02 29.30
C SER F 139 11.85 -40.40 28.21
N GLY F 140 12.39 -40.79 27.06
CA GLY F 140 11.59 -41.24 25.93
C GLY F 140 10.58 -40.22 25.43
N CYS F 141 9.48 -40.72 24.91
CA CYS F 141 8.44 -39.85 24.39
C CYS F 141 7.06 -40.53 24.53
N PHE F 142 6.00 -39.91 23.99
CA PHE F 142 4.61 -40.37 23.98
C PHE F 142 4.49 -41.77 23.37
N GLU F 143 5.23 -42.03 22.30
CA GLU F 143 5.18 -43.31 21.58
C GLU F 143 5.80 -44.44 22.36
N SER F 144 7.03 -44.28 22.80
CA SER F 144 7.74 -45.29 23.60
C SER F 144 7.05 -45.56 24.93
N GLY F 145 6.44 -44.52 25.50
CA GLY F 145 5.69 -44.62 26.74
C GLY F 145 4.50 -45.52 26.59
N PHE F 146 3.79 -45.35 25.46
CA PHE F 146 2.61 -46.15 25.09
C PHE F 146 3.00 -47.62 24.99
N ALA F 147 4.04 -47.96 24.22
CA ALA F 147 4.51 -49.34 24.04
C ALA F 147 5.08 -49.92 25.36
N ALA F 148 5.59 -49.07 26.27
CA ALA F 148 6.03 -49.53 27.60
C ALA F 148 4.80 -49.86 28.50
N ALA F 149 3.62 -49.24 28.22
CA ALA F 149 2.38 -49.47 28.96
C ALA F 149 1.74 -50.77 28.52
N VAL F 150 1.80 -51.09 27.21
CA VAL F 150 1.27 -52.37 26.73
C VAL F 150 2.24 -53.52 27.10
N LYS F 151 3.56 -53.25 27.32
CA LYS F 151 4.47 -54.26 27.82
C LYS F 151 4.06 -54.57 29.27
N ALA F 152 3.81 -53.53 30.10
CA ALA F 152 3.35 -53.73 31.47
C ALA F 152 1.97 -54.39 31.50
N ILE F 153 1.07 -54.02 30.55
CA ILE F 153 -0.27 -54.59 30.44
C ILE F 153 -0.16 -56.08 30.14
N VAL F 154 0.72 -56.45 29.18
CA VAL F 154 0.97 -57.83 28.80
C VAL F 154 1.55 -58.64 29.97
N GLU F 155 2.45 -58.03 30.74
CA GLU F 155 3.05 -58.71 31.89
C GLU F 155 2.12 -58.80 33.12
N THR F 156 1.06 -57.98 33.16
CA THR F 156 0.15 -57.95 34.31
C THR F 156 -1.15 -58.71 34.09
N LEU F 157 -1.72 -58.62 32.89
CA LEU F 157 -3.03 -59.24 32.65
C LEU F 157 -2.99 -60.52 31.79
N VAL F 158 -1.81 -60.95 31.34
CA VAL F 158 -1.70 -62.19 30.56
C VAL F 158 -1.01 -63.26 31.41
N PRO F 159 -1.55 -64.48 31.49
CA PRO F 159 -0.91 -65.51 32.32
C PRO F 159 0.38 -66.09 31.71
N GLU F 160 1.34 -66.50 32.55
CA GLU F 160 2.61 -67.02 32.06
C GLU F 160 2.57 -68.51 31.80
N ARG F 161 2.14 -68.89 30.59
CA ARG F 161 1.99 -70.27 30.13
C ARG F 161 2.72 -70.47 28.77
N ARG F 162 2.57 -71.62 28.12
CA ARG F 162 3.14 -71.90 26.80
C ARG F 162 2.41 -73.04 26.06
N ASP F 163 1.75 -73.91 26.83
CA ASP F 163 1.02 -75.09 26.41
C ASP F 163 -0.37 -74.84 25.83
N GLN F 164 -0.78 -73.57 25.66
CA GLN F 164 -2.13 -73.31 25.18
C GLN F 164 -2.21 -72.74 23.76
N VAL F 165 -1.07 -72.49 23.09
CA VAL F 165 -1.07 -71.95 21.72
C VAL F 165 -1.95 -72.79 20.76
N GLY F 166 -3.08 -72.24 20.33
CA GLY F 166 -3.98 -72.95 19.43
C GLY F 166 -5.33 -73.30 20.02
N LYS F 167 -5.46 -73.20 21.38
CA LYS F 167 -6.71 -73.48 22.12
C LYS F 167 -7.89 -72.68 21.55
N ARG F 168 -7.62 -71.43 21.17
CA ARG F 168 -8.57 -70.58 20.46
C ARG F 168 -8.02 -70.61 19.01
N PRO F 169 -8.63 -71.47 18.17
CA PRO F 169 -8.09 -71.70 16.82
C PRO F 169 -8.14 -70.52 15.86
N ARG F 170 -9.08 -69.58 16.04
CA ARG F 170 -9.17 -68.45 15.13
C ARG F 170 -8.72 -67.11 15.72
N GLN F 171 -8.29 -67.08 16.98
CA GLN F 171 -7.81 -65.85 17.63
C GLN F 171 -6.40 -65.47 17.20
N VAL F 172 -6.28 -64.25 16.70
CA VAL F 172 -5.04 -63.68 16.20
C VAL F 172 -4.83 -62.35 16.88
N ASN F 173 -4.00 -62.33 17.91
CA ASN F 173 -3.68 -61.14 18.66
C ASN F 173 -3.16 -60.01 17.76
N VAL F 174 -3.37 -58.76 18.17
CA VAL F 174 -2.84 -57.61 17.44
C VAL F 174 -2.25 -56.62 18.42
N LEU F 175 -0.95 -56.36 18.33
CA LEU F 175 -0.29 -55.34 19.15
C LEU F 175 -0.41 -54.03 18.44
N CYS F 176 -1.21 -53.13 18.99
CA CYS F 176 -1.45 -51.84 18.35
C CYS F 176 -0.58 -50.79 18.93
N SER F 177 -0.09 -49.84 18.09
CA SER F 177 0.78 -48.77 18.59
C SER F 177 0.01 -47.46 18.80
N ALA F 178 0.68 -46.46 19.41
CA ALA F 178 0.12 -45.16 19.77
C ALA F 178 -0.56 -44.43 18.64
N ASN F 179 0.03 -44.49 17.44
CA ASN F 179 -0.50 -43.74 16.32
C ASN F 179 -1.59 -44.43 15.52
N LEU F 180 -2.10 -45.56 15.99
CA LEU F 180 -3.18 -46.27 15.32
C LEU F 180 -4.46 -45.64 15.81
N THR F 181 -5.13 -44.88 14.97
CA THR F 181 -6.36 -44.18 15.32
C THR F 181 -7.50 -45.14 15.52
N PRO F 182 -8.61 -44.72 16.19
CA PRO F 182 -9.79 -45.61 16.25
C PRO F 182 -10.30 -46.03 14.84
N GLY F 183 -9.87 -45.30 13.79
CA GLY F 183 -10.17 -45.59 12.40
C GLY F 183 -9.27 -46.67 11.84
N ASP F 184 -7.97 -46.61 12.12
CA ASP F 184 -7.03 -47.65 11.72
C ASP F 184 -7.43 -49.00 12.38
N LEU F 185 -7.80 -48.95 13.70
CA LEU F 185 -8.16 -50.13 14.48
C LEU F 185 -9.39 -50.82 13.92
N GLU F 186 -10.33 -50.05 13.37
CA GLU F 186 -11.52 -50.61 12.76
C GLU F 186 -11.19 -51.32 11.45
N TYR F 187 -10.24 -50.80 10.66
CA TYR F 187 -9.79 -51.49 9.46
C TYR F 187 -9.06 -52.76 9.87
N ILE F 188 -8.19 -52.71 10.89
CA ILE F 188 -7.43 -53.90 11.31
C ILE F 188 -8.39 -55.02 11.74
N ALA F 189 -9.35 -54.68 12.61
CA ALA F 189 -10.33 -55.62 13.14
C ALA F 189 -11.22 -56.21 12.07
N GLU F 190 -11.70 -55.37 11.12
CA GLU F 190 -12.55 -55.81 10.00
C GLU F 190 -11.80 -56.62 8.96
N SER F 191 -10.57 -56.23 8.61
CA SER F 191 -9.79 -57.00 7.63
C SER F 191 -9.48 -58.39 8.19
N ILE F 192 -9.14 -58.47 9.48
CA ILE F 192 -8.90 -59.75 10.13
C ILE F 192 -10.18 -60.62 10.10
N GLU F 193 -11.33 -60.02 10.48
CA GLU F 193 -12.63 -60.69 10.47
C GLU F 193 -13.04 -61.17 9.09
N SER F 194 -12.63 -60.47 8.04
CA SER F 194 -12.96 -60.85 6.67
C SER F 194 -12.30 -62.17 6.25
N PHE F 195 -11.18 -62.54 6.91
CA PHE F 195 -10.47 -63.82 6.69
C PHE F 195 -11.03 -64.98 7.54
N GLY F 196 -12.16 -64.79 8.20
CA GLY F 196 -12.72 -65.80 9.09
C GLY F 196 -12.00 -65.89 10.43
N LEU F 197 -11.13 -64.91 10.72
CA LEU F 197 -10.35 -64.85 11.95
C LEU F 197 -11.02 -63.93 12.97
N ARG F 198 -10.65 -64.09 14.26
CA ARG F 198 -11.17 -63.30 15.38
C ARG F 198 -10.07 -62.41 15.89
N PRO F 199 -10.21 -61.08 15.76
CA PRO F 199 -9.15 -60.19 16.22
C PRO F 199 -9.14 -59.93 17.73
N LEU F 200 -7.96 -59.90 18.34
CA LEU F 200 -7.81 -59.53 19.75
C LEU F 200 -6.89 -58.28 19.81
N LEU F 201 -7.47 -57.06 19.71
CA LEU F 201 -6.72 -55.79 19.72
C LEU F 201 -6.17 -55.37 21.09
N ILE F 202 -4.85 -55.33 21.20
CA ILE F 202 -4.18 -54.93 22.44
C ILE F 202 -3.33 -53.67 22.24
N PRO F 203 -3.77 -52.53 22.77
CA PRO F 203 -5.09 -52.26 23.38
C PRO F 203 -6.15 -51.87 22.31
N ASP F 204 -7.37 -51.51 22.74
CA ASP F 204 -8.42 -51.14 21.80
C ASP F 204 -9.01 -49.78 22.05
N LEU F 205 -8.43 -48.73 21.43
CA LEU F 205 -8.96 -47.38 21.54
C LEU F 205 -10.23 -47.18 20.70
N SER F 206 -10.51 -48.06 19.73
CA SER F 206 -11.74 -47.96 18.93
C SER F 206 -13.03 -48.37 19.70
N GLY F 207 -12.88 -48.79 20.96
CA GLY F 207 -14.01 -49.13 21.81
C GLY F 207 -14.29 -48.07 22.86
N SER F 208 -13.26 -47.29 23.23
CA SER F 208 -13.37 -46.25 24.25
C SER F 208 -13.41 -44.85 23.66
N LEU F 209 -12.43 -44.52 22.79
CA LEU F 209 -12.33 -43.17 22.26
C LEU F 209 -12.63 -43.07 20.77
N ASP F 210 -13.55 -43.90 20.31
CA ASP F 210 -13.97 -43.89 18.92
C ASP F 210 -14.89 -42.70 18.57
N GLY F 211 -15.46 -42.07 19.59
CA GLY F 211 -16.36 -40.94 19.40
C GLY F 211 -17.79 -41.39 19.31
N HIS F 212 -18.27 -42.16 20.31
CA HIS F 212 -19.66 -42.60 20.30
C HIS F 212 -20.39 -42.13 21.55
N LEU F 213 -21.68 -41.86 21.42
CA LEU F 213 -22.52 -41.47 22.54
C LEU F 213 -23.00 -42.77 23.27
N ASP F 214 -22.49 -42.99 24.48
CA ASP F 214 -22.86 -44.17 25.23
C ASP F 214 -24.29 -44.14 25.74
N GLU F 215 -24.86 -45.33 26.06
CA GLU F 215 -26.21 -45.52 26.58
C GLU F 215 -26.36 -44.76 27.89
N ASN F 216 -25.34 -44.81 28.76
CA ASN F 216 -25.40 -44.10 30.03
C ASN F 216 -25.02 -42.65 29.83
N ARG F 217 -25.83 -41.74 30.38
CA ARG F 217 -25.57 -40.30 30.33
C ARG F 217 -24.26 -39.94 31.06
N PHE F 218 -23.91 -40.71 32.10
CA PHE F 218 -22.67 -40.49 32.81
C PHE F 218 -21.83 -41.74 32.97
N ASN F 219 -20.59 -41.67 32.51
CA ASN F 219 -19.63 -42.74 32.68
C ASN F 219 -18.38 -42.15 33.32
N ALA F 220 -17.87 -42.81 34.36
CA ALA F 220 -16.68 -42.35 35.04
C ALA F 220 -15.42 -43.04 34.47
N LEU F 221 -15.56 -44.27 33.96
CA LEU F 221 -14.46 -45.04 33.37
C LEU F 221 -14.60 -45.12 31.84
N THR F 222 -13.66 -45.81 31.16
CA THR F 222 -13.72 -45.98 29.71
C THR F 222 -14.94 -46.83 29.29
N THR F 223 -15.77 -46.29 28.39
CA THR F 223 -16.99 -46.98 27.94
C THR F 223 -16.76 -48.29 27.16
N GLY F 224 -15.52 -48.58 26.82
CA GLY F 224 -15.19 -49.80 26.09
C GLY F 224 -13.71 -49.97 25.88
N GLY F 225 -13.37 -50.91 25.02
CA GLY F 225 -11.99 -51.24 24.72
C GLY F 225 -11.67 -52.69 25.03
N LEU F 226 -10.39 -53.00 25.26
CA LEU F 226 -9.97 -54.35 25.51
C LEU F 226 -10.29 -54.74 26.95
N SER F 227 -11.10 -55.79 27.14
CA SER F 227 -11.45 -56.26 28.47
C SER F 227 -10.32 -57.08 29.06
N VAL F 228 -10.15 -57.05 30.39
CA VAL F 228 -9.14 -57.87 31.05
C VAL F 228 -9.51 -59.38 30.94
N ALA F 229 -10.83 -59.70 30.89
CA ALA F 229 -11.31 -61.07 30.70
C ALA F 229 -10.83 -61.65 29.36
N GLU F 230 -10.91 -60.84 28.29
CA GLU F 230 -10.49 -61.24 26.95
C GLU F 230 -8.98 -61.23 26.81
N LEU F 231 -8.29 -60.28 27.48
CA LEU F 231 -6.85 -60.17 27.42
C LEU F 231 -6.15 -61.37 28.06
N ALA F 232 -6.79 -62.02 29.04
CA ALA F 232 -6.24 -63.24 29.66
C ALA F 232 -6.18 -64.44 28.68
N THR F 233 -6.91 -64.36 27.56
CA THR F 233 -6.95 -65.41 26.56
C THR F 233 -5.92 -65.22 25.43
N ALA F 234 -4.89 -64.38 25.65
CA ALA F 234 -3.85 -64.08 24.66
C ALA F 234 -2.90 -65.24 24.38
N GLY F 235 -2.67 -66.07 25.39
CA GLY F 235 -1.80 -67.23 25.25
C GLY F 235 -2.42 -68.35 24.44
N GLN F 236 -3.76 -68.38 24.32
CA GLN F 236 -4.46 -69.40 23.55
C GLN F 236 -4.48 -69.13 22.04
N SER F 237 -4.15 -67.89 21.60
CA SER F 237 -4.18 -67.46 20.19
C SER F 237 -3.23 -68.23 19.26
N VAL F 238 -3.53 -68.28 17.93
CA VAL F 238 -2.65 -68.97 16.99
C VAL F 238 -1.44 -68.13 16.55
N ALA F 239 -1.62 -66.82 16.36
CA ALA F 239 -0.56 -65.90 15.94
C ALA F 239 -0.76 -64.50 16.52
N THR F 240 0.32 -63.73 16.62
CA THR F 240 0.26 -62.38 17.12
C THR F 240 0.79 -61.46 16.03
N LEU F 241 -0.01 -60.50 15.55
CA LEU F 241 0.48 -59.53 14.56
C LEU F 241 0.92 -58.26 15.27
N VAL F 242 2.10 -57.75 14.93
CA VAL F 242 2.61 -56.54 15.58
C VAL F 242 2.51 -55.34 14.62
N VAL F 243 1.68 -54.33 14.94
CA VAL F 243 1.53 -53.17 14.06
C VAL F 243 2.24 -51.93 14.64
N GLY F 244 3.46 -51.69 14.18
CA GLY F 244 4.27 -50.57 14.67
C GLY F 244 5.56 -51.05 15.29
N GLN F 245 6.69 -50.77 14.64
CA GLN F 245 8.02 -51.19 15.09
C GLN F 245 8.32 -50.79 16.54
N SER F 246 7.61 -49.79 17.12
CA SER F 246 7.82 -49.34 18.50
C SER F 246 7.45 -50.39 19.56
N LEU F 247 6.62 -51.37 19.19
CA LEU F 247 6.19 -52.40 20.14
C LEU F 247 7.07 -53.64 20.12
N ALA F 248 8.34 -53.52 19.68
CA ALA F 248 9.23 -54.67 19.63
C ALA F 248 9.46 -55.27 21.03
N GLY F 249 9.60 -54.42 22.03
CA GLY F 249 9.77 -54.86 23.42
C GLY F 249 8.52 -55.50 24.00
N ALA F 250 7.33 -55.06 23.56
CA ALA F 250 6.07 -55.64 24.02
C ALA F 250 5.79 -56.97 23.29
N ALA F 251 6.25 -57.08 22.03
CA ALA F 251 6.10 -58.30 21.26
C ALA F 251 6.99 -59.39 21.82
N ASP F 252 8.19 -59.05 22.31
CA ASP F 252 9.09 -60.01 22.93
C ASP F 252 8.54 -60.47 24.27
N ALA F 253 7.99 -59.53 25.06
CA ALA F 253 7.37 -59.83 26.36
C ALA F 253 6.20 -60.80 26.19
N LEU F 254 5.38 -60.61 25.13
CA LEU F 254 4.25 -61.47 24.85
C LEU F 254 4.70 -62.83 24.32
N ALA F 255 5.75 -62.83 23.48
CA ALA F 255 6.27 -64.07 22.90
C ALA F 255 6.94 -65.00 23.92
N GLU F 256 7.68 -64.44 24.89
CA GLU F 256 8.33 -65.26 25.91
C GLU F 256 7.28 -65.83 26.85
N ARG F 257 6.28 -65.03 27.25
CA ARG F 257 5.27 -65.45 28.21
C ARG F 257 4.18 -66.36 27.65
N THR F 258 3.92 -66.32 26.33
CA THR F 258 2.88 -67.17 25.76
C THR F 258 3.42 -68.23 24.81
N GLY F 259 4.44 -67.90 24.03
CA GLY F 259 4.95 -68.80 23.00
C GLY F 259 4.26 -68.65 21.65
N VAL F 260 3.22 -67.78 21.56
CA VAL F 260 2.47 -67.54 20.34
C VAL F 260 3.38 -66.85 19.31
N PRO F 261 3.54 -67.46 18.11
CA PRO F 261 4.45 -66.88 17.11
C PRO F 261 3.94 -65.59 16.47
N ASP F 262 4.85 -64.65 16.16
CA ASP F 262 4.45 -63.37 15.59
C ASP F 262 5.10 -62.96 14.27
N ARG F 263 4.38 -62.14 13.51
CA ARG F 263 4.88 -61.49 12.29
C ARG F 263 4.80 -59.98 12.57
N ARG F 264 5.87 -59.26 12.31
CA ARG F 264 5.94 -57.84 12.63
C ARG F 264 5.81 -56.92 11.42
N PHE F 265 5.04 -55.85 11.59
CA PHE F 265 4.75 -54.88 10.55
C PHE F 265 4.99 -53.44 11.01
N GLY F 266 5.13 -52.53 10.05
CA GLY F 266 5.19 -51.11 10.35
C GLY F 266 3.80 -50.52 10.14
N MET F 267 3.73 -49.23 9.74
CA MET F 267 2.42 -48.66 9.45
C MET F 267 1.76 -49.32 8.19
N LEU F 268 0.42 -49.49 8.22
CA LEU F 268 -0.26 -50.20 7.12
C LEU F 268 -0.61 -49.25 5.97
N TYR F 269 0.43 -48.51 5.50
CA TYR F 269 0.39 -47.50 4.44
C TYR F 269 1.15 -47.96 3.21
N GLY F 270 0.50 -47.84 2.05
CA GLY F 270 1.15 -48.14 0.79
C GLY F 270 0.92 -49.55 0.30
N LEU F 271 1.08 -49.71 -1.02
CA LEU F 271 0.91 -50.94 -1.78
C LEU F 271 1.62 -52.13 -1.12
N ASP F 272 2.93 -52.00 -0.78
CA ASP F 272 3.71 -53.10 -0.20
C ASP F 272 3.41 -53.43 1.25
N ALA F 273 3.15 -52.43 2.10
CA ALA F 273 2.80 -52.68 3.48
C ALA F 273 1.46 -53.42 3.60
N VAL F 274 0.45 -53.04 2.79
CA VAL F 274 -0.88 -53.67 2.81
C VAL F 274 -0.86 -55.05 2.16
N ASP F 275 -0.01 -55.23 1.12
CA ASP F 275 0.16 -56.52 0.44
C ASP F 275 0.65 -57.55 1.42
N ALA F 276 1.68 -57.21 2.19
CA ALA F 276 2.24 -58.10 3.16
C ALA F 276 1.23 -58.42 4.25
N TRP F 277 0.47 -57.39 4.72
CA TRP F 277 -0.53 -57.54 5.77
C TRP F 277 -1.56 -58.60 5.38
N LEU F 278 -2.11 -58.48 4.17
CA LEU F 278 -3.10 -59.41 3.65
C LEU F 278 -2.50 -60.76 3.34
N MET F 279 -1.21 -60.82 2.96
CA MET F 279 -0.55 -62.10 2.68
C MET F 279 -0.40 -62.91 3.93
N ALA F 280 -0.05 -62.28 5.04
CA ALA F 280 0.12 -62.97 6.31
C ALA F 280 -1.24 -63.48 6.80
N LEU F 281 -2.29 -62.67 6.65
CA LEU F 281 -3.64 -63.06 7.06
C LEU F 281 -4.14 -64.28 6.26
N ALA F 282 -3.90 -64.28 4.94
CA ALA F 282 -4.29 -65.37 4.06
C ALA F 282 -3.57 -66.67 4.39
N GLU F 283 -2.30 -66.56 4.76
CA GLU F 283 -1.49 -67.71 5.10
C GLU F 283 -1.90 -68.25 6.47
N ILE F 284 -2.19 -67.36 7.43
CA ILE F 284 -2.60 -67.78 8.78
C ILE F 284 -3.97 -68.48 8.77
N SER F 285 -4.97 -67.89 8.11
CA SER F 285 -6.30 -68.48 8.06
C SER F 285 -6.48 -69.56 7.00
N GLY F 286 -5.57 -69.64 6.03
CA GLY F 286 -5.69 -70.59 4.93
C GLY F 286 -6.63 -70.16 3.82
N ASN F 287 -7.51 -69.18 4.11
CA ASN F 287 -8.48 -68.66 3.14
C ASN F 287 -7.85 -67.58 2.27
N PRO F 288 -8.29 -67.45 1.00
CA PRO F 288 -7.69 -66.43 0.12
C PRO F 288 -8.05 -64.98 0.47
N VAL F 289 -7.36 -64.01 -0.13
CA VAL F 289 -7.65 -62.59 0.09
C VAL F 289 -9.01 -62.27 -0.55
N PRO F 290 -9.98 -61.76 0.23
CA PRO F 290 -11.31 -61.49 -0.33
C PRO F 290 -11.31 -60.63 -1.59
N ASP F 291 -12.36 -60.76 -2.42
CA ASP F 291 -12.47 -59.99 -3.66
C ASP F 291 -12.55 -58.49 -3.36
N ARG F 292 -13.15 -58.11 -2.23
CA ARG F 292 -13.30 -56.76 -1.74
C ARG F 292 -11.94 -56.08 -1.64
N TYR F 293 -10.92 -56.77 -1.06
CA TYR F 293 -9.57 -56.22 -0.93
C TYR F 293 -8.78 -56.31 -2.25
N LYS F 294 -9.14 -57.23 -3.15
CA LYS F 294 -8.51 -57.32 -4.47
C LYS F 294 -8.92 -56.11 -5.35
N ARG F 295 -10.17 -55.66 -5.21
CA ARG F 295 -10.71 -54.51 -5.94
C ARG F 295 -10.09 -53.21 -5.42
N GLN F 296 -9.87 -53.12 -4.10
CA GLN F 296 -9.25 -51.96 -3.50
C GLN F 296 -7.78 -51.83 -3.87
N ARG F 297 -7.10 -52.95 -4.20
CA ARG F 297 -5.70 -52.88 -4.64
C ARG F 297 -5.63 -52.23 -6.01
N ALA F 298 -6.56 -52.58 -6.91
CA ALA F 298 -6.66 -51.99 -8.24
C ALA F 298 -7.06 -50.51 -8.15
N GLN F 299 -7.86 -50.15 -7.14
CA GLN F 299 -8.27 -48.78 -6.92
C GLN F 299 -7.12 -47.94 -6.44
N LEU F 300 -6.24 -48.51 -5.55
CA LEU F 300 -5.05 -47.79 -5.08
C LEU F 300 -4.06 -47.61 -6.22
N GLN F 301 -3.86 -48.64 -7.05
CA GLN F 301 -2.99 -48.52 -8.22
C GLN F 301 -3.43 -47.40 -9.15
N ASP F 302 -4.75 -47.21 -9.32
CA ASP F 302 -5.27 -46.13 -10.15
C ASP F 302 -5.03 -44.75 -9.52
N ALA F 303 -5.27 -44.63 -8.20
CA ALA F 303 -5.03 -43.41 -7.41
C ALA F 303 -3.53 -43.04 -7.46
N MET F 304 -2.64 -44.04 -7.62
CA MET F 304 -1.20 -43.83 -7.75
C MET F 304 -0.84 -43.34 -9.16
N LEU F 305 -1.56 -43.81 -10.16
CA LEU F 305 -1.36 -43.37 -11.52
C LEU F 305 -1.80 -41.91 -11.72
N ASP F 306 -2.97 -41.55 -11.19
CA ASP F 306 -3.51 -40.20 -11.38
C ASP F 306 -2.82 -39.15 -10.50
N THR F 307 -2.37 -39.55 -9.31
CA THR F 307 -1.66 -38.61 -8.44
C THR F 307 -0.15 -38.59 -8.69
N HIS F 308 0.38 -39.36 -9.65
CA HIS F 308 1.82 -39.39 -9.90
C HIS F 308 2.35 -38.07 -10.43
N PHE F 309 1.56 -37.41 -11.29
CA PHE F 309 1.92 -36.15 -11.93
C PHE F 309 2.26 -35.08 -10.92
N MET F 310 1.53 -35.04 -9.80
CA MET F 310 1.75 -34.03 -8.78
C MET F 310 2.64 -34.51 -7.61
N LEU F 311 2.66 -35.81 -7.30
CA LEU F 311 3.45 -36.32 -6.19
C LEU F 311 4.86 -36.79 -6.52
N SER F 312 5.14 -37.17 -7.78
CA SER F 312 6.49 -37.57 -8.17
C SER F 312 7.36 -36.33 -8.12
N SER F 313 8.44 -36.43 -7.33
CA SER F 313 9.43 -35.40 -7.04
C SER F 313 9.02 -34.41 -5.97
N ALA F 314 7.81 -34.52 -5.41
CA ALA F 314 7.36 -33.59 -4.36
C ALA F 314 8.25 -33.64 -3.12
N ARG F 315 8.73 -32.48 -2.66
CA ARG F 315 9.60 -32.36 -1.51
C ARG F 315 8.76 -32.15 -0.25
N THR F 316 8.82 -33.08 0.70
CA THR F 316 7.98 -32.96 1.90
C THR F 316 8.81 -32.87 3.18
N ALA F 317 8.18 -32.36 4.23
CA ALA F 317 8.83 -32.21 5.51
C ALA F 317 7.93 -32.90 6.51
N ILE F 318 8.40 -34.01 7.08
CA ILE F 318 7.62 -34.77 8.02
C ILE F 318 8.08 -34.52 9.45
N ALA F 319 7.13 -34.35 10.39
CA ALA F 319 7.46 -34.14 11.80
C ALA F 319 6.48 -34.93 12.64
N ALA F 320 6.86 -36.16 13.01
CA ALA F 320 5.98 -37.11 13.70
C ALA F 320 6.80 -38.19 14.45
N ASP F 321 6.12 -39.06 15.25
CA ASP F 321 6.74 -40.21 15.91
C ASP F 321 7.44 -41.11 14.89
N PRO F 322 8.47 -41.85 15.30
CA PRO F 322 9.17 -42.72 14.35
C PRO F 322 8.29 -43.67 13.53
N ASP F 323 7.25 -44.31 14.14
CA ASP F 323 6.39 -45.21 13.36
C ASP F 323 5.65 -44.47 12.25
N LEU F 324 5.19 -43.24 12.52
CA LEU F 324 4.52 -42.45 11.49
C LEU F 324 5.48 -41.97 10.43
N LEU F 325 6.68 -41.58 10.83
CA LEU F 325 7.71 -41.12 9.88
C LEU F 325 8.04 -42.20 8.87
N LEU F 326 8.39 -43.39 9.36
CA LEU F 326 8.72 -44.56 8.55
C LEU F 326 7.56 -44.99 7.68
N GLY F 327 6.35 -44.80 8.17
CA GLY F 327 5.16 -45.17 7.43
C GLY F 327 4.84 -44.21 6.32
N PHE F 328 5.05 -42.92 6.56
CA PHE F 328 4.77 -41.90 5.56
C PHE F 328 5.85 -41.83 4.50
N ASP F 329 7.10 -42.08 4.90
CA ASP F 329 8.23 -42.07 4.00
C ASP F 329 8.07 -43.19 2.97
N ALA F 330 7.62 -44.39 3.40
CA ALA F 330 7.41 -45.53 2.50
C ALA F 330 6.28 -45.27 1.50
N LEU F 331 5.13 -44.74 1.97
CA LEU F 331 4.00 -44.35 1.14
C LEU F 331 4.42 -43.34 0.08
N LEU F 332 5.28 -42.36 0.46
CA LEU F 332 5.78 -41.31 -0.44
C LEU F 332 6.86 -41.83 -1.40
N ARG F 333 7.68 -42.78 -0.94
CA ARG F 333 8.75 -43.35 -1.75
C ARG F 333 8.21 -44.13 -2.93
N SER F 334 7.04 -44.77 -2.78
CA SER F 334 6.44 -45.49 -3.92
C SER F 334 5.96 -44.51 -5.02
N MET F 335 5.64 -43.28 -4.63
CA MET F 335 5.20 -42.24 -5.54
C MET F 335 6.32 -41.40 -6.15
N GLY F 336 7.55 -41.57 -5.69
CA GLY F 336 8.66 -40.77 -6.16
C GLY F 336 8.81 -39.45 -5.43
N ALA F 337 8.06 -39.27 -4.32
CA ALA F 337 8.14 -38.08 -3.49
C ALA F 337 9.31 -38.22 -2.52
N HIS F 338 10.06 -37.14 -2.32
CA HIS F 338 11.23 -37.14 -1.43
C HIS F 338 10.98 -36.47 -0.10
N THR F 339 11.38 -37.13 1.00
CA THR F 339 11.33 -36.50 2.30
C THR F 339 12.58 -35.70 2.33
N VAL F 340 12.46 -34.39 2.30
CA VAL F 340 13.63 -33.51 2.37
C VAL F 340 13.91 -32.99 3.81
N ALA F 341 13.05 -33.35 4.78
CA ALA F 341 13.20 -32.94 6.17
C ALA F 341 12.44 -33.95 7.00
N ALA F 342 13.13 -34.62 7.93
CA ALA F 342 12.46 -35.59 8.81
C ALA F 342 12.83 -35.23 10.23
N VAL F 343 11.83 -35.05 11.10
CA VAL F 343 12.08 -34.66 12.47
C VAL F 343 11.27 -35.49 13.41
N VAL F 344 11.93 -36.18 14.33
CA VAL F 344 11.28 -37.01 15.33
C VAL F 344 11.47 -36.40 16.73
N PRO F 345 10.58 -36.71 17.69
CA PRO F 345 10.73 -36.14 19.05
C PRO F 345 11.85 -36.81 19.92
N ALA F 346 12.19 -38.06 19.60
CA ALA F 346 13.23 -38.80 20.34
C ALA F 346 13.83 -39.93 19.44
N ARG F 347 14.94 -40.55 19.85
CA ARG F 347 15.57 -41.65 19.12
C ARG F 347 14.69 -42.89 19.05
N ALA F 348 14.96 -43.75 18.07
CA ALA F 348 14.28 -45.03 17.93
C ALA F 348 15.20 -45.99 17.15
N ALA F 349 15.25 -47.24 17.56
CA ALA F 349 16.08 -48.24 16.90
C ALA F 349 15.62 -48.46 15.45
N ALA F 350 14.30 -48.43 15.22
CA ALA F 350 13.73 -48.58 13.89
C ALA F 350 14.22 -47.53 12.90
N LEU F 351 14.67 -46.36 13.38
CA LEU F 351 15.18 -45.29 12.53
C LEU F 351 16.46 -45.69 11.82
N VAL F 352 17.31 -46.50 12.48
CA VAL F 352 18.59 -46.94 11.90
C VAL F 352 18.39 -47.86 10.69
N ASP F 353 17.23 -48.55 10.62
CA ASP F 353 16.88 -49.39 9.49
C ASP F 353 15.86 -48.61 8.62
N SER F 354 16.22 -47.38 8.25
CA SER F 354 15.37 -46.52 7.44
C SER F 354 16.16 -46.03 6.21
N PRO F 355 15.50 -45.95 5.05
CA PRO F 355 16.19 -45.52 3.82
C PRO F 355 16.55 -44.03 3.71
N LEU F 356 16.23 -43.23 4.73
CA LEU F 356 16.53 -41.79 4.69
C LEU F 356 18.00 -41.44 4.96
N PRO F 357 18.53 -40.44 4.25
CA PRO F 357 19.92 -40.02 4.48
C PRO F 357 20.20 -39.68 5.95
N SER F 358 19.21 -39.05 6.61
CA SER F 358 19.30 -38.70 8.01
C SER F 358 17.94 -38.28 8.54
N VAL F 359 17.76 -38.39 9.85
CA VAL F 359 16.58 -37.93 10.56
C VAL F 359 17.09 -37.05 11.73
N ARG F 360 16.46 -35.88 11.95
CA ARG F 360 16.86 -35.03 13.07
C ARG F 360 15.96 -35.27 14.26
N VAL F 361 16.52 -35.14 15.45
CA VAL F 361 15.77 -35.24 16.68
C VAL F 361 15.51 -33.79 17.11
N GLY F 362 14.26 -33.46 17.38
CA GLY F 362 13.96 -32.10 17.82
C GLY F 362 12.55 -31.56 17.98
N ASP F 363 12.47 -30.29 17.67
CA ASP F 363 11.30 -29.48 17.83
C ASP F 363 10.81 -28.95 16.47
N LEU F 364 9.66 -28.29 16.44
CA LEU F 364 9.10 -27.77 15.19
C LEU F 364 9.98 -26.64 14.59
N GLU F 365 10.79 -25.98 15.41
CA GLU F 365 11.76 -25.01 14.91
C GLU F 365 12.84 -25.72 14.05
N ASP F 366 13.23 -26.95 14.46
CA ASP F 366 14.17 -27.79 13.70
C ASP F 366 13.54 -28.08 12.31
N LEU F 367 12.25 -28.42 12.28
CA LEU F 367 11.55 -28.65 11.02
C LEU F 367 11.56 -27.38 10.15
N GLU F 368 11.03 -26.26 10.65
CA GLU F 368 11.02 -25.01 9.90
C GLU F 368 12.39 -24.67 9.25
N HIS F 369 13.49 -24.85 10.03
CA HIS F 369 14.88 -24.70 9.59
C HIS F 369 15.28 -25.67 8.43
N ALA F 370 14.97 -26.97 8.59
CA ALA F 370 15.31 -28.02 7.65
C ALA F 370 14.46 -27.99 6.37
N ALA F 371 13.16 -27.75 6.50
CA ALA F 371 12.25 -27.70 5.35
C ALA F 371 12.56 -26.52 4.46
N ARG F 372 12.91 -25.39 5.06
CA ARG F 372 13.25 -24.19 4.32
C ARG F 372 14.55 -24.44 3.54
N ALA F 373 15.53 -25.13 4.15
CA ALA F 373 16.78 -25.40 3.48
C ALA F 373 16.54 -26.35 2.31
N GLY F 374 15.76 -27.41 2.55
CA GLY F 374 15.42 -28.43 1.57
C GLY F 374 14.36 -28.05 0.55
N GLN F 375 13.78 -26.84 0.69
CA GLN F 375 12.77 -26.31 -0.22
C GLN F 375 11.54 -27.20 -0.22
N ALA F 376 11.02 -27.53 0.98
CA ALA F 376 9.81 -28.36 1.10
C ALA F 376 8.59 -27.63 0.51
N GLN F 377 7.68 -28.42 -0.06
CA GLN F 377 6.44 -27.96 -0.68
C GLN F 377 5.19 -28.30 0.15
N LEU F 378 5.33 -29.14 1.17
CA LEU F 378 4.23 -29.57 2.01
C LEU F 378 4.81 -30.02 3.37
N VAL F 379 4.02 -29.88 4.44
CA VAL F 379 4.40 -30.35 5.75
C VAL F 379 3.44 -31.43 6.25
N ILE F 380 3.97 -32.56 6.75
CA ILE F 380 3.11 -33.59 7.34
C ILE F 380 3.48 -33.57 8.77
N GLY F 381 2.57 -33.12 9.61
CA GLY F 381 2.82 -33.05 11.05
C GLY F 381 1.56 -32.90 11.88
N ASN F 382 1.68 -32.98 13.21
CA ASN F 382 0.51 -32.83 14.08
C ASN F 382 -0.10 -31.39 14.01
N SER F 383 -1.08 -31.04 14.87
CA SER F 383 -1.71 -29.72 14.82
C SER F 383 -0.77 -28.56 15.25
N HIS F 384 0.38 -28.87 15.85
CA HIS F 384 1.36 -27.82 16.19
C HIS F 384 2.22 -27.42 15.00
N ALA F 385 2.21 -28.21 13.92
CA ALA F 385 2.96 -27.86 12.71
C ALA F 385 2.28 -26.77 11.88
N LEU F 386 1.03 -26.36 12.20
CA LEU F 386 0.33 -25.29 11.47
C LEU F 386 1.06 -23.95 11.49
N ALA F 387 1.56 -23.52 12.66
CA ALA F 387 2.27 -22.25 12.75
C ALA F 387 3.56 -22.30 11.94
N SER F 388 4.28 -23.42 11.99
CA SER F 388 5.52 -23.63 11.24
C SER F 388 5.23 -23.58 9.75
N ALA F 389 4.23 -24.40 9.27
CA ALA F 389 3.76 -24.46 7.88
C ALA F 389 3.36 -23.09 7.36
N ARG F 390 2.62 -22.29 8.18
CA ARG F 390 2.24 -20.94 7.77
C ARG F 390 3.50 -20.09 7.62
N ARG F 391 4.51 -20.26 8.50
CA ARG F 391 5.76 -19.50 8.41
C ARG F 391 6.67 -19.91 7.20
N LEU F 392 6.39 -21.06 6.56
CA LEU F 392 7.14 -21.48 5.38
C LEU F 392 6.39 -21.17 4.07
N GLY F 393 5.12 -20.79 4.17
CA GLY F 393 4.29 -20.56 2.99
C GLY F 393 3.80 -21.83 2.33
N VAL F 394 3.82 -23.01 3.02
CA VAL F 394 3.41 -24.28 2.39
C VAL F 394 2.14 -24.96 3.05
N PRO F 395 1.41 -25.88 2.38
CA PRO F 395 0.24 -26.52 3.05
C PRO F 395 0.62 -27.56 4.10
N LEU F 396 -0.31 -27.82 5.05
CA LEU F 396 -0.15 -28.81 6.10
C LEU F 396 -1.14 -29.99 5.93
N LEU F 397 -0.67 -31.22 6.20
CA LEU F 397 -1.51 -32.39 6.26
C LEU F 397 -1.36 -32.97 7.66
N ARG F 398 -2.37 -32.78 8.49
CA ARG F 398 -2.39 -33.19 9.89
C ARG F 398 -2.37 -34.69 10.09
N ALA F 399 -1.37 -35.19 10.80
CA ALA F 399 -1.23 -36.60 11.08
C ALA F 399 -0.46 -36.72 12.39
N GLY F 400 -0.99 -37.47 13.36
CA GLY F 400 -0.36 -37.66 14.66
C GLY F 400 -1.04 -36.91 15.80
N PHE F 401 -0.56 -37.05 17.05
CA PHE F 401 -1.20 -36.37 18.19
C PHE F 401 -0.53 -35.02 18.52
N PRO F 402 -1.26 -33.98 18.91
CA PRO F 402 -2.72 -33.85 18.95
C PRO F 402 -3.35 -33.21 17.70
N GLN F 403 -4.66 -33.30 17.56
CA GLN F 403 -5.40 -32.69 16.49
C GLN F 403 -6.58 -31.95 17.05
N TYR F 404 -6.27 -30.96 17.91
CA TYR F 404 -7.22 -30.08 18.57
C TYR F 404 -7.92 -29.10 17.62
N ASP F 405 -7.39 -28.88 16.42
CA ASP F 405 -8.02 -27.92 15.50
C ASP F 405 -8.79 -28.56 14.36
N LEU F 406 -8.84 -29.89 14.29
CA LEU F 406 -9.55 -30.63 13.22
C LEU F 406 -10.58 -31.56 13.78
N LEU F 407 -11.86 -31.30 13.52
CA LEU F 407 -12.97 -32.17 13.95
C LEU F 407 -12.95 -33.47 13.16
N GLY F 408 -13.02 -34.59 13.88
CA GLY F 408 -13.02 -35.92 13.29
C GLY F 408 -11.67 -36.45 12.86
N GLY F 409 -10.60 -35.68 13.06
CA GLY F 409 -9.25 -36.11 12.70
C GLY F 409 -8.71 -37.22 13.59
N PHE F 410 -9.24 -37.33 14.81
CA PHE F 410 -8.81 -38.37 15.73
C PHE F 410 -9.18 -39.75 15.19
N GLN F 411 -10.28 -39.89 14.43
CA GLN F 411 -10.73 -41.18 13.95
C GLN F 411 -10.43 -41.48 12.48
N ARG F 412 -9.63 -40.65 11.78
CA ARG F 412 -9.36 -40.90 10.36
C ARG F 412 -8.62 -42.20 10.18
N CYS F 413 -9.04 -43.00 9.19
CA CYS F 413 -8.38 -44.25 8.91
C CYS F 413 -7.29 -44.02 7.86
N TRP F 414 -6.05 -44.01 8.32
CA TRP F 414 -4.92 -43.82 7.44
C TRP F 414 -4.53 -45.13 6.71
N SER F 415 -4.77 -46.29 7.37
CA SER F 415 -4.41 -47.65 6.96
C SER F 415 -5.21 -48.22 5.81
N GLY F 416 -4.61 -49.16 5.10
CA GLY F 416 -5.21 -49.92 4.02
C GLY F 416 -5.06 -49.32 2.64
N TYR F 417 -5.60 -50.02 1.62
CA TYR F 417 -5.60 -49.57 0.23
C TYR F 417 -6.41 -48.29 0.10
N ARG F 418 -7.66 -48.27 0.62
CA ARG F 418 -8.51 -47.10 0.55
C ARG F 418 -7.99 -45.94 1.40
N GLY F 419 -7.45 -46.24 2.58
CA GLY F 419 -6.87 -45.22 3.43
C GLY F 419 -5.66 -44.60 2.79
N SER F 420 -4.80 -45.43 2.19
CA SER F 420 -3.60 -44.97 1.49
C SER F 420 -3.97 -44.17 0.24
N SER F 421 -5.07 -44.56 -0.45
CA SER F 421 -5.55 -43.83 -1.63
C SER F 421 -5.93 -42.39 -1.23
N GLN F 422 -6.60 -42.25 -0.08
CA GLN F 422 -7.05 -40.96 0.40
C GLN F 422 -5.90 -40.06 0.81
N VAL F 423 -4.78 -40.62 1.30
CA VAL F 423 -3.59 -39.81 1.60
C VAL F 423 -3.01 -39.24 0.30
N LEU F 424 -3.02 -40.05 -0.77
CA LEU F 424 -2.52 -39.59 -2.05
C LEU F 424 -3.40 -38.50 -2.64
N PHE F 425 -4.74 -38.66 -2.56
CA PHE F 425 -5.63 -37.60 -3.06
C PHE F 425 -5.45 -36.33 -2.25
N ASP F 426 -5.30 -36.45 -0.92
CA ASP F 426 -5.14 -35.27 -0.07
C ASP F 426 -3.82 -34.52 -0.33
N LEU F 427 -2.72 -35.27 -0.48
CA LEU F 427 -1.43 -34.63 -0.78
C LEU F 427 -1.50 -34.00 -2.18
N ALA F 428 -2.07 -34.69 -3.14
CA ALA F 428 -2.22 -34.16 -4.51
C ALA F 428 -3.01 -32.85 -4.52
N ASN F 429 -4.20 -32.84 -3.86
CA ASN F 429 -5.08 -31.67 -3.76
C ASN F 429 -4.43 -30.50 -3.06
N LEU F 430 -3.62 -30.77 -2.01
CA LEU F 430 -2.91 -29.73 -1.27
C LEU F 430 -1.82 -29.14 -2.14
N LEU F 431 -1.04 -29.99 -2.80
CA LEU F 431 -0.03 -29.52 -3.74
C LEU F 431 -0.63 -28.67 -4.88
N VAL F 432 -1.76 -29.11 -5.46
CA VAL F 432 -2.37 -28.38 -6.57
C VAL F 432 -2.90 -27.01 -6.12
N GLU F 433 -3.63 -26.97 -5.01
CA GLU F 433 -4.21 -25.75 -4.43
C GLU F 433 -3.16 -24.66 -4.18
N HIS F 434 -1.91 -25.06 -3.94
CA HIS F 434 -0.84 -24.13 -3.63
C HIS F 434 0.16 -23.92 -4.74
N HIS F 435 -0.04 -24.55 -5.91
CA HIS F 435 0.87 -24.35 -7.01
C HIS F 435 0.61 -23.05 -7.70
N GLN F 436 1.54 -22.10 -7.56
CA GLN F 436 1.45 -20.82 -8.25
C GLN F 436 2.30 -21.00 -9.50
N GLY F 437 1.68 -20.86 -10.66
CA GLY F 437 2.38 -21.04 -11.92
C GLY F 437 3.20 -19.83 -12.33
N ILE F 438 3.52 -19.71 -13.62
CA ILE F 438 4.28 -18.59 -14.17
C ILE F 438 3.52 -17.30 -13.90
N GLN F 439 4.19 -16.36 -13.23
CA GLN F 439 3.56 -15.09 -12.87
C GLN F 439 3.45 -14.16 -14.08
N PRO F 440 2.38 -13.35 -14.11
CA PRO F 440 2.20 -12.46 -15.25
C PRO F 440 3.32 -11.47 -15.44
N TYR F 441 3.76 -11.31 -16.68
CA TYR F 441 4.77 -10.33 -17.02
C TYR F 441 4.04 -9.16 -17.73
N HIS F 442 4.28 -7.93 -17.29
CA HIS F 442 3.63 -6.76 -17.86
C HIS F 442 4.57 -6.04 -18.80
N SER F 443 4.27 -6.09 -20.08
CA SER F 443 5.08 -5.47 -21.11
C SER F 443 5.17 -3.94 -20.95
N ILE F 444 6.35 -3.37 -21.17
CA ILE F 444 6.52 -1.91 -21.12
C ILE F 444 5.95 -1.19 -22.38
N TYR F 445 5.53 -1.96 -23.38
CA TYR F 445 4.95 -1.45 -24.61
C TYR F 445 3.47 -1.88 -24.76
N ALA F 446 2.87 -2.47 -23.72
CA ALA F 446 1.50 -2.98 -23.77
C ALA F 446 0.41 -1.93 -23.99
N GLN F 447 -0.61 -2.32 -24.80
CA GLN F 447 -1.77 -1.48 -25.08
C GLN F 447 -2.88 -1.90 -24.12
N LYS F 448 -2.54 -1.93 -22.83
CA LYS F 448 -3.50 -2.32 -21.81
C LYS F 448 -4.01 -1.10 -21.06
N PRO F 449 -5.34 -1.02 -20.90
CA PRO F 449 -5.89 0.17 -20.24
C PRO F 449 -5.62 0.15 -18.73
N ALA F 450 -5.11 1.27 -18.20
CA ALA F 450 -4.80 1.39 -16.78
C ALA F 450 -6.07 1.29 -15.93
N THR F 451 -7.16 1.90 -16.41
CA THR F 451 -8.44 1.87 -15.71
C THR F 451 -9.23 0.63 -16.14
N HIS G 4 -33.51 -26.89 -47.56
CA HIS G 4 -33.57 -25.44 -47.36
C HIS G 4 -32.55 -24.71 -48.23
N HIS G 5 -32.89 -23.49 -48.66
CA HIS G 5 -32.04 -22.71 -49.55
C HIS G 5 -30.98 -21.88 -48.80
N HIS G 6 -31.22 -21.57 -47.53
CA HIS G 6 -30.27 -20.81 -46.71
C HIS G 6 -29.02 -21.63 -46.39
N HIS G 7 -29.16 -22.95 -46.29
CA HIS G 7 -28.06 -23.84 -45.96
C HIS G 7 -27.12 -24.14 -47.14
N HIS G 8 -27.55 -23.86 -48.39
CA HIS G 8 -26.68 -24.09 -49.55
C HIS G 8 -25.65 -22.95 -49.67
N MET G 9 -26.04 -21.73 -49.29
CA MET G 9 -25.14 -20.58 -49.32
C MET G 9 -24.09 -20.63 -48.19
N LYS G 10 -24.39 -21.35 -47.09
CA LYS G 10 -23.45 -21.50 -45.98
C LYS G 10 -22.33 -22.45 -46.39
N ALA G 11 -22.69 -23.54 -47.09
CA ALA G 11 -21.71 -24.52 -47.57
C ALA G 11 -20.76 -23.96 -48.64
N LYS G 12 -21.13 -22.83 -49.27
CA LYS G 12 -20.29 -22.17 -50.27
C LYS G 12 -19.16 -21.43 -49.54
N ASP G 13 -19.50 -20.73 -48.44
CA ASP G 13 -18.54 -19.99 -47.63
C ASP G 13 -17.50 -20.92 -46.99
N ILE G 14 -17.92 -22.13 -46.60
CA ILE G 14 -17.06 -23.14 -46.00
C ILE G 14 -15.98 -23.59 -46.98
N ALA G 15 -16.34 -23.74 -48.27
CA ALA G 15 -15.41 -24.13 -49.32
C ALA G 15 -14.39 -23.02 -49.63
N GLU G 16 -14.78 -21.75 -49.44
CA GLU G 16 -13.88 -20.60 -49.64
C GLU G 16 -12.79 -20.60 -48.55
N LEU G 17 -13.16 -20.96 -47.31
CA LEU G 17 -12.24 -21.03 -46.19
C LEU G 17 -11.27 -22.18 -46.35
N LEU G 18 -11.74 -23.32 -46.89
CA LEU G 18 -10.87 -24.47 -47.13
C LEU G 18 -9.91 -24.23 -48.32
N ASP G 19 -10.19 -23.22 -49.17
CA ASP G 19 -9.33 -22.84 -50.28
C ASP G 19 -8.35 -21.81 -49.73
N GLU G 20 -7.19 -22.27 -49.26
CA GLU G 20 -6.19 -21.37 -48.70
C GLU G 20 -4.94 -21.31 -49.58
N PRO G 21 -4.84 -20.29 -50.45
CA PRO G 21 -3.68 -20.22 -51.36
C PRO G 21 -2.32 -19.99 -50.70
N ALA G 22 -2.30 -19.50 -49.45
CA ALA G 22 -1.03 -19.28 -48.73
C ALA G 22 -0.37 -20.58 -48.29
N CYS G 23 -1.16 -21.64 -48.07
CA CYS G 23 -0.63 -22.94 -47.65
C CYS G 23 -0.06 -23.71 -48.84
N SER G 24 0.90 -24.61 -48.58
CA SER G 24 1.52 -25.41 -49.64
C SER G 24 0.70 -26.63 -50.06
N HIS G 25 -0.26 -27.06 -49.23
CA HIS G 25 -1.08 -28.25 -49.53
C HIS G 25 -2.48 -27.89 -50.00
N ASN G 26 -2.62 -26.76 -50.71
CA ASN G 26 -3.90 -26.29 -51.23
C ASN G 26 -4.39 -27.16 -52.41
N LYS G 27 -3.47 -27.71 -53.20
CA LYS G 27 -3.83 -28.56 -54.33
C LYS G 27 -3.89 -30.05 -53.95
N LYS G 28 -4.25 -30.33 -52.69
CA LYS G 28 -4.36 -31.70 -52.18
C LYS G 28 -5.77 -31.98 -51.64
N GLU G 29 -6.10 -33.27 -51.41
CA GLU G 29 -7.41 -33.66 -50.87
C GLU G 29 -7.39 -33.40 -49.38
N LYS G 30 -8.07 -32.32 -48.94
CA LYS G 30 -8.16 -31.84 -47.54
C LYS G 30 -8.57 -32.93 -46.56
N SER G 31 -7.58 -33.64 -45.99
CA SER G 31 -7.80 -34.75 -45.08
C SER G 31 -8.19 -34.35 -43.66
N GLY G 32 -7.79 -33.16 -43.25
CA GLY G 32 -8.11 -32.65 -41.92
C GLY G 32 -9.60 -32.40 -41.81
N CYS G 33 -10.19 -31.79 -42.85
CA CYS G 33 -11.61 -31.51 -42.89
C CYS G 33 -12.31 -32.50 -43.81
N ALA G 34 -12.30 -33.77 -43.42
CA ALA G 34 -12.93 -34.84 -44.21
C ALA G 34 -14.12 -35.44 -43.47
N LYS G 35 -15.09 -36.01 -44.21
CA LYS G 35 -16.30 -36.61 -43.64
C LYS G 35 -15.99 -37.64 -42.57
N PRO G 36 -16.35 -37.37 -41.30
CA PRO G 36 -16.06 -38.33 -40.23
C PRO G 36 -16.85 -39.63 -40.30
N LYS G 37 -16.28 -40.72 -39.77
CA LYS G 37 -16.93 -42.02 -39.81
C LYS G 37 -17.89 -42.15 -38.65
N PRO G 38 -19.19 -42.45 -38.92
CA PRO G 38 -20.15 -42.61 -37.83
C PRO G 38 -19.77 -43.78 -36.94
N GLY G 39 -19.87 -43.57 -35.63
CA GLY G 39 -19.51 -44.57 -34.64
C GLY G 39 -18.02 -44.79 -34.48
N ALA G 40 -17.20 -43.90 -35.06
CA ALA G 40 -15.75 -43.98 -34.97
C ALA G 40 -15.13 -42.58 -35.04
N THR G 41 -15.74 -41.59 -34.37
CA THR G 41 -15.28 -40.20 -34.38
C THR G 41 -14.80 -39.77 -33.00
N ASP G 42 -13.75 -38.93 -32.94
CA ASP G 42 -13.19 -38.49 -31.66
C ASP G 42 -12.95 -36.98 -31.53
N GLY G 43 -13.06 -36.23 -32.61
CA GLY G 43 -12.76 -34.81 -32.62
C GLY G 43 -13.84 -33.87 -32.14
N GLY G 44 -13.50 -32.58 -32.09
CA GLY G 44 -14.38 -31.50 -31.67
C GLY G 44 -14.99 -30.76 -32.85
N CYS G 45 -16.05 -29.98 -32.59
CA CYS G 45 -16.77 -29.28 -33.65
C CYS G 45 -16.21 -27.88 -33.97
N SER G 46 -16.76 -27.23 -35.00
CA SER G 46 -16.35 -25.90 -35.41
C SER G 46 -16.57 -24.87 -34.31
N PHE G 47 -17.67 -25.03 -33.54
CA PHE G 47 -17.97 -24.12 -32.42
C PHE G 47 -16.83 -24.16 -31.39
N ASP G 48 -16.37 -25.36 -31.09
CA ASP G 48 -15.27 -25.59 -30.16
C ASP G 48 -14.00 -24.85 -30.61
N GLY G 49 -13.75 -24.81 -31.93
CA GLY G 49 -12.59 -24.14 -32.47
C GLY G 49 -12.66 -22.63 -32.39
N ALA G 50 -13.86 -22.07 -32.58
CA ALA G 50 -14.05 -20.62 -32.49
C ALA G 50 -13.97 -20.14 -31.04
N GLN G 51 -14.39 -20.99 -30.08
CA GLN G 51 -14.27 -20.65 -28.68
C GLN G 51 -12.81 -20.69 -28.30
N ILE G 52 -12.07 -21.72 -28.72
CA ILE G 52 -10.66 -21.85 -28.37
C ILE G 52 -9.84 -20.64 -28.88
N ALA G 53 -10.12 -20.12 -30.10
CA ALA G 53 -9.38 -19.01 -30.66
C ALA G 53 -9.77 -17.62 -30.16
N LEU G 54 -11.03 -17.42 -29.75
CA LEU G 54 -11.45 -16.08 -29.33
C LEU G 54 -11.68 -15.93 -27.83
N LEU G 55 -11.87 -17.04 -27.12
CA LEU G 55 -12.03 -17.00 -25.67
C LEU G 55 -10.88 -16.34 -24.93
N PRO G 56 -9.60 -16.47 -25.33
CA PRO G 56 -8.54 -15.74 -24.61
C PRO G 56 -8.60 -14.19 -24.77
N VAL G 57 -9.61 -13.65 -25.47
CA VAL G 57 -9.84 -12.20 -25.51
C VAL G 57 -10.63 -11.95 -24.21
N ALA G 58 -9.91 -11.91 -23.11
CA ALA G 58 -10.33 -11.87 -21.72
C ALA G 58 -11.44 -10.91 -21.31
N ASP G 59 -11.40 -9.67 -21.78
CA ASP G 59 -12.36 -8.66 -21.35
C ASP G 59 -13.74 -8.70 -22.03
N VAL G 60 -13.88 -9.50 -23.09
CA VAL G 60 -15.10 -9.61 -23.90
C VAL G 60 -16.20 -10.51 -23.28
N ALA G 61 -17.48 -10.26 -23.63
CA ALA G 61 -18.58 -11.09 -23.13
C ALA G 61 -18.92 -12.13 -24.19
N HIS G 62 -18.49 -13.37 -23.93
CA HIS G 62 -18.62 -14.47 -24.86
C HIS G 62 -19.90 -15.23 -24.70
N ILE G 63 -20.92 -14.85 -25.46
CA ILE G 63 -22.23 -15.47 -25.42
C ILE G 63 -22.34 -16.61 -26.41
N VAL G 64 -22.69 -17.80 -25.92
CA VAL G 64 -22.90 -19.00 -26.73
C VAL G 64 -24.40 -19.08 -27.03
N HIS G 65 -24.78 -18.92 -28.29
CA HIS G 65 -26.19 -18.98 -28.66
C HIS G 65 -26.60 -20.40 -28.97
N GLY G 66 -27.38 -21.01 -28.07
CA GLY G 66 -27.83 -22.38 -28.27
C GLY G 66 -28.26 -23.07 -26.99
N PRO G 67 -28.57 -24.38 -27.09
CA PRO G 67 -28.93 -25.14 -25.88
C PRO G 67 -27.74 -25.41 -24.96
N ILE G 68 -27.99 -25.95 -23.76
CA ILE G 68 -26.99 -26.19 -22.73
C ILE G 68 -25.89 -27.21 -23.11
N ALA G 69 -26.06 -27.99 -24.19
CA ALA G 69 -25.03 -28.95 -24.60
C ALA G 69 -23.71 -28.28 -25.00
N CYS G 70 -23.84 -27.10 -25.62
CA CYS G 70 -22.75 -26.32 -26.19
C CYS G 70 -21.91 -25.58 -25.17
N ALA G 71 -22.52 -24.81 -24.27
CA ALA G 71 -21.74 -24.09 -23.23
C ALA G 71 -21.66 -24.82 -21.87
N GLY G 72 -22.79 -25.39 -21.44
CA GLY G 72 -22.92 -26.07 -20.15
C GLY G 72 -21.91 -27.14 -19.84
N SER G 73 -21.44 -27.85 -20.87
CA SER G 73 -20.45 -28.92 -20.71
C SER G 73 -18.99 -28.47 -20.99
N SER G 74 -18.80 -27.25 -21.54
CA SER G 74 -17.51 -26.72 -21.98
C SER G 74 -16.95 -25.46 -21.31
N TRP G 75 -17.70 -24.83 -20.39
CA TRP G 75 -17.27 -23.54 -19.87
C TRP G 75 -16.20 -23.63 -18.80
N ASP G 76 -15.36 -22.57 -18.73
CA ASP G 76 -14.24 -22.44 -17.83
C ASP G 76 -13.25 -23.58 -17.99
N ASN G 77 -12.82 -23.81 -19.25
CA ASN G 77 -11.84 -24.86 -19.53
C ASN G 77 -10.83 -24.45 -20.59
N ARG G 78 -10.41 -23.18 -20.54
CA ARG G 78 -9.41 -22.65 -21.46
C ARG G 78 -8.10 -22.62 -20.67
N GLY G 79 -7.06 -23.23 -21.24
CA GLY G 79 -5.74 -23.29 -20.59
C GLY G 79 -4.99 -21.97 -20.58
N THR G 80 -5.62 -20.90 -21.08
CA THR G 80 -5.08 -19.55 -21.15
C THR G 80 -4.99 -18.92 -19.76
N ARG G 81 -4.09 -17.95 -19.62
CA ARG G 81 -3.97 -17.18 -18.40
C ARG G 81 -4.21 -15.72 -18.73
N SER G 82 -4.98 -15.03 -17.87
CA SER G 82 -5.24 -13.61 -18.06
C SER G 82 -4.45 -12.81 -17.02
N SER G 83 -3.90 -11.66 -17.42
CA SER G 83 -3.17 -10.80 -16.49
C SER G 83 -4.08 -9.74 -15.83
N GLY G 84 -5.39 -9.81 -16.06
CA GLY G 84 -6.31 -8.83 -15.51
C GLY G 84 -7.76 -9.27 -15.54
N PRO G 85 -8.48 -8.84 -16.57
CA PRO G 85 -9.90 -9.17 -16.66
C PRO G 85 -10.16 -10.66 -16.83
N ASP G 86 -11.28 -11.15 -16.30
CA ASP G 86 -11.59 -12.58 -16.41
C ASP G 86 -13.02 -12.86 -16.88
N LEU G 87 -13.68 -11.89 -17.59
CA LEU G 87 -15.06 -12.10 -18.10
C LEU G 87 -15.15 -13.32 -18.98
N TYR G 88 -14.09 -13.64 -19.73
CA TYR G 88 -14.02 -14.83 -20.57
C TYR G 88 -14.18 -16.14 -19.78
N ARG G 89 -13.98 -16.12 -18.45
CA ARG G 89 -14.19 -17.31 -17.62
C ARG G 89 -15.67 -17.52 -17.30
N ILE G 90 -16.50 -16.48 -17.37
CA ILE G 90 -17.92 -16.58 -17.11
C ILE G 90 -18.64 -17.28 -18.28
N GLY G 91 -19.39 -18.32 -17.96
CA GLY G 91 -20.17 -19.02 -18.94
C GLY G 91 -21.38 -18.17 -19.29
N MET G 92 -21.59 -17.91 -20.58
CA MET G 92 -22.70 -17.08 -21.01
C MET G 92 -23.37 -17.78 -22.13
N THR G 93 -24.66 -18.12 -21.95
CA THR G 93 -25.39 -18.81 -23.00
C THR G 93 -26.88 -18.45 -22.99
N THR G 94 -27.52 -18.55 -24.16
CA THR G 94 -28.96 -18.30 -24.27
C THR G 94 -29.81 -19.42 -23.62
N ASP G 95 -29.24 -20.63 -23.46
CA ASP G 95 -29.86 -21.80 -22.83
C ASP G 95 -31.27 -22.06 -23.33
N LEU G 96 -31.40 -22.13 -24.66
CA LEU G 96 -32.66 -22.30 -25.36
C LEU G 96 -33.52 -23.44 -24.84
N THR G 97 -34.81 -23.18 -24.63
CA THR G 97 -35.80 -24.17 -24.20
C THR G 97 -36.42 -24.82 -25.45
N GLU G 98 -37.29 -25.84 -25.26
CA GLU G 98 -37.98 -26.51 -26.37
C GLU G 98 -38.87 -25.48 -27.08
N ASN G 99 -39.61 -24.67 -26.31
CA ASN G 99 -40.50 -23.63 -26.84
C ASN G 99 -39.78 -22.55 -27.62
N ASP G 100 -38.50 -22.30 -27.34
CA ASP G 100 -37.71 -21.33 -28.10
C ASP G 100 -37.42 -21.86 -29.50
N VAL G 101 -37.18 -23.17 -29.63
CA VAL G 101 -36.89 -23.80 -30.90
C VAL G 101 -38.18 -23.98 -31.71
N ILE G 102 -39.25 -24.45 -31.05
CA ILE G 102 -40.53 -24.66 -31.72
C ILE G 102 -41.19 -23.34 -32.14
N MET G 103 -41.40 -22.42 -31.20
CA MET G 103 -42.05 -21.14 -31.52
C MET G 103 -41.16 -20.15 -32.29
N GLY G 104 -39.89 -20.50 -32.51
CA GLY G 104 -38.94 -19.64 -33.20
C GLY G 104 -38.61 -18.38 -32.42
N ARG G 105 -38.59 -18.49 -31.10
CA ARG G 105 -38.33 -17.36 -30.21
C ARG G 105 -36.84 -17.17 -29.86
N ALA G 106 -35.93 -17.86 -30.56
CA ALA G 106 -34.50 -17.80 -30.27
C ALA G 106 -33.83 -16.47 -30.61
N GLU G 107 -34.29 -15.75 -31.63
CA GLU G 107 -33.70 -14.44 -31.97
C GLU G 107 -34.05 -13.45 -30.86
N LYS G 108 -35.30 -13.47 -30.36
CA LYS G 108 -35.75 -12.62 -29.25
C LYS G 108 -34.92 -12.92 -27.99
N ARG G 109 -34.75 -14.23 -27.68
CA ARG G 109 -33.98 -14.71 -26.55
C ARG G 109 -32.52 -14.22 -26.65
N LEU G 110 -31.89 -14.33 -27.84
CA LEU G 110 -30.51 -13.88 -28.05
C LEU G 110 -30.42 -12.37 -27.91
N PHE G 111 -31.37 -11.63 -28.45
CA PHE G 111 -31.39 -10.16 -28.37
C PHE G 111 -31.41 -9.69 -26.91
N HIS G 112 -32.26 -10.31 -26.06
CA HIS G 112 -32.33 -9.93 -24.64
C HIS G 112 -31.17 -10.47 -23.80
N ALA G 113 -30.46 -11.49 -24.31
CA ALA G 113 -29.27 -12.04 -23.68
C ALA G 113 -28.11 -11.06 -23.88
N ILE G 114 -27.98 -10.44 -25.07
CA ILE G 114 -26.95 -9.43 -25.30
C ILE G 114 -27.22 -8.23 -24.38
N ARG G 115 -28.50 -7.81 -24.29
CA ARG G 115 -28.92 -6.70 -23.43
C ARG G 115 -28.55 -6.93 -21.98
N GLN G 116 -28.79 -8.13 -21.47
CA GLN G 116 -28.46 -8.48 -20.10
C GLN G 116 -26.94 -8.49 -19.85
N ALA G 117 -26.16 -8.98 -20.81
CA ALA G 117 -24.71 -9.01 -20.71
C ALA G 117 -24.12 -7.61 -20.70
N VAL G 118 -24.65 -6.71 -21.53
CA VAL G 118 -24.17 -5.33 -21.63
C VAL G 118 -24.50 -4.57 -20.34
N GLU G 119 -25.72 -4.72 -19.85
CA GLU G 119 -26.17 -4.05 -18.64
C GLU G 119 -25.42 -4.51 -17.39
N SER G 120 -25.30 -5.84 -17.20
CA SER G 120 -24.63 -6.39 -16.02
C SER G 120 -23.11 -6.29 -15.98
N TYR G 121 -22.43 -6.41 -17.14
CA TYR G 121 -20.97 -6.45 -17.13
C TYR G 121 -20.24 -5.33 -17.86
N SER G 122 -20.96 -4.51 -18.65
CA SER G 122 -20.36 -3.38 -19.38
C SER G 122 -19.02 -3.72 -20.10
N PRO G 123 -19.00 -4.79 -20.94
CA PRO G 123 -17.73 -5.15 -21.61
C PRO G 123 -17.33 -4.22 -22.75
N PRO G 124 -16.08 -4.29 -23.25
CA PRO G 124 -15.72 -3.50 -24.43
C PRO G 124 -16.48 -4.00 -25.66
N ALA G 125 -16.78 -5.33 -25.74
CA ALA G 125 -17.52 -5.96 -26.86
C ALA G 125 -18.16 -7.34 -26.50
N VAL G 126 -19.10 -7.84 -27.33
CA VAL G 126 -19.78 -9.12 -27.13
C VAL G 126 -19.52 -10.03 -28.31
N PHE G 127 -19.01 -11.24 -28.06
CA PHE G 127 -18.77 -12.20 -29.13
C PHE G 127 -19.93 -13.23 -29.12
N VAL G 128 -20.63 -13.40 -30.24
CA VAL G 128 -21.76 -14.35 -30.28
C VAL G 128 -21.46 -15.56 -31.13
N TYR G 129 -21.28 -16.69 -30.47
CA TYR G 129 -20.95 -17.93 -31.15
C TYR G 129 -22.19 -18.71 -31.50
N ASN G 130 -22.41 -18.92 -32.80
CA ASN G 130 -23.56 -19.67 -33.30
C ASN G 130 -23.35 -21.17 -33.06
N THR G 131 -24.45 -21.94 -32.87
CA THR G 131 -24.37 -23.40 -32.67
C THR G 131 -25.34 -24.14 -33.63
N CYS G 132 -25.33 -25.48 -33.62
CA CYS G 132 -26.12 -26.34 -34.51
C CYS G 132 -27.63 -26.03 -34.53
N VAL G 133 -28.29 -25.98 -33.36
CA VAL G 133 -29.74 -25.77 -33.31
C VAL G 133 -30.14 -24.45 -33.98
N PRO G 134 -29.58 -23.28 -33.60
CA PRO G 134 -29.99 -22.04 -34.27
C PRO G 134 -29.59 -21.98 -35.75
N ALA G 135 -28.49 -22.63 -36.14
CA ALA G 135 -28.08 -22.63 -37.55
C ALA G 135 -29.05 -23.47 -38.40
N LEU G 136 -29.58 -24.57 -37.83
CA LEU G 136 -30.55 -25.40 -38.55
C LEU G 136 -31.90 -24.67 -38.71
N ILE G 137 -32.44 -24.06 -37.64
CA ILE G 137 -33.67 -23.25 -37.76
C ILE G 137 -33.30 -21.88 -38.43
N GLY G 138 -34.29 -21.00 -38.59
CA GLY G 138 -34.07 -19.70 -39.18
C GLY G 138 -33.55 -18.69 -38.18
N ASP G 139 -32.23 -18.71 -37.89
CA ASP G 139 -31.63 -17.76 -36.94
C ASP G 139 -30.54 -16.87 -37.55
N ASP G 140 -30.89 -15.63 -37.84
CA ASP G 140 -29.99 -14.65 -38.42
C ASP G 140 -29.19 -14.02 -37.29
N VAL G 141 -28.11 -14.68 -36.89
CA VAL G 141 -27.27 -14.21 -35.79
C VAL G 141 -26.67 -12.85 -36.10
N ASP G 142 -26.19 -12.67 -37.35
CA ASP G 142 -25.59 -11.41 -37.79
C ASP G 142 -26.53 -10.22 -37.57
N ALA G 143 -27.77 -10.32 -38.05
CA ALA G 143 -28.77 -9.26 -37.92
C ALA G 143 -29.16 -8.97 -36.48
N VAL G 144 -29.18 -9.99 -35.61
CA VAL G 144 -29.46 -9.78 -34.18
C VAL G 144 -28.31 -8.97 -33.58
N CYS G 145 -27.06 -9.33 -33.92
CA CYS G 145 -25.86 -8.65 -33.43
C CYS G 145 -25.84 -7.20 -33.87
N LYS G 146 -26.21 -6.96 -35.13
CA LYS G 146 -26.25 -5.64 -35.71
C LYS G 146 -27.27 -4.78 -34.97
N ALA G 147 -28.45 -5.32 -34.70
CA ALA G 147 -29.51 -4.61 -33.99
C ALA G 147 -29.12 -4.30 -32.56
N ALA G 148 -28.47 -5.25 -31.88
CA ALA G 148 -28.06 -5.12 -30.49
C ALA G 148 -26.92 -4.13 -30.35
N ALA G 149 -25.98 -4.12 -31.30
CA ALA G 149 -24.87 -3.16 -31.29
C ALA G 149 -25.40 -1.72 -31.35
N GLU G 150 -26.41 -1.48 -32.19
CA GLU G 150 -27.04 -0.18 -32.38
C GLU G 150 -27.87 0.25 -31.17
N ARG G 151 -28.74 -0.63 -30.67
CA ARG G 151 -29.61 -0.31 -29.54
C ARG G 151 -28.89 -0.18 -28.18
N PHE G 152 -27.75 -0.85 -27.99
CA PHE G 152 -27.09 -0.80 -26.68
C PHE G 152 -25.72 -0.08 -26.72
N GLY G 153 -25.20 0.24 -27.89
CA GLY G 153 -23.97 1.00 -28.03
C GLY G 153 -22.67 0.23 -27.80
N THR G 154 -22.76 -1.10 -27.74
CA THR G 154 -21.57 -1.92 -27.53
C THR G 154 -21.38 -2.81 -28.76
N PRO G 155 -20.16 -2.89 -29.32
CA PRO G 155 -19.96 -3.77 -30.49
C PRO G 155 -20.32 -5.23 -30.22
N VAL G 156 -21.14 -5.81 -31.10
CA VAL G 156 -21.50 -7.23 -31.04
C VAL G 156 -21.00 -7.92 -32.31
N ILE G 157 -20.05 -8.86 -32.15
CA ILE G 157 -19.40 -9.60 -33.23
C ILE G 157 -19.99 -10.97 -33.42
N PRO G 158 -20.52 -11.27 -34.61
CA PRO G 158 -21.08 -12.59 -34.84
C PRO G 158 -20.04 -13.60 -35.35
N VAL G 159 -19.87 -14.71 -34.61
CA VAL G 159 -18.93 -15.76 -34.99
C VAL G 159 -19.78 -16.91 -35.45
N ASP G 160 -20.11 -16.91 -36.73
CA ASP G 160 -20.98 -17.93 -37.31
C ASP G 160 -20.23 -19.22 -37.48
N SER G 161 -20.16 -20.02 -36.42
CA SER G 161 -19.46 -21.29 -36.46
C SER G 161 -20.26 -22.35 -35.72
N ALA G 162 -21.31 -22.85 -36.34
CA ALA G 162 -22.10 -23.94 -35.78
C ALA G 162 -21.26 -25.21 -35.86
N GLY G 163 -21.44 -26.11 -34.91
CA GLY G 163 -20.67 -27.34 -34.84
C GLY G 163 -20.68 -28.22 -36.07
N PHE G 164 -21.85 -28.37 -36.72
CA PHE G 164 -21.95 -29.24 -37.89
C PHE G 164 -21.27 -28.73 -39.16
N TYR G 165 -20.71 -27.51 -39.17
CA TYR G 165 -20.02 -26.99 -40.36
C TYR G 165 -18.76 -27.81 -40.65
N GLY G 166 -18.06 -28.26 -39.61
CA GLY G 166 -16.84 -29.03 -39.79
C GLY G 166 -16.08 -29.31 -38.50
N THR G 167 -14.74 -29.34 -38.61
CA THR G 167 -13.81 -29.64 -37.51
C THR G 167 -13.41 -28.38 -36.69
N LYS G 168 -12.62 -28.57 -35.60
CA LYS G 168 -12.11 -27.49 -34.77
C LYS G 168 -11.23 -26.53 -35.60
N ASN G 169 -10.48 -27.06 -36.58
CA ASN G 169 -9.63 -26.24 -37.46
C ASN G 169 -10.45 -25.26 -38.29
N LEU G 170 -11.63 -25.69 -38.79
CA LEU G 170 -12.54 -24.80 -39.53
C LEU G 170 -13.02 -23.65 -38.61
N GLY G 171 -13.24 -23.97 -37.33
CA GLY G 171 -13.63 -23.02 -36.30
C GLY G 171 -12.58 -21.97 -36.00
N ASN G 172 -11.32 -22.29 -36.24
CA ASN G 172 -10.24 -21.31 -36.07
C ASN G 172 -10.23 -20.35 -37.26
N ARG G 173 -10.53 -20.86 -38.48
CA ARG G 173 -10.62 -20.01 -39.67
C ARG G 173 -11.79 -19.04 -39.54
N ILE G 174 -12.96 -19.53 -39.10
CA ILE G 174 -14.14 -18.68 -38.94
C ILE G 174 -13.90 -17.58 -37.90
N ALA G 175 -13.16 -17.92 -36.83
CA ALA G 175 -12.81 -16.98 -35.78
C ALA G 175 -11.92 -15.86 -36.36
N GLY G 176 -10.94 -16.25 -37.17
CA GLY G 176 -10.04 -15.30 -37.81
C GLY G 176 -10.78 -14.40 -38.79
N GLU G 177 -11.74 -14.98 -39.53
CA GLU G 177 -12.56 -14.24 -40.48
C GLU G 177 -13.39 -13.19 -39.75
N ALA G 178 -13.98 -13.55 -38.60
CA ALA G 178 -14.78 -12.62 -37.80
C ALA G 178 -13.93 -11.45 -37.28
N MET G 179 -12.65 -11.69 -36.99
CA MET G 179 -11.76 -10.63 -36.53
C MET G 179 -11.40 -9.71 -37.69
N LEU G 180 -11.04 -10.29 -38.85
CA LEU G 180 -10.68 -9.49 -40.02
C LEU G 180 -11.82 -8.62 -40.50
N LYS G 181 -13.04 -9.18 -40.52
CA LYS G 181 -14.23 -8.48 -41.00
C LYS G 181 -14.79 -7.43 -40.06
N TYR G 182 -14.79 -7.68 -38.72
CA TYR G 182 -15.42 -6.73 -37.81
C TYR G 182 -14.51 -5.99 -36.84
N VAL G 183 -13.37 -6.57 -36.46
CA VAL G 183 -12.53 -5.96 -35.42
C VAL G 183 -11.25 -5.28 -35.94
N ILE G 184 -10.39 -6.02 -36.68
CA ILE G 184 -9.12 -5.53 -37.24
C ILE G 184 -9.31 -4.35 -38.20
N GLY G 185 -8.62 -3.24 -37.90
CA GLY G 185 -8.71 -2.03 -38.70
C GLY G 185 -9.68 -0.99 -38.18
N THR G 186 -10.26 -1.21 -37.00
CA THR G 186 -11.24 -0.28 -36.46
C THR G 186 -10.68 0.70 -35.42
N ARG G 187 -9.37 0.66 -35.14
CA ARG G 187 -8.77 1.58 -34.16
C ARG G 187 -7.27 1.68 -34.32
N GLU G 188 -6.72 2.90 -34.20
CA GLU G 188 -5.29 3.14 -34.31
C GLU G 188 -4.56 2.78 -33.03
N PRO G 189 -3.30 2.31 -33.14
CA PRO G 189 -2.56 1.95 -31.93
C PRO G 189 -2.38 3.10 -30.96
N ASP G 190 -2.21 2.76 -29.69
CA ASP G 190 -1.92 3.73 -28.64
C ASP G 190 -0.54 4.33 -28.90
N PRO G 191 -0.28 5.59 -28.49
CA PRO G 191 1.09 6.10 -28.59
C PRO G 191 1.99 5.34 -27.59
N LEU G 192 3.30 5.25 -27.87
CA LEU G 192 4.24 4.55 -26.98
C LEU G 192 4.14 5.08 -25.54
N PRO G 193 4.02 4.19 -24.55
CA PRO G 193 3.85 4.65 -23.16
C PRO G 193 4.92 5.62 -22.68
N VAL G 194 4.53 6.61 -21.86
CA VAL G 194 5.50 7.59 -21.35
C VAL G 194 6.56 6.92 -20.49
N GLY G 195 7.80 7.37 -20.65
CA GLY G 195 8.94 6.81 -19.93
C GLY G 195 9.60 5.63 -20.59
N SER G 196 8.92 5.01 -21.59
CA SER G 196 9.43 3.82 -22.28
C SER G 196 10.49 4.09 -23.36
N GLU G 197 10.79 5.36 -23.65
CA GLU G 197 11.77 5.69 -24.67
C GLU G 197 13.20 5.29 -24.23
N ARG G 198 13.75 4.21 -24.81
CA ARG G 198 15.10 3.75 -24.48
C ARG G 198 16.04 4.23 -25.56
N PRO G 199 17.02 5.09 -25.22
CA PRO G 199 17.91 5.62 -26.26
C PRO G 199 18.72 4.56 -26.98
N GLY G 200 18.70 4.62 -28.29
CA GLY G 200 19.40 3.65 -29.11
C GLY G 200 18.50 2.51 -29.57
N ILE G 201 17.36 2.29 -28.89
CA ILE G 201 16.44 1.21 -29.27
C ILE G 201 15.22 1.75 -30.03
N ARG G 202 15.07 1.36 -31.33
CA ARG G 202 13.96 1.73 -32.20
C ARG G 202 12.82 0.76 -31.94
N VAL G 203 11.65 1.28 -31.53
CA VAL G 203 10.50 0.44 -31.23
C VAL G 203 9.73 0.06 -32.50
N HIS G 204 9.61 -1.24 -32.76
CA HIS G 204 8.87 -1.75 -33.92
C HIS G 204 7.61 -2.44 -33.44
N ASP G 205 6.50 -2.27 -34.19
CA ASP G 205 5.22 -2.91 -33.84
C ASP G 205 5.07 -4.26 -34.58
N VAL G 206 4.71 -5.33 -33.84
CA VAL G 206 4.54 -6.68 -34.39
C VAL G 206 3.19 -7.31 -33.91
N ASN G 207 2.82 -8.49 -34.47
CA ASN G 207 1.65 -9.24 -34.04
C ASN G 207 2.05 -10.70 -33.87
N LEU G 208 1.49 -11.35 -32.87
CA LEU G 208 1.77 -12.76 -32.60
C LEU G 208 0.46 -13.53 -32.86
N ILE G 209 0.26 -14.07 -34.06
CA ILE G 209 -0.99 -14.77 -34.39
C ILE G 209 -0.91 -16.28 -34.13
N GLY G 210 -1.65 -16.76 -33.14
CA GLY G 210 -1.66 -18.18 -32.80
C GLY G 210 -1.01 -18.51 -31.47
N GLU G 211 -0.70 -17.50 -30.66
CA GLU G 211 -0.11 -17.70 -29.34
C GLU G 211 -1.23 -17.52 -28.32
N TYR G 212 -1.58 -18.58 -27.59
CA TYR G 212 -2.71 -18.51 -26.67
C TYR G 212 -2.36 -18.43 -25.19
N ASN G 213 -1.06 -18.31 -24.87
CA ASN G 213 -0.57 -18.12 -23.51
C ASN G 213 -1.02 -19.24 -22.58
N ILE G 214 -0.93 -20.52 -23.05
CA ILE G 214 -1.32 -21.69 -22.26
C ILE G 214 -0.43 -21.79 -21.01
N ALA G 215 -1.05 -21.80 -19.82
CA ALA G 215 -0.43 -21.81 -18.50
C ALA G 215 0.48 -20.57 -18.25
N GLY G 216 0.37 -19.55 -19.10
CA GLY G 216 1.18 -18.35 -19.01
C GLY G 216 2.53 -18.50 -19.66
N GLU G 217 2.69 -19.47 -20.59
CA GLU G 217 3.98 -19.68 -21.24
C GLU G 217 4.49 -18.49 -22.05
N PHE G 218 3.59 -17.68 -22.68
CA PHE G 218 4.04 -16.49 -23.42
C PHE G 218 4.76 -15.47 -22.53
N TRP G 219 4.51 -15.49 -21.21
CA TRP G 219 5.21 -14.60 -20.28
C TRP G 219 6.72 -14.93 -20.11
N HIS G 220 7.24 -15.85 -20.94
CA HIS G 220 8.63 -16.23 -21.07
C HIS G 220 9.25 -15.67 -22.35
N VAL G 221 8.40 -15.32 -23.32
CA VAL G 221 8.75 -14.76 -24.60
C VAL G 221 8.57 -13.24 -24.56
N LEU G 222 7.48 -12.77 -23.93
CA LEU G 222 7.19 -11.35 -23.81
C LEU G 222 8.37 -10.51 -23.26
N PRO G 223 9.15 -10.97 -22.25
CA PRO G 223 10.31 -10.17 -21.82
C PRO G 223 11.40 -10.09 -22.89
N LEU G 224 11.59 -11.14 -23.71
CA LEU G 224 12.58 -11.12 -24.79
C LEU G 224 12.21 -10.10 -25.87
N LEU G 225 10.93 -10.08 -26.27
CA LEU G 225 10.44 -9.14 -27.26
C LEU G 225 10.58 -7.71 -26.76
N ASP G 226 10.27 -7.49 -25.47
CA ASP G 226 10.40 -6.22 -24.77
C ASP G 226 11.85 -5.74 -24.74
N GLU G 227 12.81 -6.65 -24.51
CA GLU G 227 14.22 -6.30 -24.46
C GLU G 227 14.71 -5.84 -25.83
N LEU G 228 14.24 -6.51 -26.88
CA LEU G 228 14.60 -6.14 -28.25
C LEU G 228 13.95 -4.85 -28.74
N GLY G 229 12.88 -4.41 -28.09
CA GLY G 229 12.17 -3.21 -28.49
C GLY G 229 11.04 -3.53 -29.45
N LEU G 230 10.38 -4.65 -29.24
CA LEU G 230 9.28 -5.07 -30.08
C LEU G 230 7.95 -4.95 -29.36
N ARG G 231 7.15 -3.97 -29.77
CA ARG G 231 5.84 -3.75 -29.21
C ARG G 231 4.91 -4.74 -29.86
N VAL G 232 4.37 -5.67 -29.09
CA VAL G 232 3.37 -6.59 -29.63
C VAL G 232 2.08 -5.83 -29.56
N LEU G 233 1.55 -5.41 -30.72
CA LEU G 233 0.27 -4.69 -30.79
C LEU G 233 -0.83 -5.62 -30.29
N CYS G 234 -0.82 -6.89 -30.71
CA CYS G 234 -1.75 -7.89 -30.22
C CYS G 234 -1.22 -9.30 -30.38
N THR G 235 -1.40 -10.10 -29.33
CA THR G 235 -1.05 -11.51 -29.28
C THR G 235 -2.39 -12.18 -29.42
N LEU G 236 -2.70 -12.71 -30.60
CA LEU G 236 -4.02 -13.30 -30.86
C LEU G 236 -4.07 -14.81 -30.54
N ALA G 237 -4.70 -15.24 -29.42
CA ALA G 237 -5.39 -14.37 -28.47
C ALA G 237 -4.86 -14.46 -27.03
N GLY G 238 -3.59 -14.80 -26.85
CA GLY G 238 -3.00 -14.92 -25.52
C GLY G 238 -2.91 -13.62 -24.76
N ASP G 239 -3.65 -13.51 -23.65
CA ASP G 239 -3.64 -12.28 -22.83
C ASP G 239 -4.07 -11.07 -23.65
N ALA G 240 -5.08 -11.26 -24.48
CA ALA G 240 -5.55 -10.21 -25.35
C ALA G 240 -6.79 -9.50 -24.83
N ARG G 241 -6.93 -8.25 -25.25
CA ARG G 241 -8.02 -7.36 -24.94
C ARG G 241 -8.62 -6.97 -26.28
N TYR G 242 -9.93 -6.67 -26.33
CA TYR G 242 -10.60 -6.28 -27.56
C TYR G 242 -9.91 -5.08 -28.26
N ARG G 243 -9.44 -4.10 -27.47
CA ARG G 243 -8.79 -2.91 -27.99
C ARG G 243 -7.44 -3.19 -28.66
N GLU G 244 -6.76 -4.28 -28.30
CA GLU G 244 -5.49 -4.63 -28.94
C GLU G 244 -5.76 -5.18 -30.35
N VAL G 245 -6.80 -6.00 -30.49
CA VAL G 245 -7.15 -6.64 -31.76
C VAL G 245 -7.50 -5.59 -32.82
N GLN G 246 -8.17 -4.51 -32.43
CA GLN G 246 -8.57 -3.44 -33.36
C GLN G 246 -7.38 -2.80 -34.08
N THR G 247 -6.23 -2.79 -33.42
CA THR G 247 -5.02 -2.13 -33.93
C THR G 247 -4.08 -3.02 -34.75
N MET G 248 -4.44 -4.28 -34.98
CA MET G 248 -3.57 -5.23 -35.63
C MET G 248 -3.14 -4.84 -37.03
N HIS G 249 -3.92 -3.99 -37.70
CA HIS G 249 -3.62 -3.59 -39.06
C HIS G 249 -2.37 -2.74 -39.20
N ARG G 250 -1.95 -2.07 -38.11
CA ARG G 250 -0.77 -1.20 -38.10
C ARG G 250 0.52 -1.89 -37.66
N ALA G 251 0.56 -3.21 -37.69
CA ALA G 251 1.78 -3.95 -37.37
C ALA G 251 2.75 -3.93 -38.55
N GLU G 252 4.05 -3.97 -38.27
CA GLU G 252 5.07 -3.98 -39.31
C GLU G 252 5.34 -5.41 -39.77
N VAL G 253 5.42 -6.38 -38.85
CA VAL G 253 5.64 -7.80 -39.17
C VAL G 253 4.64 -8.67 -38.41
N ASN G 254 4.19 -9.77 -39.01
CA ASN G 254 3.25 -10.69 -38.38
C ASN G 254 3.89 -12.04 -38.17
N MET G 255 3.74 -12.65 -37.00
CA MET G 255 4.31 -13.97 -36.75
C MET G 255 3.23 -15.04 -36.59
N MET G 256 3.26 -16.07 -37.42
CA MET G 256 2.33 -17.19 -37.29
C MET G 256 2.92 -18.17 -36.26
N VAL G 257 2.29 -18.26 -35.09
CA VAL G 257 2.80 -19.12 -34.02
C VAL G 257 2.15 -20.50 -33.98
N CYS G 258 2.91 -21.54 -34.33
CA CYS G 258 2.50 -22.96 -34.31
C CYS G 258 1.09 -23.20 -34.86
N SER G 259 0.74 -22.54 -35.97
CA SER G 259 -0.58 -22.69 -36.53
C SER G 259 -0.62 -22.48 -38.02
N LYS G 260 -1.53 -23.23 -38.66
CA LYS G 260 -1.85 -23.23 -40.08
C LYS G 260 -3.31 -22.77 -40.27
N ALA G 261 -4.21 -23.05 -39.30
CA ALA G 261 -5.63 -22.69 -39.35
C ALA G 261 -5.85 -21.16 -39.34
N MET G 262 -4.92 -20.41 -38.75
CA MET G 262 -4.99 -18.95 -38.74
C MET G 262 -4.23 -18.34 -39.93
N LEU G 263 -3.77 -19.15 -40.92
CA LEU G 263 -3.00 -18.69 -42.08
C LEU G 263 -3.79 -17.72 -42.95
N ASN G 264 -5.12 -17.80 -42.92
CA ASN G 264 -5.99 -16.87 -43.64
C ASN G 264 -5.83 -15.44 -43.08
N VAL G 265 -5.53 -15.30 -41.77
CA VAL G 265 -5.33 -14.01 -41.14
C VAL G 265 -4.06 -13.34 -41.64
N ALA G 266 -2.90 -14.04 -41.57
CA ALA G 266 -1.63 -13.49 -42.03
C ALA G 266 -1.67 -13.13 -43.51
N ARG G 267 -2.29 -13.99 -44.34
CA ARG G 267 -2.41 -13.74 -45.77
C ARG G 267 -3.29 -12.52 -46.04
N LYS G 268 -4.47 -12.46 -45.40
CA LYS G 268 -5.38 -11.34 -45.61
C LYS G 268 -4.85 -10.02 -45.07
N LEU G 269 -3.99 -10.05 -44.06
CA LEU G 269 -3.39 -8.83 -43.54
C LEU G 269 -2.26 -8.32 -44.47
N GLN G 270 -1.59 -9.24 -45.19
CA GLN G 270 -0.58 -8.88 -46.17
C GLN G 270 -1.26 -8.35 -47.45
N GLU G 271 -2.41 -8.92 -47.83
CA GLU G 271 -3.13 -8.48 -49.03
C GLU G 271 -3.79 -7.13 -48.81
N THR G 272 -4.32 -6.89 -47.62
CA THR G 272 -5.05 -5.66 -47.33
C THR G 272 -4.17 -4.50 -46.83
N TYR G 273 -3.26 -4.75 -45.88
CA TYR G 273 -2.43 -3.68 -45.33
C TYR G 273 -0.94 -3.74 -45.70
N GLY G 274 -0.55 -4.75 -46.47
CA GLY G 274 0.84 -4.91 -46.91
C GLY G 274 1.80 -5.42 -45.84
N THR G 275 1.26 -5.95 -44.74
CA THR G 275 2.06 -6.45 -43.64
C THR G 275 2.73 -7.80 -43.93
N PRO G 276 4.07 -7.83 -44.00
CA PRO G 276 4.76 -9.10 -44.24
C PRO G 276 4.65 -10.05 -43.03
N TRP G 277 4.64 -11.36 -43.28
CA TRP G 277 4.53 -12.34 -42.22
C TRP G 277 5.52 -13.49 -42.30
N PHE G 278 5.65 -14.29 -41.23
CA PHE G 278 6.53 -15.45 -41.21
C PHE G 278 6.01 -16.53 -40.28
N GLU G 279 6.21 -17.80 -40.63
CA GLU G 279 5.82 -18.90 -39.76
C GLU G 279 6.97 -19.22 -38.82
N GLY G 280 6.64 -19.55 -37.58
CA GLY G 280 7.64 -19.86 -36.58
C GLY G 280 7.05 -20.45 -35.32
N SER G 281 7.92 -20.74 -34.35
CA SER G 281 7.50 -21.33 -33.08
C SER G 281 8.37 -20.85 -31.93
N PHE G 282 7.85 -20.95 -30.72
CA PHE G 282 8.63 -20.63 -29.53
C PHE G 282 8.83 -21.88 -28.67
N TYR G 283 8.87 -23.07 -29.29
CA TYR G 283 9.07 -24.29 -28.54
C TYR G 283 10.44 -24.84 -28.83
N GLY G 284 11.33 -24.71 -27.85
CA GLY G 284 12.70 -25.17 -28.00
C GLY G 284 13.67 -24.04 -28.23
N ILE G 285 14.95 -24.32 -27.98
CA ILE G 285 16.01 -23.33 -28.13
C ILE G 285 16.16 -22.88 -29.58
N THR G 286 16.35 -23.83 -30.52
CA THR G 286 16.55 -23.55 -31.93
C THR G 286 15.37 -22.78 -32.53
N ASP G 287 14.14 -23.14 -32.14
CA ASP G 287 12.95 -22.47 -32.65
C ASP G 287 12.77 -21.05 -32.10
N THR G 288 12.98 -20.86 -30.79
CA THR G 288 12.85 -19.53 -30.18
C THR G 288 13.85 -18.55 -30.80
N SER G 289 15.10 -19.01 -31.00
CA SER G 289 16.16 -18.19 -31.62
C SER G 289 15.86 -17.91 -33.10
N GLN G 290 15.29 -18.89 -33.82
CA GLN G 290 14.94 -18.67 -35.23
C GLN G 290 13.80 -17.67 -35.35
N ALA G 291 12.82 -17.72 -34.43
CA ALA G 291 11.70 -16.78 -34.45
C ALA G 291 12.20 -15.36 -34.25
N LEU G 292 13.15 -15.17 -33.32
CA LEU G 292 13.72 -13.87 -33.07
C LEU G 292 14.60 -13.39 -34.22
N ARG G 293 15.30 -14.32 -34.89
CA ARG G 293 16.14 -13.99 -36.05
C ARG G 293 15.30 -13.57 -37.25
N ASP G 294 14.12 -14.18 -37.41
CA ASP G 294 13.22 -13.86 -38.53
C ASP G 294 12.63 -12.46 -38.38
N PHE G 295 12.38 -12.02 -37.14
CA PHE G 295 11.85 -10.68 -36.86
C PHE G 295 12.84 -9.62 -37.30
N ALA G 296 14.14 -9.80 -36.96
CA ALA G 296 15.19 -8.87 -37.34
C ALA G 296 15.37 -8.82 -38.87
N ARG G 297 15.22 -9.98 -39.53
CA ARG G 297 15.34 -10.14 -40.97
C ARG G 297 14.28 -9.32 -41.71
N LEU G 298 13.06 -9.26 -41.17
CA LEU G 298 11.98 -8.53 -41.83
C LEU G 298 11.83 -7.08 -41.38
N LEU G 299 12.46 -6.69 -40.28
CA LEU G 299 12.34 -5.32 -39.79
C LEU G 299 13.42 -4.37 -40.30
N ASP G 300 14.39 -4.89 -41.08
CA ASP G 300 15.45 -4.13 -41.72
C ASP G 300 16.10 -3.09 -40.81
N ASP G 301 16.56 -3.53 -39.64
CA ASP G 301 17.24 -2.66 -38.71
C ASP G 301 18.53 -3.34 -38.26
N PRO G 302 19.69 -2.79 -38.65
CA PRO G 302 20.96 -3.41 -38.23
C PRO G 302 21.18 -3.37 -36.71
N ASP G 303 20.68 -2.32 -36.06
CA ASP G 303 20.80 -2.20 -34.61
C ASP G 303 19.98 -3.28 -33.90
N LEU G 304 18.80 -3.60 -34.45
CA LEU G 304 17.96 -4.65 -33.92
C LEU G 304 18.60 -6.01 -34.15
N THR G 305 19.15 -6.23 -35.36
CA THR G 305 19.80 -7.48 -35.74
C THR G 305 20.98 -7.78 -34.81
N ALA G 306 21.81 -6.77 -34.52
CA ALA G 306 22.97 -6.92 -33.64
C ALA G 306 22.54 -7.24 -32.21
N ARG G 307 21.49 -6.55 -31.72
CA ARG G 307 20.98 -6.81 -30.37
C ARG G 307 20.26 -8.17 -30.30
N THR G 308 19.72 -8.67 -31.43
CA THR G 308 19.05 -9.97 -31.50
C THR G 308 20.09 -11.07 -31.33
N GLU G 309 21.25 -10.92 -31.97
CA GLU G 309 22.35 -11.88 -31.83
C GLU G 309 22.87 -11.87 -30.40
N ALA G 310 22.97 -10.68 -29.80
CA ALA G 310 23.41 -10.52 -28.42
C ALA G 310 22.43 -11.15 -27.44
N LEU G 311 21.11 -11.05 -27.69
CA LEU G 311 20.12 -11.68 -26.82
C LEU G 311 20.25 -13.19 -26.97
N ILE G 312 20.38 -13.69 -28.21
CA ILE G 312 20.49 -15.13 -28.46
C ILE G 312 21.73 -15.71 -27.81
N ALA G 313 22.88 -15.06 -27.97
CA ALA G 313 24.12 -15.52 -27.35
C ALA G 313 24.02 -15.55 -25.82
N ARG G 314 23.26 -14.63 -25.23
CA ARG G 314 23.11 -14.58 -23.78
C ARG G 314 22.15 -15.65 -23.28
N GLU G 315 20.98 -15.76 -23.91
CA GLU G 315 19.97 -16.71 -23.50
C GLU G 315 20.34 -18.15 -23.82
N GLU G 316 21.10 -18.38 -24.89
CA GLU G 316 21.54 -19.73 -25.24
C GLU G 316 22.62 -20.20 -24.29
N ALA G 317 23.52 -19.31 -23.85
CA ALA G 317 24.57 -19.67 -22.90
C ALA G 317 23.99 -20.05 -21.54
N LYS G 318 22.98 -19.32 -21.10
CA LYS G 318 22.31 -19.55 -19.84
C LYS G 318 21.51 -20.86 -19.86
N VAL G 319 20.75 -21.12 -20.95
CA VAL G 319 19.91 -22.30 -21.03
C VAL G 319 20.69 -23.59 -21.29
N ARG G 320 21.78 -23.53 -22.09
CA ARG G 320 22.59 -24.73 -22.33
C ARG G 320 23.30 -25.16 -21.04
N ALA G 321 23.73 -24.19 -20.20
CA ALA G 321 24.37 -24.46 -18.92
C ALA G 321 23.39 -25.06 -17.92
N ALA G 322 22.15 -24.59 -17.95
CA ALA G 322 21.10 -25.10 -17.06
C ALA G 322 20.61 -26.49 -17.47
N LEU G 323 20.69 -26.82 -18.76
CA LEU G 323 20.24 -28.12 -19.25
C LEU G 323 21.28 -29.23 -19.12
N GLU G 324 22.55 -28.88 -18.93
CA GLU G 324 23.66 -29.84 -18.83
C GLU G 324 23.54 -30.82 -17.65
N PRO G 325 23.21 -30.41 -16.40
CA PRO G 325 23.06 -31.42 -15.32
C PRO G 325 21.97 -32.45 -15.59
N TRP G 326 21.01 -32.13 -16.49
CA TRP G 326 19.91 -33.01 -16.87
C TRP G 326 20.21 -33.84 -18.10
N ARG G 327 21.11 -33.35 -18.99
CA ARG G 327 21.47 -33.96 -20.26
C ARG G 327 21.62 -35.49 -20.24
N ALA G 328 22.23 -36.05 -19.18
CA ALA G 328 22.41 -37.49 -19.07
C ALA G 328 21.10 -38.23 -18.79
N ARG G 329 20.25 -37.67 -17.93
CA ARG G 329 18.97 -38.27 -17.53
C ARG G 329 17.96 -38.46 -18.66
N LEU G 330 17.99 -37.63 -19.70
CA LEU G 330 17.03 -37.76 -20.81
C LEU G 330 17.65 -38.16 -22.15
N GLU G 331 18.97 -38.37 -22.20
CA GLU G 331 19.63 -38.72 -23.44
C GLU G 331 19.31 -40.13 -23.91
N GLY G 332 18.82 -40.25 -25.14
CA GLY G 332 18.50 -41.54 -25.75
C GLY G 332 17.16 -42.14 -25.40
N LYS G 333 16.33 -41.40 -24.65
CA LYS G 333 15.01 -41.90 -24.29
C LYS G 333 14.11 -41.88 -25.53
N ARG G 334 13.41 -42.97 -25.78
CA ARG G 334 12.55 -43.08 -26.96
C ARG G 334 11.21 -42.42 -26.73
N VAL G 335 10.81 -41.53 -27.65
CA VAL G 335 9.55 -40.79 -27.52
C VAL G 335 8.62 -41.12 -28.67
N LEU G 336 7.37 -41.51 -28.39
CA LEU G 336 6.40 -41.73 -29.46
C LEU G 336 5.48 -40.53 -29.50
N LEU G 337 5.52 -39.74 -30.57
CA LEU G 337 4.65 -38.57 -30.69
C LEU G 337 3.43 -38.86 -31.57
N TYR G 338 2.24 -38.53 -31.08
CA TYR G 338 1.01 -38.72 -31.85
C TYR G 338 0.40 -37.36 -32.21
N THR G 339 0.04 -37.17 -33.49
CA THR G 339 -0.54 -35.91 -33.95
C THR G 339 -2.06 -35.99 -34.08
N GLY G 340 -2.76 -35.47 -33.08
CA GLY G 340 -4.22 -35.48 -33.09
C GLY G 340 -4.80 -34.12 -33.45
N GLY G 341 -4.13 -33.43 -34.38
CA GLY G 341 -4.52 -32.10 -34.84
C GLY G 341 -4.42 -31.02 -33.77
N VAL G 342 -3.65 -31.30 -32.70
CA VAL G 342 -3.48 -30.45 -31.53
C VAL G 342 -2.08 -29.79 -31.53
N LYS G 343 -1.60 -29.42 -32.73
CA LYS G 343 -0.30 -28.75 -32.97
C LYS G 343 0.88 -29.47 -32.30
N SER G 344 0.90 -30.82 -32.39
CA SER G 344 1.92 -31.66 -31.78
C SER G 344 3.32 -31.56 -32.39
N TRP G 345 3.43 -31.21 -33.69
CA TRP G 345 4.75 -31.13 -34.33
C TRP G 345 5.61 -29.96 -33.82
N SER G 346 4.98 -28.93 -33.23
CA SER G 346 5.71 -27.79 -32.71
C SER G 346 6.64 -28.15 -31.55
N VAL G 347 6.25 -29.10 -30.69
CA VAL G 347 7.09 -29.52 -29.57
C VAL G 347 8.19 -30.52 -29.95
N VAL G 348 8.16 -31.07 -31.19
CA VAL G 348 9.15 -32.03 -31.68
C VAL G 348 10.54 -31.41 -31.70
N SER G 349 10.64 -30.15 -32.14
CA SER G 349 11.90 -29.42 -32.20
C SER G 349 12.55 -29.28 -30.83
N ALA G 350 11.74 -29.13 -29.77
CA ALA G 350 12.26 -29.02 -28.41
C ALA G 350 12.88 -30.33 -27.95
N LEU G 351 12.25 -31.45 -28.29
CA LEU G 351 12.75 -32.78 -27.94
C LEU G 351 14.08 -33.10 -28.65
N GLN G 352 14.28 -32.52 -29.86
CA GLN G 352 15.52 -32.67 -30.62
C GLN G 352 16.68 -32.01 -29.89
N ASP G 353 16.43 -30.88 -29.21
CA ASP G 353 17.44 -30.16 -28.41
C ASP G 353 17.88 -30.93 -27.15
N LEU G 354 17.37 -32.16 -26.94
CA LEU G 354 17.68 -32.98 -25.78
C LEU G 354 18.34 -34.33 -26.12
N GLY G 355 18.49 -34.65 -27.41
CA GLY G 355 19.11 -35.90 -27.84
C GLY G 355 18.19 -37.08 -27.65
N MET G 356 16.92 -36.94 -28.05
CA MET G 356 15.95 -38.01 -27.90
C MET G 356 15.41 -38.39 -29.29
N LYS G 357 15.47 -39.68 -29.65
CA LYS G 357 14.95 -40.11 -30.95
C LYS G 357 13.44 -40.18 -30.88
N VAL G 358 12.75 -39.37 -31.68
CA VAL G 358 11.30 -39.31 -31.66
C VAL G 358 10.68 -40.02 -32.86
N VAL G 359 9.65 -40.83 -32.60
CA VAL G 359 8.92 -41.54 -33.63
C VAL G 359 7.55 -40.89 -33.74
N ALA G 360 7.35 -40.04 -34.75
CA ALA G 360 6.09 -39.35 -34.94
C ALA G 360 5.13 -40.17 -35.80
N THR G 361 3.84 -40.15 -35.45
CA THR G 361 2.83 -40.89 -36.19
C THR G 361 1.50 -40.15 -36.26
N GLY G 362 0.75 -40.40 -37.31
CA GLY G 362 -0.54 -39.78 -37.53
C GLY G 362 -1.56 -40.71 -38.15
N THR G 363 -2.74 -40.19 -38.47
CA THR G 363 -3.83 -40.98 -39.07
C THR G 363 -4.25 -40.40 -40.44
N LYS G 364 -5.18 -41.05 -41.15
CA LYS G 364 -5.71 -40.56 -42.43
C LYS G 364 -6.54 -39.27 -42.20
N LYS G 365 -7.22 -39.17 -41.04
CA LYS G 365 -8.02 -38.02 -40.66
C LYS G 365 -7.17 -36.81 -40.23
N SER G 366 -5.84 -36.95 -40.12
CA SER G 366 -4.94 -35.85 -39.75
C SER G 366 -4.77 -34.89 -40.94
N THR G 367 -4.32 -33.65 -40.67
CA THR G 367 -4.12 -32.66 -41.74
C THR G 367 -2.95 -33.01 -42.66
N GLU G 368 -2.92 -32.41 -43.87
CA GLU G 368 -1.82 -32.66 -44.81
C GLU G 368 -0.48 -32.11 -44.30
N GLU G 369 -0.51 -31.07 -43.45
CA GLU G 369 0.71 -30.52 -42.86
C GLU G 369 1.28 -31.49 -41.84
N ASP G 370 0.42 -32.19 -41.07
CA ASP G 370 0.86 -33.20 -40.11
C ASP G 370 1.55 -34.34 -40.87
N LYS G 371 0.99 -34.75 -42.02
CA LYS G 371 1.53 -35.80 -42.88
C LYS G 371 2.86 -35.40 -43.51
N ALA G 372 3.00 -34.14 -43.96
CA ALA G 372 4.23 -33.66 -44.58
C ALA G 372 5.40 -33.62 -43.60
N ARG G 373 5.12 -33.30 -42.33
CA ARG G 373 6.15 -33.27 -41.30
C ARG G 373 6.59 -34.68 -40.88
N ILE G 374 5.71 -35.68 -41.05
CA ILE G 374 6.04 -37.07 -40.74
C ILE G 374 6.92 -37.65 -41.86
N ARG G 375 6.67 -37.27 -43.14
CA ARG G 375 7.52 -37.71 -44.25
C ARG G 375 8.91 -37.06 -44.15
N GLU G 376 8.97 -35.83 -43.60
CA GLU G 376 10.20 -35.05 -43.43
C GLU G 376 11.18 -35.73 -42.46
N LEU G 377 10.66 -36.35 -41.39
CA LEU G 377 11.52 -36.99 -40.40
C LEU G 377 11.56 -38.52 -40.48
N MET G 378 10.40 -39.19 -40.47
CA MET G 378 10.35 -40.65 -40.51
C MET G 378 10.74 -41.25 -41.86
N GLY G 379 10.24 -40.67 -42.93
CA GLY G 379 10.50 -41.16 -44.28
C GLY G 379 9.29 -41.06 -45.18
N ASP G 380 9.51 -41.10 -46.51
CA ASP G 380 8.41 -40.98 -47.47
C ASP G 380 7.49 -42.20 -47.51
N ASP G 381 7.98 -43.37 -47.08
CA ASP G 381 7.17 -44.58 -47.07
C ASP G 381 6.69 -44.87 -45.65
N VAL G 382 6.19 -43.85 -44.95
CA VAL G 382 5.71 -44.01 -43.58
C VAL G 382 4.33 -44.68 -43.52
N LYS G 383 3.99 -45.27 -42.38
CA LYS G 383 2.72 -45.96 -42.19
C LYS G 383 1.78 -45.16 -41.27
N MET G 384 0.57 -44.82 -41.76
CA MET G 384 -0.39 -44.05 -40.97
C MET G 384 -1.36 -44.98 -40.26
N LEU G 385 -1.76 -44.62 -39.02
CA LEU G 385 -2.69 -45.44 -38.21
C LEU G 385 -4.10 -45.47 -38.78
N ASP G 386 -4.51 -44.42 -39.52
CA ASP G 386 -5.80 -44.28 -40.18
C ASP G 386 -6.99 -44.16 -39.19
N GLU G 387 -7.47 -45.27 -38.60
CA GLU G 387 -8.62 -45.23 -37.70
C GLU G 387 -8.28 -44.68 -36.31
N GLY G 388 -9.30 -44.28 -35.57
CA GLY G 388 -9.13 -43.73 -34.24
C GLY G 388 -9.02 -44.78 -33.14
N ASN G 389 -8.66 -46.03 -33.50
CA ASN G 389 -8.50 -47.09 -32.52
C ASN G 389 -7.26 -46.83 -31.67
N ALA G 390 -7.45 -46.62 -30.37
CA ALA G 390 -6.36 -46.35 -29.46
C ALA G 390 -5.47 -47.57 -29.19
N ARG G 391 -5.98 -48.79 -29.46
CA ARG G 391 -5.16 -50.00 -29.28
C ARG G 391 -4.04 -50.09 -30.33
N VAL G 392 -4.22 -49.45 -31.49
CA VAL G 392 -3.23 -49.37 -32.55
C VAL G 392 -2.08 -48.46 -32.09
N LEU G 393 -2.42 -47.35 -31.41
CA LEU G 393 -1.46 -46.40 -30.85
C LEU G 393 -0.66 -47.07 -29.73
N LEU G 394 -1.32 -47.89 -28.90
CA LEU G 394 -0.67 -48.63 -27.81
C LEU G 394 0.29 -49.68 -28.38
N LYS G 395 -0.12 -50.34 -29.47
CA LYS G 395 0.71 -51.34 -30.14
C LYS G 395 1.97 -50.68 -30.73
N THR G 396 1.81 -49.46 -31.26
CA THR G 396 2.91 -48.69 -31.84
C THR G 396 3.96 -48.35 -30.78
N VAL G 397 3.53 -48.09 -29.53
CA VAL G 397 4.43 -47.80 -28.41
C VAL G 397 5.35 -49.02 -28.17
N ASP G 398 4.75 -50.21 -28.09
CA ASP G 398 5.50 -51.45 -27.85
C ASP G 398 6.35 -51.86 -29.05
N GLU G 399 5.90 -51.53 -30.27
CA GLU G 399 6.60 -51.84 -31.51
C GLU G 399 7.93 -51.09 -31.58
N TYR G 400 7.91 -49.79 -31.28
CA TYR G 400 9.13 -48.99 -31.33
C TYR G 400 9.90 -48.93 -30.01
N GLN G 401 9.48 -49.69 -28.97
CA GLN G 401 10.10 -49.71 -27.65
C GLN G 401 10.11 -48.30 -27.05
N ALA G 402 8.99 -47.60 -27.18
CA ALA G 402 8.85 -46.23 -26.69
C ALA G 402 8.86 -46.17 -25.18
N ASP G 403 9.54 -45.17 -24.64
CA ASP G 403 9.62 -44.95 -23.19
C ASP G 403 8.54 -44.00 -22.68
N ILE G 404 8.04 -43.10 -23.54
CA ILE G 404 7.00 -42.14 -23.19
C ILE G 404 6.17 -41.75 -24.42
N LEU G 405 4.86 -41.57 -24.25
CA LEU G 405 3.97 -41.14 -25.32
C LEU G 405 3.69 -39.66 -25.14
N ILE G 406 4.00 -38.85 -26.16
CA ILE G 406 3.71 -37.42 -26.11
C ILE G 406 2.62 -37.11 -27.13
N ALA G 407 1.42 -36.81 -26.61
CA ALA G 407 0.23 -36.56 -27.42
C ALA G 407 -0.77 -35.62 -26.65
N GLY G 408 -1.91 -35.26 -27.25
CA GLY G 408 -2.92 -34.44 -26.61
C GLY G 408 -3.60 -35.14 -25.44
N GLY G 409 -4.15 -34.36 -24.53
CA GLY G 409 -4.82 -34.83 -23.32
C GLY G 409 -5.88 -35.90 -23.50
N ARG G 410 -6.43 -36.05 -24.71
CA ARG G 410 -7.45 -37.08 -25.00
C ARG G 410 -6.85 -38.48 -24.87
N ASN G 411 -5.61 -38.65 -25.32
CA ASN G 411 -4.90 -39.92 -25.30
C ASN G 411 -4.14 -40.19 -24.00
N MET G 412 -4.44 -39.44 -22.93
CA MET G 412 -3.78 -39.57 -21.62
C MET G 412 -4.11 -40.91 -20.97
N TYR G 413 -5.39 -41.28 -20.94
CA TYR G 413 -5.79 -42.53 -20.30
C TYR G 413 -5.46 -43.75 -21.13
N THR G 414 -5.21 -43.60 -22.45
CA THR G 414 -4.76 -44.72 -23.26
C THR G 414 -3.34 -45.10 -22.81
N ALA G 415 -2.48 -44.09 -22.59
CA ALA G 415 -1.13 -44.33 -22.12
C ALA G 415 -1.11 -44.69 -20.63
N LEU G 416 -1.83 -43.94 -19.77
CA LEU G 416 -1.85 -44.22 -18.33
C LEU G 416 -2.40 -45.62 -18.04
N LYS G 417 -3.55 -45.98 -18.64
CA LYS G 417 -4.13 -47.32 -18.43
C LYS G 417 -3.31 -48.43 -19.09
N GLY G 418 -2.60 -48.12 -20.17
CA GLY G 418 -1.71 -49.06 -20.82
C GLY G 418 -0.35 -49.19 -20.13
N ARG G 419 -0.20 -48.59 -18.92
CA ARG G 419 0.99 -48.60 -18.06
C ARG G 419 2.20 -47.96 -18.73
N VAL G 420 1.96 -46.90 -19.52
CA VAL G 420 2.97 -46.19 -20.29
C VAL G 420 3.09 -44.70 -19.88
N PRO G 421 4.32 -44.21 -19.59
CA PRO G 421 4.51 -42.79 -19.26
C PRO G 421 3.96 -41.85 -20.35
N PHE G 422 3.37 -40.73 -19.94
CA PHE G 422 2.76 -39.78 -20.87
C PHE G 422 3.07 -38.32 -20.53
N LEU G 423 3.19 -37.46 -21.55
CA LEU G 423 3.37 -36.03 -21.34
C LEU G 423 2.32 -35.26 -22.14
N ASP G 424 1.53 -34.44 -21.45
CA ASP G 424 0.49 -33.66 -22.11
C ASP G 424 1.06 -32.44 -22.82
N ILE G 425 0.62 -32.20 -24.04
CA ILE G 425 1.02 -31.03 -24.83
C ILE G 425 -0.21 -30.36 -25.45
N ASN G 426 -1.36 -30.36 -24.76
CA ASN G 426 -2.59 -29.77 -25.31
C ASN G 426 -2.97 -28.42 -24.62
N GLN G 427 -4.04 -27.77 -25.11
CA GLN G 427 -4.58 -26.50 -24.63
C GLN G 427 -5.35 -26.64 -23.29
N GLU G 428 -4.81 -27.42 -22.36
CA GLU G 428 -5.41 -27.71 -21.06
C GLU G 428 -4.34 -27.98 -19.98
N ARG G 429 -3.05 -28.13 -20.36
CA ARG G 429 -1.96 -28.40 -19.44
C ARG G 429 -1.69 -27.23 -18.49
N GLU G 430 -1.03 -27.52 -17.35
CA GLU G 430 -0.70 -26.51 -16.33
C GLU G 430 0.79 -26.15 -16.29
N PHE G 431 1.57 -26.56 -17.30
CA PHE G 431 3.00 -26.25 -17.33
C PHE G 431 3.42 -25.56 -18.62
N GLY G 432 4.21 -24.50 -18.49
CA GLY G 432 4.68 -23.72 -19.63
C GLY G 432 5.95 -24.24 -20.25
N TYR G 433 5.96 -24.41 -21.58
CA TYR G 433 7.16 -24.93 -22.27
C TYR G 433 7.73 -23.98 -23.31
N ALA G 434 7.21 -22.76 -23.42
CA ALA G 434 7.68 -21.80 -24.42
C ALA G 434 8.96 -21.08 -24.02
N GLY G 435 9.71 -20.64 -25.02
CA GLY G 435 10.96 -19.90 -24.83
C GLY G 435 12.08 -20.72 -24.26
N TYR G 436 13.14 -20.04 -23.85
CA TYR G 436 14.30 -20.70 -23.26
C TYR G 436 13.95 -21.22 -21.86
N ASP G 437 13.23 -20.42 -21.08
CA ASP G 437 12.82 -20.81 -19.73
C ASP G 437 11.88 -22.03 -19.71
N GLY G 438 11.05 -22.15 -20.74
CA GLY G 438 10.13 -23.27 -20.85
C GLY G 438 10.80 -24.62 -21.03
N MET G 439 12.00 -24.62 -21.66
CA MET G 439 12.80 -25.82 -21.87
C MET G 439 13.14 -26.50 -20.53
N LEU G 440 13.37 -25.69 -19.49
CA LEU G 440 13.67 -26.20 -18.17
C LEU G 440 12.47 -26.92 -17.58
N GLU G 441 11.27 -26.37 -17.76
CA GLU G 441 10.05 -27.00 -17.25
C GLU G 441 9.75 -28.29 -18.00
N LEU G 442 10.02 -28.32 -19.31
CA LEU G 442 9.78 -29.49 -20.12
C LEU G 442 10.62 -30.67 -19.65
N VAL G 443 11.93 -30.47 -19.44
CA VAL G 443 12.78 -31.57 -18.96
C VAL G 443 12.40 -32.02 -17.56
N ARG G 444 11.94 -31.08 -16.70
CA ARG G 444 11.49 -31.42 -15.36
C ARG G 444 10.25 -32.33 -15.46
N GLN G 445 9.25 -31.96 -16.29
CA GLN G 445 8.05 -32.78 -16.48
C GLN G 445 8.36 -34.14 -17.10
N LEU G 446 9.33 -34.19 -18.04
CA LEU G 446 9.71 -35.46 -18.68
C LEU G 446 10.32 -36.41 -17.66
N CYS G 447 11.22 -35.89 -16.82
CA CYS G 447 11.86 -36.69 -15.77
C CYS G 447 10.87 -37.10 -14.70
N ILE G 448 9.92 -36.21 -14.34
CA ILE G 448 8.87 -36.48 -13.34
C ILE G 448 8.14 -37.79 -13.65
N THR G 449 7.65 -37.95 -14.90
CA THR G 449 6.92 -39.15 -15.27
C THR G 449 7.84 -40.33 -15.64
N LEU G 450 9.00 -40.09 -16.27
CA LEU G 450 9.91 -41.16 -16.68
C LEU G 450 10.62 -41.85 -15.50
N GLU G 451 11.18 -41.06 -14.58
CA GLU G 451 11.89 -41.63 -13.44
C GLU G 451 10.96 -42.03 -12.30
N CYS G 452 9.65 -42.20 -12.57
CA CYS G 452 8.69 -42.51 -11.52
C CYS G 452 8.62 -43.99 -11.16
N PRO G 453 8.69 -44.29 -9.85
CA PRO G 453 8.54 -45.68 -9.41
C PRO G 453 7.12 -46.23 -9.57
N VAL G 454 6.12 -45.38 -9.87
CA VAL G 454 4.74 -45.82 -10.03
C VAL G 454 4.57 -46.84 -11.17
N TRP G 455 5.41 -46.78 -12.21
CA TRP G 455 5.31 -47.65 -13.37
C TRP G 455 5.62 -49.11 -13.06
N GLU G 456 6.67 -49.39 -12.27
CA GLU G 456 6.98 -50.75 -11.88
C GLU G 456 5.86 -51.33 -10.98
N ALA G 457 5.24 -50.48 -10.15
CA ALA G 457 4.18 -50.89 -9.24
C ALA G 457 2.91 -51.27 -9.96
N VAL G 458 2.57 -50.58 -11.06
CA VAL G 458 1.35 -50.91 -11.81
C VAL G 458 1.56 -52.05 -12.81
N ARG G 459 2.81 -52.39 -13.14
CA ARG G 459 3.10 -53.50 -14.05
C ARG G 459 3.23 -54.81 -13.28
N ARG G 460 3.77 -54.75 -12.06
CA ARG G 460 3.94 -55.93 -11.22
C ARG G 460 2.57 -56.45 -10.80
N PRO G 461 2.38 -57.78 -10.86
CA PRO G 461 1.09 -58.34 -10.44
C PRO G 461 0.92 -58.40 -8.91
N ALA G 462 -0.30 -58.70 -8.45
CA ALA G 462 -0.58 -58.84 -7.02
C ALA G 462 0.20 -60.06 -6.46
N PRO G 463 0.60 -60.06 -5.18
CA PRO G 463 1.37 -61.21 -4.66
C PRO G 463 0.61 -62.53 -4.64
N TRP G 464 -0.72 -62.48 -4.72
CA TRP G 464 -1.56 -63.69 -4.79
C TRP G 464 -1.73 -64.20 -6.23
N ASP G 465 -1.53 -63.33 -7.22
CA ASP G 465 -1.63 -63.70 -8.63
C ASP G 465 -0.24 -64.05 -9.18
N ILE G 466 0.63 -64.68 -8.36
CA ILE G 466 1.95 -65.10 -8.79
C ILE G 466 2.07 -66.63 -8.72
N PRO G 467 2.19 -67.29 -9.90
CA PRO G 467 2.21 -68.75 -9.93
C PRO G 467 3.38 -69.44 -9.22
N ALA G 468 3.25 -70.79 -9.06
CA ALA G 468 4.24 -71.63 -8.39
C ALA G 468 4.93 -72.57 -9.37
N ALA H 2 -41.98 -26.19 -1.20
CA ALA H 2 -41.24 -25.03 -1.70
C ALA H 2 -41.88 -24.41 -2.94
N GLU H 3 -42.01 -23.09 -2.95
CA GLU H 3 -42.57 -22.39 -4.09
C GLU H 3 -41.49 -22.15 -5.11
N ILE H 4 -41.59 -22.80 -6.28
CA ILE H 4 -40.56 -22.70 -7.31
C ILE H 4 -40.47 -21.34 -7.96
N ILE H 5 -39.31 -20.69 -7.85
CA ILE H 5 -39.07 -19.42 -8.51
C ILE H 5 -38.45 -19.76 -9.85
N ASN H 6 -39.31 -19.96 -10.88
CA ASN H 6 -38.92 -20.39 -12.23
C ASN H 6 -38.00 -19.42 -12.94
N ARG H 7 -37.17 -19.97 -13.86
CA ARG H 7 -36.19 -19.21 -14.65
C ARG H 7 -36.86 -18.08 -15.40
N ASN H 8 -36.32 -16.87 -15.25
CA ASN H 8 -36.92 -15.68 -15.85
C ASN H 8 -35.96 -14.87 -16.70
N LYS H 9 -34.64 -14.99 -16.43
CA LYS H 9 -33.66 -14.22 -17.20
C LYS H 9 -33.30 -14.88 -18.54
N ALA H 10 -32.95 -14.02 -19.51
CA ALA H 10 -32.63 -14.38 -20.89
C ALA H 10 -31.28 -15.03 -21.02
N LEU H 11 -30.30 -14.57 -20.23
CA LEU H 11 -28.94 -15.07 -20.35
C LEU H 11 -28.50 -15.88 -19.15
N ALA H 12 -28.11 -17.14 -19.38
CA ALA H 12 -27.61 -17.98 -18.30
C ALA H 12 -26.15 -17.63 -18.07
N VAL H 13 -25.86 -17.10 -16.88
CA VAL H 13 -24.54 -16.68 -16.41
C VAL H 13 -23.99 -17.68 -15.42
N SER H 14 -22.88 -18.33 -15.79
CA SER H 14 -22.23 -19.39 -15.01
C SER H 14 -23.20 -20.56 -14.89
N PRO H 15 -23.42 -21.27 -15.99
CA PRO H 15 -24.42 -22.34 -15.98
C PRO H 15 -24.21 -23.41 -14.90
N LEU H 16 -25.25 -23.66 -14.12
CA LEU H 16 -25.29 -24.71 -13.10
C LEU H 16 -25.72 -26.02 -13.81
N LYS H 17 -26.69 -25.92 -14.75
CA LYS H 17 -27.25 -27.01 -15.56
C LYS H 17 -26.24 -27.68 -16.52
N ALA H 18 -26.36 -28.98 -16.66
CA ALA H 18 -25.59 -29.82 -17.57
C ALA H 18 -26.65 -30.58 -18.44
N SER H 19 -26.33 -30.93 -19.71
CA SER H 19 -27.32 -31.55 -20.58
C SER H 19 -27.88 -32.90 -20.11
N GLN H 20 -29.16 -33.15 -20.42
CA GLN H 20 -29.87 -34.42 -20.18
C GLN H 20 -29.16 -35.53 -20.93
N THR H 21 -28.59 -35.24 -22.12
CA THR H 21 -27.86 -36.24 -22.91
C THR H 21 -26.68 -36.79 -22.10
N MET H 22 -25.98 -35.92 -21.35
CA MET H 22 -24.85 -36.34 -20.53
C MET H 22 -25.32 -37.22 -19.39
N GLY H 23 -26.43 -36.85 -18.74
CA GLY H 23 -27.00 -37.61 -17.65
C GLY H 23 -27.36 -39.02 -18.07
N ALA H 24 -28.00 -39.14 -19.26
CA ALA H 24 -28.41 -40.39 -19.87
C ALA H 24 -27.20 -41.25 -20.21
N ALA H 25 -26.12 -40.60 -20.71
CA ALA H 25 -24.87 -41.29 -21.01
C ALA H 25 -24.27 -41.86 -19.74
N LEU H 26 -24.36 -41.14 -18.61
CA LEU H 26 -23.87 -41.62 -17.32
C LEU H 26 -24.57 -42.89 -16.88
N ALA H 27 -25.88 -42.98 -17.09
CA ALA H 27 -26.66 -44.16 -16.76
C ALA H 27 -26.25 -45.35 -17.64
N ILE H 28 -26.03 -45.11 -18.96
CA ILE H 28 -25.54 -46.12 -19.89
C ILE H 28 -24.16 -46.61 -19.47
N LEU H 29 -23.32 -45.69 -18.94
CA LEU H 29 -21.98 -45.97 -18.41
C LEU H 29 -21.99 -46.90 -17.17
N GLY H 30 -23.13 -47.00 -16.49
CA GLY H 30 -23.32 -47.89 -15.36
C GLY H 30 -23.75 -49.29 -15.75
N LEU H 31 -23.50 -49.68 -17.01
CA LEU H 31 -23.77 -51.01 -17.56
C LEU H 31 -22.45 -51.59 -18.07
N ALA H 32 -22.18 -52.88 -17.77
CA ALA H 32 -20.93 -53.50 -18.16
C ALA H 32 -20.79 -53.67 -19.67
N ARG H 33 -19.57 -53.40 -20.20
CA ARG H 33 -19.23 -53.47 -21.63
C ARG H 33 -20.25 -52.70 -22.50
N SER H 34 -20.51 -51.43 -22.14
CA SER H 34 -21.49 -50.62 -22.86
C SER H 34 -20.87 -49.45 -23.61
N MET H 35 -21.53 -48.99 -24.67
CA MET H 35 -21.06 -47.87 -25.45
C MET H 35 -22.19 -46.86 -25.66
N PRO H 36 -22.12 -45.68 -25.03
CA PRO H 36 -23.15 -44.66 -25.26
C PRO H 36 -22.94 -43.99 -26.62
N LEU H 37 -24.02 -43.76 -27.35
CA LEU H 37 -23.96 -43.19 -28.69
C LEU H 37 -24.89 -42.00 -28.81
N PHE H 38 -24.32 -40.82 -29.06
CA PHE H 38 -25.10 -39.60 -29.23
C PHE H 38 -25.45 -39.49 -30.71
N HIS H 39 -26.72 -39.24 -30.99
CA HIS H 39 -27.17 -39.02 -32.35
C HIS H 39 -27.11 -37.53 -32.58
N GLY H 40 -26.01 -37.09 -33.17
CA GLY H 40 -25.76 -35.68 -33.39
C GLY H 40 -24.39 -35.40 -33.95
N SER H 41 -23.91 -34.15 -33.82
CA SER H 41 -22.59 -33.82 -34.35
C SER H 41 -21.47 -34.11 -33.38
N GLN H 42 -20.26 -34.34 -33.92
CA GLN H 42 -19.10 -34.77 -33.17
C GLN H 42 -18.81 -33.94 -31.89
N GLY H 43 -19.17 -32.66 -31.87
CA GLY H 43 -18.89 -31.77 -30.76
C GLY H 43 -19.59 -32.04 -29.44
N CYS H 44 -20.84 -32.50 -29.48
CA CYS H 44 -21.59 -32.83 -28.26
C CYS H 44 -20.91 -33.93 -27.49
N THR H 45 -20.47 -34.98 -28.22
CA THR H 45 -19.79 -36.13 -27.65
C THR H 45 -18.43 -35.73 -27.10
N ALA H 46 -17.70 -34.87 -27.84
CA ALA H 46 -16.38 -34.42 -27.43
C ALA H 46 -16.45 -33.65 -26.11
N PHE H 47 -17.46 -32.78 -25.95
CA PHE H 47 -17.64 -32.02 -24.72
C PHE H 47 -18.05 -32.91 -23.57
N ALA H 48 -18.90 -33.90 -23.85
CA ALA H 48 -19.34 -34.84 -22.83
C ALA H 48 -18.17 -35.71 -22.35
N LYS H 49 -17.29 -36.11 -23.27
CA LYS H 49 -16.13 -36.93 -22.97
C LYS H 49 -15.16 -36.15 -22.09
N VAL H 50 -14.95 -34.86 -22.39
CA VAL H 50 -14.08 -34.04 -21.57
C VAL H 50 -14.69 -33.89 -20.17
N PHE H 51 -16.01 -33.67 -20.10
CA PHE H 51 -16.74 -33.51 -18.83
C PHE H 51 -16.56 -34.72 -17.91
N PHE H 52 -16.75 -35.94 -18.43
CA PHE H 52 -16.65 -37.16 -17.63
C PHE H 52 -15.20 -37.55 -17.36
N VAL H 53 -14.30 -37.36 -18.34
CA VAL H 53 -12.90 -37.69 -18.16
C VAL H 53 -12.29 -36.81 -17.07
N ARG H 54 -12.67 -35.53 -17.01
CA ARG H 54 -12.14 -34.62 -16.01
C ARG H 54 -12.76 -34.86 -14.63
N HIS H 55 -13.99 -35.37 -14.56
CA HIS H 55 -14.63 -35.64 -13.29
C HIS H 55 -14.15 -36.97 -12.66
N PHE H 56 -14.25 -38.09 -13.41
CA PHE H 56 -13.84 -39.39 -12.92
C PHE H 56 -12.36 -39.65 -13.01
N ARG H 57 -11.66 -38.99 -13.93
CA ARG H 57 -10.22 -39.19 -14.14
C ARG H 57 -9.94 -40.62 -14.54
N GLU H 58 -10.74 -41.11 -15.50
CA GLU H 58 -10.75 -42.44 -16.10
C GLU H 58 -11.09 -42.33 -17.61
N PRO H 59 -10.74 -43.33 -18.46
CA PRO H 59 -11.17 -43.28 -19.86
C PRO H 59 -12.68 -43.44 -19.98
N VAL H 60 -13.34 -42.70 -20.88
CA VAL H 60 -14.81 -42.82 -21.01
C VAL H 60 -15.28 -43.19 -22.41
N PRO H 61 -15.96 -44.35 -22.55
CA PRO H 61 -16.52 -44.75 -23.87
C PRO H 61 -17.65 -43.82 -24.26
N LEU H 62 -17.58 -43.24 -25.46
CA LEU H 62 -18.59 -42.29 -25.91
C LEU H 62 -18.43 -42.07 -27.39
N GLN H 63 -19.48 -42.37 -28.16
CA GLN H 63 -19.41 -42.22 -29.60
C GLN H 63 -20.43 -41.23 -30.18
N THR H 64 -20.29 -40.92 -31.49
CA THR H 64 -21.20 -40.00 -32.16
C THR H 64 -21.60 -40.49 -33.56
N THR H 65 -22.81 -40.13 -34.00
CA THR H 65 -23.26 -40.51 -35.35
C THR H 65 -22.66 -39.63 -36.46
N ALA H 66 -21.91 -38.57 -36.09
CA ALA H 66 -21.22 -37.63 -36.97
C ALA H 66 -22.13 -36.90 -37.98
N MET H 67 -23.16 -36.20 -37.49
CA MET H 67 -24.05 -35.40 -38.32
C MET H 67 -23.35 -34.16 -38.86
N ASP H 68 -23.13 -34.10 -40.17
CA ASP H 68 -22.50 -32.94 -40.80
C ASP H 68 -23.59 -31.95 -41.32
N GLN H 69 -23.19 -30.85 -41.97
CA GLN H 69 -24.10 -29.85 -42.50
C GLN H 69 -25.15 -30.46 -43.42
N VAL H 70 -24.73 -31.37 -44.31
CA VAL H 70 -25.61 -32.01 -45.28
C VAL H 70 -26.61 -32.96 -44.63
N SER H 71 -26.12 -33.88 -43.79
CA SER H 71 -27.01 -34.83 -43.14
C SER H 71 -27.89 -34.20 -42.03
N SER H 72 -27.61 -32.96 -41.57
CA SER H 72 -28.46 -32.30 -40.57
C SER H 72 -29.73 -31.68 -41.19
N VAL H 73 -29.65 -31.27 -42.46
CA VAL H 73 -30.80 -30.65 -43.13
C VAL H 73 -31.54 -31.68 -43.97
N MET H 74 -30.78 -32.45 -44.77
CA MET H 74 -31.35 -33.47 -45.63
C MET H 74 -31.82 -34.71 -44.87
N GLY H 75 -31.30 -34.95 -43.66
CA GLY H 75 -31.67 -36.08 -42.82
C GLY H 75 -30.51 -36.93 -42.34
N ALA H 76 -30.63 -37.59 -41.17
CA ALA H 76 -29.51 -38.36 -40.60
C ALA H 76 -29.84 -39.76 -40.05
N ASP H 77 -30.84 -40.45 -40.62
CA ASP H 77 -31.17 -41.80 -40.17
C ASP H 77 -30.09 -42.81 -40.59
N GLU H 78 -29.46 -42.58 -41.76
CA GLU H 78 -28.40 -43.45 -42.27
C GLU H 78 -27.16 -43.43 -41.38
N ASN H 79 -26.87 -42.26 -40.79
CA ASN H 79 -25.73 -42.11 -39.88
C ASN H 79 -25.91 -42.99 -38.65
N VAL H 80 -27.15 -43.12 -38.15
CA VAL H 80 -27.50 -43.96 -37.01
C VAL H 80 -27.23 -45.44 -37.33
N VAL H 81 -27.64 -45.88 -38.52
CA VAL H 81 -27.44 -47.25 -38.96
C VAL H 81 -25.95 -47.54 -39.13
N GLU H 82 -25.22 -46.60 -39.73
CA GLU H 82 -23.78 -46.76 -39.96
C GLU H 82 -22.96 -46.78 -38.67
N ALA H 83 -23.41 -46.03 -37.64
CA ALA H 83 -22.73 -45.99 -36.35
C ALA H 83 -22.97 -47.25 -35.55
N LEU H 84 -24.20 -47.79 -35.60
CA LEU H 84 -24.54 -49.00 -34.86
C LEU H 84 -23.75 -50.17 -35.41
N LYS H 85 -23.65 -50.27 -36.73
CA LYS H 85 -22.92 -51.35 -37.40
C LYS H 85 -21.42 -51.26 -37.07
N THR H 86 -20.85 -50.06 -37.13
CA THR H 86 -19.44 -49.79 -36.83
C THR H 86 -19.04 -50.19 -35.41
N ILE H 87 -19.86 -49.83 -34.42
CA ILE H 87 -19.57 -50.17 -33.03
C ILE H 87 -19.77 -51.67 -32.76
N CYS H 88 -20.76 -52.28 -33.41
CA CYS H 88 -21.03 -53.71 -33.24
C CYS H 88 -19.90 -54.58 -33.78
N GLU H 89 -19.23 -54.13 -34.86
CA GLU H 89 -18.15 -54.92 -35.44
C GLU H 89 -16.79 -54.62 -34.83
N ARG H 90 -16.51 -53.35 -34.48
CA ARG H 90 -15.22 -52.99 -33.94
C ARG H 90 -15.04 -53.32 -32.47
N GLN H 91 -16.08 -53.08 -31.64
CA GLN H 91 -15.95 -53.34 -30.21
C GLN H 91 -16.84 -54.45 -29.67
N ASN H 92 -17.81 -54.94 -30.47
CA ASN H 92 -18.72 -56.03 -30.07
C ASN H 92 -19.32 -55.80 -28.67
N PRO H 93 -20.26 -54.86 -28.54
CA PRO H 93 -20.76 -54.51 -27.20
C PRO H 93 -21.78 -55.44 -26.58
N SER H 94 -21.89 -55.37 -25.25
CA SER H 94 -22.90 -56.09 -24.47
C SER H 94 -24.24 -55.32 -24.52
N VAL H 95 -24.20 -53.99 -24.73
CA VAL H 95 -25.36 -53.10 -24.81
C VAL H 95 -24.91 -51.73 -25.38
N ILE H 96 -25.76 -51.10 -26.20
CA ILE H 96 -25.46 -49.78 -26.75
C ILE H 96 -26.58 -48.82 -26.35
N GLY H 97 -26.23 -47.60 -25.95
CA GLY H 97 -27.22 -46.60 -25.58
C GLY H 97 -27.39 -45.62 -26.71
N LEU H 98 -28.58 -45.58 -27.33
CA LEU H 98 -28.84 -44.66 -28.44
C LEU H 98 -29.59 -43.45 -27.92
N LEU H 99 -28.85 -42.36 -27.66
CA LEU H 99 -29.37 -41.12 -27.07
C LEU H 99 -29.41 -40.03 -28.11
N THR H 100 -30.49 -39.23 -28.11
CA THR H 100 -30.65 -38.13 -29.05
C THR H 100 -30.09 -36.83 -28.51
N THR H 101 -29.76 -35.89 -29.41
CA THR H 101 -29.30 -34.56 -29.03
C THR H 101 -30.39 -33.53 -29.41
N GLY H 102 -30.13 -32.25 -29.20
CA GLY H 102 -31.05 -31.18 -29.58
C GLY H 102 -31.15 -31.07 -31.08
N LEU H 103 -30.04 -31.31 -31.79
CA LEU H 103 -29.93 -31.24 -33.24
C LEU H 103 -30.74 -32.33 -33.93
N SER H 104 -30.74 -33.55 -33.36
CA SER H 104 -31.47 -34.65 -33.96
C SER H 104 -32.98 -34.51 -33.71
N GLU H 105 -33.36 -33.99 -32.52
CA GLU H 105 -34.77 -33.81 -32.18
C GLU H 105 -35.38 -32.66 -32.98
N THR H 106 -34.60 -31.60 -33.24
CA THR H 106 -35.04 -30.45 -34.02
C THR H 106 -35.31 -30.85 -35.47
N GLN H 107 -34.44 -31.72 -36.03
CA GLN H 107 -34.59 -32.22 -37.38
C GLN H 107 -35.82 -33.13 -37.51
N GLY H 108 -36.10 -33.92 -36.48
CA GLY H 108 -37.24 -34.82 -36.45
C GLY H 108 -36.88 -36.28 -36.64
N CYS H 109 -35.75 -36.70 -36.07
CA CYS H 109 -35.32 -38.09 -36.21
C CYS H 109 -36.06 -39.03 -35.27
N ASP H 110 -36.92 -39.90 -35.82
CA ASP H 110 -37.63 -40.87 -34.99
C ASP H 110 -36.69 -42.04 -34.72
N LEU H 111 -36.32 -42.23 -33.44
CA LEU H 111 -35.43 -43.28 -32.95
C LEU H 111 -35.90 -44.68 -33.37
N HIS H 112 -37.19 -44.94 -33.21
CA HIS H 112 -37.78 -46.24 -33.48
C HIS H 112 -37.92 -46.58 -34.99
N THR H 113 -37.54 -45.65 -35.87
CA THR H 113 -37.54 -45.91 -37.30
C THR H 113 -36.10 -46.25 -37.71
N ALA H 114 -35.13 -45.40 -37.29
CA ALA H 114 -33.71 -45.58 -37.58
C ALA H 114 -33.14 -46.86 -36.95
N LEU H 115 -33.63 -47.24 -35.76
CA LEU H 115 -33.18 -48.47 -35.10
C LEU H 115 -33.75 -49.69 -35.84
N HIS H 116 -35.02 -49.61 -36.26
CA HIS H 116 -35.71 -50.68 -37.00
C HIS H 116 -35.00 -51.01 -38.32
N GLU H 117 -34.49 -49.99 -39.03
CA GLU H 117 -33.75 -50.13 -40.29
C GLU H 117 -32.41 -50.85 -40.09
N PHE H 118 -31.74 -50.60 -38.95
CA PHE H 118 -30.49 -51.27 -38.62
C PHE H 118 -30.78 -52.75 -38.30
N ARG H 119 -31.84 -53.01 -37.54
CA ARG H 119 -32.24 -54.36 -37.19
C ARG H 119 -32.61 -55.18 -38.45
N THR H 120 -33.17 -54.54 -39.51
CA THR H 120 -33.52 -55.26 -40.73
C THR H 120 -32.36 -55.38 -41.74
N GLN H 121 -31.29 -54.58 -41.58
CA GLN H 121 -30.14 -54.64 -42.49
C GLN H 121 -29.01 -55.50 -41.95
N TYR H 122 -28.75 -55.40 -40.65
CA TYR H 122 -27.66 -56.11 -40.02
C TYR H 122 -28.12 -57.09 -38.97
N GLU H 123 -28.80 -58.16 -39.42
CA GLU H 123 -29.33 -59.21 -38.56
C GLU H 123 -28.25 -59.97 -37.77
N GLU H 124 -26.99 -59.89 -38.19
CA GLU H 124 -25.88 -60.53 -37.46
C GLU H 124 -25.65 -59.88 -36.06
N TYR H 125 -26.24 -58.72 -35.79
CA TYR H 125 -26.12 -58.06 -34.50
C TYR H 125 -27.46 -57.99 -33.77
N LYS H 126 -28.36 -58.96 -34.00
CA LYS H 126 -29.68 -58.99 -33.38
C LYS H 126 -29.64 -59.13 -31.88
N ASP H 127 -28.63 -59.84 -31.35
CA ASP H 127 -28.52 -60.09 -29.91
C ASP H 127 -27.82 -59.00 -29.12
N VAL H 128 -27.49 -57.88 -29.76
CA VAL H 128 -26.84 -56.77 -29.09
C VAL H 128 -27.95 -55.79 -28.80
N PRO H 129 -28.37 -55.69 -27.53
CA PRO H 129 -29.50 -54.80 -27.19
C PRO H 129 -29.17 -53.31 -27.29
N ILE H 130 -30.06 -52.53 -27.93
CA ILE H 130 -29.87 -51.10 -28.09
C ILE H 130 -30.92 -50.36 -27.29
N VAL H 131 -30.50 -49.61 -26.26
CA VAL H 131 -31.43 -48.86 -25.42
C VAL H 131 -31.71 -47.50 -26.01
N PRO H 132 -32.92 -47.28 -26.57
CA PRO H 132 -33.22 -45.95 -27.14
C PRO H 132 -33.78 -44.95 -26.13
N VAL H 133 -33.18 -43.76 -26.06
CA VAL H 133 -33.67 -42.75 -25.12
C VAL H 133 -33.69 -41.38 -25.78
N ASN H 134 -34.80 -40.65 -25.60
CA ASN H 134 -35.01 -39.33 -26.17
C ASN H 134 -34.59 -38.29 -25.18
N THR H 135 -33.38 -37.76 -25.35
CA THR H 135 -32.83 -36.78 -24.40
C THR H 135 -32.30 -35.51 -25.07
N PRO H 136 -33.19 -34.69 -25.68
CA PRO H 136 -32.69 -33.45 -26.31
C PRO H 136 -32.17 -32.46 -25.28
N ASP H 137 -31.11 -31.73 -25.64
CA ASP H 137 -30.41 -30.78 -24.77
C ASP H 137 -31.23 -29.60 -24.31
N PHE H 138 -32.26 -29.20 -25.08
CA PHE H 138 -33.11 -28.09 -24.69
C PHE H 138 -34.13 -28.41 -23.58
N SER H 139 -34.24 -29.67 -23.18
CA SER H 139 -35.21 -30.06 -22.15
C SER H 139 -34.55 -30.74 -20.96
N GLY H 140 -35.16 -30.55 -19.80
CA GLY H 140 -34.70 -31.16 -18.56
C GLY H 140 -33.27 -30.84 -18.17
N CYS H 141 -32.65 -31.74 -17.40
CA CYS H 141 -31.31 -31.58 -16.84
C CYS H 141 -30.58 -32.91 -16.69
N PHE H 142 -29.29 -32.88 -16.48
CA PHE H 142 -28.41 -34.03 -16.25
C PHE H 142 -29.05 -35.11 -15.36
N GLU H 143 -29.71 -34.67 -14.28
CA GLU H 143 -30.34 -35.60 -13.35
C GLU H 143 -31.58 -36.25 -13.94
N SER H 144 -32.53 -35.48 -14.48
CA SER H 144 -33.73 -36.04 -15.09
C SER H 144 -33.42 -36.93 -16.29
N GLY H 145 -32.39 -36.56 -17.04
CA GLY H 145 -31.91 -37.31 -18.20
C GLY H 145 -31.42 -38.67 -17.81
N PHE H 146 -30.66 -38.73 -16.69
CA PHE H 146 -30.13 -39.96 -16.11
C PHE H 146 -31.29 -40.87 -15.75
N ALA H 147 -32.27 -40.36 -15.02
CA ALA H 147 -33.42 -41.13 -14.59
C ALA H 147 -34.34 -41.53 -15.78
N ALA H 148 -34.22 -40.86 -16.95
CA ALA H 148 -34.97 -41.22 -18.16
C ALA H 148 -34.23 -42.34 -18.91
N ALA H 149 -32.87 -42.37 -18.83
CA ALA H 149 -32.12 -43.47 -19.41
C ALA H 149 -32.38 -44.73 -18.62
N VAL H 150 -32.49 -44.63 -17.28
CA VAL H 150 -32.78 -45.73 -16.37
C VAL H 150 -34.16 -46.33 -16.71
N LYS H 151 -35.13 -45.47 -17.01
CA LYS H 151 -36.46 -45.89 -17.39
C LYS H 151 -36.37 -46.65 -18.72
N ALA H 152 -35.61 -46.13 -19.71
CA ALA H 152 -35.44 -46.82 -20.99
C ALA H 152 -34.69 -48.16 -20.79
N ILE H 153 -33.70 -48.18 -19.90
CA ILE H 153 -32.92 -49.38 -19.61
C ILE H 153 -33.84 -50.44 -19.02
N VAL H 154 -34.71 -50.06 -18.07
CA VAL H 154 -35.67 -50.93 -17.44
C VAL H 154 -36.68 -51.47 -18.48
N GLU H 155 -37.11 -50.62 -19.40
CA GLU H 155 -38.05 -51.02 -20.45
C GLU H 155 -37.42 -51.88 -21.57
N THR H 156 -36.09 -51.85 -21.70
CA THR H 156 -35.42 -52.56 -22.78
C THR H 156 -34.77 -53.85 -22.35
N LEU H 157 -34.18 -53.90 -21.15
CA LEU H 157 -33.46 -55.09 -20.71
C LEU H 157 -34.17 -55.92 -19.62
N VAL H 158 -35.35 -55.50 -19.17
CA VAL H 158 -36.10 -56.27 -18.17
C VAL H 158 -37.34 -56.87 -18.85
N PRO H 159 -37.60 -58.18 -18.69
CA PRO H 159 -38.77 -58.78 -19.35
C PRO H 159 -40.10 -58.38 -18.72
N GLU H 160 -41.17 -58.34 -19.54
CA GLU H 160 -42.49 -57.94 -19.04
C GLU H 160 -43.27 -59.13 -18.50
N ARG H 161 -43.08 -59.42 -17.22
CA ARG H 161 -43.72 -60.52 -16.50
C ARG H 161 -44.37 -59.99 -15.18
N ARG H 162 -44.85 -60.88 -14.30
CA ARG H 162 -45.45 -60.54 -13.02
C ARG H 162 -45.47 -61.72 -12.05
N ASP H 163 -45.47 -62.94 -12.59
CA ASP H 163 -45.52 -64.22 -11.92
C ASP H 163 -44.20 -64.71 -11.29
N GLN H 164 -43.14 -63.89 -11.34
CA GLN H 164 -41.86 -64.32 -10.82
C GLN H 164 -41.39 -63.60 -9.55
N VAL H 165 -42.19 -62.68 -8.98
CA VAL H 165 -41.85 -61.96 -7.75
C VAL H 165 -41.50 -62.92 -6.61
N GLY H 166 -40.23 -62.94 -6.23
CA GLY H 166 -39.75 -63.83 -5.17
C GLY H 166 -38.92 -65.01 -5.65
N LYS H 167 -38.73 -65.17 -6.97
CA LYS H 167 -37.91 -66.24 -7.53
C LYS H 167 -36.47 -66.18 -6.98
N ARG H 168 -35.98 -64.99 -6.68
CA ARG H 168 -34.71 -64.81 -5.98
C ARG H 168 -35.18 -64.20 -4.66
N PRO H 169 -35.53 -65.04 -3.66
CA PRO H 169 -36.09 -64.49 -2.41
C PRO H 169 -35.14 -63.61 -1.59
N ARG H 170 -33.94 -63.44 -2.09
CA ARG H 170 -32.89 -62.70 -1.44
C ARG H 170 -32.44 -61.47 -2.22
N GLN H 171 -32.83 -61.32 -3.51
CA GLN H 171 -32.42 -60.20 -4.35
C GLN H 171 -33.30 -59.02 -4.17
N VAL H 172 -32.69 -57.88 -3.91
CA VAL H 172 -33.40 -56.64 -3.75
C VAL H 172 -32.86 -55.68 -4.78
N ASN H 173 -33.74 -55.18 -5.62
CA ASN H 173 -33.35 -54.22 -6.65
C ASN H 173 -33.08 -52.90 -6.02
N VAL H 174 -32.16 -52.14 -6.62
CA VAL H 174 -31.90 -50.80 -6.14
C VAL H 174 -31.84 -49.87 -7.34
N LEU H 175 -32.81 -48.98 -7.48
CA LEU H 175 -32.73 -47.96 -8.52
C LEU H 175 -31.80 -46.88 -7.92
N CYS H 176 -30.72 -46.58 -8.63
CA CYS H 176 -29.74 -45.59 -8.18
C CYS H 176 -29.85 -44.35 -8.98
N SER H 177 -29.68 -43.16 -8.35
CA SER H 177 -29.79 -41.91 -9.12
C SER H 177 -28.41 -41.34 -9.52
N ALA H 178 -28.41 -40.28 -10.34
CA ALA H 178 -27.22 -39.63 -10.90
C ALA H 178 -26.20 -39.21 -9.90
N ASN H 179 -26.63 -38.70 -8.75
CA ASN H 179 -25.71 -38.19 -7.75
C ASN H 179 -25.20 -39.22 -6.75
N LEU H 180 -25.47 -40.51 -6.98
CA LEU H 180 -24.96 -41.55 -6.12
C LEU H 180 -23.59 -41.88 -6.67
N THR H 181 -22.56 -41.49 -5.94
CA THR H 181 -21.18 -41.69 -6.36
C THR H 181 -20.82 -43.17 -6.32
N PRO H 182 -19.72 -43.59 -6.99
CA PRO H 182 -19.27 -44.98 -6.81
C PRO H 182 -19.01 -45.36 -5.34
N GLY H 183 -18.79 -44.36 -4.48
CA GLY H 183 -18.64 -44.56 -3.04
C GLY H 183 -19.97 -44.77 -2.35
N ASP H 184 -21.01 -44.02 -2.75
CA ASP H 184 -22.36 -44.14 -2.24
C ASP H 184 -22.92 -45.50 -2.58
N LEU H 185 -22.65 -46.00 -3.80
CA LEU H 185 -23.11 -47.31 -4.32
C LEU H 185 -22.48 -48.46 -3.57
N GLU H 186 -21.23 -48.28 -3.12
CA GLU H 186 -20.55 -49.30 -2.35
C GLU H 186 -21.15 -49.41 -0.97
N TYR H 187 -21.55 -48.29 -0.33
CA TYR H 187 -22.24 -48.36 0.95
C TYR H 187 -23.60 -49.05 0.77
N ILE H 188 -24.35 -48.72 -0.31
CA ILE H 188 -25.66 -49.33 -0.53
C ILE H 188 -25.54 -50.84 -0.67
N ALA H 189 -24.61 -51.29 -1.54
CA ALA H 189 -24.40 -52.71 -1.78
C ALA H 189 -23.95 -53.44 -0.50
N GLU H 190 -22.96 -52.91 0.21
CA GLU H 190 -22.45 -53.51 1.42
C GLU H 190 -23.46 -53.55 2.55
N SER H 191 -24.24 -52.48 2.75
CA SER H 191 -25.25 -52.46 3.80
C SER H 191 -26.32 -53.51 3.52
N ILE H 192 -26.74 -53.63 2.25
CA ILE H 192 -27.71 -54.64 1.83
C ILE H 192 -27.14 -56.05 2.10
N GLU H 193 -25.90 -56.31 1.66
CA GLU H 193 -25.21 -57.57 1.85
C GLU H 193 -25.04 -57.94 3.32
N SER H 194 -24.91 -56.95 4.20
CA SER H 194 -24.74 -57.19 5.65
C SER H 194 -26.02 -57.78 6.27
N PHE H 195 -27.19 -57.56 5.65
CA PHE H 195 -28.47 -58.13 6.08
C PHE H 195 -28.74 -59.52 5.42
N GLY H 196 -27.73 -60.09 4.74
CA GLY H 196 -27.88 -61.33 4.01
C GLY H 196 -28.58 -61.18 2.67
N LEU H 197 -28.98 -59.95 2.30
CA LEU H 197 -29.65 -59.73 1.02
C LEU H 197 -28.64 -59.71 -0.13
N ARG H 198 -29.15 -59.76 -1.37
CA ARG H 198 -28.32 -59.71 -2.57
C ARG H 198 -28.71 -58.44 -3.31
N PRO H 199 -27.78 -57.47 -3.41
CA PRO H 199 -28.11 -56.22 -4.10
C PRO H 199 -28.09 -56.30 -5.63
N LEU H 200 -29.02 -55.62 -6.28
CA LEU H 200 -29.04 -55.55 -7.75
C LEU H 200 -29.08 -54.08 -8.17
N LEU H 201 -27.90 -53.44 -8.17
CA LEU H 201 -27.79 -52.01 -8.46
C LEU H 201 -28.07 -51.60 -9.92
N ILE H 202 -29.13 -50.83 -10.13
CA ILE H 202 -29.51 -50.37 -11.45
C ILE H 202 -29.48 -48.85 -11.54
N PRO H 203 -28.48 -48.28 -12.25
CA PRO H 203 -27.31 -48.95 -12.82
C PRO H 203 -26.15 -49.05 -11.80
N ASP H 204 -24.98 -49.56 -12.21
CA ASP H 204 -23.86 -49.68 -11.29
C ASP H 204 -22.61 -48.97 -11.75
N LEU H 205 -22.46 -47.69 -11.39
CA LEU H 205 -21.26 -46.93 -11.70
C LEU H 205 -20.05 -47.33 -10.84
N SER H 206 -20.28 -48.01 -9.71
CA SER H 206 -19.18 -48.48 -8.86
C SER H 206 -18.39 -49.68 -9.47
N GLY H 207 -18.83 -50.18 -10.62
CA GLY H 207 -18.14 -51.26 -11.31
C GLY H 207 -17.36 -50.79 -12.52
N SER H 208 -17.77 -49.62 -13.10
CA SER H 208 -17.15 -49.05 -14.28
C SER H 208 -16.29 -47.86 -13.96
N LEU H 209 -16.85 -46.86 -13.25
CA LEU H 209 -16.12 -45.62 -12.99
C LEU H 209 -15.75 -45.43 -11.53
N ASP H 210 -15.45 -46.53 -10.85
CA ASP H 210 -15.02 -46.51 -9.45
C ASP H 210 -13.60 -46.02 -9.28
N GLY H 211 -12.81 -46.03 -10.36
CA GLY H 211 -11.42 -45.59 -10.32
C GLY H 211 -10.48 -46.75 -10.04
N HIS H 212 -10.55 -47.81 -10.84
CA HIS H 212 -9.67 -48.95 -10.67
C HIS H 212 -8.88 -49.24 -11.95
N LEU H 213 -7.66 -49.75 -11.81
CA LEU H 213 -6.83 -50.11 -12.96
C LEU H 213 -7.19 -51.53 -13.36
N ASP H 214 -7.83 -51.70 -14.51
CA ASP H 214 -8.25 -53.01 -14.99
C ASP H 214 -7.08 -53.91 -15.38
N GLU H 215 -7.32 -55.24 -15.37
CA GLU H 215 -6.37 -56.29 -15.74
C GLU H 215 -5.89 -56.10 -17.18
N ASN H 216 -6.81 -55.76 -18.08
CA ASN H 216 -6.50 -55.52 -19.49
C ASN H 216 -5.74 -54.21 -19.65
N ARG H 217 -4.74 -54.18 -20.55
CA ARG H 217 -3.99 -52.95 -20.81
C ARG H 217 -4.89 -51.91 -21.44
N PHE H 218 -5.82 -52.34 -22.31
CA PHE H 218 -6.72 -51.45 -23.01
C PHE H 218 -8.15 -52.00 -23.05
N ASN H 219 -9.11 -51.14 -22.69
CA ASN H 219 -10.52 -51.48 -22.75
C ASN H 219 -11.21 -50.38 -23.54
N ALA H 220 -12.05 -50.77 -24.50
CA ALA H 220 -12.78 -49.81 -25.30
C ALA H 220 -14.17 -49.52 -24.70
N LEU H 221 -14.75 -50.49 -23.98
CA LEU H 221 -16.07 -50.38 -23.35
C LEU H 221 -15.91 -50.26 -21.82
N THR H 222 -17.04 -50.13 -21.09
CA THR H 222 -17.00 -50.03 -19.64
C THR H 222 -16.47 -51.34 -19.00
N THR H 223 -15.43 -51.23 -18.16
CA THR H 223 -14.80 -52.39 -17.51
C THR H 223 -15.69 -53.15 -16.53
N GLY H 224 -16.87 -52.62 -16.24
CA GLY H 224 -17.78 -53.27 -15.32
C GLY H 224 -19.09 -52.51 -15.18
N GLY H 225 -19.86 -52.92 -14.18
CA GLY H 225 -21.17 -52.33 -13.93
C GLY H 225 -22.26 -53.37 -13.96
N LEU H 226 -23.49 -52.93 -14.21
CA LEU H 226 -24.63 -53.82 -14.23
C LEU H 226 -24.68 -54.60 -15.55
N SER H 227 -24.61 -55.93 -15.47
CA SER H 227 -24.66 -56.78 -16.66
C SER H 227 -26.09 -56.92 -17.16
N VAL H 228 -26.29 -57.03 -18.47
CA VAL H 228 -27.63 -57.25 -19.04
C VAL H 228 -28.16 -58.64 -18.63
N ALA H 229 -27.27 -59.62 -18.42
CA ALA H 229 -27.65 -60.95 -17.99
C ALA H 229 -28.29 -60.91 -16.61
N GLU H 230 -27.70 -60.11 -15.69
CA GLU H 230 -28.19 -59.95 -14.33
C GLU H 230 -29.42 -59.05 -14.28
N LEU H 231 -29.47 -58.01 -15.14
CA LEU H 231 -30.58 -57.07 -15.19
C LEU H 231 -31.88 -57.74 -15.62
N ALA H 232 -31.80 -58.82 -16.43
CA ALA H 232 -32.98 -59.59 -16.83
C ALA H 232 -33.67 -60.31 -15.64
N THR H 233 -32.97 -60.44 -14.48
CA THR H 233 -33.51 -61.10 -13.29
C THR H 233 -34.18 -60.12 -12.31
N ALA H 234 -34.49 -58.90 -12.74
CA ALA H 234 -35.07 -57.87 -11.88
C ALA H 234 -36.50 -58.13 -11.43
N GLY H 235 -37.29 -58.75 -12.30
CA GLY H 235 -38.69 -59.04 -12.00
C GLY H 235 -38.89 -60.15 -10.99
N GLN H 236 -37.84 -60.98 -10.75
CA GLN H 236 -37.90 -62.08 -9.79
C GLN H 236 -37.46 -61.68 -8.36
N SER H 237 -37.34 -60.37 -8.08
CA SER H 237 -36.93 -59.91 -6.77
C SER H 237 -38.07 -59.88 -5.73
N VAL H 238 -37.73 -59.75 -4.43
CA VAL H 238 -38.74 -59.63 -3.39
C VAL H 238 -39.17 -58.14 -3.24
N ALA H 239 -38.19 -57.24 -3.32
CA ALA H 239 -38.47 -55.82 -3.18
C ALA H 239 -37.52 -54.95 -4.03
N THR H 240 -37.96 -53.75 -4.37
CA THR H 240 -37.14 -52.79 -5.10
C THR H 240 -36.98 -51.55 -4.23
N LEU H 241 -35.76 -51.16 -3.90
CA LEU H 241 -35.55 -49.95 -3.12
C LEU H 241 -35.22 -48.82 -4.09
N VAL H 242 -35.88 -47.67 -3.93
CA VAL H 242 -35.62 -46.52 -4.80
C VAL H 242 -34.80 -45.46 -4.06
N VAL H 243 -33.56 -45.19 -4.51
CA VAL H 243 -32.70 -44.19 -3.87
C VAL H 243 -32.57 -42.91 -4.68
N GLY H 244 -33.38 -41.92 -4.33
CA GLY H 244 -33.40 -40.65 -5.03
C GLY H 244 -34.76 -40.40 -5.67
N GLN H 245 -35.43 -39.33 -5.24
CA GLN H 245 -36.78 -38.98 -5.69
C GLN H 245 -36.93 -38.75 -7.19
N SER H 246 -35.85 -38.42 -7.90
CA SER H 246 -35.86 -38.23 -9.36
C SER H 246 -36.23 -39.52 -10.14
N LEU H 247 -36.05 -40.68 -9.51
CA LEU H 247 -36.34 -41.94 -10.14
C LEU H 247 -37.80 -42.39 -10.10
N ALA H 248 -38.75 -41.54 -9.69
CA ALA H 248 -40.15 -41.91 -9.57
C ALA H 248 -40.73 -42.54 -10.83
N GLY H 249 -40.41 -41.97 -11.99
CA GLY H 249 -40.85 -42.49 -13.28
C GLY H 249 -40.23 -43.82 -13.64
N ALA H 250 -38.99 -44.06 -13.21
CA ALA H 250 -38.32 -45.34 -13.47
C ALA H 250 -38.81 -46.43 -12.49
N ALA H 251 -39.18 -46.02 -11.26
CA ALA H 251 -39.73 -46.92 -10.26
C ALA H 251 -41.11 -47.40 -10.68
N ASP H 252 -41.91 -46.53 -11.31
CA ASP H 252 -43.25 -46.89 -11.81
C ASP H 252 -43.12 -47.82 -13.00
N ALA H 253 -42.16 -47.55 -13.89
CA ALA H 253 -41.91 -48.38 -15.07
C ALA H 253 -41.51 -49.79 -14.67
N LEU H 254 -40.67 -49.91 -13.62
CA LEU H 254 -40.23 -51.20 -13.12
C LEU H 254 -41.36 -51.91 -12.37
N ALA H 255 -42.18 -51.17 -11.63
CA ALA H 255 -43.28 -51.72 -10.86
C ALA H 255 -44.40 -52.27 -11.73
N GLU H 256 -44.74 -51.58 -12.83
CA GLU H 256 -45.80 -52.05 -13.72
C GLU H 256 -45.34 -53.30 -14.47
N ARG H 257 -44.08 -53.32 -14.93
CA ARG H 257 -43.56 -54.43 -15.73
C ARG H 257 -43.18 -55.67 -14.95
N THR H 258 -42.86 -55.55 -13.65
CA THR H 258 -42.44 -56.70 -12.86
C THR H 258 -43.43 -57.07 -11.75
N GLY H 259 -44.07 -56.07 -11.16
CA GLY H 259 -44.97 -56.28 -10.04
C GLY H 259 -44.27 -56.29 -8.68
N VAL H 260 -42.91 -56.19 -8.67
CA VAL H 260 -42.10 -56.18 -7.46
C VAL H 260 -42.38 -54.92 -6.63
N PRO H 261 -42.80 -55.09 -5.37
CA PRO H 261 -43.15 -53.92 -4.55
C PRO H 261 -41.95 -53.08 -4.11
N ASP H 262 -42.15 -51.76 -4.02
CA ASP H 262 -41.04 -50.86 -3.67
C ASP H 262 -41.26 -49.94 -2.48
N ARG H 263 -40.16 -49.58 -1.82
CA ARG H 263 -40.13 -48.56 -0.78
C ARG H 263 -39.21 -47.46 -1.33
N ARG H 264 -39.67 -46.21 -1.27
CA ARG H 264 -38.92 -45.10 -1.86
C ARG H 264 -38.21 -44.22 -0.84
N PHE H 265 -36.98 -43.83 -1.17
CA PHE H 265 -36.14 -43.04 -0.30
C PHE H 265 -35.51 -41.83 -1.01
N GLY H 266 -35.15 -40.85 -0.22
CA GLY H 266 -34.39 -39.71 -0.72
C GLY H 266 -32.92 -40.05 -0.53
N MET H 267 -32.10 -39.05 -0.23
CA MET H 267 -30.68 -39.29 0.00
C MET H 267 -30.53 -39.90 1.37
N LEU H 268 -29.70 -40.92 1.47
CA LEU H 268 -29.40 -41.67 2.68
C LEU H 268 -28.39 -40.88 3.50
N TYR H 269 -28.77 -39.63 3.83
CA TYR H 269 -28.00 -38.61 4.54
C TYR H 269 -28.79 -38.28 5.81
N GLY H 270 -28.13 -38.26 6.95
CA GLY H 270 -28.79 -37.89 8.20
C GLY H 270 -29.37 -39.04 8.98
N LEU H 271 -29.53 -38.84 10.29
CA LEU H 271 -30.04 -39.79 11.26
C LEU H 271 -31.34 -40.45 10.83
N ASP H 272 -32.35 -39.67 10.41
CA ASP H 272 -33.65 -40.21 10.02
C ASP H 272 -33.69 -40.93 8.67
N ALA H 273 -32.91 -40.46 7.69
CA ALA H 273 -32.92 -41.12 6.38
C ALA H 273 -32.20 -42.47 6.44
N VAL H 274 -31.12 -42.57 7.24
CA VAL H 274 -30.39 -43.82 7.40
C VAL H 274 -31.16 -44.80 8.30
N ASP H 275 -31.89 -44.27 9.31
CA ASP H 275 -32.73 -45.07 10.20
C ASP H 275 -33.78 -45.82 9.39
N ALA H 276 -34.52 -45.15 8.51
CA ALA H 276 -35.55 -45.78 7.66
C ALA H 276 -34.96 -46.66 6.57
N TRP H 277 -33.68 -46.43 6.19
CA TRP H 277 -33.02 -47.28 5.22
C TRP H 277 -32.74 -48.64 5.86
N LEU H 278 -32.14 -48.63 7.06
CA LEU H 278 -31.82 -49.84 7.80
C LEU H 278 -33.06 -50.54 8.34
N MET H 279 -34.14 -49.78 8.66
CA MET H 279 -35.37 -50.39 9.14
C MET H 279 -36.05 -51.18 8.03
N ALA H 280 -36.04 -50.65 6.80
CA ALA H 280 -36.64 -51.36 5.68
C ALA H 280 -35.87 -52.63 5.39
N LEU H 281 -34.53 -52.56 5.44
CA LEU H 281 -33.67 -53.71 5.21
C LEU H 281 -33.90 -54.82 6.25
N ALA H 282 -34.02 -54.44 7.53
CA ALA H 282 -34.26 -55.39 8.62
C ALA H 282 -35.61 -56.08 8.48
N GLU H 283 -36.62 -55.33 8.02
CA GLU H 283 -37.96 -55.86 7.84
C GLU H 283 -38.01 -56.79 6.63
N ILE H 284 -37.31 -56.42 5.54
CA ILE H 284 -37.28 -57.23 4.33
C ILE H 284 -36.56 -58.57 4.56
N SER H 285 -35.36 -58.54 5.14
CA SER H 285 -34.59 -59.76 5.38
C SER H 285 -34.98 -60.53 6.63
N GLY H 286 -35.70 -59.90 7.55
CA GLY H 286 -36.08 -60.54 8.81
C GLY H 286 -34.97 -60.52 9.86
N ASN H 287 -33.73 -60.28 9.44
CA ASN H 287 -32.59 -60.24 10.36
C ASN H 287 -32.46 -58.85 10.99
N PRO H 288 -31.94 -58.76 12.23
CA PRO H 288 -31.80 -57.45 12.88
C PRO H 288 -30.70 -56.56 12.28
N VAL H 289 -30.67 -55.28 12.67
CA VAL H 289 -29.66 -54.35 12.18
C VAL H 289 -28.33 -54.74 12.82
N PRO H 290 -27.28 -55.00 12.01
CA PRO H 290 -26.00 -55.42 12.58
C PRO H 290 -25.44 -54.48 13.65
N ASP H 291 -24.62 -55.01 14.54
CA ASP H 291 -24.01 -54.21 15.61
C ASP H 291 -23.11 -53.10 15.04
N ARG H 292 -22.48 -53.36 13.88
CA ARG H 292 -21.61 -52.46 13.16
C ARG H 292 -22.35 -51.14 12.85
N TYR H 293 -23.62 -51.25 12.36
CA TYR H 293 -24.42 -50.06 12.06
C TYR H 293 -25.05 -49.44 13.32
N LYS H 294 -25.20 -50.22 14.40
CA LYS H 294 -25.70 -49.67 15.67
C LYS H 294 -24.61 -48.77 16.33
N ARG H 295 -23.33 -49.13 16.17
CA ARG H 295 -22.19 -48.38 16.69
C ARG H 295 -22.02 -47.05 15.91
N GLN H 296 -22.26 -47.12 14.58
CA GLN H 296 -22.13 -45.95 13.73
C GLN H 296 -23.27 -44.95 13.98
N ARG H 297 -24.44 -45.41 14.47
CA ARG H 297 -25.53 -44.50 14.82
C ARG H 297 -25.12 -43.66 16.04
N ALA H 298 -24.50 -44.30 17.04
CA ALA H 298 -24.01 -43.63 18.26
C ALA H 298 -22.85 -42.70 17.93
N GLN H 299 -22.05 -43.05 16.90
CA GLN H 299 -20.96 -42.19 16.45
C GLN H 299 -21.52 -40.96 15.72
N LEU H 300 -22.62 -41.11 14.96
CA LEU H 300 -23.24 -39.99 14.27
C LEU H 300 -23.83 -39.06 15.31
N GLN H 301 -24.54 -39.60 16.31
CA GLN H 301 -25.10 -38.79 17.40
C GLN H 301 -24.05 -37.95 18.12
N ASP H 302 -22.89 -38.54 18.37
CA ASP H 302 -21.79 -37.84 19.02
C ASP H 302 -21.19 -36.76 18.14
N ALA H 303 -21.09 -37.03 16.83
CA ALA H 303 -20.61 -36.03 15.87
C ALA H 303 -21.58 -34.88 15.74
N MET H 304 -22.85 -35.09 16.01
CA MET H 304 -23.86 -34.05 15.94
C MET H 304 -23.69 -33.15 17.15
N LEU H 305 -23.46 -33.72 18.35
CA LEU H 305 -23.21 -32.93 19.58
C LEU H 305 -21.95 -32.08 19.42
N ASP H 306 -20.86 -32.69 18.95
CA ASP H 306 -19.55 -32.03 18.81
C ASP H 306 -19.59 -30.86 17.85
N THR H 307 -20.33 -31.02 16.76
CA THR H 307 -20.39 -29.99 15.74
C THR H 307 -21.60 -29.06 15.85
N HIS H 308 -22.50 -29.29 16.84
CA HIS H 308 -23.69 -28.47 17.01
C HIS H 308 -23.35 -27.01 17.25
N PHE H 309 -22.29 -26.75 18.03
CA PHE H 309 -21.87 -25.40 18.39
C PHE H 309 -21.57 -24.56 17.15
N MET H 310 -21.00 -25.18 16.12
CA MET H 310 -20.64 -24.45 14.91
C MET H 310 -21.70 -24.57 13.78
N LEU H 311 -22.48 -25.66 13.73
CA LEU H 311 -23.46 -25.86 12.67
C LEU H 311 -24.88 -25.38 12.99
N SER H 312 -25.26 -25.28 14.28
CA SER H 312 -26.58 -24.73 14.63
C SER H 312 -26.57 -23.24 14.27
N SER H 313 -27.54 -22.87 13.45
CA SER H 313 -27.80 -21.55 12.88
C SER H 313 -26.93 -21.19 11.68
N ALA H 314 -26.03 -22.09 11.24
CA ALA H 314 -25.18 -21.80 10.09
C ALA H 314 -25.99 -21.57 8.82
N ARG H 315 -25.72 -20.45 8.13
CA ARG H 315 -26.44 -20.10 6.89
C ARG H 315 -25.68 -20.66 5.68
N THR H 316 -26.32 -21.56 4.90
CA THR H 316 -25.71 -22.29 3.78
C THR H 316 -26.36 -22.03 2.42
N ALA H 317 -25.55 -21.94 1.36
CA ALA H 317 -26.08 -21.72 0.02
C ALA H 317 -25.80 -22.98 -0.80
N ILE H 318 -26.84 -23.58 -1.37
CA ILE H 318 -26.70 -24.83 -2.11
C ILE H 318 -27.11 -24.66 -3.54
N ALA H 319 -26.28 -25.15 -4.47
CA ALA H 319 -26.49 -25.11 -5.91
C ALA H 319 -26.22 -26.51 -6.36
N ALA H 320 -27.27 -27.31 -6.49
CA ALA H 320 -27.15 -28.71 -6.84
C ALA H 320 -28.48 -29.25 -7.40
N ASP H 321 -28.46 -30.50 -7.96
CA ASP H 321 -29.62 -31.20 -8.45
C ASP H 321 -30.64 -31.35 -7.32
N PRO H 322 -31.93 -31.45 -7.64
CA PRO H 322 -32.95 -31.59 -6.60
C PRO H 322 -32.70 -32.71 -5.56
N ASP H 323 -32.24 -33.91 -5.98
CA ASP H 323 -31.96 -34.97 -5.00
C ASP H 323 -30.90 -34.54 -3.98
N LEU H 324 -29.83 -33.87 -4.45
CA LEU H 324 -28.78 -33.41 -3.55
C LEU H 324 -29.28 -32.30 -2.66
N LEU H 325 -30.08 -31.39 -3.20
CA LEU H 325 -30.63 -30.28 -2.43
C LEU H 325 -31.47 -30.80 -1.26
N LEU H 326 -32.45 -31.65 -1.56
CA LEU H 326 -33.35 -32.22 -0.57
C LEU H 326 -32.64 -33.10 0.45
N GLY H 327 -31.60 -33.79 0.04
CA GLY H 327 -30.82 -34.61 0.96
C GLY H 327 -29.93 -33.78 1.88
N PHE H 328 -29.33 -32.71 1.33
CA PHE H 328 -28.47 -31.85 2.15
C PHE H 328 -29.27 -30.97 3.09
N ASP H 329 -30.45 -30.51 2.66
CA ASP H 329 -31.33 -29.68 3.46
C ASP H 329 -31.78 -30.42 4.68
N ALA H 330 -32.19 -31.69 4.49
CA ALA H 330 -32.66 -32.56 5.57
C ALA H 330 -31.55 -32.87 6.60
N LEU H 331 -30.31 -33.08 6.13
CA LEU H 331 -29.15 -33.31 6.98
C LEU H 331 -28.90 -32.05 7.82
N LEU H 332 -28.80 -30.89 7.14
CA LEU H 332 -28.55 -29.61 7.81
C LEU H 332 -29.66 -29.23 8.77
N ARG H 333 -30.90 -29.58 8.45
CA ARG H 333 -32.03 -29.28 9.31
C ARG H 333 -31.99 -30.01 10.65
N SER H 334 -31.40 -31.21 10.67
CA SER H 334 -31.26 -31.95 11.93
C SER H 334 -30.25 -31.25 12.87
N MET H 335 -29.31 -30.47 12.31
CA MET H 335 -28.30 -29.74 13.03
C MET H 335 -28.72 -28.31 13.42
N GLY H 336 -29.83 -27.83 12.89
CA GLY H 336 -30.26 -26.46 13.12
C GLY H 336 -29.67 -25.47 12.14
N ALA H 337 -29.00 -25.96 11.08
CA ALA H 337 -28.41 -25.13 10.03
C ALA H 337 -29.49 -24.77 9.02
N HIS H 338 -29.48 -23.52 8.54
CA HIS H 338 -30.48 -23.04 7.58
C HIS H 338 -29.96 -22.93 6.16
N THR H 339 -30.71 -23.44 5.17
CA THR H 339 -30.36 -23.27 3.76
C THR H 339 -30.94 -21.91 3.41
N VAL H 340 -30.11 -20.87 3.36
CA VAL H 340 -30.61 -19.53 3.04
C VAL H 340 -30.65 -19.23 1.53
N ALA H 341 -30.17 -20.16 0.69
CA ALA H 341 -30.12 -19.98 -0.76
C ALA H 341 -30.11 -21.32 -1.38
N ALA H 342 -31.09 -21.62 -2.22
CA ALA H 342 -31.19 -22.95 -2.84
C ALA H 342 -31.49 -22.77 -4.31
N VAL H 343 -30.57 -23.21 -5.16
CA VAL H 343 -30.70 -23.05 -6.59
C VAL H 343 -30.56 -24.39 -7.29
N VAL H 344 -31.57 -24.76 -8.07
CA VAL H 344 -31.57 -25.99 -8.85
C VAL H 344 -31.42 -25.66 -10.37
N PRO H 345 -30.88 -26.60 -11.17
CA PRO H 345 -30.73 -26.31 -12.61
C PRO H 345 -32.07 -26.32 -13.39
N ALA H 346 -33.05 -27.11 -12.92
CA ALA H 346 -34.37 -27.24 -13.55
C ALA H 346 -35.44 -27.69 -12.50
N ARG H 347 -36.74 -27.62 -12.86
CA ARG H 347 -37.83 -28.02 -11.98
C ARG H 347 -37.79 -29.51 -11.59
N ALA H 348 -38.46 -29.85 -10.48
CA ALA H 348 -38.62 -31.24 -10.03
C ALA H 348 -39.84 -31.31 -9.15
N ALA H 349 -40.61 -32.40 -9.30
CA ALA H 349 -41.85 -32.56 -8.53
C ALA H 349 -41.55 -32.65 -7.03
N ALA H 350 -40.46 -33.34 -6.68
CA ALA H 350 -40.05 -33.50 -5.29
C ALA H 350 -39.79 -32.16 -4.59
N LEU H 351 -39.46 -31.11 -5.35
CA LEU H 351 -39.19 -29.78 -4.77
C LEU H 351 -40.44 -29.19 -4.15
N VAL H 352 -41.62 -29.45 -4.76
CA VAL H 352 -42.90 -28.94 -4.26
C VAL H 352 -43.16 -29.42 -2.83
N ASP H 353 -42.75 -30.67 -2.52
CA ASP H 353 -42.92 -31.28 -1.21
C ASP H 353 -41.65 -31.08 -0.37
N SER H 354 -41.24 -29.83 -0.19
CA SER H 354 -40.03 -29.49 0.55
C SER H 354 -40.29 -28.51 1.70
N PRO H 355 -39.58 -28.67 2.84
CA PRO H 355 -39.80 -27.74 3.97
C PRO H 355 -39.26 -26.32 3.78
N LEU H 356 -38.55 -26.08 2.68
CA LEU H 356 -38.05 -24.76 2.32
C LEU H 356 -39.23 -23.88 1.85
N PRO H 357 -39.22 -22.55 2.12
CA PRO H 357 -40.34 -21.73 1.65
C PRO H 357 -40.33 -21.53 0.13
N SER H 358 -39.12 -21.53 -0.46
CA SER H 358 -38.90 -21.35 -1.89
C SER H 358 -37.53 -21.94 -2.31
N VAL H 359 -37.42 -22.24 -3.60
CA VAL H 359 -36.23 -22.75 -4.28
C VAL H 359 -36.21 -22.04 -5.64
N ARG H 360 -35.05 -21.62 -6.10
CA ARG H 360 -34.94 -20.94 -7.38
C ARG H 360 -34.43 -21.86 -8.47
N VAL H 361 -35.00 -21.73 -9.68
CA VAL H 361 -34.48 -22.42 -10.84
C VAL H 361 -33.55 -21.41 -11.52
N GLY H 362 -32.26 -21.68 -11.48
CA GLY H 362 -31.30 -20.77 -12.08
C GLY H 362 -29.88 -21.29 -12.16
N ASP H 363 -28.93 -20.36 -12.22
CA ASP H 363 -27.52 -20.67 -12.38
C ASP H 363 -26.68 -20.20 -11.19
N LEU H 364 -25.35 -20.25 -11.30
CA LEU H 364 -24.48 -19.82 -10.23
C LEU H 364 -24.46 -18.32 -10.03
N GLU H 365 -24.83 -17.52 -11.07
CA GLU H 365 -24.92 -16.05 -10.93
C GLU H 365 -26.04 -15.74 -9.93
N ASP H 366 -27.20 -16.43 -10.11
CA ASP H 366 -28.41 -16.35 -9.28
C ASP H 366 -28.07 -16.78 -7.85
N LEU H 367 -27.32 -17.88 -7.72
CA LEU H 367 -26.87 -18.38 -6.43
C LEU H 367 -26.07 -17.32 -5.66
N GLU H 368 -25.06 -16.73 -6.29
CA GLU H 368 -24.19 -15.76 -5.63
C GLU H 368 -24.96 -14.52 -5.15
N HIS H 369 -25.98 -14.12 -5.90
CA HIS H 369 -26.84 -13.02 -5.50
C HIS H 369 -27.73 -13.46 -4.32
N ALA H 370 -28.42 -14.63 -4.40
CA ALA H 370 -29.27 -15.16 -3.33
C ALA H 370 -28.49 -15.43 -2.03
N ALA H 371 -27.31 -16.05 -2.14
CA ALA H 371 -26.42 -16.30 -1.00
C ALA H 371 -26.01 -14.98 -0.35
N ARG H 372 -25.74 -13.94 -1.20
CA ARG H 372 -25.31 -12.62 -0.73
C ARG H 372 -26.44 -11.87 -0.03
N ALA H 373 -27.67 -12.08 -0.48
CA ALA H 373 -28.84 -11.47 0.15
C ALA H 373 -29.11 -12.14 1.51
N GLY H 374 -29.01 -13.48 1.51
CA GLY H 374 -29.22 -14.30 2.70
C GLY H 374 -28.07 -14.37 3.68
N GLN H 375 -26.94 -13.76 3.34
CA GLN H 375 -25.78 -13.73 4.21
C GLN H 375 -25.22 -15.13 4.47
N ALA H 376 -25.00 -15.91 3.42
CA ALA H 376 -24.48 -17.27 3.58
C ALA H 376 -23.05 -17.26 4.12
N GLN H 377 -22.69 -18.30 4.87
CA GLN H 377 -21.39 -18.50 5.50
C GLN H 377 -20.57 -19.62 4.84
N LEU H 378 -21.14 -20.32 3.84
CA LEU H 378 -20.52 -21.43 3.14
C LEU H 378 -21.37 -21.78 1.92
N VAL H 379 -20.75 -22.33 0.86
CA VAL H 379 -21.50 -22.83 -0.31
C VAL H 379 -21.31 -24.36 -0.48
N ILE H 380 -22.37 -25.10 -0.80
CA ILE H 380 -22.30 -26.52 -1.13
C ILE H 380 -22.63 -26.58 -2.63
N GLY H 381 -21.68 -27.01 -3.43
CA GLY H 381 -21.82 -27.03 -4.87
C GLY H 381 -20.60 -27.57 -5.58
N ASN H 382 -20.70 -27.79 -6.89
CA ASN H 382 -19.68 -28.36 -7.76
C ASN H 382 -18.45 -27.46 -7.97
N SER H 383 -17.44 -27.92 -8.77
CA SER H 383 -16.20 -27.19 -9.04
C SER H 383 -16.39 -25.84 -9.65
N HIS H 384 -17.46 -25.65 -10.40
CA HIS H 384 -17.75 -24.36 -11.01
C HIS H 384 -18.16 -23.34 -9.98
N ALA H 385 -18.69 -23.77 -8.82
CA ALA H 385 -19.09 -22.84 -7.78
C ALA H 385 -17.91 -22.20 -7.04
N LEU H 386 -16.65 -22.60 -7.33
CA LEU H 386 -15.51 -22.06 -6.63
C LEU H 386 -15.33 -20.58 -6.91
N ALA H 387 -15.58 -20.14 -8.14
CA ALA H 387 -15.48 -18.73 -8.45
C ALA H 387 -16.55 -17.95 -7.72
N SER H 388 -17.77 -18.47 -7.65
CA SER H 388 -18.87 -17.84 -6.91
C SER H 388 -18.52 -17.79 -5.43
N ALA H 389 -17.94 -18.88 -4.88
CA ALA H 389 -17.52 -18.96 -3.48
C ALA H 389 -16.41 -17.96 -3.20
N ARG H 390 -15.43 -17.82 -4.09
CA ARG H 390 -14.35 -16.85 -3.89
C ARG H 390 -14.85 -15.41 -3.96
N ARG H 391 -15.83 -15.13 -4.82
CA ARG H 391 -16.40 -13.79 -4.92
C ARG H 391 -17.17 -13.40 -3.64
N LEU H 392 -17.76 -14.37 -2.93
CA LEU H 392 -18.48 -14.08 -1.68
C LEU H 392 -17.59 -13.98 -0.43
N GLY H 393 -16.41 -14.57 -0.48
CA GLY H 393 -15.50 -14.59 0.67
C GLY H 393 -15.79 -15.73 1.62
N VAL H 394 -16.46 -16.81 1.14
CA VAL H 394 -16.88 -17.99 1.93
C VAL H 394 -16.31 -19.29 1.38
N PRO H 395 -16.23 -20.36 2.20
CA PRO H 395 -15.70 -21.64 1.67
C PRO H 395 -16.68 -22.49 0.87
N LEU H 396 -16.14 -23.32 -0.01
CA LEU H 396 -16.87 -24.27 -0.81
C LEU H 396 -16.67 -25.70 -0.30
N LEU H 397 -17.71 -26.54 -0.34
CA LEU H 397 -17.65 -27.96 -0.10
C LEU H 397 -18.14 -28.57 -1.41
N ARG H 398 -17.21 -29.08 -2.24
CA ARG H 398 -17.59 -29.62 -3.56
C ARG H 398 -18.54 -30.80 -3.46
N ALA H 399 -19.54 -30.90 -4.38
CA ALA H 399 -20.50 -32.00 -4.40
C ALA H 399 -21.29 -31.95 -5.70
N GLY H 400 -21.34 -33.07 -6.39
CA GLY H 400 -22.03 -33.19 -7.67
C GLY H 400 -21.08 -33.19 -8.85
N PHE H 401 -21.64 -33.02 -10.05
CA PHE H 401 -20.88 -32.99 -11.29
C PHE H 401 -20.83 -31.57 -11.77
N PRO H 402 -19.68 -31.05 -12.24
CA PRO H 402 -18.38 -31.70 -12.36
C PRO H 402 -17.42 -31.41 -11.19
N GLN H 403 -16.41 -32.27 -11.00
CA GLN H 403 -15.42 -32.09 -9.97
C GLN H 403 -14.01 -32.28 -10.57
N TYR H 404 -13.71 -31.44 -11.57
CA TYR H 404 -12.45 -31.43 -12.29
C TYR H 404 -11.24 -30.88 -11.49
N ASP H 405 -11.49 -30.14 -10.39
CA ASP H 405 -10.39 -29.61 -9.60
C ASP H 405 -10.13 -30.36 -8.30
N LEU H 406 -10.87 -31.44 -8.00
CA LEU H 406 -10.71 -32.23 -6.79
C LEU H 406 -10.44 -33.70 -7.13
N LEU H 407 -9.23 -34.18 -6.81
CA LEU H 407 -8.88 -35.58 -7.02
C LEU H 407 -9.56 -36.45 -5.96
N GLY H 408 -10.19 -37.53 -6.42
CA GLY H 408 -10.92 -38.48 -5.58
C GLY H 408 -12.30 -38.04 -5.15
N GLY H 409 -12.74 -36.86 -5.58
CA GLY H 409 -14.06 -36.35 -5.24
C GLY H 409 -15.18 -37.11 -5.90
N PHE H 410 -14.90 -37.74 -7.04
CA PHE H 410 -15.91 -38.51 -7.75
C PHE H 410 -16.38 -39.70 -6.94
N GLN H 411 -15.51 -40.30 -6.09
CA GLN H 411 -15.83 -41.49 -5.32
C GLN H 411 -16.14 -41.29 -3.85
N ARG H 412 -16.22 -40.06 -3.37
CA ARG H 412 -16.51 -39.80 -1.95
C ARG H 412 -17.89 -40.41 -1.55
N CYS H 413 -17.96 -41.13 -0.43
CA CYS H 413 -19.21 -41.71 0.04
C CYS H 413 -19.86 -40.78 1.03
N TRP H 414 -20.93 -40.15 0.65
CA TRP H 414 -21.68 -39.21 1.48
C TRP H 414 -22.70 -39.89 2.39
N SER H 415 -23.24 -41.04 1.93
CA SER H 415 -24.33 -41.80 2.54
C SER H 415 -23.98 -42.62 3.79
N GLY H 416 -25.02 -42.99 4.54
CA GLY H 416 -24.86 -43.72 5.78
C GLY H 416 -24.53 -42.84 6.97
N TYR H 417 -24.38 -43.42 8.14
CA TYR H 417 -24.05 -42.75 9.39
C TYR H 417 -22.66 -42.11 9.33
N ARG H 418 -21.62 -42.88 8.93
CA ARG H 418 -20.26 -42.41 8.80
C ARG H 418 -20.12 -41.41 7.68
N GLY H 419 -20.81 -41.65 6.56
CA GLY H 419 -20.82 -40.71 5.43
C GLY H 419 -21.35 -39.36 5.88
N SER H 420 -22.51 -39.38 6.58
CA SER H 420 -23.14 -38.20 7.16
C SER H 420 -22.29 -37.49 8.30
N SER H 421 -21.47 -38.26 9.02
CA SER H 421 -20.62 -37.72 10.10
C SER H 421 -19.48 -36.93 9.48
N GLN H 422 -18.89 -37.46 8.41
CA GLN H 422 -17.80 -36.81 7.72
C GLN H 422 -18.24 -35.48 7.09
N VAL H 423 -19.50 -35.38 6.65
CA VAL H 423 -20.03 -34.11 6.13
C VAL H 423 -20.10 -33.10 7.27
N LEU H 424 -20.51 -33.54 8.46
CA LEU H 424 -20.60 -32.65 9.61
C LEU H 424 -19.22 -32.17 10.03
N PHE H 425 -18.20 -33.06 10.07
CA PHE H 425 -16.85 -32.65 10.44
C PHE H 425 -16.30 -31.69 9.40
N ASP H 426 -16.57 -31.95 8.09
CA ASP H 426 -16.06 -31.07 7.04
C ASP H 426 -16.71 -29.70 7.06
N LEU H 427 -18.04 -29.62 7.24
CA LEU H 427 -18.72 -28.32 7.35
C LEU H 427 -18.23 -27.58 8.60
N ALA H 428 -18.10 -28.30 9.71
CA ALA H 428 -17.66 -27.72 10.96
C ALA H 428 -16.24 -27.12 10.85
N ASN H 429 -15.30 -27.86 10.25
CA ASN H 429 -13.91 -27.45 10.02
C ASN H 429 -13.81 -26.31 9.06
N LEU H 430 -14.67 -26.29 8.02
CA LEU H 430 -14.62 -25.20 7.04
C LEU H 430 -15.04 -23.89 7.73
N LEU H 431 -16.17 -23.95 8.45
CA LEU H 431 -16.68 -22.82 9.20
C LEU H 431 -15.71 -22.35 10.28
N VAL H 432 -14.99 -23.26 10.97
CA VAL H 432 -14.03 -22.82 12.00
C VAL H 432 -12.81 -22.15 11.35
N GLU H 433 -12.22 -22.76 10.33
CA GLU H 433 -11.06 -22.22 9.64
C GLU H 433 -11.30 -20.81 9.05
N HIS H 434 -12.52 -20.53 8.62
CA HIS H 434 -12.87 -19.26 8.02
C HIS H 434 -13.45 -18.23 9.01
N HIS H 435 -13.85 -18.67 10.21
CA HIS H 435 -14.41 -17.74 11.19
C HIS H 435 -13.42 -16.69 11.63
N GLN H 436 -13.67 -15.44 11.28
CA GLN H 436 -12.83 -14.34 11.72
C GLN H 436 -13.49 -13.79 12.99
N GLY H 437 -12.78 -13.84 14.11
CA GLY H 437 -13.34 -13.36 15.37
C GLY H 437 -13.26 -11.86 15.53
N ILE H 438 -13.32 -11.38 16.79
CA ILE H 438 -13.23 -9.95 17.12
C ILE H 438 -11.91 -9.39 16.60
N GLN H 439 -11.97 -8.38 15.75
CA GLN H 439 -10.77 -7.81 15.17
C GLN H 439 -10.03 -6.93 16.17
N PRO H 440 -8.69 -6.90 16.10
CA PRO H 440 -7.92 -6.07 17.04
C PRO H 440 -8.27 -4.60 16.95
N TYR H 441 -8.49 -3.97 18.09
CA TYR H 441 -8.73 -2.53 18.13
C TYR H 441 -7.45 -1.89 18.70
N HIS H 442 -6.92 -0.88 18.04
CA HIS H 442 -5.69 -0.22 18.48
C HIS H 442 -6.02 1.07 19.20
N SER H 443 -5.82 1.10 20.51
CA SER H 443 -6.10 2.26 21.33
C SER H 443 -5.25 3.46 20.95
N ILE H 444 -5.85 4.66 20.96
CA ILE H 444 -5.12 5.89 20.65
C ILE H 444 -4.21 6.35 21.81
N TYR H 445 -4.32 5.71 22.98
CA TYR H 445 -3.54 5.98 24.16
C TYR H 445 -2.60 4.80 24.52
N ALA H 446 -2.50 3.77 23.67
CA ALA H 446 -1.70 2.59 23.95
C ALA H 446 -0.18 2.85 24.04
N GLN H 447 0.51 2.14 24.92
CA GLN H 447 1.96 2.26 25.05
C GLN H 447 2.59 1.14 24.20
N LYS H 448 2.17 1.05 22.96
CA LYS H 448 2.68 0.03 22.07
C LYS H 448 3.64 0.66 21.07
N PRO H 449 4.81 0.04 20.85
CA PRO H 449 5.76 0.62 19.90
C PRO H 449 5.26 0.47 18.44
N ALA H 450 5.22 1.58 17.69
CA ALA H 450 4.74 1.54 16.31
C ALA H 450 5.66 0.70 15.43
N THR H 451 6.98 0.79 15.66
CA THR H 451 7.96 0.02 14.91
C THR H 451 8.19 -1.33 15.58
#